data_2KKN
#
_entry.id   2KKN
#
_cell.length_a   1.000
_cell.length_b   1.000
_cell.length_c   1.000
_cell.angle_alpha   90.00
_cell.angle_beta   90.00
_cell.angle_gamma   90.00
#
_symmetry.space_group_name_H-M   'P 1'
#
_entity_poly.entity_id   1
_entity_poly.type   'polypeptide(L)'
_entity_poly.pdbx_seq_one_letter_code
;MGSSHHHHHHSSGRENLYFQGVKRFLLISDSHVPVRMASLPDEILNSLKEYDGVIGLGDYVDLDTVILLEKFSKEFYGVH
GNMDYPDVKEHLPFSKVLLVEGVTIGMCHGWGAPWDLKDRLLKVFNEKPQVILFGHTHEPEDTVKAGVRFLNPGSLAEGS
YAVLELDGGEVRFELKTL
;
_entity_poly.pdbx_strand_id   A
#
# COMPACT_ATOMS: atom_id res chain seq x y z
N VAL A 22 18.99 -6.08 -5.99
CA VAL A 22 18.08 -5.20 -5.23
C VAL A 22 16.64 -5.40 -5.68
N LYS A 23 15.84 -6.01 -4.81
CA LYS A 23 14.41 -6.14 -5.08
C LYS A 23 13.69 -4.89 -4.61
N ARG A 24 12.59 -4.55 -5.25
CA ARG A 24 11.91 -3.31 -4.96
C ARG A 24 10.40 -3.45 -5.09
N PHE A 25 9.70 -2.95 -4.07
CA PHE A 25 8.25 -2.99 -4.03
C PHE A 25 7.68 -1.62 -4.40
N LEU A 26 6.77 -1.62 -5.35
CA LEU A 26 6.11 -0.38 -5.76
C LEU A 26 4.83 -0.17 -4.96
N LEU A 27 4.86 0.77 -4.05
CA LEU A 27 3.70 1.07 -3.23
C LEU A 27 2.89 2.20 -3.85
N ILE A 28 1.64 1.89 -4.19
CA ILE A 28 0.73 2.90 -4.69
C ILE A 28 -0.22 3.32 -3.57
N SER A 29 -0.10 4.58 -3.18
CA SER A 29 -0.74 5.12 -1.98
C SER A 29 -2.25 4.89 -1.96
N ASP A 30 -2.98 5.58 -2.83
CA ASP A 30 -4.43 5.52 -2.82
C ASP A 30 -4.98 5.81 -4.21
N SER A 31 -5.44 4.76 -4.87
CA SER A 31 -5.91 4.86 -6.24
C SER A 31 -7.42 4.67 -6.30
N HIS A 32 -8.09 5.52 -7.05
CA HIS A 32 -9.52 5.38 -7.32
C HIS A 32 -9.73 5.53 -8.81
N VAL A 33 -9.61 4.42 -9.53
CA VAL A 33 -9.71 4.45 -10.99
C VAL A 33 -10.70 3.41 -11.47
N PRO A 34 -11.70 3.82 -12.26
CA PRO A 34 -11.90 5.23 -12.62
C PRO A 34 -12.57 6.05 -11.51
N VAL A 35 -13.66 5.49 -10.97
CA VAL A 35 -14.45 6.14 -9.91
C VAL A 35 -14.84 7.57 -10.30
N ARG A 36 -14.05 8.55 -9.87
CA ARG A 36 -14.30 9.94 -10.19
C ARG A 36 -12.97 10.69 -10.29
N MET A 37 -11.92 9.95 -10.55
CA MET A 37 -10.60 10.53 -10.69
C MET A 37 -10.06 10.25 -12.08
N ALA A 38 -9.68 8.98 -12.31
CA ALA A 38 -9.18 8.50 -13.60
C ALA A 38 -7.84 9.15 -14.00
N SER A 39 -7.47 10.21 -13.31
CA SER A 39 -6.26 10.96 -13.62
C SER A 39 -5.04 10.31 -12.98
N LEU A 40 -4.81 9.05 -13.33
CA LEU A 40 -3.66 8.32 -12.84
C LEU A 40 -2.67 8.13 -13.98
N PRO A 41 -1.45 8.67 -13.84
CA PRO A 41 -0.40 8.50 -14.84
C PRO A 41 -0.05 7.03 -15.03
N ASP A 42 -0.39 6.49 -16.20
CA ASP A 42 -0.23 5.06 -16.48
C ASP A 42 1.24 4.70 -16.65
N GLU A 43 2.09 5.71 -16.66
CA GLU A 43 3.53 5.52 -16.84
C GLU A 43 4.09 4.57 -15.78
N ILE A 44 3.66 4.77 -14.54
CA ILE A 44 4.14 3.97 -13.43
C ILE A 44 3.61 2.55 -13.53
N LEU A 45 2.37 2.46 -13.99
CA LEU A 45 1.71 1.18 -14.21
C LEU A 45 2.46 0.37 -15.27
N ASN A 46 3.05 1.06 -16.22
CA ASN A 46 3.81 0.42 -17.29
C ASN A 46 5.16 -0.08 -16.77
N SER A 47 5.59 0.47 -15.65
CA SER A 47 6.90 0.17 -15.10
C SER A 47 6.85 -0.97 -14.09
N LEU A 48 5.73 -1.70 -14.03
CA LEU A 48 5.61 -2.82 -13.09
C LEU A 48 6.60 -3.92 -13.45
N LYS A 49 7.09 -3.87 -14.69
CA LYS A 49 8.11 -4.79 -15.18
C LYS A 49 9.33 -4.79 -14.25
N GLU A 50 9.64 -3.62 -13.70
CA GLU A 50 10.83 -3.43 -12.90
C GLU A 50 10.53 -3.61 -11.41
N TYR A 51 9.30 -3.97 -11.10
CA TYR A 51 8.90 -4.18 -9.73
C TYR A 51 8.45 -5.61 -9.53
N ASP A 52 9.30 -6.38 -8.84
CA ASP A 52 9.03 -7.78 -8.57
C ASP A 52 8.00 -7.94 -7.46
N GLY A 53 7.46 -6.81 -7.02
CA GLY A 53 6.40 -6.81 -6.04
C GLY A 53 5.69 -5.48 -6.00
N VAL A 54 4.46 -5.44 -6.46
CA VAL A 54 3.69 -4.21 -6.43
C VAL A 54 2.72 -4.23 -5.25
N ILE A 55 2.77 -3.21 -4.43
CA ILE A 55 1.90 -3.12 -3.27
C ILE A 55 0.80 -2.09 -3.52
N GLY A 56 -0.43 -2.54 -3.39
CA GLY A 56 -1.55 -1.66 -3.67
C GLY A 56 -2.38 -1.39 -2.43
N LEU A 57 -2.21 -0.20 -1.86
CA LEU A 57 -3.07 0.24 -0.77
C LEU A 57 -4.31 0.87 -1.36
N GLY A 58 -4.13 1.48 -2.53
CA GLY A 58 -5.25 1.96 -3.32
C GLY A 58 -5.40 1.15 -4.58
N ASP A 59 -6.56 0.56 -4.78
CA ASP A 59 -6.76 -0.42 -5.84
C ASP A 59 -7.43 0.18 -7.06
N TYR A 60 -7.36 -0.56 -8.17
CA TYR A 60 -8.15 -0.27 -9.34
C TYR A 60 -9.51 -0.94 -9.18
N VAL A 61 -10.57 -0.17 -9.33
CA VAL A 61 -11.88 -0.60 -8.91
C VAL A 61 -12.55 -1.52 -9.94
N ASP A 62 -11.95 -1.63 -11.11
CA ASP A 62 -12.45 -2.56 -12.12
C ASP A 62 -11.85 -3.92 -11.88
N LEU A 63 -12.69 -4.94 -11.77
CA LEU A 63 -12.22 -6.30 -11.57
C LEU A 63 -11.36 -6.73 -12.77
N ASP A 64 -11.77 -6.25 -13.94
CA ASP A 64 -11.03 -6.47 -15.18
C ASP A 64 -9.60 -5.94 -15.03
N THR A 65 -9.49 -4.75 -14.48
CA THR A 65 -8.21 -4.09 -14.34
C THR A 65 -7.37 -4.76 -13.24
N VAL A 66 -8.03 -5.42 -12.29
CA VAL A 66 -7.33 -6.19 -11.27
C VAL A 66 -6.53 -7.32 -11.90
N ILE A 67 -7.15 -7.99 -12.86
CA ILE A 67 -6.46 -9.05 -13.61
C ILE A 67 -5.35 -8.44 -14.45
N LEU A 68 -5.60 -7.24 -14.97
CA LEU A 68 -4.61 -6.50 -15.72
C LEU A 68 -3.43 -6.14 -14.82
N LEU A 69 -3.70 -5.90 -13.55
CA LEU A 69 -2.66 -5.61 -12.58
C LEU A 69 -1.76 -6.83 -12.43
N GLU A 70 -2.39 -7.98 -12.35
CA GLU A 70 -1.69 -9.25 -12.24
C GLU A 70 -0.97 -9.56 -13.56
N LYS A 71 -1.34 -8.84 -14.61
CA LYS A 71 -0.72 -9.01 -15.91
C LYS A 71 0.55 -8.17 -16.00
N PHE A 72 0.45 -6.89 -15.64
CA PHE A 72 1.59 -5.99 -15.67
C PHE A 72 2.64 -6.39 -14.64
N SER A 73 2.24 -6.48 -13.38
CA SER A 73 3.19 -6.78 -12.30
C SER A 73 3.54 -8.26 -12.27
N LYS A 74 2.53 -9.10 -12.52
CA LYS A 74 2.67 -10.55 -12.48
C LYS A 74 2.88 -11.04 -11.05
N GLU A 75 2.73 -10.11 -10.10
CA GLU A 75 2.76 -10.41 -8.68
C GLU A 75 2.59 -9.13 -7.88
N PHE A 76 1.45 -9.00 -7.20
CA PHE A 76 1.18 -7.82 -6.41
C PHE A 76 0.56 -8.21 -5.07
N TYR A 77 0.78 -7.37 -4.09
CA TYR A 77 0.20 -7.55 -2.77
C TYR A 77 -0.71 -6.37 -2.46
N GLY A 78 -1.99 -6.62 -2.36
CA GLY A 78 -2.94 -5.54 -2.20
C GLY A 78 -3.67 -5.61 -0.88
N VAL A 79 -4.09 -4.44 -0.41
CA VAL A 79 -4.89 -4.34 0.80
C VAL A 79 -6.11 -3.50 0.49
N HIS A 80 -7.29 -4.10 0.53
CA HIS A 80 -8.48 -3.40 0.09
C HIS A 80 -9.19 -2.75 1.25
N GLY A 81 -9.04 -1.44 1.33
CA GLY A 81 -9.74 -0.66 2.31
C GLY A 81 -10.35 0.55 1.66
N ASN A 82 -10.73 0.36 0.41
CA ASN A 82 -11.32 1.43 -0.41
C ASN A 82 -12.83 1.26 -0.47
N MET A 83 -13.53 2.36 -0.70
CA MET A 83 -14.99 2.39 -0.62
C MET A 83 -15.63 2.07 -1.97
N ASP A 84 -15.05 1.11 -2.68
CA ASP A 84 -15.56 0.75 -4.00
C ASP A 84 -16.01 -0.71 -4.05
N TYR A 85 -15.79 -1.36 -5.17
CA TYR A 85 -16.37 -2.66 -5.46
C TYR A 85 -15.75 -3.75 -4.58
N PRO A 86 -16.61 -4.53 -3.88
CA PRO A 86 -16.18 -5.63 -3.02
C PRO A 86 -15.65 -6.81 -3.82
N ASP A 87 -15.93 -6.81 -5.12
CA ASP A 87 -15.46 -7.86 -6.03
C ASP A 87 -13.94 -7.92 -6.04
N VAL A 88 -13.32 -6.76 -5.87
CA VAL A 88 -11.87 -6.65 -5.87
C VAL A 88 -11.28 -7.22 -4.57
N LYS A 89 -12.12 -7.32 -3.55
CA LYS A 89 -11.68 -7.73 -2.22
C LYS A 89 -11.36 -9.23 -2.17
N GLU A 90 -11.75 -9.97 -3.20
CA GLU A 90 -11.44 -11.40 -3.27
C GLU A 90 -10.05 -11.63 -3.83
N HIS A 91 -9.44 -10.57 -4.36
CA HIS A 91 -8.08 -10.65 -4.89
C HIS A 91 -7.10 -10.04 -3.91
N LEU A 92 -7.60 -9.08 -3.14
CA LEU A 92 -6.82 -8.46 -2.08
C LEU A 92 -7.72 -8.24 -0.86
N PRO A 93 -7.35 -8.87 0.27
CA PRO A 93 -8.16 -8.82 1.50
C PRO A 93 -8.23 -7.42 2.12
N PHE A 94 -8.98 -7.29 3.20
CA PHE A 94 -9.19 -6.00 3.86
C PHE A 94 -7.91 -5.55 4.54
N SER A 95 -7.11 -6.52 4.97
CA SER A 95 -5.84 -6.24 5.62
C SER A 95 -4.84 -7.34 5.28
N LYS A 96 -3.58 -6.96 5.09
CA LYS A 96 -2.55 -7.93 4.74
C LYS A 96 -1.24 -7.59 5.42
N VAL A 97 -0.54 -8.62 5.87
CA VAL A 97 0.80 -8.46 6.43
C VAL A 97 1.82 -9.16 5.55
N LEU A 98 2.96 -8.52 5.36
CA LEU A 98 4.04 -9.10 4.57
C LEU A 98 5.24 -9.37 5.47
N LEU A 99 5.93 -10.45 5.19
CA LEU A 99 7.16 -10.77 5.90
C LEU A 99 8.34 -10.59 4.98
N VAL A 100 8.96 -9.42 5.06
CA VAL A 100 10.01 -9.07 4.13
C VAL A 100 11.36 -9.00 4.84
N GLU A 101 12.10 -10.11 4.75
CA GLU A 101 13.46 -10.21 5.29
C GLU A 101 13.52 -9.82 6.77
N GLY A 102 12.50 -10.23 7.51
CA GLY A 102 12.47 -9.96 8.93
C GLY A 102 11.47 -8.91 9.31
N VAL A 103 11.25 -7.96 8.41
CA VAL A 103 10.35 -6.86 8.67
C VAL A 103 8.90 -7.27 8.42
N THR A 104 8.10 -7.28 9.48
CA THR A 104 6.68 -7.58 9.38
C THR A 104 5.92 -6.32 8.97
N ILE A 105 5.48 -6.26 7.72
CA ILE A 105 4.78 -5.10 7.21
C ILE A 105 3.27 -5.30 7.33
N GLY A 106 2.66 -4.59 8.27
CA GLY A 106 1.22 -4.63 8.41
C GLY A 106 0.56 -3.53 7.63
N MET A 107 -0.12 -3.88 6.56
CA MET A 107 -0.70 -2.86 5.69
C MET A 107 -2.21 -2.81 5.85
N CYS A 108 -2.74 -1.61 6.05
CA CYS A 108 -4.17 -1.41 6.23
C CYS A 108 -4.58 -0.04 5.71
N HIS A 109 -5.43 -0.02 4.69
CA HIS A 109 -5.89 1.22 4.09
C HIS A 109 -7.26 1.61 4.66
N GLY A 110 -7.37 2.84 5.14
CA GLY A 110 -8.64 3.30 5.67
C GLY A 110 -8.52 4.62 6.40
N TRP A 111 -8.97 4.64 7.65
CA TRP A 111 -8.94 5.85 8.44
C TRP A 111 -8.89 5.51 9.93
N GLY A 112 -8.57 6.49 10.75
CA GLY A 112 -8.53 6.29 12.18
C GLY A 112 -7.95 7.48 12.90
N ALA A 113 -8.43 7.72 14.12
CA ALA A 113 -7.91 8.78 14.95
C ALA A 113 -6.56 8.37 15.54
N PRO A 114 -5.70 9.33 15.90
CA PRO A 114 -4.37 9.03 16.48
C PRO A 114 -4.45 8.07 17.66
N TRP A 115 -5.53 8.18 18.42
CA TRP A 115 -5.74 7.31 19.58
C TRP A 115 -6.19 5.93 19.12
N ASP A 116 -7.24 5.91 18.31
CA ASP A 116 -7.85 4.67 17.84
C ASP A 116 -6.89 3.86 16.98
N LEU A 117 -6.09 4.56 16.17
CA LEU A 117 -5.24 3.92 15.16
C LEU A 117 -4.39 2.80 15.74
N LYS A 118 -3.54 3.15 16.69
CA LYS A 118 -2.61 2.20 17.29
C LYS A 118 -3.35 1.03 17.96
N ASP A 119 -4.42 1.35 18.65
CA ASP A 119 -5.16 0.34 19.41
C ASP A 119 -5.97 -0.57 18.47
N ARG A 120 -6.55 0.03 17.44
CA ARG A 120 -7.35 -0.70 16.47
C ARG A 120 -6.48 -1.62 15.64
N LEU A 121 -5.31 -1.14 15.25
CA LEU A 121 -4.41 -1.92 14.42
C LEU A 121 -3.81 -3.08 15.21
N LEU A 122 -3.60 -2.88 16.50
CA LEU A 122 -3.14 -3.94 17.38
C LEU A 122 -4.29 -4.88 17.74
N LYS A 123 -5.51 -4.44 17.42
CA LYS A 123 -6.69 -5.27 17.56
C LYS A 123 -6.89 -6.12 16.31
N VAL A 124 -6.79 -5.49 15.15
CA VAL A 124 -6.89 -6.20 13.87
C VAL A 124 -5.75 -7.19 13.74
N PHE A 125 -4.54 -6.74 14.05
CA PHE A 125 -3.38 -7.60 14.03
C PHE A 125 -3.02 -8.02 15.45
N ASN A 126 -3.38 -9.25 15.80
CA ASN A 126 -3.15 -9.78 17.15
C ASN A 126 -1.68 -9.77 17.51
N GLU A 127 -0.83 -10.05 16.53
CA GLU A 127 0.60 -9.93 16.72
C GLU A 127 1.07 -8.63 16.10
N LYS A 128 1.75 -7.83 16.90
CA LYS A 128 2.16 -6.49 16.49
C LYS A 128 3.07 -6.52 15.27
N PRO A 129 2.72 -5.77 14.23
CA PRO A 129 3.56 -5.60 13.06
C PRO A 129 4.72 -4.65 13.36
N GLN A 130 5.84 -4.85 12.69
CA GLN A 130 7.00 -4.00 12.92
C GLN A 130 6.79 -2.65 12.26
N VAL A 131 6.38 -2.70 11.00
CA VAL A 131 6.10 -1.50 10.23
C VAL A 131 4.69 -1.58 9.65
N ILE A 132 3.91 -0.52 9.82
CA ILE A 132 2.56 -0.50 9.32
C ILE A 132 2.40 0.56 8.23
N LEU A 133 1.74 0.19 7.14
CA LEU A 133 1.48 1.12 6.04
C LEU A 133 0.01 1.54 6.07
N PHE A 134 -0.23 2.83 6.24
CA PHE A 134 -1.60 3.35 6.21
C PHE A 134 -1.65 4.60 5.35
N GLY A 135 -2.57 4.61 4.40
CA GLY A 135 -2.72 5.75 3.51
C GLY A 135 -3.95 6.56 3.85
N HIS A 136 -3.77 7.86 4.05
CA HIS A 136 -4.87 8.75 4.40
C HIS A 136 -4.38 10.20 4.38
N THR A 137 -3.21 10.42 4.98
CA THR A 137 -2.58 11.72 4.96
C THR A 137 -1.63 11.81 3.77
N HIS A 138 -1.56 12.97 3.14
CA HIS A 138 -0.70 13.14 1.98
C HIS A 138 0.62 13.79 2.38
N GLU A 139 0.79 13.99 3.67
CA GLU A 139 2.05 14.49 4.20
C GLU A 139 2.77 13.37 4.93
N PRO A 140 3.84 12.84 4.32
CA PRO A 140 4.57 11.68 4.84
C PRO A 140 5.36 12.02 6.10
N GLU A 141 5.16 11.24 7.15
CA GLU A 141 5.96 11.37 8.36
C GLU A 141 6.23 10.01 8.95
N ASP A 142 7.45 9.83 9.44
CA ASP A 142 7.83 8.61 10.13
C ASP A 142 7.28 8.65 11.56
N THR A 143 6.21 7.91 11.80
CA THR A 143 5.51 8.00 13.07
C THR A 143 5.67 6.71 13.88
N VAL A 144 6.22 6.82 15.07
CA VAL A 144 6.33 5.68 15.95
C VAL A 144 5.33 5.79 17.11
N LYS A 145 4.31 4.93 17.09
CA LYS A 145 3.26 4.96 18.09
C LYS A 145 3.16 3.60 18.77
N ALA A 146 3.22 3.59 20.11
CA ALA A 146 3.07 2.37 20.91
C ALA A 146 4.22 1.40 20.68
N GLY A 147 5.28 1.88 20.03
CA GLY A 147 6.41 1.03 19.72
C GLY A 147 6.33 0.43 18.33
N VAL A 148 5.31 0.83 17.58
CA VAL A 148 5.15 0.39 16.21
C VAL A 148 5.50 1.51 15.25
N ARG A 149 6.17 1.18 14.16
CA ARG A 149 6.57 2.18 13.17
C ARG A 149 5.53 2.27 12.07
N PHE A 150 4.84 3.41 12.00
CA PHE A 150 3.80 3.61 11.01
C PHE A 150 4.31 4.50 9.88
N LEU A 151 4.20 4.00 8.67
CA LEU A 151 4.59 4.76 7.49
C LEU A 151 3.34 5.16 6.72
N ASN A 152 3.26 6.43 6.37
CA ASN A 152 2.09 6.97 5.69
C ASN A 152 2.48 7.62 4.37
N PRO A 153 2.07 7.00 3.24
CA PRO A 153 2.24 7.57 1.92
C PRO A 153 1.15 8.59 1.60
N GLY A 154 1.48 9.55 0.74
CA GLY A 154 0.53 10.57 0.33
C GLY A 154 -0.65 10.05 -0.49
N SER A 155 -0.89 10.69 -1.63
CA SER A 155 -2.04 10.32 -2.45
C SER A 155 -1.62 10.08 -3.90
N LEU A 156 -2.60 9.74 -4.73
CA LEU A 156 -2.36 9.46 -6.14
C LEU A 156 -2.08 10.76 -6.91
N ALA A 157 -3.11 11.57 -7.05
CA ALA A 157 -3.05 12.75 -7.91
C ALA A 157 -2.24 13.89 -7.29
N GLU A 158 -1.49 13.60 -6.24
CA GLU A 158 -0.64 14.60 -5.61
C GLU A 158 0.82 14.32 -5.91
N GLY A 159 1.05 13.34 -6.79
CA GLY A 159 2.40 13.05 -7.26
C GLY A 159 3.29 12.45 -6.19
N SER A 160 2.73 11.53 -5.42
CA SER A 160 3.47 10.92 -4.33
C SER A 160 3.31 9.39 -4.35
N TYR A 161 4.31 8.71 -4.89
CA TYR A 161 4.33 7.25 -4.86
C TYR A 161 5.48 6.77 -3.99
N ALA A 162 5.39 5.57 -3.47
CA ALA A 162 6.42 5.06 -2.57
C ALA A 162 7.13 3.88 -3.18
N VAL A 163 8.44 3.94 -3.20
CA VAL A 163 9.25 2.83 -3.67
C VAL A 163 10.01 2.22 -2.51
N LEU A 164 9.72 0.96 -2.23
CA LEU A 164 10.41 0.24 -1.16
C LEU A 164 11.53 -0.58 -1.74
N GLU A 165 12.74 -0.21 -1.41
CA GLU A 165 13.91 -0.88 -1.97
C GLU A 165 14.57 -1.75 -0.92
N LEU A 166 14.84 -3.00 -1.29
CA LEU A 166 15.43 -3.96 -0.37
C LEU A 166 16.92 -4.08 -0.60
N ASP A 167 17.68 -3.71 0.41
CA ASP A 167 19.13 -3.82 0.37
C ASP A 167 19.65 -4.13 1.76
N GLY A 168 20.52 -5.13 1.86
CA GLY A 168 21.08 -5.52 3.14
C GLY A 168 20.04 -6.13 4.08
N GLY A 169 18.86 -6.43 3.54
CA GLY A 169 17.80 -7.00 4.35
C GLY A 169 17.00 -5.95 5.08
N GLU A 170 16.89 -4.77 4.48
CA GLU A 170 16.13 -3.69 5.08
C GLU A 170 15.10 -3.14 4.09
N VAL A 171 13.89 -2.93 4.58
CA VAL A 171 12.84 -2.32 3.79
C VAL A 171 12.97 -0.80 3.86
N ARG A 172 13.41 -0.19 2.77
CA ARG A 172 13.69 1.24 2.77
C ARG A 172 12.61 2.00 2.02
N PHE A 173 11.97 2.92 2.73
CA PHE A 173 10.83 3.66 2.22
C PHE A 173 11.26 4.96 1.58
N GLU A 174 11.08 5.06 0.26
CA GLU A 174 11.34 6.31 -0.42
C GLU A 174 10.09 6.77 -1.16
N LEU A 175 9.42 7.76 -0.60
CA LEU A 175 8.29 8.37 -1.27
C LEU A 175 8.80 9.34 -2.32
N LYS A 176 8.79 8.90 -3.57
CA LYS A 176 9.37 9.67 -4.64
C LYS A 176 8.31 10.51 -5.33
N THR A 177 8.67 11.75 -5.64
CA THR A 177 7.74 12.70 -6.19
C THR A 177 7.78 12.72 -7.71
N LEU A 178 6.65 13.04 -8.31
CA LEU A 178 6.57 13.19 -9.75
C LEU A 178 6.46 14.66 -10.12
N VAL A 22 19.33 -7.41 -3.03
CA VAL A 22 18.53 -6.16 -2.99
C VAL A 22 17.26 -6.35 -3.83
N LYS A 23 16.13 -5.93 -3.26
CA LYS A 23 14.86 -6.04 -3.96
C LYS A 23 14.08 -4.73 -3.85
N ARG A 24 13.19 -4.51 -4.79
CA ARG A 24 12.37 -3.31 -4.78
C ARG A 24 10.89 -3.65 -4.79
N PHE A 25 10.14 -3.00 -3.91
CA PHE A 25 8.70 -3.13 -3.88
C PHE A 25 8.05 -1.78 -4.15
N LEU A 26 7.14 -1.75 -5.10
CA LEU A 26 6.45 -0.52 -5.46
C LEU A 26 5.20 -0.36 -4.62
N LEU A 27 4.98 0.83 -4.08
CA LEU A 27 3.83 1.06 -3.24
C LEU A 27 2.92 2.14 -3.82
N ILE A 28 1.77 1.72 -4.31
CA ILE A 28 0.73 2.64 -4.74
C ILE A 28 -0.35 2.72 -3.64
N SER A 29 -0.44 3.88 -3.01
CA SER A 29 -1.21 4.02 -1.77
C SER A 29 -2.72 4.06 -1.99
N ASP A 30 -3.26 5.26 -2.18
CA ASP A 30 -4.70 5.44 -2.26
C ASP A 30 -5.11 5.76 -3.70
N SER A 31 -5.80 4.82 -4.32
CA SER A 31 -6.29 5.01 -5.67
C SER A 31 -7.80 4.80 -5.71
N HIS A 32 -8.48 5.70 -6.39
CA HIS A 32 -9.92 5.66 -6.52
C HIS A 32 -10.26 5.71 -8.00
N VAL A 33 -9.45 5.03 -8.80
CA VAL A 33 -9.57 5.06 -10.25
C VAL A 33 -10.42 3.89 -10.75
N PRO A 34 -11.32 4.13 -11.72
CA PRO A 34 -11.55 5.48 -12.27
C PRO A 34 -12.47 6.31 -11.37
N VAL A 35 -13.70 5.80 -11.17
CA VAL A 35 -14.72 6.47 -10.35
C VAL A 35 -14.95 7.91 -10.81
N ARG A 36 -14.16 8.84 -10.29
CA ARG A 36 -14.29 10.24 -10.63
C ARG A 36 -12.91 10.90 -10.66
N MET A 37 -11.87 10.08 -10.65
CA MET A 37 -10.50 10.58 -10.61
C MET A 37 -9.64 9.91 -11.67
N ALA A 38 -9.34 10.64 -12.74
CA ALA A 38 -8.47 10.12 -13.79
C ALA A 38 -7.03 10.60 -13.61
N SER A 39 -6.75 11.15 -12.43
CA SER A 39 -5.45 11.73 -12.13
C SER A 39 -4.42 10.67 -11.73
N LEU A 40 -4.44 9.53 -12.42
CA LEU A 40 -3.44 8.50 -12.21
C LEU A 40 -2.50 8.47 -13.40
N PRO A 41 -1.28 9.00 -13.24
CA PRO A 41 -0.28 9.04 -14.30
C PRO A 41 0.15 7.65 -14.77
N ASP A 42 0.01 7.41 -16.08
CA ASP A 42 0.30 6.10 -16.66
C ASP A 42 1.79 5.82 -16.69
N GLU A 43 2.60 6.81 -16.35
CA GLU A 43 4.04 6.66 -16.39
C GLU A 43 4.52 5.56 -15.43
N ILE A 44 4.05 5.60 -14.19
CA ILE A 44 4.44 4.60 -13.20
C ILE A 44 3.79 3.26 -13.52
N LEU A 45 2.61 3.37 -14.09
CA LEU A 45 1.84 2.20 -14.51
C LEU A 45 2.64 1.32 -15.48
N ASN A 46 3.47 1.96 -16.29
CA ASN A 46 4.32 1.24 -17.23
C ASN A 46 5.47 0.56 -16.51
N SER A 47 5.98 1.23 -15.47
CA SER A 47 7.15 0.76 -14.74
C SER A 47 6.79 -0.38 -13.77
N LEU A 48 5.56 -0.87 -13.87
CA LEU A 48 5.10 -2.01 -13.08
C LEU A 48 6.03 -3.22 -13.22
N LYS A 49 6.59 -3.37 -14.41
CA LYS A 49 7.35 -4.57 -14.75
C LYS A 49 8.81 -4.45 -14.33
N GLU A 50 9.14 -3.40 -13.60
CA GLU A 50 10.53 -3.17 -13.20
C GLU A 50 10.81 -3.71 -11.81
N TYR A 51 9.77 -3.94 -11.03
CA TYR A 51 9.93 -4.26 -9.62
C TYR A 51 9.67 -5.74 -9.35
N ASP A 52 10.25 -6.23 -8.25
CA ASP A 52 10.06 -7.61 -7.82
C ASP A 52 8.59 -7.86 -7.53
N GLY A 53 8.05 -7.02 -6.67
CA GLY A 53 6.67 -7.09 -6.30
C GLY A 53 6.08 -5.72 -6.10
N VAL A 54 4.79 -5.59 -6.34
CA VAL A 54 4.12 -4.31 -6.18
C VAL A 54 2.97 -4.43 -5.19
N ILE A 55 2.86 -3.46 -4.31
CA ILE A 55 1.80 -3.46 -3.31
C ILE A 55 0.77 -2.41 -3.63
N GLY A 56 -0.47 -2.85 -3.80
CA GLY A 56 -1.55 -1.95 -4.05
C GLY A 56 -2.47 -1.85 -2.85
N LEU A 57 -2.47 -0.70 -2.19
CA LEU A 57 -3.29 -0.51 -1.00
C LEU A 57 -4.69 -0.07 -1.40
N GLY A 58 -5.10 -0.47 -2.60
CA GLY A 58 -6.36 -0.01 -3.14
C GLY A 58 -6.14 0.77 -4.41
N ASP A 59 -5.98 0.05 -5.52
CA ASP A 59 -5.61 0.67 -6.79
C ASP A 59 -6.84 0.92 -7.68
N TYR A 60 -7.14 0.00 -8.58
CA TYR A 60 -8.26 0.16 -9.47
C TYR A 60 -9.49 -0.53 -8.93
N VAL A 61 -10.63 0.13 -9.04
CA VAL A 61 -11.88 -0.45 -8.58
C VAL A 61 -12.39 -1.46 -9.60
N ASP A 62 -11.76 -1.48 -10.77
CA ASP A 62 -12.11 -2.42 -11.83
C ASP A 62 -11.36 -3.73 -11.65
N LEU A 63 -12.10 -4.82 -11.53
CA LEU A 63 -11.49 -6.13 -11.36
C LEU A 63 -10.56 -6.44 -12.52
N ASP A 64 -11.01 -6.12 -13.73
CA ASP A 64 -10.21 -6.34 -14.95
C ASP A 64 -8.82 -5.72 -14.82
N THR A 65 -8.77 -4.50 -14.31
CA THR A 65 -7.51 -3.78 -14.23
C THR A 65 -6.67 -4.27 -13.05
N VAL A 66 -7.32 -4.77 -12.00
CA VAL A 66 -6.61 -5.38 -10.88
C VAL A 66 -5.82 -6.59 -11.36
N ILE A 67 -6.47 -7.41 -12.19
CA ILE A 67 -5.81 -8.57 -12.80
C ILE A 67 -4.70 -8.10 -13.73
N LEU A 68 -4.94 -7.00 -14.41
CA LEU A 68 -3.94 -6.39 -15.26
C LEU A 68 -2.71 -5.98 -14.44
N LEU A 69 -2.94 -5.48 -13.23
CA LEU A 69 -1.83 -5.06 -12.39
C LEU A 69 -1.09 -6.26 -11.84
N GLU A 70 -1.86 -7.30 -11.53
CA GLU A 70 -1.31 -8.57 -11.08
C GLU A 70 -0.48 -9.19 -12.21
N LYS A 71 -0.84 -8.83 -13.44
CA LYS A 71 -0.14 -9.31 -14.62
C LYS A 71 1.10 -8.46 -14.90
N PHE A 72 0.91 -7.14 -14.91
CA PHE A 72 2.00 -6.18 -15.11
C PHE A 72 3.14 -6.39 -14.11
N SER A 73 2.81 -6.36 -12.83
CA SER A 73 3.82 -6.53 -11.78
C SER A 73 4.21 -7.99 -11.60
N LYS A 74 3.35 -8.90 -12.06
CA LYS A 74 3.50 -10.35 -11.86
C LYS A 74 3.20 -10.72 -10.42
N GLU A 75 3.91 -10.10 -9.50
CA GLU A 75 3.70 -10.32 -8.08
C GLU A 75 3.02 -9.12 -7.46
N PHE A 76 1.70 -9.14 -7.44
CA PHE A 76 0.93 -8.03 -6.92
C PHE A 76 0.35 -8.40 -5.57
N TYR A 77 0.77 -7.67 -4.55
CA TYR A 77 0.24 -7.86 -3.21
C TYR A 77 -0.65 -6.68 -2.86
N GLY A 78 -1.95 -6.91 -2.82
CA GLY A 78 -2.86 -5.81 -2.61
C GLY A 78 -3.79 -6.01 -1.45
N VAL A 79 -4.42 -4.91 -1.03
CA VAL A 79 -5.42 -4.93 0.01
C VAL A 79 -6.60 -4.06 -0.40
N HIS A 80 -7.55 -3.89 0.50
CA HIS A 80 -8.81 -3.24 0.18
C HIS A 80 -8.74 -1.75 0.50
N GLY A 81 -9.03 -0.92 -0.50
CA GLY A 81 -8.88 0.50 -0.34
C GLY A 81 -10.19 1.21 -0.01
N ASN A 82 -11.20 0.99 -0.82
CA ASN A 82 -12.48 1.67 -0.66
C ASN A 82 -13.52 0.67 -0.20
N MET A 83 -14.78 0.94 -0.49
CA MET A 83 -15.80 -0.08 -0.41
C MET A 83 -15.57 -1.06 -1.56
N ASP A 84 -15.31 -0.48 -2.73
CA ASP A 84 -14.95 -1.22 -3.95
C ASP A 84 -16.07 -2.17 -4.36
N TYR A 85 -15.81 -2.98 -5.36
CA TYR A 85 -16.77 -3.97 -5.82
C TYR A 85 -16.55 -5.30 -5.11
N PRO A 86 -17.60 -6.14 -5.01
CA PRO A 86 -17.53 -7.45 -4.34
C PRO A 86 -16.38 -8.32 -4.86
N ASP A 87 -16.06 -8.16 -6.14
CA ASP A 87 -14.96 -8.90 -6.74
C ASP A 87 -13.63 -8.47 -6.15
N VAL A 88 -13.48 -7.16 -5.97
CA VAL A 88 -12.30 -6.60 -5.35
C VAL A 88 -12.30 -6.89 -3.86
N LYS A 89 -13.50 -7.04 -3.31
CA LYS A 89 -13.70 -7.37 -1.90
C LYS A 89 -13.09 -8.73 -1.58
N GLU A 90 -13.05 -9.60 -2.58
CA GLU A 90 -12.47 -10.93 -2.42
C GLU A 90 -11.00 -10.96 -2.83
N HIS A 91 -10.71 -10.34 -3.98
CA HIS A 91 -9.35 -10.39 -4.53
C HIS A 91 -8.38 -9.55 -3.72
N LEU A 92 -8.90 -8.48 -3.12
CA LEU A 92 -8.09 -7.62 -2.26
C LEU A 92 -8.64 -7.64 -0.85
N PRO A 93 -7.96 -8.37 0.06
CA PRO A 93 -8.40 -8.54 1.45
C PRO A 93 -8.40 -7.21 2.22
N PHE A 94 -9.19 -7.15 3.29
CA PHE A 94 -9.32 -5.95 4.09
C PHE A 94 -8.01 -5.63 4.80
N SER A 95 -7.36 -6.67 5.30
CA SER A 95 -6.08 -6.53 5.96
C SER A 95 -5.21 -7.74 5.69
N LYS A 96 -3.98 -7.50 5.27
CA LYS A 96 -3.05 -8.57 4.95
C LYS A 96 -1.72 -8.33 5.66
N VAL A 97 -0.94 -9.38 5.83
CA VAL A 97 0.37 -9.27 6.45
C VAL A 97 1.39 -10.04 5.64
N LEU A 98 2.41 -9.35 5.16
CA LEU A 98 3.44 -9.98 4.37
C LEU A 98 4.65 -10.29 5.22
N LEU A 99 5.26 -11.45 4.97
CA LEU A 99 6.51 -11.79 5.62
C LEU A 99 7.62 -11.81 4.58
N VAL A 100 8.32 -10.68 4.47
CA VAL A 100 9.33 -10.51 3.44
C VAL A 100 10.70 -10.37 4.07
N GLU A 101 11.52 -11.41 3.93
CA GLU A 101 12.88 -11.44 4.46
C GLU A 101 12.88 -11.21 5.97
N GLY A 102 11.83 -11.67 6.63
CA GLY A 102 11.72 -11.52 8.07
C GLY A 102 10.94 -10.29 8.47
N VAL A 103 10.66 -9.43 7.50
CA VAL A 103 9.93 -8.20 7.76
C VAL A 103 8.42 -8.42 7.67
N THR A 104 7.72 -8.05 8.73
CA THR A 104 6.27 -8.13 8.76
C THR A 104 5.65 -6.85 8.21
N ILE A 105 4.79 -6.99 7.22
CA ILE A 105 4.15 -5.83 6.61
C ILE A 105 2.65 -5.87 6.84
N GLY A 106 2.18 -5.05 7.77
CA GLY A 106 0.76 -4.97 8.04
C GLY A 106 0.07 -4.04 7.08
N MET A 107 -0.80 -4.58 6.25
CA MET A 107 -1.44 -3.81 5.20
C MET A 107 -2.91 -3.54 5.53
N CYS A 108 -3.27 -2.28 5.65
CA CYS A 108 -4.64 -1.88 5.95
C CYS A 108 -4.95 -0.54 5.28
N HIS A 109 -6.23 -0.20 5.21
CA HIS A 109 -6.66 1.05 4.57
C HIS A 109 -8.02 1.49 5.10
N GLY A 110 -8.03 2.56 5.87
CA GLY A 110 -9.28 3.10 6.35
C GLY A 110 -9.12 3.83 7.67
N TRP A 111 -10.24 4.24 8.24
CA TRP A 111 -10.29 4.92 9.53
C TRP A 111 -9.62 6.30 9.49
N GLY A 112 -9.51 6.91 10.65
CA GLY A 112 -8.91 8.22 10.78
C GLY A 112 -8.71 8.58 12.23
N ALA A 113 -8.12 9.75 12.48
CA ALA A 113 -7.77 10.18 13.83
C ALA A 113 -6.75 9.25 14.46
N PRO A 114 -5.45 9.60 14.37
CA PRO A 114 -4.35 8.74 14.78
C PRO A 114 -4.20 8.61 16.30
N TRP A 115 -5.17 9.14 17.05
CA TRP A 115 -5.13 9.11 18.50
C TRP A 115 -5.08 7.67 19.00
N ASP A 116 -6.04 6.86 18.56
CA ASP A 116 -6.12 5.47 18.96
C ASP A 116 -5.97 4.56 17.74
N LEU A 117 -5.64 5.16 16.61
CA LEU A 117 -5.47 4.41 15.36
C LEU A 117 -4.35 3.38 15.51
N LYS A 118 -3.23 3.81 16.06
CA LYS A 118 -2.09 2.93 16.26
C LYS A 118 -2.49 1.76 17.15
N ASP A 119 -3.22 2.07 18.21
CA ASP A 119 -3.64 1.07 19.18
C ASP A 119 -4.71 0.16 18.59
N ARG A 120 -5.51 0.70 17.68
CA ARG A 120 -6.55 -0.07 17.02
C ARG A 120 -5.95 -1.07 16.04
N LEU A 121 -4.92 -0.64 15.31
CA LEU A 121 -4.24 -1.51 14.37
C LEU A 121 -3.49 -2.62 15.09
N LEU A 122 -3.08 -2.35 16.33
CA LEU A 122 -2.44 -3.34 17.17
C LEU A 122 -3.44 -4.42 17.58
N LYS A 123 -4.71 -4.06 17.60
CA LYS A 123 -5.76 -5.00 17.96
C LYS A 123 -6.02 -5.93 16.79
N VAL A 124 -5.81 -5.43 15.58
CA VAL A 124 -5.93 -6.23 14.37
C VAL A 124 -4.69 -7.12 14.23
N PHE A 125 -3.51 -6.51 14.36
CA PHE A 125 -2.27 -7.23 14.29
C PHE A 125 -1.74 -7.51 15.69
N ASN A 126 -2.19 -8.59 16.29
CA ASN A 126 -1.88 -8.89 17.68
C ASN A 126 -0.45 -9.44 17.83
N GLU A 127 0.25 -9.61 16.72
CA GLU A 127 1.65 -10.00 16.73
C GLU A 127 2.53 -8.79 17.03
N LYS A 128 1.94 -7.61 16.94
CA LYS A 128 2.68 -6.35 16.99
C LYS A 128 3.75 -6.33 15.90
N PRO A 129 3.36 -5.96 14.68
CA PRO A 129 4.26 -6.00 13.52
C PRO A 129 5.34 -4.93 13.58
N GLN A 130 6.25 -4.97 12.63
CA GLN A 130 7.32 -3.98 12.53
C GLN A 130 6.86 -2.81 11.66
N VAL A 131 6.33 -3.12 10.49
CA VAL A 131 5.91 -2.07 9.56
C VAL A 131 4.42 -2.21 9.24
N ILE A 132 3.70 -1.10 9.31
CA ILE A 132 2.30 -1.06 8.92
C ILE A 132 2.07 -0.02 7.84
N LEU A 133 1.50 -0.46 6.73
CA LEU A 133 1.15 0.43 5.64
C LEU A 133 -0.32 0.74 5.67
N PHE A 134 -0.66 2.00 5.89
CA PHE A 134 -2.04 2.42 5.84
C PHE A 134 -2.18 3.60 4.90
N GLY A 135 -3.19 3.56 4.05
CA GLY A 135 -3.37 4.62 3.09
C GLY A 135 -4.51 5.54 3.45
N HIS A 136 -4.19 6.78 3.75
CA HIS A 136 -5.19 7.79 4.03
C HIS A 136 -4.71 9.13 3.49
N THR A 137 -5.31 9.57 2.39
CA THR A 137 -4.92 10.80 1.71
C THR A 137 -4.90 11.99 2.66
N HIS A 138 -3.70 12.51 2.90
CA HIS A 138 -3.51 13.68 3.74
C HIS A 138 -2.07 14.16 3.62
N GLU A 139 -1.17 13.48 4.33
CA GLU A 139 0.26 13.80 4.30
C GLU A 139 1.09 12.54 4.48
N PRO A 140 2.22 12.43 3.77
CA PRO A 140 3.18 11.36 3.99
C PRO A 140 4.03 11.62 5.22
N GLU A 141 4.08 10.66 6.14
CA GLU A 141 4.86 10.82 7.35
C GLU A 141 5.30 9.47 7.92
N ASP A 142 6.45 9.46 8.56
CA ASP A 142 6.96 8.29 9.26
C ASP A 142 6.69 8.41 10.76
N THR A 143 5.96 7.45 11.31
CA THR A 143 5.53 7.55 12.71
C THR A 143 5.86 6.28 13.49
N VAL A 144 6.09 6.44 14.79
CA VAL A 144 6.37 5.31 15.68
C VAL A 144 5.82 5.59 17.08
N LYS A 145 5.42 4.55 17.78
CA LYS A 145 4.86 4.69 19.13
C LYS A 145 4.87 3.34 19.84
N ALA A 146 4.24 2.37 19.20
CA ALA A 146 4.04 1.06 19.80
C ALA A 146 5.15 0.10 19.40
N GLY A 147 6.29 0.64 19.04
CA GLY A 147 7.37 -0.17 18.52
C GLY A 147 7.09 -0.59 17.09
N VAL A 148 5.95 -0.14 16.58
CA VAL A 148 5.55 -0.41 15.22
C VAL A 148 5.71 0.85 14.39
N ARG A 149 6.18 0.68 13.17
CA ARG A 149 6.39 1.81 12.28
C ARG A 149 5.19 1.96 11.35
N PHE A 150 4.44 3.02 11.56
CA PHE A 150 3.24 3.28 10.78
C PHE A 150 3.57 4.24 9.63
N LEU A 151 3.41 3.76 8.41
CA LEU A 151 3.77 4.53 7.24
C LEU A 151 2.54 4.92 6.43
N ASN A 152 2.30 6.23 6.34
CA ASN A 152 1.26 6.75 5.47
C ASN A 152 1.92 7.47 4.29
N PRO A 153 1.87 6.88 3.10
CA PRO A 153 2.51 7.41 1.91
C PRO A 153 1.67 8.48 1.21
N GLY A 154 2.14 8.91 0.04
CA GLY A 154 1.45 9.95 -0.70
C GLY A 154 0.35 9.39 -1.58
N SER A 155 -0.56 10.25 -1.99
CA SER A 155 -1.67 9.85 -2.84
C SER A 155 -1.36 10.15 -4.30
N LEU A 156 -2.07 9.48 -5.20
CA LEU A 156 -1.78 9.55 -6.63
C LEU A 156 -1.94 10.97 -7.17
N ALA A 157 -3.07 11.60 -6.84
CA ALA A 157 -3.37 12.94 -7.35
C ALA A 157 -2.41 13.97 -6.78
N GLU A 158 -1.72 13.62 -5.69
CA GLU A 158 -0.81 14.53 -5.02
C GLU A 158 0.57 14.48 -5.67
N GLY A 159 0.73 13.62 -6.67
CA GLY A 159 1.98 13.53 -7.39
C GLY A 159 3.07 12.89 -6.55
N SER A 160 2.68 12.02 -5.65
CA SER A 160 3.63 11.38 -4.75
C SER A 160 3.31 9.90 -4.58
N TYR A 161 4.27 9.06 -4.93
CA TYR A 161 4.16 7.62 -4.73
C TYR A 161 5.22 7.15 -3.74
N ALA A 162 5.22 5.88 -3.40
CA ALA A 162 6.20 5.35 -2.47
C ALA A 162 6.94 4.16 -3.05
N VAL A 163 8.26 4.18 -2.92
CA VAL A 163 9.07 3.05 -3.32
C VAL A 163 9.72 2.42 -2.10
N LEU A 164 9.41 1.16 -1.86
CA LEU A 164 9.94 0.45 -0.71
C LEU A 164 11.18 -0.35 -1.13
N GLU A 165 12.32 0.01 -0.57
CA GLU A 165 13.57 -0.63 -0.92
C GLU A 165 13.96 -1.65 0.13
N LEU A 166 14.48 -2.77 -0.32
CA LEU A 166 15.15 -3.70 0.57
C LEU A 166 16.64 -3.69 0.24
N ASP A 167 17.36 -2.82 0.90
CA ASP A 167 18.77 -2.62 0.64
C ASP A 167 19.58 -3.27 1.75
N GLY A 168 20.31 -4.32 1.41
CA GLY A 168 21.03 -5.10 2.41
C GLY A 168 20.09 -5.86 3.33
N GLY A 169 19.36 -5.13 4.14
CA GLY A 169 18.40 -5.71 5.05
C GLY A 169 17.60 -4.65 5.77
N GLU A 170 17.49 -3.48 5.16
CA GLU A 170 16.80 -2.35 5.77
C GLU A 170 15.51 -2.07 5.03
N VAL A 171 14.43 -1.88 5.78
CA VAL A 171 13.15 -1.53 5.19
C VAL A 171 13.12 -0.05 4.85
N ARG A 172 13.27 0.26 3.58
CA ARG A 172 13.37 1.64 3.15
C ARG A 172 12.13 2.06 2.39
N PHE A 173 11.78 3.33 2.51
CA PHE A 173 10.67 3.89 1.78
C PHE A 173 11.01 5.32 1.36
N GLU A 174 10.94 5.59 0.06
CA GLU A 174 11.21 6.92 -0.44
C GLU A 174 9.99 7.48 -1.15
N LEU A 175 9.63 8.71 -0.81
CA LEU A 175 8.52 9.39 -1.45
C LEU A 175 8.96 9.86 -2.83
N LYS A 176 8.35 9.28 -3.85
CA LYS A 176 8.69 9.58 -5.22
C LYS A 176 7.74 10.62 -5.78
N THR A 177 8.29 11.75 -6.18
CA THR A 177 7.48 12.83 -6.75
C THR A 177 7.46 12.71 -8.26
N LEU A 178 6.35 13.10 -8.86
CA LEU A 178 6.19 12.98 -10.30
C LEU A 178 6.15 14.37 -10.95
N VAL A 22 16.84 -8.48 -1.92
CA VAL A 22 16.62 -7.06 -2.21
C VAL A 22 15.34 -6.88 -3.03
N LYS A 23 14.21 -6.84 -2.36
CA LYS A 23 12.95 -6.61 -3.03
C LYS A 23 12.60 -5.13 -3.08
N ARG A 24 12.27 -4.66 -4.27
CA ARG A 24 11.84 -3.28 -4.46
C ARG A 24 10.35 -3.24 -4.72
N PHE A 25 9.61 -2.69 -3.79
CA PHE A 25 8.17 -2.67 -3.88
C PHE A 25 7.66 -1.31 -4.33
N LEU A 26 6.81 -1.34 -5.34
CA LEU A 26 6.12 -0.16 -5.82
C LEU A 26 4.82 0.00 -5.05
N LEU A 27 4.72 1.05 -4.27
CA LEU A 27 3.55 1.28 -3.46
C LEU A 27 2.63 2.29 -4.11
N ILE A 28 1.46 1.81 -4.55
CA ILE A 28 0.46 2.69 -5.11
C ILE A 28 -0.61 2.97 -4.07
N SER A 29 -0.78 4.24 -3.74
CA SER A 29 -1.63 4.66 -2.66
C SER A 29 -3.11 4.60 -3.04
N ASP A 30 -3.96 5.18 -2.19
CA ASP A 30 -5.40 5.19 -2.40
C ASP A 30 -5.76 5.88 -3.73
N SER A 31 -5.98 5.07 -4.75
CA SER A 31 -6.22 5.57 -6.09
C SER A 31 -7.68 5.38 -6.49
N HIS A 32 -8.31 6.45 -6.95
CA HIS A 32 -9.69 6.38 -7.38
C HIS A 32 -9.75 6.35 -8.90
N VAL A 33 -9.43 5.19 -9.46
CA VAL A 33 -9.42 4.99 -10.90
C VAL A 33 -10.09 3.68 -11.28
N PRO A 34 -11.07 3.73 -12.20
CA PRO A 34 -11.53 4.99 -12.77
C PRO A 34 -12.72 5.59 -12.03
N VAL A 35 -12.41 6.44 -11.06
CA VAL A 35 -13.41 7.21 -10.35
C VAL A 35 -13.06 8.68 -10.60
N ARG A 36 -13.69 9.62 -9.89
CA ARG A 36 -13.35 11.03 -10.05
C ARG A 36 -11.95 11.31 -9.49
N MET A 37 -10.96 11.06 -10.32
CA MET A 37 -9.57 11.33 -10.01
C MET A 37 -8.77 11.28 -11.30
N ALA A 38 -8.61 10.06 -11.82
CA ALA A 38 -7.86 9.82 -13.06
C ALA A 38 -6.42 10.30 -12.95
N SER A 39 -6.00 10.67 -11.73
CA SER A 39 -4.67 11.24 -11.50
C SER A 39 -3.58 10.17 -11.50
N LEU A 40 -3.90 8.99 -12.02
CA LEU A 40 -2.93 7.91 -12.08
C LEU A 40 -2.49 7.70 -13.52
N PRO A 41 -1.29 8.19 -13.87
CA PRO A 41 -0.78 8.15 -15.24
C PRO A 41 0.01 6.88 -15.56
N ASP A 42 0.26 6.68 -16.85
CA ASP A 42 1.03 5.53 -17.34
C ASP A 42 2.43 5.53 -16.76
N GLU A 43 2.90 6.71 -16.37
CA GLU A 43 4.26 6.89 -15.87
C GLU A 43 4.52 6.08 -14.59
N ILE A 44 3.46 5.57 -13.97
CA ILE A 44 3.63 4.69 -12.81
C ILE A 44 3.42 3.24 -13.24
N LEU A 45 2.53 3.05 -14.21
CA LEU A 45 2.18 1.72 -14.68
C LEU A 45 3.31 1.10 -15.49
N ASN A 46 4.08 1.95 -16.17
CA ASN A 46 5.23 1.49 -16.93
C ASN A 46 6.30 0.94 -16.00
N SER A 47 6.33 1.48 -14.79
CA SER A 47 7.33 1.10 -13.79
C SER A 47 7.07 -0.30 -13.24
N LEU A 48 5.93 -0.88 -13.58
CA LEU A 48 5.59 -2.24 -13.17
C LEU A 48 6.63 -3.24 -13.67
N LYS A 49 7.28 -2.90 -14.78
CA LYS A 49 8.28 -3.76 -15.39
C LYS A 49 9.64 -3.54 -14.75
N GLU A 50 9.74 -2.52 -13.90
CA GLU A 50 11.00 -2.16 -13.27
C GLU A 50 11.11 -2.73 -11.86
N TYR A 51 10.01 -2.69 -11.13
CA TYR A 51 9.99 -3.21 -9.77
C TYR A 51 9.68 -4.70 -9.79
N ASP A 52 10.25 -5.44 -8.84
CA ASP A 52 10.04 -6.88 -8.76
C ASP A 52 8.86 -7.20 -7.86
N GLY A 53 8.48 -6.24 -7.03
CA GLY A 53 7.31 -6.38 -6.20
C GLY A 53 6.48 -5.12 -6.20
N VAL A 54 5.17 -5.26 -6.16
CA VAL A 54 4.27 -4.10 -6.17
C VAL A 54 3.15 -4.28 -5.16
N ILE A 55 2.85 -3.23 -4.43
CA ILE A 55 1.80 -3.26 -3.43
C ILE A 55 0.73 -2.22 -3.72
N GLY A 56 -0.52 -2.66 -3.72
CA GLY A 56 -1.62 -1.75 -3.94
C GLY A 56 -2.46 -1.60 -2.69
N LEU A 57 -2.29 -0.49 -1.98
CA LEU A 57 -3.11 -0.21 -0.81
C LEU A 57 -4.45 0.35 -1.25
N GLY A 58 -4.41 1.08 -2.35
CA GLY A 58 -5.61 1.60 -2.96
C GLY A 58 -5.55 1.45 -4.46
N ASP A 59 -5.50 0.22 -4.91
CA ASP A 59 -5.34 -0.09 -6.33
C ASP A 59 -6.61 0.26 -7.11
N TYR A 60 -6.62 -0.13 -8.38
CA TYR A 60 -7.73 0.19 -9.27
C TYR A 60 -9.04 -0.39 -8.73
N VAL A 61 -10.12 0.36 -8.90
CA VAL A 61 -11.42 -0.04 -8.39
C VAL A 61 -12.14 -0.96 -9.36
N ASP A 62 -11.39 -1.50 -10.31
CA ASP A 62 -11.93 -2.37 -11.34
C ASP A 62 -11.28 -3.75 -11.28
N LEU A 63 -12.11 -4.78 -11.16
CA LEU A 63 -11.64 -6.15 -10.97
C LEU A 63 -10.78 -6.63 -12.14
N ASP A 64 -11.18 -6.28 -13.36
CA ASP A 64 -10.45 -6.69 -14.55
C ASP A 64 -9.02 -6.14 -14.52
N THR A 65 -8.90 -4.89 -14.11
CA THR A 65 -7.60 -4.23 -14.04
C THR A 65 -6.74 -4.85 -12.92
N VAL A 66 -7.39 -5.37 -11.87
CA VAL A 66 -6.67 -6.07 -10.82
C VAL A 66 -5.93 -7.28 -11.39
N ILE A 67 -6.61 -8.00 -12.28
CA ILE A 67 -6.00 -9.13 -12.96
C ILE A 67 -4.85 -8.66 -13.84
N LEU A 68 -5.03 -7.51 -14.48
CA LEU A 68 -3.98 -6.89 -15.27
C LEU A 68 -2.80 -6.51 -14.39
N LEU A 69 -3.10 -6.11 -13.15
CA LEU A 69 -2.05 -5.73 -12.20
C LEU A 69 -1.24 -6.95 -11.82
N GLU A 70 -1.88 -8.10 -11.79
CA GLU A 70 -1.22 -9.35 -11.48
C GLU A 70 -0.46 -9.86 -12.71
N LYS A 71 -0.81 -9.32 -13.88
CA LYS A 71 -0.07 -9.63 -15.11
C LYS A 71 1.25 -8.88 -15.12
N PHE A 72 1.17 -7.56 -14.95
CA PHE A 72 2.37 -6.73 -14.87
C PHE A 72 3.18 -7.07 -13.64
N SER A 73 2.59 -6.83 -12.48
CA SER A 73 3.21 -7.20 -11.21
C SER A 73 2.91 -8.66 -10.91
N LYS A 74 3.84 -9.53 -11.26
CA LYS A 74 3.69 -10.95 -11.01
C LYS A 74 3.62 -11.22 -9.52
N GLU A 75 4.37 -10.45 -8.75
CA GLU A 75 4.26 -10.49 -7.29
C GLU A 75 3.53 -9.26 -6.80
N PHE A 76 2.22 -9.25 -6.99
CA PHE A 76 1.38 -8.13 -6.59
C PHE A 76 0.67 -8.45 -5.29
N TYR A 77 0.84 -7.59 -4.31
CA TYR A 77 0.16 -7.73 -3.03
C TYR A 77 -0.67 -6.48 -2.77
N GLY A 78 -1.82 -6.63 -2.15
CA GLY A 78 -2.68 -5.49 -1.94
C GLY A 78 -3.69 -5.69 -0.84
N VAL A 79 -4.27 -4.58 -0.40
CA VAL A 79 -5.32 -4.58 0.60
C VAL A 79 -6.40 -3.58 0.20
N HIS A 80 -7.46 -4.10 -0.41
CA HIS A 80 -8.43 -3.25 -1.09
C HIS A 80 -9.60 -2.91 -0.17
N GLY A 81 -10.15 -1.72 -0.34
CA GLY A 81 -11.28 -1.29 0.46
C GLY A 81 -12.60 -1.72 -0.15
N ASN A 82 -13.69 -1.11 0.30
CA ASN A 82 -15.02 -1.47 -0.17
C ASN A 82 -15.75 -0.25 -0.72
N MET A 83 -14.99 0.66 -1.29
CA MET A 83 -15.57 1.86 -1.89
C MET A 83 -16.20 1.51 -3.24
N ASP A 84 -15.60 0.53 -3.91
CA ASP A 84 -16.03 0.12 -5.23
C ASP A 84 -16.80 -1.21 -5.19
N TYR A 85 -16.21 -2.26 -5.74
CA TYR A 85 -16.88 -3.55 -5.87
C TYR A 85 -16.37 -4.54 -4.83
N PRO A 86 -17.28 -5.28 -4.17
CA PRO A 86 -16.92 -6.29 -3.16
C PRO A 86 -16.02 -7.36 -3.74
N ASP A 87 -16.16 -7.59 -5.05
CA ASP A 87 -15.37 -8.61 -5.75
C ASP A 87 -13.88 -8.37 -5.58
N VAL A 88 -13.49 -7.09 -5.60
CA VAL A 88 -12.08 -6.73 -5.49
C VAL A 88 -11.62 -6.86 -4.03
N LYS A 89 -12.51 -6.58 -3.09
CA LYS A 89 -12.17 -6.69 -1.68
C LYS A 89 -12.08 -8.16 -1.27
N GLU A 90 -12.77 -9.03 -2.00
CA GLU A 90 -12.66 -10.46 -1.79
C GLU A 90 -11.37 -10.98 -2.44
N HIS A 91 -10.84 -10.21 -3.37
CA HIS A 91 -9.57 -10.54 -4.01
C HIS A 91 -8.41 -10.04 -3.16
N LEU A 92 -8.46 -8.78 -2.78
CA LEU A 92 -7.44 -8.21 -1.90
C LEU A 92 -8.03 -7.98 -0.52
N PRO A 93 -7.63 -8.80 0.47
CA PRO A 93 -8.14 -8.70 1.84
C PRO A 93 -7.97 -7.30 2.42
N PHE A 94 -8.83 -6.95 3.37
CA PHE A 94 -8.81 -5.62 3.97
C PHE A 94 -7.57 -5.44 4.86
N SER A 95 -6.96 -6.56 5.24
CA SER A 95 -5.76 -6.54 6.05
C SER A 95 -4.91 -7.78 5.75
N LYS A 96 -3.62 -7.56 5.51
CA LYS A 96 -2.71 -8.66 5.17
C LYS A 96 -1.31 -8.34 5.66
N VAL A 97 -0.67 -9.31 6.32
CA VAL A 97 0.70 -9.12 6.79
C VAL A 97 1.66 -9.90 5.92
N LEU A 98 2.63 -9.21 5.37
CA LEU A 98 3.63 -9.84 4.51
C LEU A 98 4.93 -10.04 5.26
N LEU A 99 5.73 -10.98 4.80
CA LEU A 99 7.04 -11.21 5.36
C LEU A 99 8.08 -11.09 4.26
N VAL A 100 8.75 -9.95 4.21
CA VAL A 100 9.72 -9.68 3.16
C VAL A 100 11.12 -9.59 3.73
N GLU A 101 11.89 -10.65 3.53
CA GLU A 101 13.29 -10.72 3.94
C GLU A 101 13.48 -10.33 5.41
N GLY A 102 12.57 -10.81 6.25
CA GLY A 102 12.69 -10.59 7.67
C GLY A 102 11.90 -9.40 8.17
N VAL A 103 11.21 -8.72 7.25
CA VAL A 103 10.39 -7.58 7.61
C VAL A 103 8.91 -7.95 7.56
N THR A 104 8.19 -7.63 8.63
CA THR A 104 6.75 -7.85 8.68
C THR A 104 6.00 -6.62 8.21
N ILE A 105 5.15 -6.80 7.21
CA ILE A 105 4.42 -5.69 6.63
C ILE A 105 2.92 -5.86 6.83
N GLY A 106 2.39 -5.21 7.84
CA GLY A 106 0.97 -5.28 8.11
C GLY A 106 0.22 -4.25 7.29
N MET A 107 -0.36 -4.69 6.19
CA MET A 107 -1.09 -3.80 5.31
C MET A 107 -2.55 -3.76 5.72
N CYS A 108 -3.10 -2.56 5.83
CA CYS A 108 -4.49 -2.40 6.20
C CYS A 108 -5.04 -1.13 5.57
N HIS A 109 -6.35 -1.00 5.56
CA HIS A 109 -7.00 0.19 5.00
C HIS A 109 -7.92 0.80 6.05
N GLY A 110 -7.56 0.60 7.32
CA GLY A 110 -8.39 1.04 8.42
C GLY A 110 -8.50 2.56 8.54
N TRP A 111 -9.43 2.99 9.36
CA TRP A 111 -9.69 4.41 9.53
C TRP A 111 -9.63 4.80 11.00
N GLY A 112 -9.56 6.10 11.26
CA GLY A 112 -9.50 6.59 12.63
C GLY A 112 -8.34 7.53 12.83
N ALA A 113 -8.30 8.17 14.00
CA ALA A 113 -7.22 9.08 14.33
C ALA A 113 -6.08 8.31 15.02
N PRO A 114 -4.88 8.91 15.12
CA PRO A 114 -3.71 8.27 15.76
C PRO A 114 -4.01 7.76 17.18
N TRP A 115 -5.05 8.32 17.80
CA TRP A 115 -5.44 7.94 19.16
C TRP A 115 -6.03 6.54 19.16
N ASP A 116 -6.73 6.19 18.09
CA ASP A 116 -7.38 4.89 17.97
C ASP A 116 -6.57 3.95 17.09
N LEU A 117 -5.81 4.55 16.18
CA LEU A 117 -5.06 3.83 15.16
C LEU A 117 -4.22 2.70 15.74
N LYS A 118 -3.34 3.05 16.67
CA LYS A 118 -2.44 2.08 17.28
C LYS A 118 -3.22 1.01 18.04
N ASP A 119 -4.22 1.45 18.79
CA ASP A 119 -5.01 0.55 19.62
C ASP A 119 -5.93 -0.33 18.77
N ARG A 120 -6.09 0.06 17.52
CA ARG A 120 -6.97 -0.66 16.60
C ARG A 120 -6.18 -1.67 15.79
N LEU A 121 -5.08 -1.22 15.18
CA LEU A 121 -4.29 -2.08 14.30
C LEU A 121 -3.55 -3.16 15.08
N LEU A 122 -3.12 -2.84 16.30
CA LEU A 122 -2.45 -3.81 17.16
C LEU A 122 -3.47 -4.79 17.74
N LYS A 123 -4.74 -4.48 17.55
CA LYS A 123 -5.82 -5.35 17.96
C LYS A 123 -6.19 -6.28 16.81
N VAL A 124 -6.22 -5.73 15.60
CA VAL A 124 -6.47 -6.52 14.40
C VAL A 124 -5.35 -7.54 14.20
N PHE A 125 -4.12 -7.08 14.30
CA PHE A 125 -2.97 -7.96 14.19
C PHE A 125 -2.64 -8.54 15.57
N ASN A 126 -2.64 -9.86 15.66
CA ASN A 126 -2.37 -10.53 16.94
C ASN A 126 -0.88 -10.48 17.26
N GLU A 127 -0.08 -10.47 16.21
CA GLU A 127 1.36 -10.33 16.34
C GLU A 127 1.75 -8.86 16.20
N LYS A 128 3.03 -8.56 16.31
CA LYS A 128 3.50 -7.19 16.22
C LYS A 128 4.25 -6.96 14.91
N PRO A 129 3.62 -6.26 13.97
CA PRO A 129 4.22 -5.93 12.68
C PRO A 129 5.24 -4.79 12.80
N GLN A 130 6.42 -5.00 12.24
CA GLN A 130 7.46 -3.99 12.25
C GLN A 130 7.06 -2.79 11.41
N VAL A 131 6.44 -3.07 10.28
CA VAL A 131 5.98 -2.03 9.37
C VAL A 131 4.50 -2.23 9.07
N ILE A 132 3.75 -1.13 9.09
CA ILE A 132 2.34 -1.18 8.75
C ILE A 132 2.02 -0.16 7.65
N LEU A 133 1.43 -0.65 6.57
CA LEU A 133 1.07 0.20 5.44
C LEU A 133 -0.42 0.48 5.45
N PHE A 134 -0.80 1.74 5.37
CA PHE A 134 -2.21 2.10 5.31
C PHE A 134 -2.39 3.46 4.64
N GLY A 135 -3.63 3.85 4.45
CA GLY A 135 -3.92 5.14 3.86
C GLY A 135 -5.17 5.76 4.44
N HIS A 136 -5.02 6.88 5.14
CA HIS A 136 -6.15 7.58 5.75
C HIS A 136 -5.75 8.98 6.17
N THR A 137 -4.73 9.09 7.02
CA THR A 137 -4.31 10.38 7.54
C THR A 137 -3.37 11.11 6.58
N HIS A 138 -2.72 10.35 5.70
CA HIS A 138 -1.77 10.88 4.72
C HIS A 138 -0.59 11.56 5.43
N GLU A 139 0.41 10.77 5.78
CA GLU A 139 1.58 11.28 6.49
C GLU A 139 2.86 10.89 5.77
N PRO A 140 3.38 11.76 4.91
CA PRO A 140 4.63 11.50 4.17
C PRO A 140 5.84 11.47 5.10
N GLU A 141 5.88 10.48 5.95
CA GLU A 141 6.90 10.36 6.97
C GLU A 141 6.95 8.93 7.49
N ASP A 142 8.10 8.51 7.98
CA ASP A 142 8.20 7.23 8.68
C ASP A 142 7.65 7.41 10.08
N THR A 143 6.38 7.09 10.25
CA THR A 143 5.71 7.44 11.48
C THR A 143 5.80 6.31 12.50
N VAL A 144 6.49 6.57 13.59
CA VAL A 144 6.66 5.59 14.63
C VAL A 144 5.66 5.83 15.76
N LYS A 145 4.55 5.12 15.69
CA LYS A 145 3.48 5.25 16.68
C LYS A 145 3.41 3.99 17.52
N ALA A 146 3.62 4.14 18.83
CA ALA A 146 3.54 3.02 19.77
C ALA A 146 4.62 1.98 19.51
N GLY A 147 5.70 2.40 18.85
CA GLY A 147 6.80 1.50 18.56
C GLY A 147 6.70 0.89 17.19
N VAL A 148 5.54 1.03 16.56
CA VAL A 148 5.31 0.46 15.24
C VAL A 148 5.61 1.51 14.17
N ARG A 149 6.28 1.07 13.10
CA ARG A 149 6.63 1.96 12.01
C ARG A 149 5.53 1.94 10.94
N PHE A 150 4.68 2.94 10.98
CA PHE A 150 3.58 3.06 10.04
C PHE A 150 4.02 3.87 8.83
N LEU A 151 3.65 3.39 7.66
CA LEU A 151 3.94 4.09 6.43
C LEU A 151 2.65 4.38 5.67
N ASN A 152 2.28 5.64 5.65
CA ASN A 152 1.10 6.08 4.93
C ASN A 152 1.45 7.30 4.06
N PRO A 153 1.60 7.08 2.75
CA PRO A 153 2.12 8.09 1.85
C PRO A 153 1.04 8.95 1.20
N GLY A 154 1.47 9.85 0.33
CA GLY A 154 0.56 10.64 -0.46
C GLY A 154 -0.07 9.81 -1.55
N SER A 155 -1.29 10.13 -1.91
CA SER A 155 -2.03 9.34 -2.87
C SER A 155 -1.83 9.86 -4.30
N LEU A 156 -2.30 9.09 -5.28
CA LEU A 156 -2.17 9.44 -6.69
C LEU A 156 -2.88 10.77 -6.97
N ALA A 157 -3.93 11.05 -6.21
CA ALA A 157 -4.68 12.29 -6.36
C ALA A 157 -3.83 13.50 -5.92
N GLU A 158 -2.82 13.23 -5.09
CA GLU A 158 -1.96 14.27 -4.57
C GLU A 158 -0.70 14.39 -5.43
N GLY A 159 -0.57 13.48 -6.39
CA GLY A 159 0.55 13.52 -7.32
C GLY A 159 1.84 12.96 -6.74
N SER A 160 1.73 11.88 -5.98
CA SER A 160 2.90 11.24 -5.40
C SER A 160 2.63 9.76 -5.14
N TYR A 161 3.70 8.97 -5.10
CA TYR A 161 3.61 7.57 -4.75
C TYR A 161 4.84 7.18 -3.93
N ALA A 162 4.83 6.00 -3.35
CA ALA A 162 5.91 5.61 -2.46
C ALA A 162 6.67 4.42 -3.02
N VAL A 163 7.99 4.45 -2.85
CA VAL A 163 8.83 3.34 -3.22
C VAL A 163 9.41 2.71 -1.97
N LEU A 164 9.18 1.42 -1.78
CA LEU A 164 9.72 0.72 -0.63
C LEU A 164 10.84 -0.21 -1.08
N GLU A 165 12.06 0.21 -0.80
CA GLU A 165 13.24 -0.54 -1.20
C GLU A 165 13.84 -1.27 -0.01
N LEU A 166 13.79 -2.60 -0.02
CA LEU A 166 14.40 -3.38 1.03
C LEU A 166 15.79 -3.85 0.61
N ASP A 167 16.80 -3.08 0.97
CA ASP A 167 18.18 -3.45 0.72
C ASP A 167 18.68 -4.29 1.88
N GLY A 168 19.14 -5.50 1.58
CA GLY A 168 19.49 -6.47 2.62
C GLY A 168 18.29 -6.96 3.40
N GLY A 169 17.62 -6.05 4.09
CA GLY A 169 16.42 -6.38 4.82
C GLY A 169 15.96 -5.24 5.68
N GLU A 170 16.17 -4.02 5.19
CA GLU A 170 15.76 -2.83 5.92
C GLU A 170 14.81 -2.00 5.06
N VAL A 171 13.79 -1.45 5.70
CA VAL A 171 12.76 -0.71 4.99
C VAL A 171 13.19 0.71 4.67
N ARG A 172 13.31 0.99 3.39
CA ARG A 172 13.58 2.35 2.93
C ARG A 172 12.34 2.94 2.29
N PHE A 173 11.65 3.79 3.05
CA PHE A 173 10.44 4.45 2.57
C PHE A 173 10.80 5.76 1.90
N GLU A 174 10.76 5.77 0.58
CA GLU A 174 11.08 6.98 -0.17
C GLU A 174 9.89 7.38 -1.03
N LEU A 175 9.37 8.58 -0.76
CA LEU A 175 8.23 9.10 -1.49
C LEU A 175 8.69 9.84 -2.74
N LYS A 176 8.08 9.53 -3.87
CA LYS A 176 8.43 10.18 -5.12
C LYS A 176 7.20 10.84 -5.73
N THR A 177 7.40 12.02 -6.28
CA THR A 177 6.33 12.80 -6.87
C THR A 177 6.05 12.39 -8.31
N LEU A 178 4.89 12.76 -8.82
CA LEU A 178 4.54 12.52 -10.20
C LEU A 178 4.27 13.84 -10.90
N VAL A 22 19.04 -6.33 -3.27
CA VAL A 22 18.09 -5.20 -3.13
C VAL A 22 16.89 -5.37 -4.07
N LYS A 23 15.72 -5.58 -3.48
CA LYS A 23 14.48 -5.57 -4.26
C LYS A 23 13.74 -4.26 -4.03
N ARG A 24 12.85 -3.93 -4.96
CA ARG A 24 12.06 -2.72 -4.86
C ARG A 24 10.57 -3.03 -5.00
N PHE A 25 9.80 -2.62 -4.02
CA PHE A 25 8.36 -2.78 -4.06
C PHE A 25 7.68 -1.44 -4.28
N LEU A 26 6.80 -1.41 -5.29
CA LEU A 26 6.13 -0.17 -5.66
C LEU A 26 4.84 -0.01 -4.88
N LEU A 27 4.79 0.98 -4.01
CA LEU A 27 3.63 1.23 -3.18
C LEU A 27 2.76 2.32 -3.80
N ILE A 28 1.61 1.93 -4.31
CA ILE A 28 0.67 2.90 -4.85
C ILE A 28 -0.44 3.15 -3.83
N SER A 29 -0.77 4.41 -3.64
CA SER A 29 -1.70 4.82 -2.60
C SER A 29 -3.15 4.55 -2.99
N ASP A 30 -4.08 5.11 -2.22
CA ASP A 30 -5.51 4.97 -2.47
C ASP A 30 -5.86 5.37 -3.90
N SER A 31 -6.37 4.41 -4.66
CA SER A 31 -6.72 4.64 -6.04
C SER A 31 -8.22 4.47 -6.24
N HIS A 32 -8.85 5.47 -6.84
CA HIS A 32 -10.27 5.41 -7.17
C HIS A 32 -10.42 5.46 -8.68
N VAL A 33 -9.59 4.70 -9.36
CA VAL A 33 -9.55 4.71 -10.80
C VAL A 33 -10.02 3.38 -11.38
N PRO A 34 -10.96 3.43 -12.34
CA PRO A 34 -11.64 4.65 -12.73
C PRO A 34 -13.06 4.73 -12.16
N VAL A 35 -13.22 5.38 -11.02
CA VAL A 35 -14.55 5.60 -10.46
C VAL A 35 -15.01 7.01 -10.77
N ARG A 36 -14.49 7.97 -10.02
CA ARG A 36 -14.81 9.37 -10.22
C ARG A 36 -13.53 10.17 -10.29
N MET A 37 -12.43 9.47 -10.47
CA MET A 37 -11.12 10.09 -10.52
C MET A 37 -10.25 9.39 -11.56
N ALA A 38 -9.63 10.18 -12.42
CA ALA A 38 -8.74 9.65 -13.45
C ALA A 38 -7.35 10.26 -13.32
N SER A 39 -7.12 10.93 -12.20
CA SER A 39 -5.87 11.64 -11.94
C SER A 39 -4.75 10.68 -11.51
N LEU A 40 -4.68 9.53 -12.15
CA LEU A 40 -3.62 8.57 -11.87
C LEU A 40 -2.64 8.55 -13.02
N PRO A 41 -1.44 9.12 -12.83
CA PRO A 41 -0.39 9.15 -13.85
C PRO A 41 -0.02 7.76 -14.36
N ASP A 42 -0.14 7.56 -15.66
CA ASP A 42 0.10 6.25 -16.28
C ASP A 42 1.60 5.95 -16.34
N GLU A 43 2.41 6.96 -16.05
CA GLU A 43 3.86 6.81 -16.06
C GLU A 43 4.32 5.65 -15.17
N ILE A 44 3.87 5.67 -13.92
CA ILE A 44 4.28 4.66 -12.95
C ILE A 44 3.68 3.30 -13.31
N LEU A 45 2.54 3.35 -13.99
CA LEU A 45 1.87 2.15 -14.45
C LEU A 45 2.65 1.48 -15.58
N ASN A 46 3.58 2.22 -16.18
CA ASN A 46 4.42 1.68 -17.24
C ASN A 46 5.68 1.05 -16.67
N SER A 47 6.10 1.52 -15.49
CA SER A 47 7.31 1.02 -14.85
C SER A 47 7.05 -0.27 -14.06
N LEU A 48 6.01 -1.00 -14.46
CA LEU A 48 5.65 -2.25 -13.78
C LEU A 48 6.67 -3.34 -14.06
N LYS A 49 7.59 -3.08 -14.97
CA LYS A 49 8.62 -4.05 -15.34
C LYS A 49 9.92 -3.75 -14.58
N GLU A 50 9.99 -2.56 -13.99
CA GLU A 50 11.20 -2.10 -13.33
C GLU A 50 11.19 -2.47 -11.84
N TYR A 51 10.04 -2.90 -11.34
CA TYR A 51 9.90 -3.26 -9.94
C TYR A 51 9.75 -4.78 -9.78
N ASP A 52 9.99 -5.26 -8.58
CA ASP A 52 9.86 -6.69 -8.28
C ASP A 52 8.42 -7.01 -7.92
N GLY A 53 7.90 -6.23 -6.99
CA GLY A 53 6.53 -6.41 -6.56
C GLY A 53 5.85 -5.08 -6.36
N VAL A 54 4.54 -5.07 -6.44
CA VAL A 54 3.77 -3.84 -6.29
C VAL A 54 2.72 -4.00 -5.20
N ILE A 55 2.58 -2.97 -4.38
CA ILE A 55 1.58 -2.97 -3.32
C ILE A 55 0.55 -1.90 -3.59
N GLY A 56 -0.71 -2.29 -3.61
CA GLY A 56 -1.77 -1.35 -3.84
C GLY A 56 -2.63 -1.14 -2.62
N LEU A 57 -2.49 0.02 -1.99
CA LEU A 57 -3.39 0.41 -0.90
C LEU A 57 -4.72 0.81 -1.53
N GLY A 58 -4.62 1.20 -2.79
CA GLY A 58 -5.78 1.42 -3.62
C GLY A 58 -5.51 0.91 -5.01
N ASP A 59 -6.44 0.15 -5.55
CA ASP A 59 -6.22 -0.52 -6.83
C ASP A 59 -7.10 0.04 -7.92
N TYR A 60 -7.07 -0.61 -9.07
CA TYR A 60 -7.97 -0.29 -10.15
C TYR A 60 -9.28 -1.03 -9.93
N VAL A 61 -10.34 -0.28 -9.73
CA VAL A 61 -11.62 -0.82 -9.27
C VAL A 61 -12.27 -1.79 -10.26
N ASP A 62 -11.68 -1.91 -11.44
CA ASP A 62 -12.18 -2.85 -12.44
C ASP A 62 -11.57 -4.23 -12.20
N LEU A 63 -12.44 -5.21 -11.97
CA LEU A 63 -12.00 -6.55 -11.57
C LEU A 63 -11.02 -7.16 -12.58
N ASP A 64 -11.36 -7.08 -13.86
CA ASP A 64 -10.51 -7.66 -14.90
C ASP A 64 -9.17 -6.94 -14.96
N THR A 65 -9.20 -5.64 -14.71
CA THR A 65 -7.98 -4.85 -14.66
C THR A 65 -7.13 -5.25 -13.46
N VAL A 66 -7.78 -5.72 -12.39
CA VAL A 66 -7.05 -6.24 -11.23
C VAL A 66 -6.23 -7.46 -11.61
N ILE A 67 -6.82 -8.33 -12.43
CA ILE A 67 -6.11 -9.50 -12.95
C ILE A 67 -4.97 -9.04 -13.86
N LEU A 68 -5.22 -7.97 -14.60
CA LEU A 68 -4.19 -7.36 -15.45
C LEU A 68 -3.09 -6.75 -14.59
N LEU A 69 -3.43 -6.29 -13.39
CA LEU A 69 -2.44 -5.75 -12.47
C LEU A 69 -1.48 -6.85 -12.05
N GLU A 70 -2.03 -8.05 -11.94
CA GLU A 70 -1.24 -9.23 -11.63
C GLU A 70 -0.48 -9.69 -12.88
N LYS A 71 -0.97 -9.28 -14.04
CA LYS A 71 -0.34 -9.64 -15.31
C LYS A 71 0.95 -8.85 -15.47
N PHE A 72 0.94 -7.61 -15.01
CA PHE A 72 2.15 -6.81 -14.96
C PHE A 72 2.96 -7.16 -13.71
N SER A 73 2.42 -6.84 -12.55
CA SER A 73 3.04 -7.19 -11.29
C SER A 73 2.62 -8.60 -10.89
N LYS A 74 3.46 -9.58 -11.22
CA LYS A 74 3.16 -10.98 -10.95
C LYS A 74 2.97 -11.21 -9.45
N GLU A 75 3.68 -10.43 -8.64
CA GLU A 75 3.44 -10.40 -7.21
C GLU A 75 2.83 -9.07 -6.82
N PHE A 76 1.52 -8.96 -6.99
CA PHE A 76 0.79 -7.76 -6.64
C PHE A 76 0.10 -7.94 -5.30
N TYR A 77 0.57 -7.21 -4.31
CA TYR A 77 -0.04 -7.24 -2.99
C TYR A 77 -1.01 -6.09 -2.86
N GLY A 78 -2.22 -6.35 -2.38
CA GLY A 78 -3.19 -5.29 -2.28
C GLY A 78 -4.07 -5.40 -1.07
N VAL A 79 -4.67 -4.28 -0.68
CA VAL A 79 -5.62 -4.23 0.40
C VAL A 79 -6.80 -3.36 0.01
N HIS A 80 -7.96 -3.61 0.64
CA HIS A 80 -9.19 -2.94 0.26
C HIS A 80 -9.88 -2.30 1.46
N GLY A 81 -10.92 -1.52 1.20
CA GLY A 81 -11.74 -0.98 2.28
C GLY A 81 -11.80 0.54 2.31
N ASN A 82 -11.89 1.17 1.15
CA ASN A 82 -12.01 2.63 1.08
C ASN A 82 -13.28 3.04 0.34
N MET A 83 -13.19 3.15 -0.98
CA MET A 83 -14.33 3.52 -1.81
C MET A 83 -14.37 2.61 -3.04
N ASP A 84 -13.91 1.39 -2.81
CA ASP A 84 -13.68 0.42 -3.86
C ASP A 84 -14.88 -0.49 -4.08
N TYR A 85 -14.75 -1.44 -5.01
CA TYR A 85 -15.79 -2.42 -5.29
C TYR A 85 -15.53 -3.70 -4.49
N PRO A 86 -16.60 -4.28 -3.93
CA PRO A 86 -16.53 -5.46 -3.06
C PRO A 86 -16.09 -6.74 -3.78
N ASP A 87 -16.02 -6.69 -5.09
CA ASP A 87 -15.58 -7.85 -5.88
C ASP A 87 -14.08 -8.10 -5.69
N VAL A 88 -13.31 -7.03 -5.69
CA VAL A 88 -11.86 -7.11 -5.51
C VAL A 88 -11.52 -7.55 -4.08
N LYS A 89 -12.53 -7.54 -3.21
CA LYS A 89 -12.37 -7.99 -1.83
C LYS A 89 -11.86 -9.43 -1.77
N GLU A 90 -12.21 -10.23 -2.79
CA GLU A 90 -11.78 -11.62 -2.86
C GLU A 90 -10.29 -11.71 -3.14
N HIS A 91 -9.73 -10.61 -3.63
CA HIS A 91 -8.32 -10.57 -3.97
C HIS A 91 -7.55 -9.77 -2.93
N LEU A 92 -8.06 -8.57 -2.64
CA LEU A 92 -7.42 -7.69 -1.68
C LEU A 92 -8.25 -7.63 -0.41
N PRO A 93 -7.74 -8.17 0.69
CA PRO A 93 -8.44 -8.17 1.98
C PRO A 93 -8.40 -6.78 2.62
N PHE A 94 -9.15 -6.60 3.69
CA PHE A 94 -9.17 -5.33 4.41
C PHE A 94 -7.89 -5.17 5.22
N SER A 95 -7.24 -6.31 5.49
CA SER A 95 -5.96 -6.33 6.16
C SER A 95 -5.16 -7.55 5.71
N LYS A 96 -3.95 -7.31 5.23
CA LYS A 96 -3.08 -8.38 4.74
C LYS A 96 -1.69 -8.19 5.30
N VAL A 97 -1.13 -9.24 5.89
CA VAL A 97 0.21 -9.16 6.44
C VAL A 97 1.20 -9.90 5.55
N LEU A 98 2.21 -9.19 5.11
CA LEU A 98 3.23 -9.76 4.25
C LEU A 98 4.46 -10.13 5.07
N LEU A 99 5.18 -11.12 4.60
CA LEU A 99 6.45 -11.48 5.21
C LEU A 99 7.54 -11.45 4.16
N VAL A 100 8.25 -10.35 4.12
CA VAL A 100 9.27 -10.14 3.09
C VAL A 100 10.65 -10.13 3.70
N GLU A 101 11.38 -11.23 3.50
CA GLU A 101 12.74 -11.37 3.99
C GLU A 101 12.83 -11.11 5.49
N GLY A 102 11.86 -11.66 6.22
CA GLY A 102 11.85 -11.52 7.67
C GLY A 102 10.98 -10.37 8.14
N VAL A 103 10.80 -9.38 7.29
CA VAL A 103 10.05 -8.19 7.67
C VAL A 103 8.55 -8.44 7.56
N THR A 104 7.82 -8.10 8.61
CA THR A 104 6.37 -8.22 8.62
C THR A 104 5.73 -6.91 8.16
N ILE A 105 4.82 -7.00 7.20
CA ILE A 105 4.17 -5.83 6.65
C ILE A 105 2.66 -5.95 6.78
N GLY A 106 2.12 -5.30 7.79
CA GLY A 106 0.68 -5.33 8.01
C GLY A 106 -0.01 -4.24 7.23
N MET A 107 -0.62 -4.60 6.12
CA MET A 107 -1.30 -3.63 5.28
C MET A 107 -2.78 -3.60 5.63
N CYS A 108 -3.29 -2.42 5.91
CA CYS A 108 -4.70 -2.25 6.22
C CYS A 108 -5.18 -0.96 5.59
N HIS A 109 -6.47 -0.87 5.30
CA HIS A 109 -7.03 0.38 4.80
C HIS A 109 -6.88 1.47 5.86
N GLY A 110 -6.83 1.06 7.12
CA GLY A 110 -6.50 1.96 8.22
C GLY A 110 -7.41 3.15 8.34
N TRP A 111 -8.70 2.91 8.54
CA TRP A 111 -9.63 4.00 8.79
C TRP A 111 -9.86 4.14 10.29
N GLY A 112 -9.68 5.34 10.79
CA GLY A 112 -9.89 5.60 12.20
C GLY A 112 -9.26 6.92 12.61
N ALA A 113 -9.34 7.23 13.89
CA ALA A 113 -8.75 8.45 14.42
C ALA A 113 -7.26 8.23 14.67
N PRO A 114 -6.43 9.22 14.35
CA PRO A 114 -4.96 9.11 14.46
C PRO A 114 -4.47 8.88 15.89
N TRP A 115 -5.26 9.34 16.85
CA TRP A 115 -4.86 9.26 18.25
C TRP A 115 -4.80 7.80 18.72
N ASP A 116 -5.84 7.04 18.39
CA ASP A 116 -5.94 5.65 18.82
C ASP A 116 -5.59 4.71 17.68
N LEU A 117 -5.07 5.28 16.59
CA LEU A 117 -4.81 4.53 15.37
C LEU A 117 -3.81 3.41 15.61
N LYS A 118 -2.71 3.74 16.28
CA LYS A 118 -1.65 2.77 16.53
C LYS A 118 -2.16 1.63 17.41
N ASP A 119 -2.88 2.00 18.46
CA ASP A 119 -3.46 1.02 19.38
C ASP A 119 -4.51 0.18 18.69
N ARG A 120 -5.27 0.82 17.80
CA ARG A 120 -6.31 0.13 17.04
C ARG A 120 -5.71 -0.88 16.07
N LEU A 121 -4.73 -0.46 15.29
CA LEU A 121 -4.14 -1.31 14.26
C LEU A 121 -3.46 -2.54 14.87
N LEU A 122 -2.86 -2.36 16.04
CA LEU A 122 -2.25 -3.48 16.74
C LEU A 122 -3.31 -4.41 17.31
N LYS A 123 -4.54 -3.92 17.39
CA LYS A 123 -5.65 -4.71 17.88
C LYS A 123 -6.41 -5.34 16.71
N VAL A 124 -6.20 -4.81 15.52
CA VAL A 124 -6.80 -5.36 14.31
C VAL A 124 -6.09 -6.66 13.93
N PHE A 125 -4.76 -6.61 13.97
CA PHE A 125 -3.95 -7.79 13.70
C PHE A 125 -3.88 -8.67 14.94
N ASN A 126 -3.63 -9.95 14.73
CA ASN A 126 -3.49 -10.89 15.83
C ASN A 126 -2.06 -10.87 16.36
N GLU A 127 -1.16 -10.41 15.51
CA GLU A 127 0.24 -10.26 15.88
C GLU A 127 0.56 -8.79 16.10
N LYS A 128 1.82 -8.48 16.34
CA LYS A 128 2.27 -7.10 16.41
C LYS A 128 3.32 -6.85 15.32
N PRO A 129 2.86 -6.40 14.16
CA PRO A 129 3.71 -6.22 12.97
C PRO A 129 4.81 -5.19 13.19
N GLN A 130 5.89 -5.32 12.45
CA GLN A 130 6.99 -4.38 12.51
C GLN A 130 6.68 -3.16 11.64
N VAL A 131 6.22 -3.43 10.43
CA VAL A 131 5.82 -2.37 9.52
C VAL A 131 4.33 -2.47 9.22
N ILE A 132 3.62 -1.36 9.29
CA ILE A 132 2.19 -1.33 9.01
C ILE A 132 1.86 -0.23 8.00
N LEU A 133 1.04 -0.56 7.02
CA LEU A 133 0.61 0.39 6.00
C LEU A 133 -0.86 0.75 6.21
N PHE A 134 -1.18 2.03 6.14
CA PHE A 134 -2.57 2.46 6.29
C PHE A 134 -2.88 3.62 5.36
N GLY A 135 -4.18 3.87 5.13
CA GLY A 135 -4.56 4.96 4.27
C GLY A 135 -5.71 5.78 4.86
N HIS A 136 -5.41 7.03 5.18
CA HIS A 136 -6.40 7.94 5.75
C HIS A 136 -5.82 9.34 5.73
N THR A 137 -4.65 9.48 6.31
CA THR A 137 -3.89 10.71 6.22
C THR A 137 -3.06 10.69 4.94
N HIS A 138 -2.63 11.85 4.48
CA HIS A 138 -1.86 11.93 3.24
C HIS A 138 -0.53 12.64 3.49
N GLU A 139 -0.13 12.65 4.75
CA GLU A 139 1.16 13.22 5.13
C GLU A 139 2.23 12.14 5.03
N PRO A 140 3.12 12.24 4.02
CA PRO A 140 4.17 11.26 3.81
C PRO A 140 5.17 11.24 4.97
N GLU A 141 4.95 10.32 5.89
CA GLU A 141 5.77 10.23 7.09
C GLU A 141 5.79 8.80 7.61
N ASP A 142 6.94 8.37 8.09
CA ASP A 142 7.05 7.10 8.77
C ASP A 142 6.93 7.34 10.27
N THR A 143 5.96 6.68 10.89
CA THR A 143 5.62 6.95 12.28
C THR A 143 5.97 5.76 13.17
N VAL A 144 6.40 6.06 14.39
CA VAL A 144 6.72 5.02 15.36
C VAL A 144 6.43 5.53 16.78
N LYS A 145 5.88 4.65 17.61
CA LYS A 145 5.53 5.01 18.98
C LYS A 145 5.43 3.77 19.85
N ALA A 146 4.71 2.76 19.37
CA ALA A 146 4.50 1.54 20.12
C ALA A 146 5.48 0.45 19.71
N GLY A 147 6.63 0.86 19.17
CA GLY A 147 7.60 -0.10 18.66
C GLY A 147 7.16 -0.68 17.34
N VAL A 148 6.35 0.07 16.62
CA VAL A 148 5.85 -0.33 15.31
C VAL A 148 6.01 0.83 14.34
N ARG A 149 6.46 0.53 13.13
CA ARG A 149 6.70 1.56 12.13
C ARG A 149 5.52 1.61 11.15
N PHE A 150 4.69 2.64 11.30
CA PHE A 150 3.53 2.82 10.43
C PHE A 150 3.89 3.73 9.26
N LEU A 151 3.46 3.36 8.07
CA LEU A 151 3.79 4.14 6.88
C LEU A 151 2.52 4.65 6.20
N ASN A 152 2.57 5.92 5.77
CA ASN A 152 1.49 6.51 4.99
C ASN A 152 2.05 7.59 4.06
N PRO A 153 1.77 7.47 2.76
CA PRO A 153 2.15 8.45 1.76
C PRO A 153 0.98 9.35 1.35
N GLY A 154 1.22 10.24 0.39
CA GLY A 154 0.16 11.05 -0.16
C GLY A 154 -0.61 10.28 -1.22
N SER A 155 -1.73 10.82 -1.68
CA SER A 155 -2.55 10.12 -2.65
C SER A 155 -2.06 10.37 -4.08
N LEU A 156 -2.66 9.67 -5.03
CA LEU A 156 -2.24 9.70 -6.43
C LEU A 156 -2.25 11.13 -6.99
N ALA A 157 -3.37 11.82 -6.77
CA ALA A 157 -3.60 13.13 -7.36
C ALA A 157 -2.66 14.19 -6.78
N GLU A 158 -1.96 13.83 -5.70
CA GLU A 158 -1.04 14.75 -5.05
C GLU A 158 0.37 14.59 -5.60
N GLY A 159 0.53 13.62 -6.50
CA GLY A 159 1.83 13.39 -7.12
C GLY A 159 2.84 12.79 -6.16
N SER A 160 2.36 11.96 -5.25
CA SER A 160 3.22 11.32 -4.28
C SER A 160 3.05 9.81 -4.31
N TYR A 161 4.13 9.10 -4.56
CA TYR A 161 4.14 7.66 -4.51
C TYR A 161 5.24 7.19 -3.58
N ALA A 162 5.13 5.97 -3.09
CA ALA A 162 6.12 5.44 -2.18
C ALA A 162 6.73 4.17 -2.75
N VAL A 163 8.03 4.01 -2.58
CA VAL A 163 8.70 2.79 -2.99
C VAL A 163 9.41 2.18 -1.80
N LEU A 164 9.08 0.95 -1.48
CA LEU A 164 9.71 0.28 -0.37
C LEU A 164 10.87 -0.55 -0.91
N GLU A 165 12.08 -0.08 -0.67
CA GLU A 165 13.27 -0.75 -1.15
C GLU A 165 13.93 -1.50 0.00
N LEU A 166 14.52 -2.63 -0.31
CA LEU A 166 15.13 -3.46 0.73
C LEU A 166 16.63 -3.59 0.51
N ASP A 167 17.39 -2.91 1.34
CA ASP A 167 18.84 -3.01 1.31
C ASP A 167 19.35 -3.55 2.64
N GLY A 168 20.20 -4.56 2.58
CA GLY A 168 20.72 -5.17 3.78
C GLY A 168 19.64 -5.91 4.56
N GLY A 169 18.48 -6.08 3.93
CA GLY A 169 17.35 -6.71 4.59
C GLY A 169 16.57 -5.73 5.44
N GLU A 170 16.91 -4.46 5.34
CA GLU A 170 16.24 -3.41 6.10
C GLU A 170 15.18 -2.73 5.25
N VAL A 171 14.23 -2.11 5.92
CA VAL A 171 13.13 -1.42 5.25
C VAL A 171 13.50 0.01 4.91
N ARG A 172 13.68 0.27 3.62
CA ARG A 172 14.01 1.61 3.17
C ARG A 172 12.82 2.26 2.49
N PHE A 173 12.31 3.30 3.11
CA PHE A 173 11.20 4.05 2.55
C PHE A 173 11.71 5.09 1.55
N GLU A 174 11.46 4.84 0.27
CA GLU A 174 11.88 5.73 -0.79
C GLU A 174 10.68 6.47 -1.33
N LEU A 175 10.54 7.73 -1.01
CA LEU A 175 9.38 8.48 -1.45
C LEU A 175 9.60 9.00 -2.86
N LYS A 176 8.88 8.44 -3.81
CA LYS A 176 9.00 8.81 -5.19
C LYS A 176 8.04 9.96 -5.49
N THR A 177 8.59 11.09 -5.91
CA THR A 177 7.80 12.29 -6.10
C THR A 177 7.70 12.66 -7.56
N LEU A 178 6.59 13.26 -7.94
CA LEU A 178 6.38 13.70 -9.31
C LEU A 178 6.58 15.21 -9.40
N VAL A 22 19.27 -7.78 -3.61
CA VAL A 22 18.42 -6.57 -3.71
C VAL A 22 17.00 -6.94 -4.08
N LYS A 23 16.04 -6.53 -3.26
CA LYS A 23 14.64 -6.72 -3.55
C LYS A 23 13.90 -5.40 -3.39
N ARG A 24 13.20 -5.00 -4.44
CA ARG A 24 12.52 -3.72 -4.46
C ARG A 24 11.03 -3.89 -4.76
N PHE A 25 10.19 -3.29 -3.95
CA PHE A 25 8.76 -3.39 -4.09
C PHE A 25 8.14 -2.01 -4.34
N LEU A 26 7.29 -1.93 -5.34
CA LEU A 26 6.60 -0.70 -5.67
C LEU A 26 5.30 -0.60 -4.89
N LEU A 27 5.14 0.46 -4.12
CA LEU A 27 3.94 0.66 -3.33
C LEU A 27 3.05 1.71 -3.97
N ILE A 28 1.91 1.29 -4.47
CA ILE A 28 0.95 2.21 -5.05
C ILE A 28 -0.17 2.47 -4.05
N SER A 29 -0.58 3.72 -3.95
CA SER A 29 -1.59 4.13 -2.99
C SER A 29 -2.99 3.73 -3.43
N ASP A 30 -3.98 4.08 -2.62
CA ASP A 30 -5.37 3.70 -2.86
C ASP A 30 -5.87 4.33 -4.16
N SER A 31 -5.96 3.52 -5.19
CA SER A 31 -6.32 3.98 -6.51
C SER A 31 -7.81 3.81 -6.75
N HIS A 32 -8.60 4.78 -6.31
CA HIS A 32 -10.03 4.76 -6.58
C HIS A 32 -10.27 5.15 -8.03
N VAL A 33 -10.01 4.21 -8.93
CA VAL A 33 -10.14 4.45 -10.36
C VAL A 33 -11.05 3.41 -10.98
N PRO A 34 -12.06 3.85 -11.74
CA PRO A 34 -12.33 5.28 -11.95
C PRO A 34 -13.00 5.94 -10.75
N VAL A 35 -14.20 5.48 -10.38
CA VAL A 35 -14.95 6.00 -9.23
C VAL A 35 -15.18 7.51 -9.36
N ARG A 36 -14.22 8.30 -8.90
CA ARG A 36 -14.28 9.76 -9.00
C ARG A 36 -12.91 10.32 -9.35
N MET A 37 -11.98 9.44 -9.63
CA MET A 37 -10.59 9.83 -9.85
C MET A 37 -10.01 9.13 -11.07
N ALA A 38 -9.99 9.82 -12.20
CA ALA A 38 -9.40 9.27 -13.42
C ALA A 38 -7.99 9.81 -13.62
N SER A 39 -7.57 10.67 -12.70
CA SER A 39 -6.28 11.34 -12.79
C SER A 39 -5.16 10.45 -12.25
N LEU A 40 -5.00 9.28 -12.85
CA LEU A 40 -3.91 8.38 -12.47
C LEU A 40 -2.87 8.36 -13.57
N PRO A 41 -1.69 8.95 -13.30
CA PRO A 41 -0.59 9.03 -14.25
C PRO A 41 -0.09 7.65 -14.69
N ASP A 42 -0.10 7.42 -16.01
CA ASP A 42 0.33 6.15 -16.59
C ASP A 42 1.80 5.88 -16.30
N GLU A 43 2.50 6.92 -15.88
CA GLU A 43 3.92 6.84 -15.56
C GLU A 43 4.19 5.78 -14.49
N ILE A 44 3.25 5.61 -13.57
CA ILE A 44 3.42 4.64 -12.49
C ILE A 44 3.19 3.23 -13.04
N LEU A 45 2.30 3.13 -14.01
CA LEU A 45 1.96 1.86 -14.63
C LEU A 45 3.11 1.39 -15.52
N ASN A 46 4.00 2.31 -15.86
CA ASN A 46 5.18 1.99 -16.65
C ASN A 46 6.36 1.63 -15.75
N SER A 47 6.15 1.71 -14.45
CA SER A 47 7.22 1.45 -13.49
C SER A 47 7.22 0.00 -13.03
N LEU A 48 6.28 -0.80 -13.53
CA LEU A 48 6.20 -2.23 -13.17
C LEU A 48 7.41 -2.99 -13.67
N LYS A 49 8.21 -2.33 -14.50
CA LYS A 49 9.36 -2.96 -15.16
C LYS A 49 10.54 -3.13 -14.20
N GLU A 50 10.68 -2.22 -13.25
CA GLU A 50 11.91 -2.12 -12.47
C GLU A 50 11.74 -2.56 -11.02
N TYR A 51 10.79 -3.43 -10.75
CA TYR A 51 10.58 -3.91 -9.38
C TYR A 51 10.36 -5.42 -9.37
N ASP A 52 10.72 -6.05 -8.27
CA ASP A 52 10.58 -7.49 -8.11
C ASP A 52 9.14 -7.82 -7.78
N GLY A 53 8.57 -7.05 -6.87
CA GLY A 53 7.20 -7.22 -6.49
C GLY A 53 6.50 -5.89 -6.33
N VAL A 54 5.18 -5.90 -6.29
CA VAL A 54 4.41 -4.66 -6.20
C VAL A 54 3.31 -4.78 -5.15
N ILE A 55 3.15 -3.74 -4.37
CA ILE A 55 2.13 -3.70 -3.33
C ILE A 55 1.16 -2.56 -3.61
N GLY A 56 -0.13 -2.85 -3.46
CA GLY A 56 -1.14 -1.86 -3.69
C GLY A 56 -2.03 -1.68 -2.49
N LEU A 57 -2.11 -0.45 -1.98
CA LEU A 57 -2.99 -0.15 -0.86
C LEU A 57 -4.41 0.07 -1.35
N GLY A 58 -4.78 -0.68 -2.38
CA GLY A 58 -6.04 -0.50 -3.04
C GLY A 58 -5.83 -0.13 -4.48
N ASP A 59 -6.05 -1.08 -5.37
CA ASP A 59 -5.86 -0.83 -6.80
C ASP A 59 -7.20 -0.52 -7.47
N TYR A 60 -7.28 -0.76 -8.78
CA TYR A 60 -8.45 -0.39 -9.56
C TYR A 60 -9.72 -1.05 -9.04
N VAL A 61 -10.86 -0.41 -9.30
CA VAL A 61 -12.14 -0.95 -8.84
C VAL A 61 -12.81 -1.77 -9.93
N ASP A 62 -12.17 -1.85 -11.09
CA ASP A 62 -12.64 -2.72 -12.16
C ASP A 62 -11.94 -4.06 -12.06
N LEU A 63 -12.71 -5.12 -11.89
CA LEU A 63 -12.16 -6.44 -11.58
C LEU A 63 -11.17 -6.92 -12.63
N ASP A 64 -11.50 -6.71 -13.90
CA ASP A 64 -10.62 -7.12 -14.99
C ASP A 64 -9.29 -6.37 -14.91
N THR A 65 -9.38 -5.07 -14.68
CA THR A 65 -8.19 -4.24 -14.60
C THR A 65 -7.35 -4.59 -13.36
N VAL A 66 -8.01 -5.08 -12.31
CA VAL A 66 -7.31 -5.55 -11.11
C VAL A 66 -6.35 -6.68 -11.46
N ILE A 67 -6.87 -7.67 -12.18
CA ILE A 67 -6.06 -8.82 -12.59
C ILE A 67 -5.04 -8.38 -13.63
N LEU A 68 -5.43 -7.42 -14.45
CA LEU A 68 -4.53 -6.81 -15.42
C LEU A 68 -3.32 -6.21 -14.69
N LEU A 69 -3.57 -5.61 -13.53
CA LEU A 69 -2.51 -5.03 -12.74
C LEU A 69 -1.64 -6.13 -12.14
N GLU A 70 -2.31 -7.16 -11.64
CA GLU A 70 -1.63 -8.30 -11.05
C GLU A 70 -0.64 -8.93 -12.03
N LYS A 71 -1.06 -9.01 -13.30
CA LYS A 71 -0.21 -9.58 -14.34
C LYS A 71 1.05 -8.75 -14.55
N PHE A 72 0.89 -7.44 -14.61
CA PHE A 72 2.03 -6.53 -14.80
C PHE A 72 3.01 -6.61 -13.63
N SER A 73 2.46 -6.65 -12.43
CA SER A 73 3.28 -6.75 -11.23
C SER A 73 3.91 -8.13 -11.09
N LYS A 74 3.24 -9.14 -11.65
CA LYS A 74 3.64 -10.55 -11.54
C LYS A 74 3.39 -11.07 -10.12
N GLU A 75 3.84 -10.33 -9.14
CA GLU A 75 3.54 -10.61 -7.75
C GLU A 75 2.92 -9.37 -7.11
N PHE A 76 1.61 -9.29 -7.15
CA PHE A 76 0.90 -8.12 -6.65
C PHE A 76 0.21 -8.42 -5.33
N TYR A 77 0.55 -7.66 -4.31
CA TYR A 77 -0.06 -7.80 -3.00
C TYR A 77 -0.86 -6.55 -2.66
N GLY A 78 -2.17 -6.70 -2.53
CA GLY A 78 -3.00 -5.53 -2.32
C GLY A 78 -3.80 -5.61 -1.03
N VAL A 79 -4.26 -4.45 -0.58
CA VAL A 79 -5.17 -4.33 0.55
C VAL A 79 -6.20 -3.23 0.29
N HIS A 80 -7.43 -3.64 0.02
CA HIS A 80 -8.48 -2.73 -0.39
C HIS A 80 -9.41 -2.44 0.78
N GLY A 81 -9.47 -1.18 1.19
CA GLY A 81 -10.25 -0.82 2.36
C GLY A 81 -11.53 -0.07 2.03
N ASN A 82 -11.63 0.41 0.80
CA ASN A 82 -12.82 1.16 0.39
C ASN A 82 -13.98 0.21 0.12
N MET A 83 -15.19 0.72 0.22
CA MET A 83 -16.36 -0.06 -0.13
C MET A 83 -16.97 0.44 -1.42
N ASP A 84 -16.38 0.00 -2.53
CA ASP A 84 -16.86 0.37 -3.85
C ASP A 84 -17.57 -0.79 -4.53
N TYR A 85 -16.80 -1.74 -5.05
CA TYR A 85 -17.37 -2.92 -5.70
C TYR A 85 -17.16 -4.15 -4.83
N PRO A 86 -18.01 -5.17 -4.96
CA PRO A 86 -17.89 -6.41 -4.19
C PRO A 86 -16.75 -7.30 -4.67
N ASP A 87 -16.57 -7.36 -5.99
CA ASP A 87 -15.59 -8.25 -6.62
C ASP A 87 -14.17 -7.94 -6.14
N VAL A 88 -13.85 -6.65 -6.11
CA VAL A 88 -12.50 -6.21 -5.79
C VAL A 88 -12.12 -6.54 -4.34
N LYS A 89 -13.13 -6.62 -3.47
CA LYS A 89 -12.89 -6.92 -2.06
C LYS A 89 -12.33 -8.33 -1.90
N GLU A 90 -12.63 -9.18 -2.85
CA GLU A 90 -12.21 -10.58 -2.78
C GLU A 90 -10.80 -10.75 -3.32
N HIS A 91 -10.41 -9.87 -4.25
CA HIS A 91 -9.06 -9.91 -4.80
C HIS A 91 -8.06 -9.47 -3.74
N LEU A 92 -8.38 -8.40 -3.04
CA LEU A 92 -7.52 -7.87 -2.01
C LEU A 92 -8.33 -7.41 -0.80
N PRO A 93 -8.17 -8.11 0.34
CA PRO A 93 -8.94 -7.83 1.55
C PRO A 93 -8.49 -6.57 2.28
N PHE A 94 -9.05 -6.36 3.46
CA PHE A 94 -8.84 -5.15 4.23
C PHE A 94 -7.46 -5.12 4.88
N SER A 95 -7.05 -6.24 5.45
CA SER A 95 -5.77 -6.31 6.15
C SER A 95 -5.02 -7.60 5.80
N LYS A 96 -3.70 -7.49 5.66
CA LYS A 96 -2.84 -8.64 5.41
C LYS A 96 -1.39 -8.32 5.75
N VAL A 97 -0.74 -9.20 6.49
CA VAL A 97 0.68 -9.06 6.77
C VAL A 97 1.50 -9.84 5.75
N LEU A 98 2.51 -9.20 5.20
CA LEU A 98 3.43 -9.85 4.29
C LEU A 98 4.77 -10.04 4.98
N LEU A 99 5.50 -11.06 4.57
CA LEU A 99 6.84 -11.28 5.08
C LEU A 99 7.83 -11.30 3.92
N VAL A 100 8.45 -10.16 3.67
CA VAL A 100 9.34 -10.01 2.53
C VAL A 100 10.78 -10.07 2.98
N GLU A 101 11.37 -11.27 2.87
CA GLU A 101 12.78 -11.48 3.16
C GLU A 101 13.14 -11.00 4.58
N GLY A 102 12.18 -11.11 5.48
CA GLY A 102 12.41 -10.69 6.85
C GLY A 102 11.53 -9.52 7.25
N VAL A 103 11.25 -8.64 6.30
CA VAL A 103 10.43 -7.47 6.57
C VAL A 103 8.97 -7.87 6.74
N THR A 104 8.42 -7.58 7.91
CA THR A 104 7.03 -7.89 8.20
C THR A 104 6.14 -6.69 7.93
N ILE A 105 5.47 -6.71 6.80
CA ILE A 105 4.64 -5.59 6.36
C ILE A 105 3.20 -5.81 6.78
N GLY A 106 2.78 -5.08 7.80
CA GLY A 106 1.41 -5.19 8.26
C GLY A 106 0.51 -4.21 7.55
N MET A 107 -0.12 -4.66 6.49
CA MET A 107 -0.96 -3.79 5.68
C MET A 107 -2.39 -3.80 6.18
N CYS A 108 -2.80 -2.72 6.80
CA CYS A 108 -4.17 -2.55 7.24
C CYS A 108 -4.72 -1.26 6.67
N HIS A 109 -5.22 -1.34 5.45
CA HIS A 109 -5.64 -0.14 4.74
C HIS A 109 -7.07 0.24 5.13
N GLY A 110 -7.18 1.06 6.16
CA GLY A 110 -8.46 1.56 6.58
C GLY A 110 -8.35 2.94 7.18
N TRP A 111 -9.49 3.55 7.46
CA TRP A 111 -9.50 4.88 8.06
C TRP A 111 -9.18 4.79 9.54
N GLY A 112 -7.99 5.22 9.90
CA GLY A 112 -7.58 5.26 11.29
C GLY A 112 -7.02 6.59 11.67
N ALA A 113 -7.14 6.96 12.93
CA ALA A 113 -6.63 8.24 13.41
C ALA A 113 -5.45 8.00 14.34
N PRO A 114 -4.64 9.04 14.62
CA PRO A 114 -3.49 8.92 15.53
C PRO A 114 -3.91 8.53 16.95
N TRP A 115 -5.21 8.61 17.21
CA TRP A 115 -5.75 8.29 18.53
C TRP A 115 -5.89 6.79 18.70
N ASP A 116 -6.54 6.16 17.74
CA ASP A 116 -6.82 4.72 17.80
C ASP A 116 -5.76 3.93 17.06
N LEU A 117 -4.79 4.62 16.49
CA LEU A 117 -3.76 4.01 15.65
C LEU A 117 -3.11 2.81 16.32
N LYS A 118 -2.40 3.05 17.43
CA LYS A 118 -1.67 2.00 18.12
C LYS A 118 -2.62 0.91 18.61
N ASP A 119 -3.62 1.36 19.37
CA ASP A 119 -4.51 0.46 20.09
C ASP A 119 -5.29 -0.45 19.15
N ARG A 120 -5.83 0.13 18.09
CA ARG A 120 -6.71 -0.60 17.18
C ARG A 120 -5.92 -1.48 16.21
N LEU A 121 -4.87 -0.94 15.61
CA LEU A 121 -4.12 -1.66 14.60
C LEU A 121 -3.40 -2.86 15.22
N LEU A 122 -3.04 -2.76 16.48
CA LEU A 122 -2.39 -3.87 17.18
C LEU A 122 -3.40 -4.93 17.60
N LYS A 123 -4.69 -4.57 17.55
CA LYS A 123 -5.76 -5.54 17.78
C LYS A 123 -6.07 -6.31 16.51
N VAL A 124 -5.90 -5.65 15.38
CA VAL A 124 -6.12 -6.28 14.08
C VAL A 124 -5.12 -7.41 13.87
N PHE A 125 -3.86 -7.12 14.10
CA PHE A 125 -2.82 -8.11 13.95
C PHE A 125 -2.30 -8.60 15.29
N ASN A 126 -2.50 -9.88 15.59
CA ASN A 126 -1.87 -10.49 16.75
C ASN A 126 -0.39 -10.66 16.44
N GLU A 127 -0.09 -10.84 15.16
CA GLU A 127 1.27 -10.84 14.66
C GLU A 127 1.77 -9.40 14.60
N LYS A 128 2.51 -8.99 15.62
CA LYS A 128 3.00 -7.62 15.67
C LYS A 128 3.97 -7.34 14.52
N PRO A 129 3.57 -6.44 13.61
CA PRO A 129 4.32 -6.12 12.42
C PRO A 129 5.39 -5.06 12.65
N GLN A 130 6.38 -5.02 11.77
CA GLN A 130 7.44 -4.03 11.85
C GLN A 130 6.95 -2.70 11.28
N VAL A 131 6.43 -2.76 10.05
CA VAL A 131 5.92 -1.58 9.37
C VAL A 131 4.44 -1.79 9.04
N ILE A 132 3.61 -0.83 9.41
CA ILE A 132 2.18 -0.91 9.13
C ILE A 132 1.75 0.18 8.16
N LEU A 133 1.05 -0.22 7.12
CA LEU A 133 0.57 0.72 6.11
C LEU A 133 -0.91 0.99 6.32
N PHE A 134 -1.27 2.24 6.55
CA PHE A 134 -2.66 2.61 6.80
C PHE A 134 -3.04 3.81 5.95
N GLY A 135 -4.22 4.40 6.23
CA GLY A 135 -4.66 5.55 5.47
C GLY A 135 -5.26 6.62 6.34
N HIS A 136 -4.75 7.84 6.21
CA HIS A 136 -5.28 9.00 6.94
C HIS A 136 -4.72 10.29 6.36
N THR A 137 -3.45 10.53 6.62
CA THR A 137 -2.79 11.74 6.19
C THR A 137 -2.34 11.61 4.74
N HIS A 138 -2.44 12.70 3.99
CA HIS A 138 -2.05 12.70 2.59
C HIS A 138 -0.59 13.07 2.45
N GLU A 139 -0.07 13.74 3.46
CA GLU A 139 1.35 14.04 3.54
C GLU A 139 2.06 12.88 4.19
N PRO A 140 3.01 12.27 3.47
CA PRO A 140 3.72 11.07 3.94
C PRO A 140 4.49 11.32 5.23
N GLU A 141 3.92 10.88 6.34
CA GLU A 141 4.54 11.05 7.64
C GLU A 141 4.97 9.70 8.19
N ASP A 142 6.23 9.59 8.58
CA ASP A 142 6.72 8.38 9.21
C ASP A 142 6.30 8.39 10.67
N THR A 143 5.28 7.63 10.99
CA THR A 143 4.75 7.62 12.33
C THR A 143 5.26 6.43 13.13
N VAL A 144 6.04 6.71 14.15
CA VAL A 144 6.56 5.66 15.00
C VAL A 144 5.89 5.74 16.38
N LYS A 145 4.89 4.92 16.55
CA LYS A 145 4.09 4.91 17.76
C LYS A 145 3.99 3.50 18.30
N ALA A 146 4.13 3.35 19.62
CA ALA A 146 4.12 2.05 20.28
C ALA A 146 5.32 1.21 19.84
N GLY A 147 6.28 1.86 19.19
CA GLY A 147 7.46 1.17 18.70
C GLY A 147 7.27 0.63 17.30
N VAL A 148 6.04 0.71 16.81
CA VAL A 148 5.72 0.24 15.47
C VAL A 148 5.82 1.40 14.49
N ARG A 149 6.33 1.14 13.30
CA ARG A 149 6.50 2.18 12.32
C ARG A 149 5.38 2.15 11.29
N PHE A 150 4.43 3.05 11.44
CA PHE A 150 3.30 3.14 10.53
C PHE A 150 3.63 4.14 9.44
N LEU A 151 3.20 3.86 8.21
CA LEU A 151 3.45 4.75 7.10
C LEU A 151 2.14 5.15 6.42
N ASN A 152 2.03 6.43 6.10
CA ASN A 152 0.87 6.95 5.39
C ASN A 152 1.34 7.79 4.19
N PRO A 153 1.23 7.24 2.98
CA PRO A 153 1.64 7.91 1.76
C PRO A 153 0.49 8.64 1.06
N GLY A 154 0.84 9.67 0.29
CA GLY A 154 -0.14 10.38 -0.50
C GLY A 154 -0.63 9.54 -1.67
N SER A 155 -1.80 9.86 -2.21
CA SER A 155 -2.37 9.05 -3.27
C SER A 155 -1.80 9.42 -4.64
N LEU A 156 -2.21 8.68 -5.66
CA LEU A 156 -1.61 8.78 -6.99
C LEU A 156 -1.97 10.10 -7.69
N ALA A 157 -3.18 10.60 -7.45
CA ALA A 157 -3.62 11.84 -8.08
C ALA A 157 -3.00 13.04 -7.38
N GLU A 158 -2.32 12.78 -6.28
CA GLU A 158 -1.61 13.83 -5.56
C GLU A 158 -0.16 13.90 -6.04
N GLY A 159 0.17 13.05 -7.00
CA GLY A 159 1.47 13.10 -7.63
C GLY A 159 2.58 12.57 -6.75
N SER A 160 2.30 11.51 -6.02
CA SER A 160 3.30 10.89 -5.16
C SER A 160 3.05 9.39 -5.02
N TYR A 161 4.14 8.64 -4.94
CA TYR A 161 4.05 7.20 -4.72
C TYR A 161 5.20 6.75 -3.84
N ALA A 162 5.12 5.54 -3.32
CA ALA A 162 6.11 5.05 -2.39
C ALA A 162 6.89 3.89 -2.98
N VAL A 163 8.20 3.92 -2.81
CA VAL A 163 9.06 2.84 -3.24
C VAL A 163 9.74 2.22 -2.03
N LEU A 164 9.53 0.94 -1.81
CA LEU A 164 10.12 0.26 -0.68
C LEU A 164 11.19 -0.71 -1.17
N GLU A 165 12.43 -0.36 -0.94
CA GLU A 165 13.55 -1.22 -1.29
C GLU A 165 14.12 -1.86 -0.03
N LEU A 166 14.52 -3.11 -0.15
CA LEU A 166 15.22 -3.76 0.94
C LEU A 166 16.71 -3.55 0.78
N ASP A 167 17.22 -2.53 1.43
CA ASP A 167 18.62 -2.18 1.35
C ASP A 167 19.40 -2.97 2.40
N GLY A 168 20.25 -3.87 1.92
CA GLY A 168 20.89 -4.84 2.80
C GLY A 168 19.90 -5.84 3.36
N GLY A 169 18.94 -5.33 4.13
CA GLY A 169 17.87 -6.13 4.66
C GLY A 169 16.95 -5.30 5.51
N GLU A 170 16.88 -4.00 5.19
CA GLU A 170 16.11 -3.05 5.97
C GLU A 170 15.17 -2.28 5.06
N VAL A 171 14.14 -1.68 5.64
CA VAL A 171 13.14 -0.97 4.86
C VAL A 171 13.63 0.40 4.42
N ARG A 172 13.89 0.54 3.12
CA ARG A 172 14.23 1.83 2.55
C ARG A 172 13.07 2.34 1.72
N PHE A 173 12.26 3.18 2.33
CA PHE A 173 11.08 3.72 1.66
C PHE A 173 11.33 5.15 1.19
N GLU A 174 11.06 5.39 -0.10
CA GLU A 174 11.19 6.73 -0.65
C GLU A 174 9.87 7.19 -1.22
N LEU A 175 9.57 8.47 -1.02
CA LEU A 175 8.38 9.08 -1.58
C LEU A 175 8.75 9.87 -2.82
N LYS A 176 8.56 9.26 -3.98
CA LYS A 176 8.92 9.88 -5.24
C LYS A 176 7.72 10.62 -5.82
N THR A 177 7.98 11.78 -6.39
CA THR A 177 6.92 12.60 -6.96
C THR A 177 6.66 12.25 -8.43
N LEU A 178 5.45 12.54 -8.88
CA LEU A 178 5.07 12.32 -10.27
C LEU A 178 5.13 13.63 -11.03
N VAL A 22 16.92 -9.15 -1.59
CA VAL A 22 16.63 -7.74 -1.92
C VAL A 22 15.50 -7.67 -2.94
N LYS A 23 14.43 -6.96 -2.60
CA LYS A 23 13.32 -6.77 -3.52
C LYS A 23 12.96 -5.29 -3.60
N ARG A 24 12.51 -4.88 -4.77
CA ARG A 24 11.99 -3.54 -4.96
C ARG A 24 10.47 -3.60 -5.06
N PHE A 25 9.79 -3.07 -4.07
CA PHE A 25 8.34 -3.09 -4.03
C PHE A 25 7.77 -1.74 -4.43
N LEU A 26 6.84 -1.76 -5.36
CA LEU A 26 6.17 -0.54 -5.78
C LEU A 26 4.93 -0.31 -4.91
N LEU A 27 4.98 0.73 -4.11
CA LEU A 27 3.87 1.04 -3.23
C LEU A 27 2.99 2.10 -3.87
N ILE A 28 1.86 1.65 -4.40
CA ILE A 28 0.88 2.55 -4.99
C ILE A 28 -0.27 2.76 -4.01
N SER A 29 -0.56 4.02 -3.72
CA SER A 29 -1.59 4.38 -2.75
C SER A 29 -2.98 4.04 -3.28
N ASP A 30 -4.03 4.31 -2.51
CA ASP A 30 -5.37 3.95 -2.93
C ASP A 30 -5.90 4.95 -3.96
N SER A 31 -5.47 4.79 -5.20
CA SER A 31 -5.95 5.63 -6.28
C SER A 31 -7.30 5.11 -6.74
N HIS A 32 -8.25 6.00 -6.91
CA HIS A 32 -9.58 5.60 -7.28
C HIS A 32 -9.77 5.80 -8.78
N VAL A 33 -9.25 4.84 -9.53
CA VAL A 33 -9.33 4.85 -10.99
C VAL A 33 -10.18 3.68 -11.47
N PRO A 34 -11.06 3.91 -12.46
CA PRO A 34 -11.27 5.23 -13.07
C PRO A 34 -12.23 6.11 -12.26
N VAL A 35 -13.46 5.61 -12.07
CA VAL A 35 -14.56 6.37 -11.44
C VAL A 35 -14.53 7.87 -11.78
N ARG A 36 -13.95 8.69 -10.91
CA ARG A 36 -13.90 10.12 -11.16
C ARG A 36 -12.48 10.68 -11.06
N MET A 37 -11.49 9.81 -11.18
CA MET A 37 -10.10 10.26 -11.22
C MET A 37 -9.30 9.39 -12.19
N ALA A 38 -9.10 9.90 -13.39
CA ALA A 38 -8.29 9.21 -14.38
C ALA A 38 -6.98 9.96 -14.59
N SER A 39 -6.67 10.84 -13.65
CA SER A 39 -5.47 11.67 -13.75
C SER A 39 -4.26 10.94 -13.20
N LEU A 40 -4.18 9.64 -13.49
CA LEU A 40 -3.06 8.84 -13.06
C LEU A 40 -2.04 8.73 -14.18
N PRO A 41 -0.81 9.20 -13.94
CA PRO A 41 0.27 9.19 -14.93
C PRO A 41 0.63 7.78 -15.38
N ASP A 42 0.69 7.59 -16.70
CA ASP A 42 1.02 6.28 -17.29
C ASP A 42 2.42 5.86 -16.92
N GLU A 43 3.24 6.82 -16.48
CA GLU A 43 4.63 6.56 -16.09
C GLU A 43 4.72 5.42 -15.06
N ILE A 44 3.91 5.51 -14.00
CA ILE A 44 3.98 4.53 -12.93
C ILE A 44 3.46 3.19 -13.39
N LEU A 45 2.44 3.24 -14.24
CA LEU A 45 1.82 2.04 -14.77
C LEU A 45 2.76 1.35 -15.75
N ASN A 46 3.55 2.15 -16.46
CA ASN A 46 4.54 1.65 -17.41
C ASN A 46 5.70 0.99 -16.65
N SER A 47 6.05 1.57 -15.52
CA SER A 47 7.14 1.07 -14.70
C SER A 47 6.69 -0.12 -13.83
N LEU A 48 5.47 -0.59 -14.06
CA LEU A 48 4.93 -1.76 -13.36
C LEU A 48 5.91 -2.92 -13.42
N LYS A 49 6.50 -3.11 -14.59
CA LYS A 49 7.33 -4.27 -14.87
C LYS A 49 8.80 -4.00 -14.53
N GLU A 50 9.05 -2.90 -13.83
CA GLU A 50 10.40 -2.54 -13.44
C GLU A 50 10.64 -2.83 -11.97
N TYR A 51 9.68 -3.47 -11.32
CA TYR A 51 9.79 -3.80 -9.91
C TYR A 51 9.59 -5.29 -9.68
N ASP A 52 10.07 -5.78 -8.56
CA ASP A 52 9.94 -7.20 -8.22
C ASP A 52 8.50 -7.50 -7.85
N GLY A 53 7.98 -6.74 -6.91
CA GLY A 53 6.61 -6.90 -6.47
C GLY A 53 5.94 -5.56 -6.28
N VAL A 54 4.63 -5.53 -6.45
CA VAL A 54 3.89 -4.30 -6.29
C VAL A 54 2.86 -4.43 -5.17
N ILE A 55 2.78 -3.41 -4.35
CA ILE A 55 1.81 -3.38 -3.28
C ILE A 55 0.76 -2.31 -3.55
N GLY A 56 -0.47 -2.76 -3.72
CA GLY A 56 -1.56 -1.83 -3.95
C GLY A 56 -2.40 -1.67 -2.70
N LEU A 57 -2.48 -0.45 -2.20
CA LEU A 57 -3.25 -0.17 -1.00
C LEU A 57 -4.67 0.26 -1.36
N GLY A 58 -5.12 -0.16 -2.54
CA GLY A 58 -6.43 0.22 -3.01
C GLY A 58 -6.37 0.96 -4.33
N ASP A 59 -5.26 0.77 -5.04
CA ASP A 59 -5.04 1.41 -6.33
C ASP A 59 -5.78 0.66 -7.42
N TYR A 60 -6.48 1.40 -8.27
CA TYR A 60 -7.31 0.82 -9.33
C TYR A 60 -8.48 0.03 -8.73
N VAL A 61 -9.67 0.60 -8.80
CA VAL A 61 -10.84 -0.02 -8.20
C VAL A 61 -11.50 -1.01 -9.15
N ASP A 62 -10.94 -1.16 -10.34
CA ASP A 62 -11.47 -2.09 -11.33
C ASP A 62 -10.90 -3.49 -11.12
N LEU A 63 -11.76 -4.49 -11.20
CA LEU A 63 -11.39 -5.87 -10.92
C LEU A 63 -10.34 -6.38 -11.91
N ASP A 64 -10.58 -6.17 -13.20
CA ASP A 64 -9.68 -6.68 -14.23
C ASP A 64 -8.32 -6.02 -14.11
N THR A 65 -8.31 -4.75 -13.73
CA THR A 65 -7.07 -4.01 -13.57
C THR A 65 -6.27 -4.54 -12.38
N VAL A 66 -6.96 -5.00 -11.33
CA VAL A 66 -6.28 -5.62 -10.19
C VAL A 66 -5.49 -6.85 -10.65
N ILE A 67 -6.13 -7.68 -11.45
CA ILE A 67 -5.49 -8.85 -12.02
C ILE A 67 -4.38 -8.44 -12.98
N LEU A 68 -4.63 -7.37 -13.72
CA LEU A 68 -3.63 -6.81 -14.62
C LEU A 68 -2.39 -6.37 -13.85
N LEU A 69 -2.59 -5.90 -12.63
CA LEU A 69 -1.47 -5.47 -11.79
C LEU A 69 -0.63 -6.67 -11.41
N GLU A 70 -1.29 -7.78 -11.16
CA GLU A 70 -0.61 -9.03 -10.86
C GLU A 70 -0.06 -9.66 -12.14
N LYS A 71 -0.48 -9.14 -13.28
CA LYS A 71 -0.05 -9.68 -14.57
C LYS A 71 1.19 -8.95 -15.08
N PHE A 72 1.25 -7.64 -14.84
CA PHE A 72 2.40 -6.84 -15.25
C PHE A 72 3.66 -7.25 -14.50
N SER A 73 3.69 -7.00 -13.21
CA SER A 73 4.83 -7.39 -12.38
C SER A 73 4.86 -8.90 -12.14
N LYS A 74 3.68 -9.53 -12.25
CA LYS A 74 3.52 -10.98 -12.04
C LYS A 74 3.67 -11.36 -10.57
N GLU A 75 3.85 -10.35 -9.72
CA GLU A 75 3.85 -10.54 -8.29
C GLU A 75 3.22 -9.32 -7.64
N PHE A 76 1.99 -9.48 -7.17
CA PHE A 76 1.23 -8.36 -6.65
C PHE A 76 0.67 -8.67 -5.27
N TYR A 77 0.84 -7.73 -4.37
CA TYR A 77 0.25 -7.79 -3.04
C TYR A 77 -0.78 -6.69 -2.92
N GLY A 78 -2.03 -7.07 -2.69
CA GLY A 78 -3.09 -6.09 -2.74
C GLY A 78 -4.02 -6.13 -1.55
N VAL A 79 -4.26 -4.95 -1.00
CA VAL A 79 -5.30 -4.74 0.00
C VAL A 79 -6.12 -3.54 -0.43
N HIS A 80 -7.40 -3.51 -0.14
CA HIS A 80 -8.23 -2.44 -0.65
C HIS A 80 -8.34 -1.30 0.36
N GLY A 81 -8.35 -0.08 -0.15
CA GLY A 81 -8.27 1.09 0.70
C GLY A 81 -9.60 1.48 1.31
N ASN A 82 -10.19 2.57 0.82
CA ASN A 82 -11.40 3.11 1.41
C ASN A 82 -12.64 2.62 0.67
N MET A 83 -12.98 3.29 -0.42
CA MET A 83 -14.16 2.92 -1.18
C MET A 83 -13.77 2.38 -2.54
N ASP A 84 -14.22 1.17 -2.82
CA ASP A 84 -13.95 0.50 -4.06
C ASP A 84 -15.15 -0.36 -4.44
N TYR A 85 -15.02 -1.14 -5.50
CA TYR A 85 -16.13 -1.95 -5.98
C TYR A 85 -16.37 -3.16 -5.09
N PRO A 86 -17.65 -3.54 -4.92
CA PRO A 86 -18.07 -4.62 -4.01
C PRO A 86 -17.24 -5.90 -4.16
N ASP A 87 -16.86 -6.26 -5.38
CA ASP A 87 -16.05 -7.46 -5.59
C ASP A 87 -14.66 -7.24 -5.05
N VAL A 88 -14.07 -6.10 -5.38
CA VAL A 88 -12.69 -5.78 -4.97
C VAL A 88 -12.59 -5.68 -3.46
N LYS A 89 -13.68 -5.23 -2.84
CA LYS A 89 -13.79 -5.12 -1.39
C LYS A 89 -13.38 -6.41 -0.68
N GLU A 90 -13.78 -7.53 -1.26
CA GLU A 90 -13.46 -8.84 -0.69
C GLU A 90 -12.35 -9.50 -1.49
N HIS A 91 -12.08 -8.98 -2.68
CA HIS A 91 -11.05 -9.53 -3.55
C HIS A 91 -9.67 -9.16 -3.03
N LEU A 92 -9.56 -7.92 -2.57
CA LEU A 92 -8.37 -7.46 -1.87
C LEU A 92 -8.68 -7.43 -0.37
N PRO A 93 -7.95 -8.23 0.42
CA PRO A 93 -8.22 -8.38 1.85
C PRO A 93 -8.17 -7.06 2.63
N PHE A 94 -8.85 -7.04 3.76
CA PHE A 94 -8.87 -5.86 4.63
C PHE A 94 -7.57 -5.75 5.42
N SER A 95 -6.84 -6.86 5.47
CA SER A 95 -5.58 -6.93 6.19
C SER A 95 -4.70 -8.05 5.68
N LYS A 96 -3.41 -7.77 5.57
CA LYS A 96 -2.41 -8.75 5.17
C LYS A 96 -1.12 -8.50 5.92
N VAL A 97 -0.42 -9.56 6.31
CA VAL A 97 0.90 -9.40 6.90
C VAL A 97 1.92 -10.16 6.08
N LEU A 98 2.78 -9.42 5.40
CA LEU A 98 3.77 -10.03 4.54
C LEU A 98 5.07 -10.23 5.29
N LEU A 99 5.78 -11.27 4.94
CA LEU A 99 7.08 -11.54 5.50
C LEU A 99 8.12 -11.48 4.38
N VAL A 100 8.78 -10.35 4.26
CA VAL A 100 9.72 -10.12 3.18
C VAL A 100 11.15 -10.21 3.68
N GLU A 101 11.75 -11.38 3.52
CA GLU A 101 13.16 -11.60 3.87
C GLU A 101 13.43 -11.27 5.35
N GLY A 102 12.40 -11.40 6.18
CA GLY A 102 12.55 -11.15 7.59
C GLY A 102 11.75 -9.95 8.06
N VAL A 103 11.45 -9.05 7.14
CA VAL A 103 10.69 -7.85 7.46
C VAL A 103 9.20 -8.13 7.45
N THR A 104 8.51 -7.76 8.53
CA THR A 104 7.08 -7.94 8.63
C THR A 104 6.34 -6.69 8.13
N ILE A 105 5.36 -6.90 7.26
CA ILE A 105 4.62 -5.80 6.68
C ILE A 105 3.13 -5.97 6.93
N GLY A 106 2.62 -5.19 7.86
CA GLY A 106 1.21 -5.24 8.17
C GLY A 106 0.43 -4.25 7.36
N MET A 107 -0.29 -4.72 6.36
CA MET A 107 -1.05 -3.85 5.49
C MET A 107 -2.53 -3.97 5.84
N CYS A 108 -3.12 -2.87 6.26
CA CYS A 108 -4.51 -2.88 6.67
C CYS A 108 -5.13 -1.49 6.57
N HIS A 109 -6.45 -1.45 6.47
CA HIS A 109 -7.17 -0.18 6.46
C HIS A 109 -7.02 0.54 7.79
N GLY A 110 -6.92 -0.23 8.87
CA GLY A 110 -6.89 0.35 10.19
C GLY A 110 -8.26 0.88 10.57
N TRP A 111 -8.46 2.17 10.34
CA TRP A 111 -9.77 2.79 10.51
C TRP A 111 -9.72 4.24 10.02
N GLY A 112 -9.00 5.08 10.77
CA GLY A 112 -8.91 6.48 10.42
C GLY A 112 -8.59 7.34 11.63
N ALA A 113 -9.12 6.93 12.78
CA ALA A 113 -8.86 7.63 14.03
C ALA A 113 -7.49 7.26 14.58
N PRO A 114 -6.57 8.24 14.64
CA PRO A 114 -5.18 8.01 15.06
C PRO A 114 -5.01 7.96 16.59
N TRP A 115 -6.12 8.01 17.31
CA TRP A 115 -6.08 8.03 18.77
C TRP A 115 -5.88 6.61 19.31
N ASP A 116 -6.77 5.73 18.89
CA ASP A 116 -6.71 4.33 19.29
C ASP A 116 -6.36 3.46 18.10
N LEU A 117 -5.80 4.10 17.08
CA LEU A 117 -5.39 3.41 15.86
C LEU A 117 -4.48 2.25 16.16
N LYS A 118 -3.44 2.53 16.95
CA LYS A 118 -2.46 1.51 17.32
C LYS A 118 -3.13 0.37 18.09
N ASP A 119 -3.98 0.72 19.04
CA ASP A 119 -4.66 -0.27 19.89
C ASP A 119 -5.53 -1.19 19.05
N ARG A 120 -6.31 -0.59 18.16
CA ARG A 120 -7.17 -1.34 17.27
C ARG A 120 -6.36 -2.16 16.28
N LEU A 121 -5.31 -1.55 15.75
CA LEU A 121 -4.47 -2.17 14.74
C LEU A 121 -3.70 -3.36 15.31
N LEU A 122 -3.18 -3.19 16.52
CA LEU A 122 -2.44 -4.26 17.20
C LEU A 122 -3.40 -5.31 17.74
N LYS A 123 -4.69 -5.04 17.62
CA LYS A 123 -5.72 -6.01 17.98
C LYS A 123 -6.16 -6.78 16.74
N VAL A 124 -6.09 -6.13 15.59
CA VAL A 124 -6.37 -6.79 14.31
C VAL A 124 -5.36 -7.90 14.07
N PHE A 125 -4.10 -7.56 14.17
CA PHE A 125 -3.02 -8.53 14.07
C PHE A 125 -2.83 -9.20 15.43
N ASN A 126 -2.48 -10.46 15.43
CA ASN A 126 -2.32 -11.19 16.67
C ASN A 126 -0.92 -11.04 17.22
N GLU A 127 0.02 -10.80 16.34
CA GLU A 127 1.40 -10.56 16.75
C GLU A 127 1.81 -9.13 16.43
N LYS A 128 3.04 -8.79 16.81
CA LYS A 128 3.53 -7.43 16.67
C LYS A 128 4.33 -7.27 15.37
N PRO A 129 3.80 -6.47 14.43
CA PRO A 129 4.46 -6.18 13.18
C PRO A 129 5.44 -5.00 13.31
N GLN A 130 6.42 -4.94 12.43
CA GLN A 130 7.39 -3.86 12.43
C GLN A 130 6.93 -2.72 11.53
N VAL A 131 6.73 -3.03 10.26
CA VAL A 131 6.32 -2.03 9.30
C VAL A 131 4.84 -2.21 8.95
N ILE A 132 4.05 -1.18 9.23
CA ILE A 132 2.63 -1.23 8.93
C ILE A 132 2.25 -0.18 7.89
N LEU A 133 1.56 -0.62 6.85
CA LEU A 133 1.06 0.27 5.82
C LEU A 133 -0.45 0.37 5.97
N PHE A 134 -0.96 1.59 6.09
CA PHE A 134 -2.40 1.76 6.19
C PHE A 134 -2.94 2.56 5.02
N GLY A 135 -4.25 2.65 4.92
CA GLY A 135 -4.88 3.26 3.77
C GLY A 135 -5.43 4.64 4.07
N HIS A 136 -6.28 5.14 3.17
CA HIS A 136 -6.80 6.50 3.25
C HIS A 136 -5.64 7.45 2.97
N THR A 137 -4.85 7.07 1.97
CA THR A 137 -3.60 7.73 1.66
C THR A 137 -3.81 9.17 1.23
N HIS A 138 -3.22 10.08 2.00
CA HIS A 138 -3.30 11.52 1.72
C HIS A 138 -2.37 12.25 2.67
N GLU A 139 -1.51 13.10 2.11
CA GLU A 139 -0.47 13.79 2.90
C GLU A 139 0.45 12.79 3.58
N PRO A 140 1.48 12.31 2.86
CA PRO A 140 2.40 11.29 3.35
C PRO A 140 3.16 11.71 4.60
N GLU A 141 3.39 10.76 5.51
CA GLU A 141 4.10 11.04 6.75
C GLU A 141 4.60 9.74 7.39
N ASP A 142 5.75 9.83 8.03
CA ASP A 142 6.32 8.69 8.78
C ASP A 142 5.90 8.79 10.23
N THR A 143 5.11 7.84 10.69
CA THR A 143 4.58 7.88 12.05
C THR A 143 5.02 6.65 12.84
N VAL A 144 5.28 6.85 14.12
CA VAL A 144 5.67 5.75 15.00
C VAL A 144 4.97 5.86 16.36
N LYS A 145 4.27 4.81 16.74
CA LYS A 145 3.62 4.73 18.04
C LYS A 145 3.75 3.31 18.59
N ALA A 146 4.01 3.21 19.89
CA ALA A 146 4.10 1.93 20.59
C ALA A 146 5.31 1.12 20.11
N GLY A 147 6.22 1.77 19.41
CA GLY A 147 7.38 1.09 18.87
C GLY A 147 7.13 0.56 17.47
N VAL A 148 5.90 0.73 16.98
CA VAL A 148 5.52 0.25 15.67
C VAL A 148 5.54 1.40 14.67
N ARG A 149 6.06 1.13 13.49
CA ARG A 149 6.21 2.15 12.46
C ARG A 149 5.06 2.08 11.47
N PHE A 150 4.30 3.18 11.36
CA PHE A 150 3.15 3.24 10.48
C PHE A 150 3.47 4.14 9.29
N LEU A 151 3.38 3.60 8.09
CA LEU A 151 3.68 4.36 6.88
C LEU A 151 2.40 4.67 6.11
N ASN A 152 2.34 5.89 5.61
CA ASN A 152 1.27 6.32 4.73
C ASN A 152 1.84 7.18 3.61
N PRO A 153 1.74 6.71 2.37
CA PRO A 153 2.22 7.45 1.21
C PRO A 153 1.17 8.41 0.64
N GLY A 154 1.60 9.28 -0.26
CA GLY A 154 0.67 10.18 -0.91
C GLY A 154 0.03 9.52 -2.11
N SER A 155 -1.22 9.88 -2.39
CA SER A 155 -1.95 9.26 -3.48
C SER A 155 -1.47 9.78 -4.84
N LEU A 156 -1.90 9.11 -5.90
CA LEU A 156 -1.55 9.50 -7.26
C LEU A 156 -2.11 10.87 -7.60
N ALA A 157 -3.18 11.26 -6.92
CA ALA A 157 -3.81 12.55 -7.15
C ALA A 157 -2.98 13.67 -6.53
N GLU A 158 -2.06 13.30 -5.67
CA GLU A 158 -1.16 14.25 -5.04
C GLU A 158 0.18 14.30 -5.77
N GLY A 159 0.30 13.45 -6.78
CA GLY A 159 1.51 13.42 -7.59
C GLY A 159 2.70 12.84 -6.85
N SER A 160 2.49 11.73 -6.16
CA SER A 160 3.55 11.08 -5.40
C SER A 160 3.32 9.58 -5.32
N TYR A 161 4.40 8.82 -5.17
CA TYR A 161 4.31 7.38 -4.97
C TYR A 161 5.54 6.90 -4.22
N ALA A 162 5.45 5.73 -3.60
CA ALA A 162 6.53 5.23 -2.77
C ALA A 162 7.16 3.98 -3.35
N VAL A 163 8.48 3.96 -3.44
CA VAL A 163 9.19 2.76 -3.86
C VAL A 163 9.92 2.16 -2.66
N LEU A 164 9.43 1.04 -2.18
CA LEU A 164 9.99 0.42 -0.99
C LEU A 164 10.96 -0.68 -1.38
N GLU A 165 12.24 -0.39 -1.24
CA GLU A 165 13.27 -1.36 -1.49
C GLU A 165 13.76 -1.95 -0.17
N LEU A 166 14.20 -3.19 -0.19
CA LEU A 166 14.95 -3.72 0.93
C LEU A 166 16.41 -3.46 0.70
N ASP A 167 16.85 -2.31 1.17
CA ASP A 167 18.17 -1.80 0.86
C ASP A 167 19.10 -2.06 2.03
N GLY A 168 20.07 -2.93 1.81
CA GLY A 168 20.96 -3.34 2.88
C GLY A 168 20.24 -4.15 3.95
N GLY A 169 19.01 -4.55 3.63
CA GLY A 169 18.21 -5.31 4.58
C GLY A 169 17.34 -4.42 5.43
N GLU A 170 17.36 -3.13 5.14
CA GLU A 170 16.52 -2.16 5.83
C GLU A 170 15.41 -1.68 4.92
N VAL A 171 14.37 -1.10 5.51
CA VAL A 171 13.22 -0.66 4.75
C VAL A 171 13.48 0.70 4.11
N ARG A 172 13.78 0.68 2.82
CA ARG A 172 14.06 1.92 2.11
C ARG A 172 12.86 2.31 1.25
N PHE A 173 11.94 3.05 1.85
CA PHE A 173 10.78 3.53 1.13
C PHE A 173 11.07 4.91 0.54
N GLU A 174 11.37 4.95 -0.75
CA GLU A 174 11.65 6.21 -1.42
C GLU A 174 10.38 6.79 -1.99
N LEU A 175 9.83 7.77 -1.30
CA LEU A 175 8.66 8.48 -1.79
C LEU A 175 9.09 9.45 -2.89
N LYS A 176 8.88 9.04 -4.13
CA LYS A 176 9.29 9.83 -5.26
C LYS A 176 8.15 10.70 -5.74
N THR A 177 8.45 11.96 -5.98
CA THR A 177 7.43 12.92 -6.35
C THR A 177 7.40 13.11 -7.86
N LEU A 178 6.23 13.43 -8.37
CA LEU A 178 6.04 13.63 -9.80
C LEU A 178 6.18 15.11 -10.14
N VAL A 22 17.28 -8.40 -1.19
CA VAL A 22 17.00 -7.12 -1.89
C VAL A 22 15.85 -7.29 -2.88
N LYS A 23 14.67 -6.84 -2.48
CA LYS A 23 13.53 -6.77 -3.40
C LYS A 23 13.02 -5.35 -3.48
N ARG A 24 12.47 -4.99 -4.63
CA ARG A 24 11.92 -3.66 -4.81
C ARG A 24 10.40 -3.72 -4.83
N PHE A 25 9.78 -3.07 -3.85
CA PHE A 25 8.33 -3.07 -3.75
C PHE A 25 7.74 -1.74 -4.16
N LEU A 26 6.83 -1.78 -5.13
CA LEU A 26 6.14 -0.60 -5.61
C LEU A 26 4.88 -0.38 -4.78
N LEU A 27 4.78 0.77 -4.15
CA LEU A 27 3.64 1.05 -3.30
C LEU A 27 2.76 2.15 -3.90
N ILE A 28 1.61 1.73 -4.41
CA ILE A 28 0.61 2.66 -4.90
C ILE A 28 -0.50 2.80 -3.85
N SER A 29 -0.84 4.04 -3.52
CA SER A 29 -1.76 4.32 -2.43
C SER A 29 -3.21 4.26 -2.90
N ASP A 30 -4.12 4.55 -1.97
CA ASP A 30 -5.56 4.50 -2.23
C ASP A 30 -5.98 5.55 -3.24
N SER A 31 -6.24 5.11 -4.45
CA SER A 31 -6.70 5.99 -5.50
C SER A 31 -8.19 5.79 -5.71
N HIS A 32 -8.79 6.59 -6.57
CA HIS A 32 -10.19 6.42 -6.90
C HIS A 32 -10.39 6.54 -8.41
N VAL A 33 -10.00 5.48 -9.13
CA VAL A 33 -10.15 5.45 -10.57
C VAL A 33 -10.71 4.11 -11.03
N PRO A 34 -11.49 4.13 -12.12
CA PRO A 34 -11.87 5.35 -12.82
C PRO A 34 -13.13 6.00 -12.23
N VAL A 35 -12.93 7.07 -11.47
CA VAL A 35 -14.03 7.77 -10.81
C VAL A 35 -13.84 9.28 -11.00
N ARG A 36 -14.00 10.06 -9.95
CA ARG A 36 -13.90 11.51 -10.04
C ARG A 36 -12.45 11.97 -9.87
N MET A 37 -11.54 11.03 -9.75
CA MET A 37 -10.13 11.35 -9.60
C MET A 37 -9.49 11.57 -10.98
N ALA A 38 -9.23 10.47 -11.68
CA ALA A 38 -8.66 10.50 -13.03
C ALA A 38 -7.25 11.11 -13.06
N SER A 39 -6.74 11.47 -11.89
CA SER A 39 -5.45 12.12 -11.78
C SER A 39 -4.33 11.12 -11.49
N LEU A 40 -4.42 9.95 -12.11
CA LEU A 40 -3.39 8.93 -11.96
C LEU A 40 -2.59 8.83 -13.25
N PRO A 41 -1.32 9.25 -13.22
CA PRO A 41 -0.44 9.25 -14.41
C PRO A 41 -0.05 7.85 -14.87
N ASP A 42 -0.01 7.66 -16.17
CA ASP A 42 0.33 6.37 -16.78
C ASP A 42 1.76 5.96 -16.45
N GLU A 43 2.58 6.91 -16.05
CA GLU A 43 3.97 6.67 -15.70
C GLU A 43 4.08 5.55 -14.65
N ILE A 44 3.19 5.59 -13.66
CA ILE A 44 3.22 4.61 -12.58
C ILE A 44 2.82 3.23 -13.10
N LEU A 45 1.95 3.22 -14.09
CA LEU A 45 1.42 1.98 -14.64
C LEU A 45 2.45 1.32 -15.56
N ASN A 46 3.25 2.14 -16.22
CA ASN A 46 4.30 1.64 -17.10
C ASN A 46 5.48 1.12 -16.29
N SER A 47 5.61 1.62 -15.07
CA SER A 47 6.72 1.25 -14.21
C SER A 47 6.52 -0.12 -13.56
N LEU A 48 5.40 -0.78 -13.88
CA LEU A 48 5.09 -2.10 -13.34
C LEU A 48 6.19 -3.11 -13.65
N LYS A 49 6.90 -2.90 -14.75
CA LYS A 49 7.90 -3.86 -15.21
C LYS A 49 9.25 -3.64 -14.54
N GLU A 50 9.32 -2.66 -13.65
CA GLU A 50 10.60 -2.25 -13.08
C GLU A 50 10.69 -2.56 -11.59
N TYR A 51 9.82 -3.43 -11.11
CA TYR A 51 9.82 -3.79 -9.70
C TYR A 51 9.63 -5.30 -9.53
N ASP A 52 9.85 -5.78 -8.32
CA ASP A 52 9.70 -7.21 -8.03
C ASP A 52 8.29 -7.50 -7.56
N GLY A 53 7.87 -6.75 -6.56
CA GLY A 53 6.54 -6.90 -6.02
C GLY A 53 5.84 -5.57 -5.94
N VAL A 54 4.57 -5.56 -6.31
CA VAL A 54 3.78 -4.33 -6.26
C VAL A 54 2.69 -4.47 -5.21
N ILE A 55 2.60 -3.48 -4.34
CA ILE A 55 1.62 -3.49 -3.28
C ILE A 55 0.50 -2.51 -3.58
N GLY A 56 -0.71 -3.02 -3.61
CA GLY A 56 -1.87 -2.19 -3.83
C GLY A 56 -2.62 -1.96 -2.54
N LEU A 57 -2.48 -0.78 -1.98
CA LEU A 57 -3.24 -0.42 -0.78
C LEU A 57 -4.64 0.01 -1.21
N GLY A 58 -4.70 0.58 -2.40
CA GLY A 58 -5.94 1.01 -2.99
C GLY A 58 -5.76 1.30 -4.45
N ASP A 59 -5.27 0.30 -5.17
CA ASP A 59 -4.86 0.46 -6.57
C ASP A 59 -5.99 0.97 -7.44
N TYR A 60 -6.97 0.12 -7.75
CA TYR A 60 -8.11 0.54 -8.55
C TYR A 60 -9.40 0.01 -7.96
N VAL A 61 -10.50 0.69 -8.28
CA VAL A 61 -11.81 0.27 -7.78
C VAL A 61 -12.48 -0.67 -8.77
N ASP A 62 -11.82 -0.89 -9.90
CA ASP A 62 -12.36 -1.74 -10.96
C ASP A 62 -11.72 -3.12 -10.91
N LEU A 63 -12.56 -4.15 -10.92
CA LEU A 63 -12.11 -5.53 -10.76
C LEU A 63 -11.07 -5.92 -11.81
N ASP A 64 -11.41 -5.70 -13.08
CA ASP A 64 -10.58 -6.19 -14.17
C ASP A 64 -9.26 -5.45 -14.22
N THR A 65 -9.28 -4.18 -13.82
CA THR A 65 -8.06 -3.38 -13.80
C THR A 65 -7.12 -3.85 -12.68
N VAL A 66 -7.70 -4.31 -11.57
CA VAL A 66 -6.90 -4.87 -10.47
C VAL A 66 -6.14 -6.10 -10.96
N ILE A 67 -6.83 -6.96 -11.70
CA ILE A 67 -6.22 -8.16 -12.24
C ILE A 67 -5.24 -7.80 -13.36
N LEU A 68 -5.54 -6.72 -14.08
CA LEU A 68 -4.64 -6.20 -15.09
C LEU A 68 -3.29 -5.86 -14.44
N LEU A 69 -3.36 -5.34 -13.22
CA LEU A 69 -2.15 -5.01 -12.46
C LEU A 69 -1.43 -6.28 -12.04
N GLU A 70 -2.22 -7.29 -11.69
CA GLU A 70 -1.69 -8.56 -11.22
C GLU A 70 -1.04 -9.34 -12.38
N LYS A 71 -1.29 -8.89 -13.60
CA LYS A 71 -0.63 -9.46 -14.77
C LYS A 71 0.79 -8.90 -14.91
N PHE A 72 0.90 -7.57 -14.81
CA PHE A 72 2.18 -6.91 -14.94
C PHE A 72 3.03 -7.09 -13.68
N SER A 73 2.40 -6.96 -12.53
CA SER A 73 3.05 -7.21 -11.27
C SER A 73 3.30 -8.70 -11.09
N LYS A 74 4.56 -9.11 -11.27
CA LYS A 74 4.97 -10.49 -11.09
C LYS A 74 4.47 -11.04 -9.76
N GLU A 75 4.61 -10.24 -8.73
CA GLU A 75 4.09 -10.58 -7.42
C GLU A 75 3.28 -9.43 -6.87
N PHE A 76 1.97 -9.57 -6.91
CA PHE A 76 1.07 -8.51 -6.49
C PHE A 76 0.57 -8.76 -5.08
N TYR A 77 0.84 -7.82 -4.20
CA TYR A 77 0.34 -7.89 -2.83
C TYR A 77 -0.63 -6.76 -2.59
N GLY A 78 -1.91 -7.10 -2.48
CA GLY A 78 -2.91 -6.08 -2.35
C GLY A 78 -3.79 -6.29 -1.15
N VAL A 79 -4.30 -5.19 -0.62
CA VAL A 79 -5.28 -5.23 0.45
C VAL A 79 -6.47 -4.38 0.05
N HIS A 80 -7.52 -4.42 0.84
CA HIS A 80 -8.77 -3.77 0.46
C HIS A 80 -8.83 -2.37 1.04
N GLY A 81 -8.92 -1.38 0.16
CA GLY A 81 -8.97 -0.01 0.57
C GLY A 81 -10.36 0.43 0.96
N ASN A 82 -10.67 1.70 0.72
CA ASN A 82 -11.95 2.27 1.13
C ASN A 82 -12.74 2.76 -0.09
N MET A 83 -13.94 2.19 -0.26
CA MET A 83 -14.89 2.59 -1.30
C MET A 83 -14.44 2.10 -2.68
N ASP A 84 -14.99 0.95 -3.07
CA ASP A 84 -14.65 0.31 -4.33
C ASP A 84 -15.75 -0.68 -4.71
N TYR A 85 -15.54 -1.45 -5.78
CA TYR A 85 -16.52 -2.43 -6.23
C TYR A 85 -16.48 -3.67 -5.36
N PRO A 86 -17.66 -4.26 -5.06
CA PRO A 86 -17.78 -5.47 -4.25
C PRO A 86 -17.00 -6.65 -4.82
N ASP A 87 -16.62 -6.54 -6.09
CA ASP A 87 -15.82 -7.56 -6.74
C ASP A 87 -14.42 -7.59 -6.15
N VAL A 88 -13.87 -6.41 -5.91
CA VAL A 88 -12.52 -6.26 -5.37
C VAL A 88 -12.51 -6.65 -3.89
N LYS A 89 -13.68 -6.55 -3.27
CA LYS A 89 -13.86 -6.85 -1.86
C LYS A 89 -13.33 -8.24 -1.48
N GLU A 90 -13.43 -9.19 -2.40
CA GLU A 90 -13.03 -10.56 -2.10
C GLU A 90 -11.74 -10.95 -2.83
N HIS A 91 -11.16 -10.03 -3.58
CA HIS A 91 -9.88 -10.29 -4.24
C HIS A 91 -8.74 -9.71 -3.41
N LEU A 92 -9.02 -8.57 -2.78
CA LEU A 92 -8.04 -7.93 -1.92
C LEU A 92 -8.46 -8.09 -0.46
N PRO A 93 -7.65 -8.81 0.33
CA PRO A 93 -7.94 -9.07 1.76
C PRO A 93 -7.95 -7.80 2.60
N PHE A 94 -8.60 -7.87 3.75
CA PHE A 94 -8.75 -6.71 4.61
C PHE A 94 -7.49 -6.47 5.42
N SER A 95 -6.78 -7.55 5.71
CA SER A 95 -5.54 -7.48 6.46
C SER A 95 -4.58 -8.58 6.03
N LYS A 96 -3.37 -8.20 5.66
CA LYS A 96 -2.36 -9.16 5.25
C LYS A 96 -0.99 -8.74 5.77
N VAL A 97 -0.30 -9.65 6.43
CA VAL A 97 1.02 -9.35 6.98
C VAL A 97 2.08 -10.11 6.20
N LEU A 98 2.98 -9.36 5.58
CA LEU A 98 4.03 -9.95 4.78
C LEU A 98 5.28 -10.15 5.61
N LEU A 99 6.07 -11.13 5.20
CA LEU A 99 7.39 -11.35 5.77
C LEU A 99 8.41 -11.18 4.66
N VAL A 100 9.16 -10.09 4.72
CA VAL A 100 10.08 -9.77 3.65
C VAL A 100 11.50 -9.64 4.18
N GLU A 101 12.29 -10.69 3.93
CA GLU A 101 13.72 -10.72 4.25
C GLU A 101 13.99 -10.42 5.74
N GLY A 102 13.00 -10.70 6.57
CA GLY A 102 13.17 -10.51 8.00
C GLY A 102 12.27 -9.42 8.56
N VAL A 103 11.64 -8.66 7.69
CA VAL A 103 10.77 -7.57 8.11
C VAL A 103 9.30 -7.96 7.97
N THR A 104 8.51 -7.66 9.00
CA THR A 104 7.08 -7.92 8.96
C THR A 104 6.32 -6.68 8.49
N ILE A 105 5.39 -6.87 7.57
CA ILE A 105 4.65 -5.75 7.00
C ILE A 105 3.15 -6.03 7.07
N GLY A 106 2.49 -5.45 8.07
CA GLY A 106 1.07 -5.65 8.24
C GLY A 106 0.27 -4.62 7.49
N MET A 107 -0.41 -5.04 6.43
CA MET A 107 -1.20 -4.13 5.63
C MET A 107 -2.66 -4.24 6.01
N CYS A 108 -3.26 -3.12 6.40
CA CYS A 108 -4.66 -3.10 6.80
C CYS A 108 -5.30 -1.79 6.38
N HIS A 109 -6.62 -1.75 6.38
CA HIS A 109 -7.35 -0.54 6.01
C HIS A 109 -8.59 -0.35 6.88
N GLY A 110 -9.47 0.53 6.45
CA GLY A 110 -10.65 0.85 7.21
C GLY A 110 -10.61 2.27 7.73
N TRP A 111 -11.71 2.74 8.25
CA TRP A 111 -11.77 4.09 8.80
C TRP A 111 -11.21 4.12 10.22
N GLY A 112 -9.94 4.49 10.32
CA GLY A 112 -9.29 4.55 11.61
C GLY A 112 -8.73 5.93 11.89
N ALA A 113 -9.26 6.57 12.91
CA ALA A 113 -8.79 7.88 13.32
C ALA A 113 -7.49 7.75 14.10
N PRO A 114 -6.65 8.80 14.11
CA PRO A 114 -5.33 8.76 14.75
C PRO A 114 -5.38 8.48 16.25
N TRP A 115 -6.58 8.46 16.82
CA TRP A 115 -6.75 8.23 18.24
C TRP A 115 -6.70 6.73 18.54
N ASP A 116 -7.52 5.98 17.82
CA ASP A 116 -7.66 4.55 18.07
C ASP A 116 -6.92 3.70 17.03
N LEU A 117 -6.36 4.37 16.04
CA LEU A 117 -5.68 3.69 14.92
C LEU A 117 -4.63 2.70 15.41
N LYS A 118 -3.69 3.20 16.20
CA LYS A 118 -2.60 2.37 16.71
C LYS A 118 -3.13 1.17 17.50
N ASP A 119 -4.13 1.41 18.33
CA ASP A 119 -4.70 0.37 19.16
C ASP A 119 -5.45 -0.65 18.32
N ARG A 120 -6.20 -0.15 17.34
CA ARG A 120 -6.98 -0.99 16.44
C ARG A 120 -6.07 -1.90 15.64
N LEU A 121 -5.01 -1.34 15.07
CA LEU A 121 -4.10 -2.11 14.22
C LEU A 121 -3.35 -3.17 15.01
N LEU A 122 -2.96 -2.83 16.24
CA LEU A 122 -2.28 -3.78 17.12
C LEU A 122 -3.28 -4.78 17.70
N LYS A 123 -4.56 -4.47 17.56
CA LYS A 123 -5.62 -5.36 18.00
C LYS A 123 -5.89 -6.42 16.92
N VAL A 124 -5.85 -5.98 15.67
CA VAL A 124 -6.12 -6.86 14.53
C VAL A 124 -5.02 -7.92 14.40
N PHE A 125 -3.77 -7.50 14.40
CA PHE A 125 -2.67 -8.43 14.28
C PHE A 125 -2.25 -8.96 15.65
N ASN A 126 -2.48 -10.25 15.88
CA ASN A 126 -2.01 -10.90 17.10
C ASN A 126 -0.50 -10.75 17.20
N GLU A 127 0.18 -11.16 16.13
CA GLU A 127 1.60 -10.89 16.01
C GLU A 127 1.79 -9.46 15.53
N LYS A 128 1.99 -8.56 16.47
CA LYS A 128 2.18 -7.15 16.14
C LYS A 128 3.39 -6.97 15.24
N PRO A 129 3.17 -6.37 14.07
CA PRO A 129 4.17 -6.25 13.01
C PRO A 129 5.13 -5.09 13.25
N GLN A 130 6.30 -5.18 12.64
CA GLN A 130 7.31 -4.12 12.71
C GLN A 130 6.87 -2.94 11.86
N VAL A 131 6.42 -3.24 10.65
CA VAL A 131 5.95 -2.23 9.72
C VAL A 131 4.49 -2.45 9.40
N ILE A 132 3.72 -1.38 9.29
CA ILE A 132 2.31 -1.47 8.93
C ILE A 132 1.99 -0.49 7.80
N LEU A 133 1.29 -0.99 6.78
CA LEU A 133 0.91 -0.18 5.64
C LEU A 133 -0.56 0.17 5.69
N PHE A 134 -0.86 1.45 5.59
CA PHE A 134 -2.24 1.91 5.55
C PHE A 134 -2.35 3.15 4.67
N GLY A 135 -3.48 3.30 4.00
CA GLY A 135 -3.68 4.46 3.16
C GLY A 135 -5.00 5.13 3.42
N HIS A 136 -4.94 6.35 3.92
CA HIS A 136 -6.14 7.15 4.19
C HIS A 136 -5.72 8.51 4.73
N THR A 137 -4.48 8.87 4.43
CA THR A 137 -3.87 10.08 4.95
C THR A 137 -3.87 11.17 3.88
N HIS A 138 -3.27 12.32 4.18
CA HIS A 138 -3.19 13.40 3.23
C HIS A 138 -1.75 13.61 2.77
N GLU A 139 -0.83 13.57 3.73
CA GLU A 139 0.59 13.67 3.42
C GLU A 139 1.32 12.45 4.01
N PRO A 140 2.41 12.02 3.37
CA PRO A 140 3.21 10.89 3.83
C PRO A 140 4.07 11.26 5.03
N GLU A 141 4.14 10.37 6.00
CA GLU A 141 4.93 10.62 7.20
C GLU A 141 5.45 9.30 7.78
N ASP A 142 6.76 9.22 7.98
CA ASP A 142 7.37 8.03 8.57
C ASP A 142 7.15 8.04 10.07
N THR A 143 6.10 7.37 10.51
CA THR A 143 5.71 7.40 11.91
C THR A 143 6.11 6.12 12.62
N VAL A 144 6.95 6.25 13.64
CA VAL A 144 7.23 5.13 14.52
C VAL A 144 6.56 5.37 15.87
N LYS A 145 5.33 4.91 15.96
CA LYS A 145 4.51 5.16 17.13
C LYS A 145 3.96 3.85 17.66
N ALA A 146 3.82 3.77 18.98
CA ALA A 146 3.42 2.54 19.65
C ALA A 146 4.44 1.43 19.42
N GLY A 147 5.63 1.82 18.94
CA GLY A 147 6.67 0.84 18.68
C GLY A 147 6.53 0.19 17.32
N VAL A 148 5.64 0.73 16.50
CA VAL A 148 5.41 0.19 15.17
C VAL A 148 5.71 1.24 14.11
N ARG A 149 6.32 0.82 13.01
CA ARG A 149 6.64 1.72 11.93
C ARG A 149 5.47 1.78 10.95
N PHE A 150 4.60 2.75 11.14
CA PHE A 150 3.45 2.93 10.27
C PHE A 150 3.85 3.71 9.03
N LEU A 151 3.57 3.14 7.86
CA LEU A 151 3.90 3.78 6.60
C LEU A 151 2.66 4.21 5.87
N ASN A 152 2.59 5.51 5.58
CA ASN A 152 1.48 6.08 4.86
C ASN A 152 2.00 6.93 3.70
N PRO A 153 1.57 6.60 2.47
CA PRO A 153 1.96 7.32 1.27
C PRO A 153 1.07 8.53 0.99
N GLY A 154 1.48 9.35 0.05
CA GLY A 154 0.69 10.52 -0.33
C GLY A 154 -0.31 10.21 -1.42
N SER A 155 -0.78 11.25 -2.09
CA SER A 155 -1.77 11.08 -3.14
C SER A 155 -1.09 10.83 -4.48
N LEU A 156 -1.65 9.91 -5.26
CA LEU A 156 -1.12 9.60 -6.59
C LEU A 156 -1.27 10.80 -7.53
N ALA A 157 -2.18 11.70 -7.15
CA ALA A 157 -2.46 12.89 -7.95
C ALA A 157 -1.40 13.96 -7.74
N GLU A 158 -0.57 13.77 -6.73
CA GLU A 158 0.43 14.75 -6.38
C GLU A 158 1.71 14.52 -7.18
N GLY A 159 1.74 13.44 -7.95
CA GLY A 159 2.89 13.13 -8.77
C GLY A 159 4.01 12.52 -7.96
N SER A 160 3.66 11.88 -6.86
CA SER A 160 4.65 11.24 -6.03
C SER A 160 4.11 9.90 -5.54
N TYR A 161 4.92 8.87 -5.66
CA TYR A 161 4.51 7.53 -5.28
C TYR A 161 5.52 6.95 -4.32
N ALA A 162 5.25 5.79 -3.76
CA ALA A 162 6.11 5.24 -2.73
C ALA A 162 6.77 3.96 -3.22
N VAL A 163 8.06 3.85 -2.97
CA VAL A 163 8.80 2.65 -3.30
C VAL A 163 9.58 2.15 -2.09
N LEU A 164 9.35 0.92 -1.72
CA LEU A 164 10.06 0.33 -0.60
C LEU A 164 11.17 -0.57 -1.12
N GLU A 165 12.39 -0.10 -1.00
CA GLU A 165 13.54 -0.86 -1.47
C GLU A 165 14.40 -1.30 -0.30
N LEU A 166 14.75 -2.57 -0.30
CA LEU A 166 15.55 -3.14 0.76
C LEU A 166 17.03 -3.11 0.41
N ASP A 167 17.69 -2.02 0.79
CA ASP A 167 19.11 -1.85 0.54
C ASP A 167 19.90 -2.46 1.67
N GLY A 168 20.60 -3.55 1.37
CA GLY A 168 21.33 -4.29 2.39
C GLY A 168 20.41 -4.97 3.39
N GLY A 169 19.74 -4.18 4.21
CA GLY A 169 18.85 -4.70 5.21
C GLY A 169 18.05 -3.60 5.87
N GLU A 170 17.87 -2.49 5.16
CA GLU A 170 17.11 -1.36 5.66
C GLU A 170 15.80 -1.24 4.90
N VAL A 171 14.75 -0.85 5.61
CA VAL A 171 13.46 -0.63 4.99
C VAL A 171 13.40 0.79 4.46
N ARG A 172 13.83 0.97 3.22
CA ARG A 172 13.91 2.29 2.65
C ARG A 172 12.61 2.66 1.96
N PHE A 173 11.79 3.41 2.67
CA PHE A 173 10.56 3.94 2.12
C PHE A 173 10.86 5.22 1.35
N GLU A 174 11.07 5.08 0.06
CA GLU A 174 11.35 6.23 -0.79
C GLU A 174 10.11 6.73 -1.47
N LEU A 175 9.68 7.92 -1.11
CA LEU A 175 8.60 8.57 -1.81
C LEU A 175 9.18 9.28 -3.03
N LYS A 176 9.21 8.59 -4.14
CA LYS A 176 9.83 9.11 -5.35
C LYS A 176 8.88 10.02 -6.11
N THR A 177 9.43 11.04 -6.73
CA THR A 177 8.64 11.97 -7.52
C THR A 177 8.58 11.51 -8.97
N LEU A 178 7.44 11.76 -9.61
CA LEU A 178 7.25 11.40 -11.00
C LEU A 178 7.69 12.55 -11.91
N VAL A 22 16.93 -8.39 -1.17
CA VAL A 22 16.70 -7.02 -1.68
C VAL A 22 15.52 -6.99 -2.64
N LYS A 23 14.34 -6.74 -2.11
CA LYS A 23 13.14 -6.66 -2.93
C LYS A 23 12.64 -5.23 -2.99
N ARG A 24 12.14 -4.84 -4.15
CA ARG A 24 11.59 -3.51 -4.33
C ARG A 24 10.10 -3.61 -4.62
N PHE A 25 9.29 -2.95 -3.81
CA PHE A 25 7.86 -2.97 -4.01
C PHE A 25 7.33 -1.57 -4.24
N LEU A 26 6.45 -1.43 -5.22
CA LEU A 26 5.85 -0.14 -5.55
C LEU A 26 4.58 0.06 -4.74
N LEU A 27 4.50 1.18 -4.04
CA LEU A 27 3.34 1.46 -3.22
C LEU A 27 2.48 2.55 -3.86
N ILE A 28 1.31 2.16 -4.34
CA ILE A 28 0.37 3.09 -4.93
C ILE A 28 -0.74 3.41 -3.91
N SER A 29 -0.96 4.70 -3.70
CA SER A 29 -1.85 5.17 -2.65
C SER A 29 -3.30 5.29 -3.13
N ASP A 30 -4.14 5.88 -2.26
CA ASP A 30 -5.57 6.06 -2.54
C ASP A 30 -5.82 6.63 -3.92
N SER A 31 -6.50 5.84 -4.73
CA SER A 31 -6.93 6.24 -6.05
C SER A 31 -8.35 5.77 -6.26
N HIS A 32 -9.04 6.37 -7.21
CA HIS A 32 -10.42 5.98 -7.49
C HIS A 32 -10.58 5.68 -8.97
N VAL A 33 -9.80 4.72 -9.44
CA VAL A 33 -9.80 4.35 -10.85
C VAL A 33 -10.46 2.99 -11.03
N PRO A 34 -11.37 2.85 -12.00
CA PRO A 34 -11.81 3.95 -12.84
C PRO A 34 -13.21 4.44 -12.44
N VAL A 35 -13.37 4.75 -11.15
CA VAL A 35 -14.64 5.23 -10.63
C VAL A 35 -15.05 6.49 -11.36
N ARG A 36 -14.06 7.33 -11.61
CA ARG A 36 -14.24 8.59 -12.30
C ARG A 36 -12.88 9.25 -12.48
N MET A 37 -12.02 9.04 -11.49
CA MET A 37 -10.67 9.58 -11.53
C MET A 37 -9.82 8.77 -12.51
N ALA A 38 -9.26 9.46 -13.49
CA ALA A 38 -8.42 8.82 -14.49
C ALA A 38 -7.10 9.57 -14.63
N SER A 39 -6.84 10.45 -13.68
CA SER A 39 -5.64 11.28 -13.70
C SER A 39 -4.44 10.53 -13.13
N LEU A 40 -4.39 9.23 -13.37
CA LEU A 40 -3.30 8.40 -12.88
C LEU A 40 -2.31 8.16 -14.03
N PRO A 41 -1.09 8.70 -13.90
CA PRO A 41 -0.06 8.62 -14.94
C PRO A 41 0.34 7.17 -15.28
N ASP A 42 0.33 6.86 -16.56
CA ASP A 42 0.66 5.52 -17.04
C ASP A 42 2.12 5.17 -16.80
N GLU A 43 2.96 6.20 -16.67
CA GLU A 43 4.39 6.01 -16.45
C GLU A 43 4.66 5.21 -15.17
N ILE A 44 3.82 5.40 -14.16
CA ILE A 44 3.96 4.67 -12.91
C ILE A 44 3.71 3.18 -13.15
N LEU A 45 2.73 2.93 -14.01
CA LEU A 45 2.33 1.57 -14.36
C LEU A 45 3.42 0.91 -15.21
N ASN A 46 4.11 1.73 -16.01
CA ASN A 46 5.20 1.24 -16.84
C ASN A 46 6.41 0.88 -15.99
N SER A 47 6.50 1.48 -14.83
CA SER A 47 7.69 1.36 -14.00
C SER A 47 7.66 0.12 -13.11
N LEU A 48 6.66 -0.75 -13.29
CA LEU A 48 6.58 -1.98 -12.51
C LEU A 48 7.77 -2.88 -12.84
N LYS A 49 8.37 -2.59 -13.99
CA LYS A 49 9.54 -3.31 -14.50
C LYS A 49 10.71 -3.28 -13.50
N GLU A 50 10.72 -2.27 -12.62
CA GLU A 50 11.79 -2.11 -11.64
C GLU A 50 11.58 -2.99 -10.41
N TYR A 51 10.35 -3.41 -10.17
CA TYR A 51 9.99 -3.91 -8.86
C TYR A 51 9.64 -5.40 -8.88
N ASP A 52 9.71 -6.01 -7.70
CA ASP A 52 9.35 -7.41 -7.51
C ASP A 52 7.84 -7.56 -7.61
N GLY A 53 7.15 -6.50 -7.21
CA GLY A 53 5.72 -6.49 -7.23
C GLY A 53 5.17 -5.14 -6.83
N VAL A 54 3.86 -5.00 -6.85
CA VAL A 54 3.22 -3.75 -6.51
C VAL A 54 2.23 -3.94 -5.37
N ILE A 55 2.13 -2.94 -4.51
CA ILE A 55 1.16 -2.96 -3.42
C ILE A 55 0.11 -1.89 -3.63
N GLY A 56 -1.12 -2.33 -3.80
CA GLY A 56 -2.23 -1.40 -3.94
C GLY A 56 -2.98 -1.22 -2.63
N LEU A 57 -3.10 0.03 -2.19
CA LEU A 57 -3.78 0.30 -0.92
C LEU A 57 -5.22 0.74 -1.16
N GLY A 58 -5.64 0.73 -2.41
CA GLY A 58 -6.98 1.19 -2.74
C GLY A 58 -6.93 2.19 -3.86
N ASP A 59 -6.78 1.69 -5.07
CA ASP A 59 -6.48 2.52 -6.22
C ASP A 59 -7.34 2.12 -7.42
N TYR A 60 -7.06 0.96 -7.97
CA TYR A 60 -7.87 0.41 -9.04
C TYR A 60 -8.96 -0.47 -8.44
N VAL A 61 -10.17 0.06 -8.44
CA VAL A 61 -11.31 -0.59 -7.79
C VAL A 61 -11.92 -1.67 -8.68
N ASP A 62 -11.53 -1.67 -9.95
CA ASP A 62 -12.06 -2.62 -10.92
C ASP A 62 -11.24 -3.92 -10.88
N LEU A 63 -11.94 -5.04 -10.73
CA LEU A 63 -11.30 -6.34 -10.56
C LEU A 63 -10.44 -6.70 -11.77
N ASP A 64 -10.98 -6.50 -12.96
CA ASP A 64 -10.26 -6.85 -14.19
C ASP A 64 -9.00 -6.01 -14.30
N THR A 65 -9.09 -4.76 -13.87
CA THR A 65 -7.95 -3.87 -13.86
C THR A 65 -6.93 -4.32 -12.82
N VAL A 66 -7.40 -4.89 -11.71
CA VAL A 66 -6.51 -5.47 -10.71
C VAL A 66 -5.69 -6.60 -11.33
N ILE A 67 -6.33 -7.41 -12.17
CA ILE A 67 -5.65 -8.49 -12.87
C ILE A 67 -4.68 -7.91 -13.91
N LEU A 68 -5.06 -6.78 -14.50
CA LEU A 68 -4.18 -6.07 -15.40
C LEU A 68 -2.93 -5.59 -14.65
N LEU A 69 -3.11 -5.24 -13.38
CA LEU A 69 -1.99 -4.87 -12.53
C LEU A 69 -1.08 -6.08 -12.36
N GLU A 70 -1.70 -7.25 -12.27
CA GLU A 70 -1.00 -8.51 -12.19
C GLU A 70 -0.47 -8.93 -13.56
N LYS A 71 -0.81 -8.17 -14.59
CA LYS A 71 -0.25 -8.40 -15.92
C LYS A 71 1.08 -7.65 -16.04
N PHE A 72 1.09 -6.43 -15.52
CA PHE A 72 2.29 -5.59 -15.54
C PHE A 72 3.30 -6.02 -14.47
N SER A 73 2.85 -6.14 -13.24
CA SER A 73 3.75 -6.52 -12.14
C SER A 73 3.81 -8.03 -11.95
N LYS A 74 2.75 -8.72 -12.37
CA LYS A 74 2.60 -10.17 -12.21
C LYS A 74 2.36 -10.55 -10.75
N GLU A 75 3.19 -10.05 -9.85
CA GLU A 75 2.98 -10.29 -8.43
C GLU A 75 2.43 -9.03 -7.78
N PHE A 76 1.14 -9.03 -7.53
CA PHE A 76 0.47 -7.87 -6.97
C PHE A 76 -0.07 -8.18 -5.59
N TYR A 77 0.33 -7.37 -4.62
CA TYR A 77 -0.19 -7.46 -3.28
C TYR A 77 -1.00 -6.20 -2.99
N GLY A 78 -1.79 -6.21 -1.92
CA GLY A 78 -2.51 -5.02 -1.58
C GLY A 78 -3.65 -5.27 -0.61
N VAL A 79 -4.25 -4.18 -0.18
CA VAL A 79 -5.38 -4.20 0.74
C VAL A 79 -6.32 -3.04 0.41
N HIS A 80 -7.55 -3.36 0.06
CA HIS A 80 -8.48 -2.32 -0.36
C HIS A 80 -9.32 -1.88 0.83
N GLY A 81 -10.17 -0.89 0.61
CA GLY A 81 -10.97 -0.36 1.70
C GLY A 81 -12.44 -0.72 1.58
N ASN A 82 -13.26 -0.13 2.43
CA ASN A 82 -14.70 -0.38 2.37
C ASN A 82 -15.37 0.59 1.42
N MET A 83 -14.71 0.85 0.29
CA MET A 83 -15.22 1.78 -0.71
C MET A 83 -15.13 1.17 -2.10
N ASP A 84 -14.73 -0.10 -2.16
CA ASP A 84 -14.51 -0.77 -3.43
C ASP A 84 -15.60 -1.80 -3.68
N TYR A 85 -15.40 -2.63 -4.69
CA TYR A 85 -16.33 -3.70 -5.00
C TYR A 85 -16.08 -4.90 -4.07
N PRO A 86 -17.16 -5.48 -3.54
CA PRO A 86 -17.08 -6.60 -2.59
C PRO A 86 -16.27 -7.79 -3.12
N ASP A 87 -16.38 -8.06 -4.41
CA ASP A 87 -15.70 -9.21 -5.01
C ASP A 87 -14.19 -9.01 -5.03
N VAL A 88 -13.75 -7.75 -5.01
CA VAL A 88 -12.33 -7.42 -4.97
C VAL A 88 -11.71 -7.88 -3.65
N LYS A 89 -12.56 -8.07 -2.64
CA LYS A 89 -12.13 -8.49 -1.31
C LYS A 89 -11.49 -9.88 -1.34
N GLU A 90 -11.84 -10.68 -2.33
CA GLU A 90 -11.38 -12.06 -2.40
C GLU A 90 -9.88 -12.14 -2.66
N HIS A 91 -9.42 -11.49 -3.72
CA HIS A 91 -8.01 -11.52 -4.06
C HIS A 91 -7.19 -10.65 -3.12
N LEU A 92 -7.75 -9.52 -2.72
CA LEU A 92 -7.09 -8.63 -1.77
C LEU A 92 -8.08 -8.18 -0.70
N PRO A 93 -7.78 -8.48 0.57
CA PRO A 93 -8.67 -8.17 1.69
C PRO A 93 -8.56 -6.71 2.15
N PHE A 94 -9.01 -6.45 3.37
CA PHE A 94 -8.94 -5.12 3.96
C PHE A 94 -7.69 -5.00 4.83
N SER A 95 -7.24 -6.15 5.32
CA SER A 95 -6.09 -6.21 6.20
C SER A 95 -5.25 -7.45 5.89
N LYS A 96 -3.97 -7.24 5.62
CA LYS A 96 -3.06 -8.33 5.33
C LYS A 96 -1.65 -7.96 5.78
N VAL A 97 -0.97 -8.91 6.40
CA VAL A 97 0.40 -8.68 6.83
C VAL A 97 1.35 -9.42 5.91
N LEU A 98 2.21 -8.69 5.23
CA LEU A 98 3.19 -9.29 4.36
C LEU A 98 4.44 -9.64 5.14
N LEU A 99 4.95 -10.83 4.88
CA LEU A 99 6.22 -11.23 5.46
C LEU A 99 7.25 -11.32 4.35
N VAL A 100 8.04 -10.27 4.21
CA VAL A 100 8.98 -10.16 3.12
C VAL A 100 10.39 -9.96 3.65
N GLU A 101 11.22 -10.99 3.48
CA GLU A 101 12.62 -10.95 3.91
C GLU A 101 12.74 -10.66 5.40
N GLY A 102 11.77 -11.15 6.17
CA GLY A 102 11.82 -10.98 7.62
C GLY A 102 10.97 -9.82 8.09
N VAL A 103 10.66 -8.91 7.17
CA VAL A 103 9.91 -7.70 7.51
C VAL A 103 8.41 -7.99 7.57
N THR A 104 7.78 -7.53 8.63
CA THR A 104 6.34 -7.63 8.78
C THR A 104 5.65 -6.37 8.31
N ILE A 105 4.84 -6.49 7.27
CA ILE A 105 4.14 -5.35 6.70
C ILE A 105 2.65 -5.48 6.94
N GLY A 106 2.19 -4.91 8.04
CA GLY A 106 0.79 -4.96 8.38
C GLY A 106 0.01 -3.91 7.63
N MET A 107 -0.64 -4.31 6.56
CA MET A 107 -1.38 -3.39 5.74
C MET A 107 -2.86 -3.42 6.11
N CYS A 108 -3.38 -2.27 6.50
CA CYS A 108 -4.79 -2.14 6.86
C CYS A 108 -5.28 -0.76 6.45
N HIS A 109 -6.13 -0.72 5.43
CA HIS A 109 -6.56 0.56 4.89
C HIS A 109 -7.85 1.03 5.57
N GLY A 110 -7.74 1.31 6.86
CA GLY A 110 -8.87 1.80 7.61
C GLY A 110 -8.78 3.29 7.85
N TRP A 111 -9.90 3.92 8.16
CA TRP A 111 -9.93 5.35 8.41
C TRP A 111 -10.32 5.66 9.84
N GLY A 112 -9.34 6.05 10.64
CA GLY A 112 -9.58 6.40 12.01
C GLY A 112 -8.53 7.33 12.54
N ALA A 113 -8.58 7.61 13.84
CA ALA A 113 -7.61 8.48 14.47
C ALA A 113 -6.36 7.69 14.83
N PRO A 114 -5.17 8.32 14.68
CA PRO A 114 -3.88 7.65 14.93
C PRO A 114 -3.74 7.14 16.36
N TRP A 115 -4.53 7.69 17.27
CA TRP A 115 -4.49 7.32 18.68
C TRP A 115 -5.03 5.90 18.85
N ASP A 116 -6.22 5.68 18.31
CA ASP A 116 -6.88 4.38 18.41
C ASP A 116 -6.27 3.41 17.41
N LEU A 117 -5.79 3.96 16.31
CA LEU A 117 -5.25 3.18 15.20
C LEU A 117 -4.22 2.16 15.66
N LYS A 118 -3.19 2.64 16.37
CA LYS A 118 -2.09 1.78 16.81
C LYS A 118 -2.62 0.64 17.69
N ASP A 119 -3.56 0.97 18.57
CA ASP A 119 -4.07 0.01 19.54
C ASP A 119 -4.90 -1.06 18.85
N ARG A 120 -5.74 -0.64 17.93
CA ARG A 120 -6.63 -1.56 17.23
C ARG A 120 -5.84 -2.45 16.28
N LEU A 121 -4.88 -1.88 15.56
CA LEU A 121 -4.10 -2.63 14.58
C LEU A 121 -3.32 -3.76 15.24
N LEU A 122 -2.78 -3.50 16.42
CA LEU A 122 -2.03 -4.52 17.16
C LEU A 122 -2.94 -5.66 17.61
N LYS A 123 -4.23 -5.36 17.71
CA LYS A 123 -5.21 -6.37 18.13
C LYS A 123 -5.80 -7.08 16.93
N VAL A 124 -5.84 -6.40 15.79
CA VAL A 124 -6.28 -7.01 14.54
C VAL A 124 -5.28 -8.07 14.10
N PHE A 125 -4.00 -7.73 14.20
CA PHE A 125 -2.94 -8.66 13.83
C PHE A 125 -2.60 -9.58 14.99
N ASN A 126 -1.82 -10.62 14.73
CA ASN A 126 -1.47 -11.60 15.75
C ASN A 126 -0.11 -11.29 16.36
N GLU A 127 0.69 -10.52 15.63
CA GLU A 127 2.01 -10.13 16.10
C GLU A 127 2.23 -8.66 15.83
N LYS A 128 3.25 -8.08 16.45
CA LYS A 128 3.58 -6.68 16.20
C LYS A 128 4.24 -6.54 14.84
N PRO A 129 3.64 -5.75 13.95
CA PRO A 129 4.20 -5.47 12.63
C PRO A 129 5.26 -4.38 12.71
N GLN A 130 6.40 -4.64 12.09
CA GLN A 130 7.46 -3.66 12.03
C GLN A 130 7.02 -2.47 11.20
N VAL A 131 6.30 -2.77 10.12
CA VAL A 131 5.80 -1.73 9.23
C VAL A 131 4.29 -1.85 9.09
N ILE A 132 3.60 -0.72 9.09
CA ILE A 132 2.17 -0.69 8.84
C ILE A 132 1.83 0.34 7.77
N LEU A 133 1.13 -0.10 6.73
CA LEU A 133 0.72 0.79 5.66
C LEU A 133 -0.75 1.16 5.84
N PHE A 134 -1.03 2.44 5.99
CA PHE A 134 -2.41 2.88 6.18
C PHE A 134 -2.74 4.06 5.28
N GLY A 135 -4.00 4.45 5.28
CA GLY A 135 -4.42 5.55 4.43
C GLY A 135 -5.05 6.67 5.23
N HIS A 136 -4.40 7.81 5.25
CA HIS A 136 -4.89 8.98 5.97
C HIS A 136 -4.10 10.20 5.51
N THR A 137 -3.78 10.20 4.22
CA THR A 137 -2.85 11.14 3.62
C THR A 137 -3.20 12.61 3.90
N HIS A 138 -2.38 13.23 4.72
CA HIS A 138 -2.33 14.68 4.81
C HIS A 138 -1.00 15.13 4.23
N GLU A 139 0.05 14.44 4.65
CA GLU A 139 1.39 14.60 4.10
C GLU A 139 2.12 13.26 4.14
N PRO A 140 2.92 12.94 3.12
CA PRO A 140 3.77 11.74 3.13
C PRO A 140 4.74 11.77 4.30
N GLU A 141 4.55 10.86 5.25
CA GLU A 141 5.26 10.94 6.52
C GLU A 141 5.57 9.54 7.06
N ASP A 142 6.77 9.40 7.62
CA ASP A 142 7.20 8.16 8.25
C ASP A 142 7.22 8.33 9.77
N THR A 143 6.48 7.48 10.48
CA THR A 143 6.33 7.64 11.92
C THR A 143 6.58 6.35 12.68
N VAL A 144 7.41 6.42 13.71
CA VAL A 144 7.61 5.30 14.61
C VAL A 144 6.76 5.50 15.86
N LYS A 145 5.90 4.56 16.14
CA LYS A 145 4.95 4.69 17.24
C LYS A 145 4.60 3.32 17.80
N ALA A 146 4.83 3.14 19.11
CA ALA A 146 4.60 1.88 19.80
C ALA A 146 5.55 0.81 19.29
N GLY A 147 6.66 1.25 18.70
CA GLY A 147 7.63 0.35 18.13
C GLY A 147 7.21 -0.15 16.76
N VAL A 148 6.14 0.44 16.25
CA VAL A 148 5.65 0.11 14.92
C VAL A 148 5.91 1.29 13.98
N ARG A 149 6.39 1.01 12.78
CA ARG A 149 6.67 2.05 11.82
C ARG A 149 5.48 2.22 10.88
N PHE A 150 4.73 3.29 11.10
CA PHE A 150 3.54 3.58 10.32
C PHE A 150 3.90 4.43 9.11
N LEU A 151 3.55 3.96 7.93
CA LEU A 151 3.84 4.66 6.69
C LEU A 151 2.57 5.21 6.07
N ASN A 152 2.59 6.52 5.82
CA ASN A 152 1.50 7.19 5.12
C ASN A 152 2.07 8.00 3.96
N PRO A 153 1.89 7.52 2.73
CA PRO A 153 2.42 8.17 1.54
C PRO A 153 1.49 9.25 0.97
N GLY A 154 1.92 9.89 -0.11
CA GLY A 154 1.12 10.91 -0.76
C GLY A 154 0.15 10.32 -1.75
N SER A 155 -0.84 11.09 -2.18
CA SER A 155 -1.88 10.59 -3.06
C SER A 155 -1.47 10.72 -4.53
N LEU A 156 -2.08 9.89 -5.39
CA LEU A 156 -1.81 9.94 -6.83
C LEU A 156 -2.19 11.30 -7.41
N ALA A 157 -3.36 11.79 -7.02
CA ALA A 157 -3.84 13.10 -7.48
C ALA A 157 -2.99 14.22 -6.89
N GLU A 158 -2.24 13.89 -5.85
CA GLU A 158 -1.38 14.85 -5.17
C GLU A 158 -0.08 15.02 -5.96
N GLY A 159 0.37 13.93 -6.57
CA GLY A 159 1.54 14.00 -7.41
C GLY A 159 2.75 13.34 -6.78
N SER A 160 2.51 12.30 -5.99
CA SER A 160 3.60 11.56 -5.38
C SER A 160 3.22 10.09 -5.21
N TYR A 161 4.24 9.23 -5.17
CA TYR A 161 4.04 7.81 -4.92
C TYR A 161 5.24 7.24 -4.20
N ALA A 162 5.08 6.07 -3.61
CA ALA A 162 6.09 5.53 -2.71
C ALA A 162 6.72 4.26 -3.28
N VAL A 163 8.03 4.16 -3.14
CA VAL A 163 8.76 2.96 -3.49
C VAL A 163 9.42 2.39 -2.24
N LEU A 164 9.14 1.14 -1.94
CA LEU A 164 9.69 0.53 -0.74
C LEU A 164 10.77 -0.48 -1.13
N GLU A 165 12.00 -0.21 -0.73
CA GLU A 165 13.11 -1.09 -1.01
C GLU A 165 13.54 -1.81 0.26
N LEU A 166 13.39 -3.13 0.25
CA LEU A 166 13.76 -3.96 1.40
C LEU A 166 15.15 -4.52 1.20
N ASP A 167 16.09 -4.03 1.98
CA ASP A 167 17.48 -4.42 1.84
C ASP A 167 18.03 -4.92 3.15
N GLY A 168 18.51 -6.17 3.17
CA GLY A 168 19.08 -6.73 4.38
C GLY A 168 18.06 -6.94 5.48
N GLY A 169 16.78 -6.80 5.12
CA GLY A 169 15.73 -6.92 6.11
C GLY A 169 15.37 -5.58 6.71
N GLU A 170 15.96 -4.52 6.18
CA GLU A 170 15.67 -3.17 6.63
C GLU A 170 14.75 -2.46 5.65
N VAL A 171 13.89 -1.62 6.19
CA VAL A 171 12.88 -0.93 5.39
C VAL A 171 13.37 0.45 4.99
N ARG A 172 13.47 0.68 3.69
CA ARG A 172 13.88 1.96 3.17
C ARG A 172 12.83 2.51 2.19
N PHE A 173 12.64 3.81 2.24
CA PHE A 173 11.52 4.45 1.57
C PHE A 173 11.99 5.44 0.51
N GLU A 174 11.66 5.17 -0.74
CA GLU A 174 11.94 6.08 -1.85
C GLU A 174 10.66 6.81 -2.24
N LEU A 175 10.61 8.10 -1.98
CA LEU A 175 9.42 8.86 -2.34
C LEU A 175 9.64 9.57 -3.66
N LYS A 176 8.86 9.19 -4.66
CA LYS A 176 9.00 9.76 -6.00
C LYS A 176 7.87 10.73 -6.29
N THR A 177 8.15 11.69 -7.17
CA THR A 177 7.19 12.72 -7.51
C THR A 177 6.66 12.53 -8.92
N LEU A 178 5.44 13.00 -9.16
CA LEU A 178 4.84 12.96 -10.48
C LEU A 178 5.07 14.29 -11.19
N VAL A 22 18.98 -6.34 -2.00
CA VAL A 22 18.16 -5.16 -2.38
C VAL A 22 17.01 -5.58 -3.29
N LYS A 23 15.80 -5.56 -2.76
CA LYS A 23 14.61 -5.76 -3.58
C LYS A 23 13.77 -4.49 -3.61
N ARG A 24 13.25 -4.16 -4.77
CA ARG A 24 12.51 -2.91 -4.95
C ARG A 24 11.02 -3.18 -5.14
N PHE A 25 10.21 -2.71 -4.21
CA PHE A 25 8.77 -2.88 -4.30
C PHE A 25 8.09 -1.54 -4.56
N LEU A 26 7.20 -1.51 -5.54
CA LEU A 26 6.48 -0.30 -5.90
C LEU A 26 5.19 -0.19 -5.09
N LEU A 27 5.06 0.87 -4.32
CA LEU A 27 3.88 1.09 -3.51
C LEU A 27 3.01 2.18 -4.11
N ILE A 28 1.82 1.81 -4.53
CA ILE A 28 0.88 2.77 -5.06
C ILE A 28 -0.17 3.12 -4.00
N SER A 29 -0.30 4.42 -3.74
CA SER A 29 -1.12 4.91 -2.65
C SER A 29 -2.61 4.62 -2.87
N ASP A 30 -3.42 5.01 -1.89
CA ASP A 30 -4.88 4.87 -1.97
C ASP A 30 -5.40 5.41 -3.28
N SER A 31 -5.75 4.50 -4.17
CA SER A 31 -6.21 4.87 -5.48
C SER A 31 -7.74 4.84 -5.55
N HIS A 32 -8.30 5.41 -6.59
CA HIS A 32 -9.74 5.51 -6.75
C HIS A 32 -10.10 5.36 -8.21
N VAL A 33 -9.35 4.51 -8.90
CA VAL A 33 -9.49 4.36 -10.35
C VAL A 33 -10.27 3.08 -10.67
N PRO A 34 -11.18 3.14 -11.66
CA PRO A 34 -11.53 4.37 -12.37
C PRO A 34 -12.44 5.28 -11.55
N VAL A 35 -13.58 4.73 -11.14
CA VAL A 35 -14.60 5.45 -10.37
C VAL A 35 -14.93 6.81 -11.01
N ARG A 36 -14.27 7.87 -10.55
CA ARG A 36 -14.50 9.20 -11.07
C ARG A 36 -13.17 9.93 -11.23
N MET A 37 -12.09 9.17 -11.15
CA MET A 37 -10.75 9.72 -11.23
C MET A 37 -9.84 8.77 -12.00
N ALA A 38 -9.60 9.09 -13.27
CA ALA A 38 -8.71 8.30 -14.10
C ALA A 38 -7.36 9.00 -14.21
N SER A 39 -7.15 9.98 -13.35
CA SER A 39 -5.94 10.78 -13.33
C SER A 39 -4.79 10.00 -12.68
N LEU A 40 -4.51 8.81 -13.19
CA LEU A 40 -3.42 8.00 -12.68
C LEU A 40 -2.31 7.99 -13.72
N PRO A 41 -1.22 8.73 -13.45
CA PRO A 41 -0.07 8.81 -14.35
C PRO A 41 0.46 7.43 -14.74
N ASP A 42 0.51 7.18 -16.04
CA ASP A 42 0.97 5.90 -16.56
C ASP A 42 2.46 5.72 -16.31
N GLU A 43 3.11 6.79 -15.86
CA GLU A 43 4.51 6.73 -15.44
C GLU A 43 4.71 5.62 -14.42
N ILE A 44 3.73 5.46 -13.54
CA ILE A 44 3.80 4.45 -12.49
C ILE A 44 3.38 3.09 -13.02
N LEU A 45 2.59 3.11 -14.08
CA LEU A 45 2.05 1.89 -14.65
C LEU A 45 3.07 1.24 -15.59
N ASN A 46 4.08 2.00 -15.99
CA ASN A 46 5.11 1.48 -16.88
C ASN A 46 6.23 0.79 -16.09
N SER A 47 6.35 1.15 -14.82
CA SER A 47 7.42 0.62 -13.98
C SER A 47 7.05 -0.74 -13.38
N LEU A 48 5.94 -1.32 -13.85
CA LEU A 48 5.55 -2.68 -13.48
C LEU A 48 6.61 -3.68 -13.93
N LYS A 49 7.43 -3.25 -14.88
CA LYS A 49 8.45 -4.11 -15.47
C LYS A 49 9.81 -3.84 -14.85
N GLU A 50 9.86 -2.90 -13.91
CA GLU A 50 11.13 -2.47 -13.34
C GLU A 50 11.35 -3.08 -11.96
N TYR A 51 10.35 -2.99 -11.11
CA TYR A 51 10.47 -3.40 -9.72
C TYR A 51 10.30 -4.91 -9.57
N ASP A 52 10.62 -5.41 -8.37
CA ASP A 52 10.55 -6.85 -8.08
C ASP A 52 9.15 -7.22 -7.60
N GLY A 53 8.40 -6.22 -7.19
CA GLY A 53 7.06 -6.44 -6.71
C GLY A 53 6.30 -5.14 -6.56
N VAL A 54 4.99 -5.22 -6.48
CA VAL A 54 4.14 -4.04 -6.36
C VAL A 54 3.13 -4.23 -5.23
N ILE A 55 2.77 -3.14 -4.55
CA ILE A 55 1.74 -3.18 -3.54
C ILE A 55 0.65 -2.17 -3.86
N GLY A 56 -0.58 -2.65 -3.94
CA GLY A 56 -1.71 -1.79 -4.19
C GLY A 56 -2.54 -1.58 -2.95
N LEU A 57 -2.58 -0.34 -2.46
CA LEU A 57 -3.33 -0.01 -1.26
C LEU A 57 -4.79 0.26 -1.60
N GLY A 58 -5.27 -0.35 -2.68
CA GLY A 58 -6.59 -0.07 -3.17
C GLY A 58 -6.52 0.68 -4.47
N ASP A 59 -5.90 0.05 -5.45
CA ASP A 59 -5.62 0.67 -6.74
C ASP A 59 -6.86 0.76 -7.62
N TYR A 60 -7.17 -0.32 -8.32
CA TYR A 60 -8.30 -0.34 -9.22
C TYR A 60 -9.49 -1.02 -8.59
N VAL A 61 -10.62 -0.34 -8.64
CA VAL A 61 -11.87 -0.89 -8.12
C VAL A 61 -12.48 -1.88 -9.12
N ASP A 62 -11.73 -2.17 -10.18
CA ASP A 62 -12.19 -3.07 -11.23
C ASP A 62 -11.41 -4.37 -11.20
N LEU A 63 -12.14 -5.49 -11.21
CA LEU A 63 -11.54 -6.81 -11.08
C LEU A 63 -10.65 -7.15 -12.28
N ASP A 64 -11.13 -6.83 -13.47
CA ASP A 64 -10.41 -7.15 -14.70
C ASP A 64 -9.03 -6.49 -14.72
N THR A 65 -8.96 -5.27 -14.23
CA THR A 65 -7.71 -4.54 -14.20
C THR A 65 -6.80 -5.06 -13.09
N VAL A 66 -7.37 -5.62 -12.03
CA VAL A 66 -6.58 -6.27 -10.99
C VAL A 66 -5.77 -7.42 -11.59
N ILE A 67 -6.42 -8.19 -12.46
CA ILE A 67 -5.78 -9.29 -13.15
C ILE A 67 -4.79 -8.76 -14.17
N LEU A 68 -5.12 -7.63 -14.77
CA LEU A 68 -4.22 -6.95 -15.69
C LEU A 68 -2.95 -6.55 -14.93
N LEU A 69 -3.10 -6.08 -13.70
CA LEU A 69 -1.97 -5.68 -12.88
C LEU A 69 -1.16 -6.90 -12.48
N GLU A 70 -1.86 -7.98 -12.19
CA GLU A 70 -1.24 -9.25 -11.85
C GLU A 70 -0.42 -9.77 -13.02
N LYS A 71 -0.95 -9.59 -14.22
CA LYS A 71 -0.27 -10.05 -15.43
C LYS A 71 0.98 -9.23 -15.70
N PHE A 72 0.92 -7.93 -15.39
CA PHE A 72 2.05 -7.04 -15.57
C PHE A 72 3.15 -7.31 -14.54
N SER A 73 2.82 -7.07 -13.28
CA SER A 73 3.79 -7.21 -12.19
C SER A 73 4.27 -8.65 -12.03
N LYS A 74 3.33 -9.60 -12.15
CA LYS A 74 3.59 -11.03 -11.91
C LYS A 74 3.92 -11.26 -10.43
N GLU A 75 3.77 -10.19 -9.65
CA GLU A 75 4.02 -10.23 -8.22
C GLU A 75 3.54 -8.92 -7.60
N PHE A 76 2.33 -8.91 -7.08
CA PHE A 76 1.81 -7.73 -6.45
C PHE A 76 0.91 -8.12 -5.29
N TYR A 77 0.93 -7.32 -4.25
CA TYR A 77 0.10 -7.53 -3.08
C TYR A 77 -0.89 -6.39 -2.97
N GLY A 78 -2.13 -6.70 -2.67
CA GLY A 78 -3.13 -5.66 -2.61
C GLY A 78 -4.00 -5.76 -1.38
N VAL A 79 -4.59 -4.64 -0.99
CA VAL A 79 -5.52 -4.59 0.12
C VAL A 79 -6.73 -3.73 -0.22
N HIS A 80 -7.78 -3.88 0.57
CA HIS A 80 -9.04 -3.20 0.31
C HIS A 80 -9.09 -1.90 1.11
N GLY A 81 -8.91 -0.80 0.40
CA GLY A 81 -8.87 0.50 1.05
C GLY A 81 -10.00 1.41 0.64
N ASN A 82 -10.79 0.96 -0.33
CA ASN A 82 -11.91 1.76 -0.81
C ASN A 82 -13.23 1.06 -0.49
N MET A 83 -14.29 1.54 -1.12
CA MET A 83 -15.56 0.84 -1.10
C MET A 83 -15.72 0.06 -2.40
N ASP A 84 -14.58 -0.45 -2.87
CA ASP A 84 -14.51 -1.19 -4.13
C ASP A 84 -15.39 -2.44 -4.09
N TYR A 85 -15.76 -2.91 -5.27
CA TYR A 85 -16.74 -3.98 -5.43
C TYR A 85 -16.28 -5.28 -4.78
N PRO A 86 -17.23 -6.15 -4.41
CA PRO A 86 -16.94 -7.47 -3.81
C PRO A 86 -15.93 -8.27 -4.61
N ASP A 87 -15.91 -8.08 -5.93
CA ASP A 87 -14.94 -8.75 -6.79
C ASP A 87 -13.52 -8.43 -6.35
N VAL A 88 -13.26 -7.16 -6.12
CA VAL A 88 -11.95 -6.70 -5.69
C VAL A 88 -11.75 -7.02 -4.22
N LYS A 89 -12.81 -6.86 -3.45
CA LYS A 89 -12.79 -7.18 -2.02
C LYS A 89 -12.42 -8.66 -1.80
N GLU A 90 -12.84 -9.52 -2.71
CA GLU A 90 -12.53 -10.94 -2.64
C GLU A 90 -11.03 -11.18 -2.87
N HIS A 91 -10.45 -10.36 -3.73
CA HIS A 91 -9.03 -10.48 -4.07
C HIS A 91 -8.15 -9.78 -3.05
N LEU A 92 -8.48 -8.53 -2.78
CA LEU A 92 -7.69 -7.72 -1.87
C LEU A 92 -8.37 -7.67 -0.50
N PRO A 93 -7.72 -8.25 0.51
CA PRO A 93 -8.27 -8.29 1.87
C PRO A 93 -8.29 -6.92 2.53
N PHE A 94 -9.21 -6.74 3.48
CA PHE A 94 -9.35 -5.47 4.18
C PHE A 94 -8.07 -5.15 4.95
N SER A 95 -7.41 -6.21 5.42
CA SER A 95 -6.15 -6.09 6.10
C SER A 95 -5.28 -7.30 5.78
N LYS A 96 -4.00 -7.08 5.52
CA LYS A 96 -3.09 -8.14 5.14
C LYS A 96 -1.68 -7.84 5.63
N VAL A 97 -1.08 -8.79 6.32
CA VAL A 97 0.31 -8.65 6.74
C VAL A 97 1.21 -9.43 5.79
N LEU A 98 2.08 -8.72 5.11
CA LEU A 98 2.98 -9.33 4.16
C LEU A 98 4.25 -9.77 4.87
N LEU A 99 4.72 -10.94 4.51
CA LEU A 99 5.95 -11.46 5.05
C LEU A 99 7.01 -11.45 3.96
N VAL A 100 7.86 -10.44 4.00
CA VAL A 100 8.88 -10.28 2.98
C VAL A 100 10.26 -10.57 3.57
N GLU A 101 10.66 -11.83 3.46
CA GLU A 101 12.00 -12.27 3.89
C GLU A 101 12.25 -11.95 5.36
N GLY A 102 11.18 -11.95 6.15
CA GLY A 102 11.31 -11.69 7.56
C GLY A 102 10.63 -10.40 7.99
N VAL A 103 10.46 -9.48 7.05
CA VAL A 103 9.83 -8.21 7.34
C VAL A 103 8.31 -8.33 7.29
N THR A 104 7.64 -7.92 8.35
CA THR A 104 6.19 -7.95 8.41
C THR A 104 5.59 -6.62 8.01
N ILE A 105 4.81 -6.63 6.93
CA ILE A 105 4.16 -5.43 6.45
C ILE A 105 2.65 -5.54 6.65
N GLY A 106 2.17 -5.04 7.77
CA GLY A 106 0.76 -5.10 8.07
C GLY A 106 -0.01 -3.96 7.44
N MET A 107 -0.76 -4.27 6.40
CA MET A 107 -1.51 -3.27 5.68
C MET A 107 -2.96 -3.27 6.14
N CYS A 108 -3.45 -2.11 6.56
CA CYS A 108 -4.81 -1.99 7.03
C CYS A 108 -5.35 -0.60 6.74
N HIS A 109 -6.55 -0.52 6.22
CA HIS A 109 -7.17 0.76 5.94
C HIS A 109 -8.38 1.00 6.82
N GLY A 110 -8.15 1.66 7.94
CA GLY A 110 -9.22 2.03 8.83
C GLY A 110 -9.06 3.46 9.31
N TRP A 111 -10.16 4.09 9.68
CA TRP A 111 -10.11 5.46 10.14
C TRP A 111 -10.97 5.63 11.39
N GLY A 112 -10.60 6.58 12.22
CA GLY A 112 -11.32 6.82 13.45
C GLY A 112 -10.57 7.77 14.36
N ALA A 113 -10.54 7.45 15.65
CA ALA A 113 -9.83 8.25 16.61
C ALA A 113 -8.32 8.02 16.51
N PRO A 114 -7.56 9.08 16.21
CA PRO A 114 -6.11 8.98 16.01
C PRO A 114 -5.34 8.77 17.31
N TRP A 115 -5.95 9.17 18.43
CA TRP A 115 -5.28 9.09 19.73
C TRP A 115 -5.13 7.64 20.19
N ASP A 116 -5.96 6.75 19.68
CA ASP A 116 -5.83 5.33 20.01
C ASP A 116 -5.72 4.49 18.74
N LEU A 117 -5.34 5.14 17.64
CA LEU A 117 -5.15 4.47 16.36
C LEU A 117 -4.14 3.34 16.49
N LYS A 118 -3.08 3.58 17.26
CA LYS A 118 -2.10 2.54 17.58
C LYS A 118 -2.79 1.34 18.19
N ASP A 119 -3.59 1.59 19.21
CA ASP A 119 -4.32 0.55 19.92
C ASP A 119 -5.28 -0.17 18.98
N ARG A 120 -5.93 0.60 18.10
CA ARG A 120 -6.87 0.05 17.13
C ARG A 120 -6.17 -0.90 16.17
N LEU A 121 -5.05 -0.46 15.60
CA LEU A 121 -4.30 -1.28 14.66
C LEU A 121 -3.68 -2.49 15.35
N LEU A 122 -3.27 -2.31 16.60
CA LEU A 122 -2.70 -3.41 17.37
C LEU A 122 -3.79 -4.29 17.94
N LYS A 123 -5.05 -3.90 17.74
CA LYS A 123 -6.19 -4.74 18.04
C LYS A 123 -6.56 -5.59 16.83
N VAL A 124 -6.14 -5.15 15.65
CA VAL A 124 -6.42 -5.88 14.42
C VAL A 124 -5.63 -7.18 14.39
N PHE A 125 -4.35 -7.08 14.70
CA PHE A 125 -3.50 -8.26 14.77
C PHE A 125 -3.14 -8.55 16.22
N ASN A 126 -2.53 -9.70 16.48
CA ASN A 126 -2.12 -10.04 17.83
C ASN A 126 -0.66 -9.66 18.02
N GLU A 127 0.16 -10.04 17.06
CA GLU A 127 1.57 -9.69 17.04
C GLU A 127 1.75 -8.38 16.29
N LYS A 128 2.59 -7.50 16.82
CA LYS A 128 2.80 -6.20 16.20
C LYS A 128 3.59 -6.36 14.89
N PRO A 129 3.05 -5.84 13.79
CA PRO A 129 3.74 -5.82 12.51
C PRO A 129 4.87 -4.80 12.53
N GLN A 130 6.04 -5.18 12.03
CA GLN A 130 7.19 -4.29 12.04
C GLN A 130 6.91 -3.04 11.23
N VAL A 131 6.25 -3.23 10.09
CA VAL A 131 5.84 -2.12 9.25
C VAL A 131 4.33 -2.15 9.04
N ILE A 132 3.70 -0.99 9.04
CA ILE A 132 2.26 -0.90 8.77
C ILE A 132 2.00 0.15 7.69
N LEU A 133 1.11 -0.16 6.76
CA LEU A 133 0.82 0.73 5.65
C LEU A 133 -0.62 1.24 5.71
N PHE A 134 -0.78 2.56 5.59
CA PHE A 134 -2.11 3.16 5.48
C PHE A 134 -1.99 4.50 4.76
N GLY A 135 -3.11 5.20 4.61
CA GLY A 135 -3.10 6.47 3.91
C GLY A 135 -3.23 7.64 4.85
N HIS A 136 -2.32 8.59 4.73
CA HIS A 136 -2.28 9.73 5.65
C HIS A 136 -3.26 10.80 5.21
N THR A 137 -3.73 10.70 3.96
CA THR A 137 -4.63 11.68 3.37
C THR A 137 -3.91 13.05 3.24
N HIS A 138 -2.60 13.01 3.44
CA HIS A 138 -1.77 14.20 3.43
C HIS A 138 -0.40 13.85 2.89
N GLU A 139 0.61 14.67 3.17
CA GLU A 139 1.95 14.40 2.69
C GLU A 139 2.54 13.19 3.41
N PRO A 140 3.33 12.38 2.68
CA PRO A 140 3.99 11.18 3.24
C PRO A 140 4.75 11.47 4.52
N GLU A 141 4.57 10.62 5.52
CA GLU A 141 5.15 10.84 6.82
C GLU A 141 5.62 9.52 7.44
N ASP A 142 6.88 9.49 7.86
CA ASP A 142 7.44 8.33 8.51
C ASP A 142 7.16 8.38 10.01
N THR A 143 6.25 7.55 10.47
CA THR A 143 5.81 7.59 11.86
C THR A 143 6.16 6.32 12.60
N VAL A 144 6.97 6.46 13.65
CA VAL A 144 7.31 5.31 14.48
C VAL A 144 6.59 5.40 15.83
N LYS A 145 5.58 4.55 15.99
CA LYS A 145 4.75 4.57 17.19
C LYS A 145 4.70 3.18 17.81
N ALA A 146 4.98 3.09 19.11
CA ALA A 146 4.96 1.83 19.85
C ALA A 146 5.99 0.84 19.30
N GLY A 147 7.01 1.37 18.64
CA GLY A 147 8.05 0.52 18.06
C GLY A 147 7.68 0.05 16.66
N VAL A 148 6.47 0.38 16.23
CA VAL A 148 5.99 0.03 14.92
C VAL A 148 6.23 1.18 13.94
N ARG A 149 6.73 0.87 12.76
CA ARG A 149 6.98 1.90 11.77
C ARG A 149 5.82 1.97 10.79
N PHE A 150 5.03 3.03 10.91
CA PHE A 150 3.88 3.22 10.06
C PHE A 150 4.28 4.05 8.85
N LEU A 151 4.12 3.47 7.68
CA LEU A 151 4.41 4.17 6.44
C LEU A 151 3.11 4.60 5.79
N ASN A 152 2.95 5.90 5.65
CA ASN A 152 1.72 6.46 5.11
C ASN A 152 2.03 7.46 4.01
N PRO A 153 1.71 7.10 2.76
CA PRO A 153 1.84 8.01 1.62
C PRO A 153 0.64 8.93 1.50
N GLY A 154 0.59 9.68 0.40
CA GLY A 154 -0.48 10.64 0.20
C GLY A 154 -1.58 10.11 -0.69
N SER A 155 -1.53 10.49 -1.96
CA SER A 155 -2.57 10.13 -2.90
C SER A 155 -2.05 10.28 -4.33
N LEU A 156 -2.75 9.67 -5.29
CA LEU A 156 -2.38 9.75 -6.69
C LEU A 156 -2.51 11.19 -7.19
N ALA A 157 -3.65 11.80 -6.91
CA ALA A 157 -3.93 13.16 -7.35
C ALA A 157 -2.98 14.16 -6.68
N GLU A 158 -2.50 13.80 -5.50
CA GLU A 158 -1.57 14.66 -4.77
C GLU A 158 -0.13 14.35 -5.16
N GLY A 159 0.04 13.46 -6.12
CA GLY A 159 1.36 13.15 -6.65
C GLY A 159 2.32 12.64 -5.60
N SER A 160 1.85 11.75 -4.75
CA SER A 160 2.68 11.23 -3.67
C SER A 160 2.51 9.72 -3.50
N TYR A 161 3.55 8.99 -3.86
CA TYR A 161 3.57 7.54 -3.67
C TYR A 161 4.88 7.13 -3.02
N ALA A 162 5.14 5.84 -2.91
CA ALA A 162 6.34 5.37 -2.25
C ALA A 162 6.91 4.14 -2.94
N VAL A 163 8.21 3.95 -2.82
CA VAL A 163 8.87 2.75 -3.27
C VAL A 163 9.67 2.15 -2.13
N LEU A 164 9.31 0.94 -1.73
CA LEU A 164 9.94 0.32 -0.58
C LEU A 164 11.08 -0.58 -1.04
N GLU A 165 12.28 -0.11 -0.81
CA GLU A 165 13.48 -0.87 -1.14
C GLU A 165 14.00 -1.59 0.09
N LEU A 166 14.05 -2.91 0.04
CA LEU A 166 14.58 -3.68 1.15
C LEU A 166 16.04 -3.99 0.90
N ASP A 167 16.91 -3.32 1.63
CA ASP A 167 18.34 -3.55 1.54
C ASP A 167 18.83 -4.23 2.79
N GLY A 168 19.21 -5.50 2.67
CA GLY A 168 19.63 -6.27 3.83
C GLY A 168 18.47 -6.55 4.77
N GLY A 169 17.26 -6.26 4.30
CA GLY A 169 16.08 -6.42 5.13
C GLY A 169 15.70 -5.14 5.82
N GLU A 170 16.40 -4.06 5.50
CA GLU A 170 16.12 -2.76 6.07
C GLU A 170 15.10 -2.03 5.20
N VAL A 171 14.09 -1.46 5.85
CA VAL A 171 13.01 -0.77 5.15
C VAL A 171 13.45 0.60 4.67
N ARG A 172 13.72 0.71 3.38
CA ARG A 172 14.12 1.97 2.77
C ARG A 172 13.06 2.42 1.76
N PHE A 173 12.09 3.18 2.23
CA PHE A 173 11.01 3.63 1.37
C PHE A 173 11.31 5.03 0.82
N GLU A 174 11.30 5.14 -0.50
CA GLU A 174 11.50 6.42 -1.14
C GLU A 174 10.17 7.10 -1.39
N LEU A 175 10.02 8.30 -0.88
CA LEU A 175 8.81 9.07 -1.12
C LEU A 175 8.93 9.80 -2.45
N LYS A 176 8.66 9.09 -3.52
CA LYS A 176 8.76 9.66 -4.86
C LYS A 176 7.52 10.48 -5.15
N THR A 177 7.73 11.68 -5.65
CA THR A 177 6.65 12.59 -5.90
C THR A 177 6.43 12.78 -7.40
N LEU A 178 5.19 13.05 -7.77
CA LEU A 178 4.85 13.29 -9.16
C LEU A 178 4.91 14.78 -9.44
N VAL A 22 18.26 -7.70 -2.61
CA VAL A 22 17.44 -6.47 -2.67
C VAL A 22 16.14 -6.75 -3.40
N LYS A 23 15.02 -6.51 -2.72
CA LYS A 23 13.71 -6.73 -3.30
C LYS A 23 13.00 -5.39 -3.47
N ARG A 24 12.33 -5.18 -4.59
CA ARG A 24 11.72 -3.90 -4.88
C ARG A 24 10.20 -3.98 -4.78
N PHE A 25 9.63 -3.22 -3.86
CA PHE A 25 8.18 -3.16 -3.71
C PHE A 25 7.65 -1.79 -4.10
N LEU A 26 6.88 -1.76 -5.18
CA LEU A 26 6.26 -0.53 -5.65
C LEU A 26 4.90 -0.35 -4.99
N LEU A 27 4.74 0.75 -4.29
CA LEU A 27 3.49 1.02 -3.58
C LEU A 27 2.69 2.11 -4.28
N ILE A 28 1.48 1.77 -4.68
CA ILE A 28 0.55 2.75 -5.19
C ILE A 28 -0.45 3.08 -4.07
N SER A 29 -0.47 4.34 -3.68
CA SER A 29 -1.10 4.79 -2.43
C SER A 29 -2.62 4.63 -2.42
N ASP A 30 -3.32 5.64 -2.89
CA ASP A 30 -4.78 5.64 -2.85
C ASP A 30 -5.34 6.28 -4.11
N SER A 31 -5.64 5.44 -5.08
CA SER A 31 -6.17 5.89 -6.34
C SER A 31 -7.65 5.53 -6.45
N HIS A 32 -8.36 6.23 -7.31
CA HIS A 32 -9.79 6.01 -7.48
C HIS A 32 -10.10 5.99 -8.98
N VAL A 33 -9.79 4.87 -9.61
CA VAL A 33 -9.99 4.73 -11.04
C VAL A 33 -10.75 3.46 -11.35
N PRO A 34 -11.79 3.54 -12.19
CA PRO A 34 -12.25 4.79 -12.77
C PRO A 34 -13.40 5.41 -11.97
N VAL A 35 -13.04 6.26 -11.03
CA VAL A 35 -14.02 7.01 -10.26
C VAL A 35 -13.82 8.49 -10.61
N ARG A 36 -14.39 9.40 -9.83
CA ARG A 36 -14.19 10.83 -10.07
C ARG A 36 -12.77 11.25 -9.71
N MET A 37 -11.83 10.89 -10.57
CA MET A 37 -10.43 11.23 -10.39
C MET A 37 -9.68 11.01 -11.70
N ALA A 38 -9.40 9.73 -12.00
CA ALA A 38 -8.66 9.34 -13.19
C ALA A 38 -7.27 9.98 -13.24
N SER A 39 -6.86 10.56 -12.11
CA SER A 39 -5.58 11.25 -12.01
C SER A 39 -4.40 10.29 -11.82
N LEU A 40 -4.47 9.13 -12.46
CA LEU A 40 -3.39 8.15 -12.35
C LEU A 40 -2.63 8.10 -13.68
N PRO A 41 -1.38 8.57 -13.67
CA PRO A 41 -0.52 8.54 -14.86
C PRO A 41 -0.01 7.14 -15.17
N ASP A 42 -0.10 6.74 -16.43
CA ASP A 42 0.31 5.40 -16.84
C ASP A 42 1.82 5.32 -16.93
N GLU A 43 2.48 6.46 -16.74
CA GLU A 43 3.94 6.52 -16.67
C GLU A 43 4.45 5.59 -15.58
N ILE A 44 3.75 5.58 -14.44
CA ILE A 44 4.14 4.74 -13.31
C ILE A 44 3.88 3.28 -13.64
N LEU A 45 2.85 3.06 -14.42
CA LEU A 45 2.43 1.72 -14.81
C LEU A 45 3.48 1.07 -15.73
N ASN A 46 4.37 1.88 -16.29
CA ASN A 46 5.45 1.37 -17.12
C ASN A 46 6.61 0.86 -16.26
N SER A 47 6.71 1.38 -15.06
CA SER A 47 7.81 1.04 -14.17
C SER A 47 7.58 -0.30 -13.46
N LEU A 48 6.47 -0.95 -13.81
CA LEU A 48 6.13 -2.26 -13.23
C LEU A 48 7.20 -3.31 -13.53
N LYS A 49 7.98 -3.07 -14.57
CA LYS A 49 9.00 -4.02 -15.00
C LYS A 49 10.25 -3.93 -14.12
N GLU A 50 10.35 -2.84 -13.35
CA GLU A 50 11.50 -2.64 -12.50
C GLU A 50 11.27 -3.22 -11.11
N TYR A 51 10.01 -3.36 -10.72
CA TYR A 51 9.68 -3.80 -9.38
C TYR A 51 9.06 -5.19 -9.41
N ASP A 52 9.64 -6.09 -8.64
CA ASP A 52 9.22 -7.49 -8.61
C ASP A 52 7.95 -7.66 -7.78
N GLY A 53 7.80 -6.81 -6.78
CA GLY A 53 6.61 -6.84 -5.95
C GLY A 53 5.92 -5.49 -5.95
N VAL A 54 4.60 -5.51 -6.02
CA VAL A 54 3.82 -4.28 -6.05
C VAL A 54 2.71 -4.33 -5.04
N ILE A 55 2.54 -3.24 -4.31
CA ILE A 55 1.52 -3.14 -3.28
C ILE A 55 0.45 -2.13 -3.69
N GLY A 56 -0.80 -2.53 -3.57
CA GLY A 56 -1.89 -1.64 -3.90
C GLY A 56 -2.77 -1.37 -2.71
N LEU A 57 -2.57 -0.24 -2.04
CA LEU A 57 -3.44 0.15 -0.95
C LEU A 57 -4.71 0.72 -1.54
N GLY A 58 -4.56 1.37 -2.68
CA GLY A 58 -5.67 1.92 -3.41
C GLY A 58 -5.37 1.95 -4.89
N ASP A 59 -5.59 0.83 -5.53
CA ASP A 59 -5.38 0.70 -6.97
C ASP A 59 -6.68 0.94 -7.72
N TYR A 60 -6.87 0.23 -8.82
CA TYR A 60 -8.09 0.36 -9.60
C TYR A 60 -9.24 -0.31 -8.87
N VAL A 61 -10.46 0.20 -9.05
CA VAL A 61 -11.61 -0.34 -8.36
C VAL A 61 -12.39 -1.30 -9.27
N ASP A 62 -11.83 -1.56 -10.45
CA ASP A 62 -12.47 -2.45 -11.42
C ASP A 62 -11.79 -3.81 -11.42
N LEU A 63 -12.61 -4.87 -11.37
CA LEU A 63 -12.12 -6.23 -11.27
C LEU A 63 -11.19 -6.60 -12.43
N ASP A 64 -11.66 -6.42 -13.66
CA ASP A 64 -10.90 -6.80 -14.84
C ASP A 64 -9.55 -6.07 -14.89
N THR A 65 -9.56 -4.82 -14.45
CA THR A 65 -8.35 -4.03 -14.43
C THR A 65 -7.37 -4.51 -13.34
N VAL A 66 -7.90 -5.09 -12.27
CA VAL A 66 -7.06 -5.69 -11.23
C VAL A 66 -6.28 -6.87 -11.81
N ILE A 67 -6.94 -7.62 -12.68
CA ILE A 67 -6.29 -8.74 -13.37
C ILE A 67 -5.20 -8.19 -14.28
N LEU A 68 -5.47 -7.04 -14.90
CA LEU A 68 -4.49 -6.35 -15.72
C LEU A 68 -3.29 -5.95 -14.86
N LEU A 69 -3.54 -5.63 -13.61
CA LEU A 69 -2.48 -5.28 -12.68
C LEU A 69 -1.62 -6.50 -12.38
N GLU A 70 -2.26 -7.65 -12.22
CA GLU A 70 -1.54 -8.90 -11.98
C GLU A 70 -0.98 -9.46 -13.28
N LYS A 71 -1.24 -8.80 -14.40
CA LYS A 71 -0.59 -9.12 -15.66
C LYS A 71 0.84 -8.60 -15.64
N PHE A 72 0.97 -7.32 -15.35
CA PHE A 72 2.28 -6.68 -15.24
C PHE A 72 2.97 -7.15 -13.97
N SER A 73 2.41 -6.78 -12.83
CA SER A 73 2.91 -7.25 -11.55
C SER A 73 2.13 -8.47 -11.10
N LYS A 74 2.63 -9.65 -11.42
CA LYS A 74 1.97 -10.89 -11.03
C LYS A 74 2.10 -11.10 -9.53
N GLU A 75 3.02 -10.36 -8.92
CA GLU A 75 3.13 -10.31 -7.48
C GLU A 75 2.49 -9.03 -6.96
N PHE A 76 1.17 -8.95 -7.10
CA PHE A 76 0.43 -7.77 -6.68
C PHE A 76 -0.21 -8.01 -5.32
N TYR A 77 0.32 -7.35 -4.32
CA TYR A 77 -0.20 -7.47 -2.97
C TYR A 77 -1.03 -6.25 -2.64
N GLY A 78 -2.33 -6.40 -2.58
CA GLY A 78 -3.19 -5.26 -2.35
C GLY A 78 -4.11 -5.45 -1.17
N VAL A 79 -4.70 -4.35 -0.72
CA VAL A 79 -5.65 -4.37 0.38
C VAL A 79 -6.78 -3.37 0.12
N HIS A 80 -8.01 -3.84 0.20
CA HIS A 80 -9.17 -2.99 0.00
C HIS A 80 -10.16 -3.16 1.14
N GLY A 81 -11.13 -2.26 1.22
CA GLY A 81 -12.03 -2.27 2.36
C GLY A 81 -13.40 -2.83 2.03
N ASN A 82 -14.33 -2.66 2.95
CA ASN A 82 -15.69 -3.18 2.78
C ASN A 82 -16.53 -2.18 1.98
N MET A 83 -15.88 -1.14 1.50
CA MET A 83 -16.53 -0.13 0.69
C MET A 83 -16.16 -0.32 -0.79
N ASP A 84 -15.25 -1.26 -1.02
CA ASP A 84 -14.81 -1.57 -2.37
C ASP A 84 -15.61 -2.73 -2.93
N TYR A 85 -15.47 -2.97 -4.22
CA TYR A 85 -16.13 -4.09 -4.86
C TYR A 85 -15.55 -5.41 -4.33
N PRO A 86 -16.42 -6.31 -3.83
CA PRO A 86 -16.00 -7.61 -3.26
C PRO A 86 -15.20 -8.45 -4.26
N ASP A 87 -15.41 -8.20 -5.54
CA ASP A 87 -14.67 -8.85 -6.61
C ASP A 87 -13.18 -8.55 -6.45
N VAL A 88 -12.89 -7.30 -6.11
CA VAL A 88 -11.52 -6.86 -5.86
C VAL A 88 -11.09 -7.31 -4.47
N LYS A 89 -12.02 -7.24 -3.52
CA LYS A 89 -11.75 -7.59 -2.13
C LYS A 89 -11.38 -9.08 -2.00
N GLU A 90 -11.76 -9.89 -2.99
CA GLU A 90 -11.33 -11.28 -3.03
C GLU A 90 -9.81 -11.36 -3.11
N HIS A 91 -9.24 -10.52 -3.96
CA HIS A 91 -7.79 -10.48 -4.14
C HIS A 91 -7.15 -9.63 -3.04
N LEU A 92 -7.84 -8.55 -2.69
CA LEU A 92 -7.29 -7.58 -1.76
C LEU A 92 -8.14 -7.51 -0.49
N PRO A 93 -7.69 -8.16 0.60
CA PRO A 93 -8.41 -8.17 1.87
C PRO A 93 -8.31 -6.85 2.62
N PHE A 94 -9.01 -6.73 3.73
CA PHE A 94 -9.01 -5.50 4.51
C PHE A 94 -7.77 -5.43 5.41
N SER A 95 -7.19 -6.59 5.67
CA SER A 95 -6.00 -6.67 6.49
C SER A 95 -5.10 -7.79 5.97
N LYS A 96 -3.89 -7.44 5.55
CA LYS A 96 -2.95 -8.42 5.05
C LYS A 96 -1.54 -8.10 5.55
N VAL A 97 -0.82 -9.13 5.99
CA VAL A 97 0.57 -8.96 6.39
C VAL A 97 1.47 -9.62 5.37
N LEU A 98 2.51 -8.91 4.97
CA LEU A 98 3.51 -9.44 4.07
C LEU A 98 4.79 -9.73 4.82
N LEU A 99 5.33 -10.90 4.60
CA LEU A 99 6.57 -11.30 5.25
C LEU A 99 7.71 -11.33 4.25
N VAL A 100 8.51 -10.29 4.25
CA VAL A 100 9.57 -10.15 3.27
C VAL A 100 10.94 -10.17 3.94
N GLU A 101 11.62 -11.31 3.85
CA GLU A 101 12.94 -11.50 4.45
C GLU A 101 12.93 -11.18 5.96
N GLY A 102 11.79 -11.43 6.59
CA GLY A 102 11.66 -11.17 8.01
C GLY A 102 10.88 -9.89 8.29
N VAL A 103 10.83 -9.00 7.30
CA VAL A 103 10.11 -7.74 7.45
C VAL A 103 8.60 -7.99 7.45
N THR A 104 7.94 -7.57 8.51
CA THR A 104 6.50 -7.76 8.65
C THR A 104 5.75 -6.50 8.21
N ILE A 105 5.18 -6.54 7.02
CA ILE A 105 4.43 -5.42 6.48
C ILE A 105 2.95 -5.57 6.79
N GLY A 106 2.44 -4.73 7.68
CA GLY A 106 1.04 -4.76 8.02
C GLY A 106 0.25 -3.79 7.16
N MET A 107 -0.55 -4.31 6.25
CA MET A 107 -1.31 -3.46 5.35
C MET A 107 -2.78 -3.45 5.73
N CYS A 108 -3.29 -2.27 6.04
CA CYS A 108 -4.71 -2.10 6.33
C CYS A 108 -5.17 -0.74 5.83
N HIS A 109 -5.89 -0.74 4.71
CA HIS A 109 -6.32 0.52 4.11
C HIS A 109 -7.62 0.99 4.75
N GLY A 110 -7.53 1.33 6.02
CA GLY A 110 -8.69 1.83 6.74
C GLY A 110 -8.52 3.28 7.14
N TRP A 111 -9.05 3.63 8.29
CA TRP A 111 -8.98 5.01 8.78
C TRP A 111 -8.69 5.00 10.27
N GLY A 112 -8.30 6.15 10.82
CA GLY A 112 -8.05 6.23 12.24
C GLY A 112 -7.29 7.48 12.64
N ALA A 113 -7.36 7.83 13.91
CA ALA A 113 -6.62 8.96 14.47
C ALA A 113 -5.25 8.47 14.93
N PRO A 114 -4.28 9.39 15.14
CA PRO A 114 -2.91 9.03 15.55
C PRO A 114 -2.84 7.97 16.64
N TRP A 115 -3.61 8.17 17.71
CA TRP A 115 -3.64 7.22 18.82
C TRP A 115 -4.55 6.04 18.53
N ASP A 116 -5.74 6.35 18.00
CA ASP A 116 -6.75 5.34 17.71
C ASP A 116 -6.24 4.29 16.72
N LEU A 117 -5.43 4.74 15.77
CA LEU A 117 -4.82 3.86 14.79
C LEU A 117 -3.94 2.83 15.48
N LYS A 118 -3.07 3.32 16.37
CA LYS A 118 -2.15 2.45 17.10
C LYS A 118 -2.90 1.41 17.90
N ASP A 119 -4.00 1.82 18.54
CA ASP A 119 -4.77 0.92 19.38
C ASP A 119 -5.40 -0.21 18.56
N ARG A 120 -6.14 0.16 17.52
CA ARG A 120 -6.89 -0.81 16.74
C ARG A 120 -5.98 -1.74 15.94
N LEU A 121 -4.92 -1.21 15.37
CA LEU A 121 -4.05 -2.02 14.53
C LEU A 121 -3.24 -3.01 15.34
N LEU A 122 -2.87 -2.63 16.57
CA LEU A 122 -2.17 -3.55 17.47
C LEU A 122 -3.17 -4.49 18.13
N LYS A 123 -4.44 -4.18 17.99
CA LYS A 123 -5.51 -5.05 18.46
C LYS A 123 -5.74 -6.16 17.44
N VAL A 124 -5.68 -5.79 16.17
CA VAL A 124 -5.84 -6.76 15.08
C VAL A 124 -4.58 -7.61 14.94
N PHE A 125 -3.44 -6.95 14.83
CA PHE A 125 -2.17 -7.66 14.70
C PHE A 125 -1.54 -7.92 16.06
N ASN A 126 -1.64 -9.15 16.52
CA ASN A 126 -1.14 -9.53 17.83
C ASN A 126 0.38 -9.67 17.81
N GLU A 127 0.92 -9.92 16.62
CA GLU A 127 2.37 -9.99 16.43
C GLU A 127 3.02 -8.64 16.67
N LYS A 128 2.26 -7.57 16.40
CA LYS A 128 2.78 -6.21 16.39
C LYS A 128 3.82 -6.06 15.26
N PRO A 129 3.36 -5.63 14.09
CA PRO A 129 4.20 -5.54 12.89
C PRO A 129 5.27 -4.45 12.99
N GLN A 130 6.23 -4.49 12.08
CA GLN A 130 7.30 -3.52 12.06
C GLN A 130 6.88 -2.27 11.30
N VAL A 131 6.34 -2.50 10.10
CA VAL A 131 5.91 -1.39 9.24
C VAL A 131 4.43 -1.57 8.90
N ILE A 132 3.66 -0.51 9.05
CA ILE A 132 2.25 -0.56 8.73
C ILE A 132 1.87 0.57 7.76
N LEU A 133 1.14 0.20 6.72
CA LEU A 133 0.70 1.15 5.71
C LEU A 133 -0.77 1.45 5.88
N PHE A 134 -1.10 2.72 6.10
CA PHE A 134 -2.49 3.12 6.30
C PHE A 134 -2.84 4.33 5.43
N GLY A 135 -4.07 4.80 5.56
CA GLY A 135 -4.51 5.96 4.82
C GLY A 135 -5.07 7.03 5.72
N HIS A 136 -4.63 8.26 5.53
CA HIS A 136 -5.12 9.39 6.31
C HIS A 136 -5.30 10.60 5.40
N THR A 137 -4.20 11.14 4.92
CA THR A 137 -4.24 12.29 4.02
C THR A 137 -3.14 12.19 2.97
N HIS A 138 -1.93 12.57 3.35
CA HIS A 138 -0.79 12.56 2.45
C HIS A 138 0.49 12.87 3.21
N GLU A 139 0.62 12.29 4.40
CA GLU A 139 1.74 12.62 5.28
C GLU A 139 2.81 11.53 5.26
N PRO A 140 3.91 11.76 4.54
CA PRO A 140 5.05 10.83 4.49
C PRO A 140 5.90 10.90 5.74
N GLU A 141 5.22 11.00 6.88
CA GLU A 141 5.86 11.17 8.17
C GLU A 141 5.98 9.83 8.87
N ASP A 142 7.17 9.55 9.39
CA ASP A 142 7.41 8.31 10.11
C ASP A 142 6.84 8.40 11.53
N THR A 143 5.75 7.71 11.76
CA THR A 143 5.13 7.73 13.08
C THR A 143 5.39 6.43 13.81
N VAL A 144 6.15 6.52 14.89
CA VAL A 144 6.56 5.34 15.64
C VAL A 144 6.41 5.58 17.14
N LYS A 145 6.04 4.52 17.86
CA LYS A 145 5.95 4.57 19.31
C LYS A 145 6.02 3.17 19.89
N ALA A 146 5.12 2.30 19.43
CA ALA A 146 5.07 0.92 19.91
C ALA A 146 6.03 0.04 19.13
N GLY A 147 7.06 0.66 18.57
CA GLY A 147 8.01 -0.06 17.74
C GLY A 147 7.56 -0.15 16.29
N VAL A 148 6.28 0.11 16.09
CA VAL A 148 5.69 0.04 14.76
C VAL A 148 5.83 1.38 14.05
N ARG A 149 6.24 1.33 12.79
CA ARG A 149 6.33 2.52 11.97
C ARG A 149 5.12 2.63 11.06
N PHE A 150 4.21 3.52 11.42
CA PHE A 150 3.01 3.75 10.63
C PHE A 150 3.30 4.78 9.55
N LEU A 151 3.05 4.43 8.30
CA LEU A 151 3.38 5.29 7.17
C LEU A 151 2.17 5.57 6.30
N ASN A 152 1.99 6.83 5.92
CA ASN A 152 0.90 7.24 5.04
C ASN A 152 1.46 7.82 3.74
N PRO A 153 1.37 7.06 2.64
CA PRO A 153 1.86 7.53 1.33
C PRO A 153 0.91 8.55 0.69
N GLY A 154 1.49 9.49 -0.05
CA GLY A 154 0.71 10.49 -0.75
C GLY A 154 0.01 9.90 -1.96
N SER A 155 -1.21 10.34 -2.21
CA SER A 155 -2.05 9.77 -3.27
C SER A 155 -1.56 10.13 -4.66
N LEU A 156 -2.00 9.33 -5.64
CA LEU A 156 -1.72 9.58 -7.05
C LEU A 156 -2.33 10.91 -7.47
N ALA A 157 -3.38 11.33 -6.77
CA ALA A 157 -4.08 12.57 -7.08
C ALA A 157 -3.19 13.78 -6.86
N GLU A 158 -2.21 13.64 -5.98
CA GLU A 158 -1.27 14.71 -5.71
C GLU A 158 0.08 14.42 -6.37
N GLY A 159 0.12 13.35 -7.15
CA GLY A 159 1.32 12.99 -7.88
C GLY A 159 2.40 12.42 -6.99
N SER A 160 2.02 11.52 -6.11
CA SER A 160 2.98 10.88 -5.21
C SER A 160 2.79 9.37 -5.20
N TYR A 161 3.89 8.64 -5.09
CA TYR A 161 3.85 7.20 -4.93
C TYR A 161 4.99 6.77 -4.03
N ALA A 162 4.89 5.59 -3.45
CA ALA A 162 5.88 5.15 -2.49
C ALA A 162 6.62 3.92 -3.02
N VAL A 163 7.91 3.85 -2.74
CA VAL A 163 8.70 2.69 -3.12
C VAL A 163 9.44 2.16 -1.89
N LEU A 164 9.23 0.89 -1.59
CA LEU A 164 9.89 0.25 -0.48
C LEU A 164 10.92 -0.74 -1.02
N GLU A 165 12.18 -0.38 -0.88
CA GLU A 165 13.27 -1.22 -1.36
C GLU A 165 14.04 -1.81 -0.20
N LEU A 166 14.20 -3.13 -0.20
CA LEU A 166 14.92 -3.79 0.87
C LEU A 166 16.40 -3.90 0.51
N ASP A 167 17.20 -3.08 1.16
CA ASP A 167 18.65 -3.11 0.95
C ASP A 167 19.32 -3.76 2.14
N GLY A 168 19.84 -4.97 1.93
CA GLY A 168 20.47 -5.70 3.02
C GLY A 168 19.46 -6.15 4.07
N GLY A 169 18.18 -6.01 3.75
CA GLY A 169 17.14 -6.35 4.70
C GLY A 169 16.60 -5.15 5.43
N GLU A 170 17.17 -3.98 5.17
CA GLU A 170 16.69 -2.75 5.77
C GLU A 170 15.55 -2.17 4.96
N VAL A 171 14.62 -1.51 5.63
CA VAL A 171 13.42 -0.99 4.99
C VAL A 171 13.66 0.43 4.48
N ARG A 172 13.85 0.55 3.18
CA ARG A 172 14.01 1.86 2.57
C ARG A 172 12.69 2.30 1.95
N PHE A 173 11.93 3.06 2.72
CA PHE A 173 10.64 3.54 2.28
C PHE A 173 10.75 4.99 1.80
N GLU A 174 10.83 5.17 0.50
CA GLU A 174 10.96 6.50 -0.06
C GLU A 174 9.70 6.88 -0.81
N LEU A 175 9.05 7.95 -0.37
CA LEU A 175 7.94 8.50 -1.11
C LEU A 175 8.50 9.31 -2.27
N LYS A 176 8.32 8.78 -3.47
CA LYS A 176 8.89 9.39 -4.65
C LYS A 176 7.78 10.08 -5.45
N THR A 177 8.09 11.25 -5.96
CA THR A 177 7.06 12.07 -6.58
C THR A 177 7.04 11.93 -8.09
N LEU A 178 5.88 12.20 -8.68
CA LEU A 178 5.69 12.12 -10.11
C LEU A 178 5.99 13.47 -10.75
N VAL A 22 17.83 -8.25 -2.50
CA VAL A 22 17.33 -6.93 -2.99
C VAL A 22 16.13 -7.12 -3.90
N LYS A 23 15.00 -6.53 -3.50
CA LYS A 23 13.79 -6.57 -4.32
C LYS A 23 13.18 -5.18 -4.37
N ARG A 24 12.31 -4.96 -5.34
CA ARG A 24 11.66 -3.68 -5.50
C ARG A 24 10.15 -3.83 -5.36
N PHE A 25 9.55 -2.99 -4.53
CA PHE A 25 8.10 -2.98 -4.37
C PHE A 25 7.56 -1.57 -4.61
N LEU A 26 6.68 -1.45 -5.60
CA LEU A 26 6.06 -0.17 -5.90
C LEU A 26 4.79 -0.01 -5.09
N LEU A 27 4.69 1.07 -4.32
CA LEU A 27 3.56 1.26 -3.44
C LEU A 27 2.58 2.29 -4.01
N ILE A 28 1.53 1.78 -4.64
CA ILE A 28 0.43 2.60 -5.11
C ILE A 28 -0.72 2.47 -4.11
N SER A 29 -0.99 3.55 -3.39
CA SER A 29 -1.83 3.46 -2.20
C SER A 29 -3.29 3.78 -2.50
N ASP A 30 -3.70 5.01 -2.25
CA ASP A 30 -5.11 5.38 -2.33
C ASP A 30 -5.41 6.03 -3.67
N SER A 31 -6.31 5.44 -4.42
CA SER A 31 -6.60 5.91 -5.77
C SER A 31 -7.99 5.47 -6.22
N HIS A 32 -8.49 6.09 -7.29
CA HIS A 32 -9.80 5.77 -7.82
C HIS A 32 -9.78 5.72 -9.36
N VAL A 33 -9.22 4.66 -9.90
CA VAL A 33 -9.25 4.44 -11.33
C VAL A 33 -9.81 3.07 -11.66
N PRO A 34 -10.66 2.99 -12.69
CA PRO A 34 -11.09 4.13 -13.46
C PRO A 34 -12.44 4.70 -12.99
N VAL A 35 -12.42 5.39 -11.87
CA VAL A 35 -13.60 6.09 -11.38
C VAL A 35 -13.41 7.58 -11.66
N ARG A 36 -14.05 8.45 -10.87
CA ARG A 36 -13.90 9.88 -11.08
C ARG A 36 -12.57 10.35 -10.52
N MET A 37 -11.52 10.18 -11.32
CA MET A 37 -10.18 10.63 -10.98
C MET A 37 -9.35 10.68 -12.25
N ALA A 38 -8.92 9.51 -12.71
CA ALA A 38 -8.11 9.38 -13.91
C ALA A 38 -6.78 10.14 -13.78
N SER A 39 -6.49 10.60 -12.56
CA SER A 39 -5.30 11.40 -12.30
C SER A 39 -4.06 10.52 -12.16
N LEU A 40 -4.16 9.28 -12.59
CA LEU A 40 -3.06 8.34 -12.52
C LEU A 40 -2.42 8.20 -13.89
N PRO A 41 -1.27 8.85 -14.11
CA PRO A 41 -0.60 8.86 -15.40
C PRO A 41 0.09 7.53 -15.71
N ASP A 42 0.30 7.27 -17.00
CA ASP A 42 0.99 6.05 -17.45
C ASP A 42 2.42 6.02 -16.95
N GLU A 43 2.89 7.18 -16.48
CA GLU A 43 4.26 7.36 -16.02
C GLU A 43 4.58 6.45 -14.83
N ILE A 44 3.56 6.00 -14.12
CA ILE A 44 3.76 5.06 -13.01
C ILE A 44 3.45 3.64 -13.45
N LEU A 45 2.56 3.51 -14.43
CA LEU A 45 2.07 2.22 -14.86
C LEU A 45 3.14 1.46 -15.65
N ASN A 46 4.02 2.19 -16.32
CA ASN A 46 5.08 1.57 -17.08
C ASN A 46 6.25 1.20 -16.17
N SER A 47 6.21 1.70 -14.94
CA SER A 47 7.20 1.33 -13.94
C SER A 47 6.90 -0.05 -13.36
N LEU A 48 5.77 -0.63 -13.76
CA LEU A 48 5.47 -2.02 -13.44
C LEU A 48 6.57 -2.92 -13.99
N LYS A 49 7.21 -2.46 -15.05
CA LYS A 49 8.26 -3.20 -15.73
C LYS A 49 9.63 -2.87 -15.12
N GLU A 50 9.62 -2.16 -14.00
CA GLU A 50 10.84 -1.78 -13.32
C GLU A 50 10.88 -2.36 -11.91
N TYR A 51 9.73 -2.79 -11.43
CA TYR A 51 9.62 -3.36 -10.08
C TYR A 51 9.11 -4.79 -10.15
N ASP A 52 9.74 -5.67 -9.39
CA ASP A 52 9.36 -7.08 -9.39
C ASP A 52 8.14 -7.32 -8.50
N GLY A 53 7.94 -6.42 -7.55
CA GLY A 53 6.77 -6.48 -6.70
C GLY A 53 6.06 -5.15 -6.62
N VAL A 54 4.74 -5.18 -6.54
CA VAL A 54 3.94 -3.96 -6.43
C VAL A 54 2.81 -4.16 -5.43
N ILE A 55 2.53 -3.13 -4.65
CA ILE A 55 1.48 -3.21 -3.64
C ILE A 55 0.40 -2.15 -3.89
N GLY A 56 -0.84 -2.61 -4.01
CA GLY A 56 -1.94 -1.70 -4.20
C GLY A 56 -2.82 -1.63 -2.95
N LEU A 57 -2.69 -0.55 -2.20
CA LEU A 57 -3.43 -0.41 -0.94
C LEU A 57 -4.84 0.13 -1.17
N GLY A 58 -5.19 0.30 -2.44
CA GLY A 58 -6.50 0.80 -2.78
C GLY A 58 -6.50 1.50 -4.12
N ASP A 59 -5.92 0.87 -5.13
CA ASP A 59 -5.82 1.45 -6.45
C ASP A 59 -6.37 0.47 -7.49
N TYR A 60 -6.80 1.02 -8.63
CA TYR A 60 -7.47 0.25 -9.67
C TYR A 60 -8.60 -0.61 -9.12
N VAL A 61 -9.78 0.01 -9.04
CA VAL A 61 -10.94 -0.61 -8.43
C VAL A 61 -11.63 -1.58 -9.39
N ASP A 62 -11.04 -1.76 -10.56
CA ASP A 62 -11.58 -2.65 -11.57
C ASP A 62 -10.94 -4.03 -11.45
N LEU A 63 -11.77 -5.05 -11.23
CA LEU A 63 -11.28 -6.41 -11.00
C LEU A 63 -10.44 -6.92 -12.15
N ASP A 64 -10.91 -6.70 -13.38
CA ASP A 64 -10.18 -7.11 -14.57
C ASP A 64 -8.77 -6.53 -14.56
N THR A 65 -8.69 -5.24 -14.25
CA THR A 65 -7.42 -4.54 -14.20
C THR A 65 -6.52 -5.08 -13.07
N VAL A 66 -7.13 -5.56 -12.00
CA VAL A 66 -6.37 -6.16 -10.89
C VAL A 66 -5.57 -7.36 -11.38
N ILE A 67 -6.22 -8.20 -12.18
CA ILE A 67 -5.56 -9.38 -12.75
C ILE A 67 -4.49 -8.93 -13.75
N LEU A 68 -4.82 -7.90 -14.52
CA LEU A 68 -3.88 -7.31 -15.47
C LEU A 68 -2.67 -6.75 -14.72
N LEU A 69 -2.90 -6.24 -13.52
CA LEU A 69 -1.82 -5.69 -12.70
C LEU A 69 -0.88 -6.79 -12.26
N GLU A 70 -1.44 -7.97 -12.00
CA GLU A 70 -0.63 -9.11 -11.57
C GLU A 70 0.07 -9.75 -12.78
N LYS A 71 -0.36 -9.38 -13.98
CA LYS A 71 0.33 -9.80 -15.20
C LYS A 71 1.54 -8.92 -15.45
N PHE A 72 1.58 -7.77 -14.79
CA PHE A 72 2.72 -6.87 -14.85
C PHE A 72 3.57 -7.05 -13.60
N SER A 73 2.95 -6.82 -12.45
CA SER A 73 3.59 -7.05 -11.17
C SER A 73 3.58 -8.55 -10.87
N LYS A 74 4.73 -9.18 -11.09
CA LYS A 74 4.89 -10.61 -10.83
C LYS A 74 4.51 -10.95 -9.39
N GLU A 75 4.90 -10.10 -8.46
CA GLU A 75 4.48 -10.23 -7.08
C GLU A 75 3.58 -9.06 -6.69
N PHE A 76 2.28 -9.22 -6.91
CA PHE A 76 1.34 -8.15 -6.62
C PHE A 76 0.64 -8.39 -5.28
N TYR A 77 0.78 -7.43 -4.40
CA TYR A 77 0.13 -7.46 -3.11
C TYR A 77 -0.80 -6.27 -2.97
N GLY A 78 -1.50 -6.17 -1.86
CA GLY A 78 -2.35 -5.03 -1.63
C GLY A 78 -3.41 -5.30 -0.59
N VAL A 79 -4.23 -4.29 -0.34
CA VAL A 79 -5.33 -4.39 0.61
C VAL A 79 -6.54 -3.66 0.06
N HIS A 80 -7.73 -4.12 0.39
CA HIS A 80 -8.96 -3.56 -0.17
C HIS A 80 -9.51 -2.50 0.76
N GLY A 81 -9.33 -1.24 0.39
CA GLY A 81 -9.87 -0.15 1.19
C GLY A 81 -10.91 0.64 0.43
N ASN A 82 -11.09 0.30 -0.83
CA ASN A 82 -12.06 0.99 -1.69
C ASN A 82 -13.45 0.42 -1.48
N MET A 83 -14.44 1.28 -1.32
CA MET A 83 -15.82 0.83 -1.19
C MET A 83 -16.52 0.90 -2.53
N ASP A 84 -15.73 1.13 -3.57
CA ASP A 84 -16.23 1.27 -4.93
C ASP A 84 -16.83 -0.04 -5.44
N TYR A 85 -15.97 -1.03 -5.65
CA TYR A 85 -16.42 -2.31 -6.20
C TYR A 85 -16.02 -3.46 -5.28
N PRO A 86 -16.99 -4.34 -4.98
CA PRO A 86 -16.78 -5.51 -4.12
C PRO A 86 -16.20 -6.70 -4.88
N ASP A 87 -16.04 -6.55 -6.18
CA ASP A 87 -15.48 -7.62 -7.00
C ASP A 87 -14.01 -7.84 -6.64
N VAL A 88 -13.34 -6.74 -6.34
CA VAL A 88 -11.92 -6.76 -5.97
C VAL A 88 -11.75 -7.26 -4.53
N LYS A 89 -12.87 -7.30 -3.81
CA LYS A 89 -12.88 -7.65 -2.39
C LYS A 89 -12.58 -9.14 -2.18
N GLU A 90 -12.68 -9.93 -3.25
CA GLU A 90 -12.42 -11.37 -3.14
C GLU A 90 -10.96 -11.69 -3.41
N HIS A 91 -10.16 -10.67 -3.66
CA HIS A 91 -8.73 -10.86 -3.89
C HIS A 91 -7.92 -10.02 -2.91
N LEU A 92 -8.39 -8.82 -2.65
CA LEU A 92 -7.75 -7.95 -1.68
C LEU A 92 -8.57 -7.95 -0.39
N PRO A 93 -7.93 -8.30 0.74
CA PRO A 93 -8.61 -8.43 2.02
C PRO A 93 -8.76 -7.10 2.77
N PHE A 94 -9.27 -7.19 3.98
CA PHE A 94 -9.46 -6.00 4.83
C PHE A 94 -8.14 -5.62 5.49
N SER A 95 -7.32 -6.62 5.73
CA SER A 95 -6.01 -6.44 6.33
C SER A 95 -5.09 -7.55 5.85
N LYS A 96 -3.85 -7.21 5.53
CA LYS A 96 -2.92 -8.19 4.99
C LYS A 96 -1.53 -8.00 5.59
N VAL A 97 -1.06 -9.00 6.33
CA VAL A 97 0.30 -8.95 6.86
C VAL A 97 1.22 -9.80 6.00
N LEU A 98 2.30 -9.20 5.54
CA LEU A 98 3.28 -9.90 4.74
C LEU A 98 4.49 -10.21 5.59
N LEU A 99 5.19 -11.27 5.20
CA LEU A 99 6.47 -11.57 5.82
C LEU A 99 7.54 -11.45 4.76
N VAL A 100 8.14 -10.27 4.69
CA VAL A 100 9.08 -9.95 3.64
C VAL A 100 10.50 -9.95 4.19
N GLU A 101 11.23 -11.01 3.87
CA GLU A 101 12.63 -11.16 4.29
C GLU A 101 12.77 -11.09 5.80
N GLY A 102 11.72 -11.49 6.50
CA GLY A 102 11.76 -11.52 7.95
C GLY A 102 10.99 -10.37 8.57
N VAL A 103 10.69 -9.36 7.77
CA VAL A 103 9.99 -8.19 8.25
C VAL A 103 8.47 -8.37 8.12
N THR A 104 7.78 -8.23 9.24
CA THR A 104 6.33 -8.33 9.26
C THR A 104 5.69 -7.02 8.81
N ILE A 105 4.98 -7.05 7.69
CA ILE A 105 4.36 -5.85 7.15
C ILE A 105 2.84 -5.95 7.26
N GLY A 106 2.29 -5.32 8.28
CA GLY A 106 0.85 -5.31 8.45
C GLY A 106 0.21 -4.21 7.64
N MET A 107 -0.32 -4.56 6.48
CA MET A 107 -0.89 -3.57 5.60
C MET A 107 -2.38 -3.39 5.89
N CYS A 108 -2.77 -2.15 6.12
CA CYS A 108 -4.15 -1.79 6.36
C CYS A 108 -4.46 -0.53 5.55
N HIS A 109 -5.73 -0.20 5.36
CA HIS A 109 -6.07 1.03 4.63
C HIS A 109 -6.00 2.23 5.57
N GLY A 110 -6.14 1.98 6.86
CA GLY A 110 -6.04 3.04 7.85
C GLY A 110 -7.30 3.86 8.00
N TRP A 111 -7.88 3.83 9.19
CA TRP A 111 -9.06 4.61 9.49
C TRP A 111 -9.15 4.86 10.99
N GLY A 112 -9.28 6.12 11.37
CA GLY A 112 -9.39 6.48 12.76
C GLY A 112 -8.48 7.63 13.12
N ALA A 113 -8.30 7.86 14.41
CA ALA A 113 -7.43 8.93 14.87
C ALA A 113 -6.00 8.41 15.00
N PRO A 114 -5.04 9.08 14.34
CA PRO A 114 -3.62 8.67 14.33
C PRO A 114 -3.02 8.60 15.73
N TRP A 115 -3.69 9.21 16.70
CA TRP A 115 -3.23 9.23 18.07
C TRP A 115 -3.25 7.83 18.67
N ASP A 116 -4.32 7.09 18.41
CA ASP A 116 -4.48 5.74 18.96
C ASP A 116 -4.70 4.72 17.86
N LEU A 117 -4.43 5.12 16.63
CA LEU A 117 -4.55 4.22 15.49
C LEU A 117 -3.50 3.13 15.58
N LYS A 118 -2.34 3.50 16.09
CA LYS A 118 -1.25 2.56 16.30
C LYS A 118 -1.69 1.45 17.24
N ASP A 119 -2.27 1.86 18.36
CA ASP A 119 -2.78 0.93 19.36
C ASP A 119 -3.98 0.14 18.84
N ARG A 120 -4.81 0.81 18.04
CA ARG A 120 -5.98 0.17 17.46
C ARG A 120 -5.56 -0.94 16.49
N LEU A 121 -4.55 -0.66 15.67
CA LEU A 121 -4.06 -1.64 14.70
C LEU A 121 -3.41 -2.83 15.40
N LEU A 122 -2.84 -2.58 16.57
CA LEU A 122 -2.26 -3.66 17.38
C LEU A 122 -3.36 -4.51 18.00
N LYS A 123 -4.59 -4.01 17.96
CA LYS A 123 -5.74 -4.76 18.40
C LYS A 123 -6.38 -5.48 17.23
N VAL A 124 -6.28 -4.88 16.04
CA VAL A 124 -6.77 -5.48 14.81
C VAL A 124 -6.06 -6.82 14.56
N PHE A 125 -4.74 -6.79 14.63
CA PHE A 125 -3.96 -8.00 14.48
C PHE A 125 -3.69 -8.63 15.84
N ASN A 126 -3.33 -9.91 15.85
CA ASN A 126 -3.06 -10.63 17.09
C ASN A 126 -1.57 -10.59 17.40
N GLU A 127 -0.77 -10.47 16.36
CA GLU A 127 0.67 -10.33 16.51
C GLU A 127 1.08 -8.94 16.08
N LYS A 128 2.17 -8.43 16.64
CA LYS A 128 2.63 -7.09 16.33
C LYS A 128 3.45 -7.08 15.04
N PRO A 129 2.93 -6.42 14.00
CA PRO A 129 3.66 -6.26 12.74
C PRO A 129 4.73 -5.19 12.89
N GLN A 130 5.97 -5.53 12.58
CA GLN A 130 7.08 -4.61 12.77
C GLN A 130 6.93 -3.36 11.91
N VAL A 131 6.40 -3.54 10.70
CA VAL A 131 6.10 -2.43 9.82
C VAL A 131 4.63 -2.46 9.43
N ILE A 132 3.97 -1.33 9.51
CA ILE A 132 2.56 -1.24 9.15
C ILE A 132 2.34 -0.14 8.11
N LEU A 133 1.56 -0.47 7.09
CA LEU A 133 1.24 0.48 6.04
C LEU A 133 -0.23 0.89 6.15
N PHE A 134 -0.50 2.17 5.95
CA PHE A 134 -1.86 2.68 5.93
C PHE A 134 -1.93 3.97 5.12
N GLY A 135 -2.78 3.98 4.10
CA GLY A 135 -2.88 5.14 3.24
C GLY A 135 -4.28 5.71 3.18
N HIS A 136 -4.43 6.92 3.70
CA HIS A 136 -5.73 7.61 3.73
C HIS A 136 -5.54 9.03 4.24
N THR A 137 -4.31 9.52 4.13
CA THR A 137 -3.95 10.83 4.66
C THR A 137 -3.51 11.75 3.53
N HIS A 138 -3.66 13.05 3.72
CA HIS A 138 -3.31 14.02 2.69
C HIS A 138 -1.82 14.28 2.67
N GLU A 139 -1.19 14.09 3.82
CA GLU A 139 0.26 14.26 3.93
C GLU A 139 0.89 12.98 4.45
N PRO A 140 1.66 12.28 3.60
CA PRO A 140 2.37 11.07 3.99
C PRO A 140 3.32 11.31 5.16
N GLU A 141 3.41 10.35 6.06
CA GLU A 141 4.18 10.52 7.29
C GLU A 141 4.66 9.18 7.84
N ASP A 142 5.88 9.19 8.38
CA ASP A 142 6.42 8.03 9.09
C ASP A 142 6.24 8.23 10.58
N THR A 143 5.59 7.28 11.25
CA THR A 143 5.31 7.42 12.66
C THR A 143 5.75 6.19 13.45
N VAL A 144 6.48 6.42 14.51
CA VAL A 144 6.90 5.34 15.39
C VAL A 144 6.51 5.67 16.83
N LYS A 145 6.05 4.67 17.56
CA LYS A 145 5.64 4.85 18.95
C LYS A 145 5.74 3.54 19.71
N ALA A 146 5.05 2.55 19.20
CA ALA A 146 4.95 1.25 19.84
C ALA A 146 6.00 0.29 19.30
N GLY A 147 7.14 0.84 18.90
CA GLY A 147 8.16 0.05 18.24
C GLY A 147 7.84 -0.18 16.78
N VAL A 148 6.57 -0.46 16.52
CA VAL A 148 6.06 -0.64 15.17
C VAL A 148 6.25 0.63 14.35
N ARG A 149 6.68 0.47 13.12
CA ARG A 149 6.87 1.59 12.23
C ARG A 149 5.66 1.75 11.32
N PHE A 150 4.92 2.83 11.50
CA PHE A 150 3.72 3.08 10.73
C PHE A 150 4.03 4.01 9.57
N LEU A 151 4.03 3.47 8.37
CA LEU A 151 4.35 4.23 7.18
C LEU A 151 3.07 4.63 6.46
N ASN A 152 2.83 5.93 6.39
CA ASN A 152 1.64 6.46 5.77
C ASN A 152 1.96 7.14 4.44
N PRO A 153 1.50 6.55 3.33
CA PRO A 153 1.54 7.18 2.03
C PRO A 153 0.25 7.94 1.73
N GLY A 154 0.20 8.64 0.60
CA GLY A 154 -0.96 9.44 0.28
C GLY A 154 -1.71 8.91 -0.93
N SER A 155 -2.70 9.68 -1.38
CA SER A 155 -3.47 9.32 -2.55
C SER A 155 -2.70 9.64 -3.83
N LEU A 156 -3.00 8.92 -4.91
CA LEU A 156 -2.25 9.02 -6.16
C LEU A 156 -2.62 10.25 -6.98
N ALA A 157 -3.69 10.93 -6.59
CA ALA A 157 -4.16 12.08 -7.36
C ALA A 157 -3.64 13.38 -6.76
N GLU A 158 -4.01 13.63 -5.51
CA GLU A 158 -3.70 14.89 -4.85
C GLU A 158 -2.59 14.73 -3.83
N GLY A 159 -1.78 13.68 -3.98
CA GLY A 159 -0.71 13.42 -3.04
C GLY A 159 0.50 12.80 -3.71
N SER A 160 1.39 12.24 -2.91
CA SER A 160 2.61 11.63 -3.41
C SER A 160 2.58 10.12 -3.18
N TYR A 161 3.22 9.37 -4.08
CA TYR A 161 3.22 7.92 -3.99
C TYR A 161 4.48 7.43 -3.31
N ALA A 162 4.53 6.16 -2.95
CA ALA A 162 5.65 5.62 -2.20
C ALA A 162 6.33 4.49 -2.95
N VAL A 163 7.62 4.35 -2.75
CA VAL A 163 8.37 3.23 -3.27
C VAL A 163 9.04 2.48 -2.14
N LEU A 164 8.81 1.18 -2.08
CA LEU A 164 9.40 0.36 -1.03
C LEU A 164 10.45 -0.55 -1.64
N GLU A 165 11.70 -0.22 -1.42
CA GLU A 165 12.77 -1.04 -1.95
C GLU A 165 13.46 -1.77 -0.80
N LEU A 166 13.89 -2.99 -1.04
CA LEU A 166 14.54 -3.77 -0.02
C LEU A 166 16.05 -3.72 -0.18
N ASP A 167 16.67 -2.90 0.65
CA ASP A 167 18.13 -2.77 0.65
C ASP A 167 18.73 -3.66 1.71
N GLY A 168 19.49 -4.66 1.27
CA GLY A 168 20.05 -5.65 2.18
C GLY A 168 18.99 -6.54 2.80
N GLY A 169 18.17 -5.95 3.66
CA GLY A 169 17.10 -6.68 4.31
C GLY A 169 16.25 -5.75 5.16
N GLU A 170 16.22 -4.48 4.78
CA GLU A 170 15.48 -3.48 5.52
C GLU A 170 14.53 -2.72 4.59
N VAL A 171 13.39 -2.32 5.14
CA VAL A 171 12.37 -1.65 4.37
C VAL A 171 12.72 -0.19 4.10
N ARG A 172 12.95 0.14 2.83
CA ARG A 172 13.22 1.51 2.44
C ARG A 172 11.94 2.16 1.94
N PHE A 173 11.41 3.09 2.72
CA PHE A 173 10.23 3.84 2.31
C PHE A 173 10.66 5.11 1.59
N GLU A 174 10.70 5.04 0.26
CA GLU A 174 11.11 6.17 -0.54
C GLU A 174 9.89 6.87 -1.13
N LEU A 175 9.53 7.99 -0.53
CA LEU A 175 8.36 8.74 -0.98
C LEU A 175 8.72 9.63 -2.16
N LYS A 176 7.94 9.57 -3.22
CA LYS A 176 8.19 10.36 -4.41
C LYS A 176 6.98 11.22 -4.73
N THR A 177 7.23 12.47 -5.11
CA THR A 177 6.16 13.46 -5.24
C THR A 177 5.42 13.33 -6.57
N LEU A 178 4.19 13.82 -6.58
CA LEU A 178 3.36 13.83 -7.77
C LEU A 178 2.80 15.23 -7.99
N VAL A 22 18.89 -7.62 -5.22
CA VAL A 22 18.08 -6.38 -5.24
C VAL A 22 16.65 -6.67 -5.70
N LYS A 23 15.69 -6.45 -4.82
CA LYS A 23 14.28 -6.48 -5.19
C LYS A 23 13.74 -5.07 -5.16
N ARG A 24 12.75 -4.78 -5.97
CA ARG A 24 12.15 -3.46 -5.99
C ARG A 24 10.63 -3.56 -5.97
N PHE A 25 10.05 -3.08 -4.87
CA PHE A 25 8.61 -3.11 -4.70
C PHE A 25 8.00 -1.73 -4.91
N LEU A 26 7.03 -1.67 -5.80
CA LEU A 26 6.29 -0.44 -6.05
C LEU A 26 5.09 -0.35 -5.13
N LEU A 27 5.04 0.69 -4.33
CA LEU A 27 3.91 0.90 -3.43
C LEU A 27 2.99 1.96 -3.99
N ILE A 28 1.80 1.55 -4.43
CA ILE A 28 0.81 2.47 -4.93
C ILE A 28 -0.25 2.74 -3.87
N SER A 29 -0.40 4.00 -3.52
CA SER A 29 -1.25 4.41 -2.41
C SER A 29 -2.73 4.39 -2.80
N ASP A 30 -3.54 5.04 -1.96
CA ASP A 30 -4.98 5.12 -2.17
C ASP A 30 -5.30 5.71 -3.54
N SER A 31 -6.05 4.94 -4.32
CA SER A 31 -6.47 5.36 -5.64
C SER A 31 -7.99 5.23 -5.75
N HIS A 32 -8.57 5.94 -6.70
CA HIS A 32 -10.02 5.95 -6.88
C HIS A 32 -10.35 5.94 -8.37
N VAL A 33 -9.64 5.11 -9.10
CA VAL A 33 -9.83 5.00 -10.54
C VAL A 33 -10.82 3.89 -10.86
N PRO A 34 -11.84 4.17 -11.68
CA PRO A 34 -12.10 5.49 -12.24
C PRO A 34 -13.27 6.19 -11.53
N VAL A 35 -13.47 5.84 -10.26
CA VAL A 35 -14.60 6.34 -9.45
C VAL A 35 -14.75 7.85 -9.58
N ARG A 36 -13.71 8.57 -9.17
CA ARG A 36 -13.74 10.03 -9.20
C ARG A 36 -12.36 10.56 -9.60
N MET A 37 -11.53 9.65 -10.06
CA MET A 37 -10.17 9.98 -10.47
C MET A 37 -9.80 9.13 -11.68
N ALA A 38 -9.46 9.79 -12.77
CA ALA A 38 -9.14 9.10 -14.01
C ALA A 38 -7.70 9.36 -14.42
N SER A 39 -7.01 10.15 -13.62
CA SER A 39 -5.62 10.51 -13.92
C SER A 39 -4.68 9.80 -12.95
N LEU A 40 -4.26 8.59 -13.30
CA LEU A 40 -3.28 7.88 -12.51
C LEU A 40 -1.96 7.87 -13.26
N PRO A 41 -0.90 8.43 -12.64
CA PRO A 41 0.42 8.61 -13.26
C PRO A 41 0.89 7.42 -14.10
N ASP A 42 1.06 7.66 -15.40
CA ASP A 42 1.56 6.65 -16.33
C ASP A 42 2.96 6.23 -15.91
N GLU A 43 3.67 7.17 -15.30
CA GLU A 43 5.02 6.95 -14.80
C GLU A 43 5.08 5.75 -13.85
N ILE A 44 4.03 5.59 -13.07
CA ILE A 44 3.96 4.50 -12.10
C ILE A 44 3.43 3.22 -12.77
N LEU A 45 2.62 3.41 -13.80
CA LEU A 45 2.06 2.29 -14.53
C LEU A 45 3.16 1.60 -15.35
N ASN A 46 4.14 2.38 -15.77
CA ASN A 46 5.30 1.84 -16.48
C ASN A 46 6.19 1.06 -15.53
N SER A 47 6.06 1.35 -14.24
CA SER A 47 6.87 0.71 -13.23
C SER A 47 6.48 -0.76 -13.03
N LEU A 48 5.36 -1.17 -13.64
CA LEU A 48 4.98 -2.57 -13.65
C LEU A 48 6.03 -3.39 -14.40
N LYS A 49 6.73 -2.73 -15.30
CA LYS A 49 7.80 -3.36 -16.07
C LYS A 49 9.13 -3.20 -15.35
N GLU A 50 9.28 -2.08 -14.65
CA GLU A 50 10.52 -1.77 -13.94
C GLU A 50 10.72 -2.70 -12.75
N TYR A 51 9.72 -2.74 -11.88
CA TYR A 51 9.86 -3.40 -10.59
C TYR A 51 9.36 -4.83 -10.62
N ASP A 52 9.95 -5.67 -9.77
CA ASP A 52 9.63 -7.09 -9.74
C ASP A 52 8.65 -7.40 -8.61
N GLY A 53 8.15 -6.36 -7.98
CA GLY A 53 7.15 -6.50 -6.95
C GLY A 53 6.30 -5.25 -6.83
N VAL A 54 4.99 -5.42 -6.66
CA VAL A 54 4.10 -4.28 -6.52
C VAL A 54 3.12 -4.50 -5.36
N ILE A 55 2.85 -3.45 -4.61
CA ILE A 55 1.85 -3.50 -3.54
C ILE A 55 0.82 -2.40 -3.73
N GLY A 56 -0.45 -2.77 -3.62
CA GLY A 56 -1.52 -1.80 -3.67
C GLY A 56 -2.27 -1.74 -2.36
N LEU A 57 -2.45 -0.53 -1.82
CA LEU A 57 -3.17 -0.37 -0.57
C LEU A 57 -4.63 0.01 -0.84
N GLY A 58 -4.91 0.25 -2.10
CA GLY A 58 -6.23 0.67 -2.53
C GLY A 58 -6.19 1.19 -3.93
N ASP A 59 -5.75 0.33 -4.83
CA ASP A 59 -5.46 0.69 -6.21
C ASP A 59 -6.73 0.93 -7.04
N TYR A 60 -7.01 0.06 -7.99
CA TYR A 60 -8.15 0.21 -8.88
C TYR A 60 -9.37 -0.45 -8.27
N VAL A 61 -10.55 0.10 -8.56
CA VAL A 61 -11.79 -0.47 -8.05
C VAL A 61 -12.34 -1.50 -9.04
N ASP A 62 -11.70 -1.56 -10.20
CA ASP A 62 -12.08 -2.51 -11.24
C ASP A 62 -11.37 -3.83 -11.02
N LEU A 63 -12.14 -4.90 -10.84
CA LEU A 63 -11.58 -6.23 -10.66
C LEU A 63 -10.74 -6.62 -11.88
N ASP A 64 -11.27 -6.31 -13.06
CA ASP A 64 -10.58 -6.63 -14.31
C ASP A 64 -9.21 -6.00 -14.35
N THR A 65 -9.10 -4.77 -13.85
CA THR A 65 -7.85 -4.04 -13.86
C THR A 65 -6.87 -4.59 -12.82
N VAL A 66 -7.40 -5.11 -11.71
CA VAL A 66 -6.56 -5.73 -10.69
C VAL A 66 -5.91 -7.00 -11.25
N ILE A 67 -6.69 -7.76 -12.02
CA ILE A 67 -6.17 -8.94 -12.70
C ILE A 67 -5.14 -8.50 -13.75
N LEU A 68 -5.41 -7.36 -14.36
CA LEU A 68 -4.49 -6.77 -15.34
C LEU A 68 -3.18 -6.38 -14.65
N LEU A 69 -3.26 -6.01 -13.37
CA LEU A 69 -2.07 -5.62 -12.61
C LEU A 69 -1.16 -6.83 -12.39
N GLU A 70 -1.76 -7.94 -11.97
CA GLU A 70 -1.01 -9.17 -11.78
C GLU A 70 -0.57 -9.75 -13.11
N LYS A 71 -1.19 -9.29 -14.18
CA LYS A 71 -0.83 -9.72 -15.53
C LYS A 71 0.40 -8.96 -16.02
N PHE A 72 0.62 -7.79 -15.43
CA PHE A 72 1.77 -6.97 -15.79
C PHE A 72 3.00 -7.35 -14.97
N SER A 73 2.94 -7.10 -13.67
CA SER A 73 4.08 -7.37 -12.81
C SER A 73 4.25 -8.88 -12.58
N LYS A 74 3.11 -9.58 -12.53
CA LYS A 74 3.07 -11.01 -12.23
C LYS A 74 3.53 -11.26 -10.79
N GLU A 75 3.58 -10.18 -10.03
CA GLU A 75 3.95 -10.21 -8.63
C GLU A 75 3.26 -9.07 -7.91
N PHE A 76 2.18 -9.37 -7.21
CA PHE A 76 1.37 -8.33 -6.61
C PHE A 76 0.94 -8.72 -5.21
N TYR A 77 1.30 -7.90 -4.25
CA TYR A 77 0.82 -8.02 -2.89
C TYR A 77 -0.01 -6.79 -2.58
N GLY A 78 -0.74 -6.82 -1.50
CA GLY A 78 -1.47 -5.63 -1.11
C GLY A 78 -2.80 -5.93 -0.46
N VAL A 79 -3.60 -4.89 -0.37
CA VAL A 79 -4.88 -4.91 0.31
C VAL A 79 -5.79 -3.85 -0.30
N HIS A 80 -7.03 -3.80 0.12
CA HIS A 80 -7.90 -2.71 -0.28
C HIS A 80 -8.49 -2.03 0.95
N GLY A 81 -7.95 -0.87 1.27
CA GLY A 81 -8.38 -0.15 2.45
C GLY A 81 -9.59 0.72 2.20
N ASN A 82 -9.72 1.19 0.97
CA ASN A 82 -10.83 2.05 0.62
C ASN A 82 -12.06 1.24 0.23
N MET A 83 -13.13 1.93 -0.15
CA MET A 83 -14.39 1.28 -0.48
C MET A 83 -14.48 1.01 -1.98
N ASP A 84 -14.78 -0.24 -2.32
CA ASP A 84 -14.82 -0.68 -3.71
C ASP A 84 -15.83 -1.81 -3.86
N TYR A 85 -15.85 -2.43 -5.03
CA TYR A 85 -16.82 -3.48 -5.32
C TYR A 85 -16.46 -4.76 -4.59
N PRO A 86 -17.48 -5.50 -4.09
CA PRO A 86 -17.28 -6.72 -3.29
C PRO A 86 -16.38 -7.74 -3.99
N ASP A 87 -16.38 -7.70 -5.31
CA ASP A 87 -15.58 -8.60 -6.13
C ASP A 87 -14.08 -8.44 -5.84
N VAL A 88 -13.63 -7.19 -5.75
CA VAL A 88 -12.22 -6.89 -5.52
C VAL A 88 -11.81 -7.29 -4.11
N LYS A 89 -12.73 -7.10 -3.17
CA LYS A 89 -12.45 -7.33 -1.76
C LYS A 89 -12.29 -8.82 -1.43
N GLU A 90 -12.49 -9.69 -2.43
CA GLU A 90 -12.21 -11.10 -2.24
C GLU A 90 -10.71 -11.35 -2.43
N HIS A 91 -10.15 -10.73 -3.45
CA HIS A 91 -8.74 -10.95 -3.79
C HIS A 91 -7.85 -9.99 -2.99
N LEU A 92 -8.39 -8.82 -2.68
CA LEU A 92 -7.67 -7.84 -1.89
C LEU A 92 -8.19 -7.84 -0.46
N PRO A 93 -7.37 -8.34 0.48
CA PRO A 93 -7.76 -8.47 1.89
C PRO A 93 -7.98 -7.11 2.56
N PHE A 94 -8.61 -7.15 3.73
CA PHE A 94 -8.89 -5.95 4.49
C PHE A 94 -7.74 -5.66 5.46
N SER A 95 -7.01 -6.72 5.79
CA SER A 95 -5.88 -6.62 6.69
C SER A 95 -4.92 -7.77 6.42
N LYS A 96 -3.76 -7.45 5.89
CA LYS A 96 -2.78 -8.48 5.55
C LYS A 96 -1.42 -8.10 6.12
N VAL A 97 -0.72 -9.08 6.68
CA VAL A 97 0.59 -8.82 7.25
C VAL A 97 1.64 -9.63 6.51
N LEU A 98 2.49 -8.93 5.79
CA LEU A 98 3.53 -9.57 5.01
C LEU A 98 4.77 -9.79 5.85
N LEU A 99 5.52 -10.82 5.51
CA LEU A 99 6.80 -11.07 6.12
C LEU A 99 7.87 -10.98 5.06
N VAL A 100 8.49 -9.81 4.97
CA VAL A 100 9.43 -9.53 3.91
C VAL A 100 10.84 -9.35 4.47
N GLU A 101 11.69 -10.34 4.22
CA GLU A 101 13.09 -10.30 4.62
C GLU A 101 13.25 -10.26 6.14
N GLY A 102 12.17 -10.60 6.84
CA GLY A 102 12.18 -10.57 8.28
C GLY A 102 11.33 -9.45 8.84
N VAL A 103 11.03 -8.47 8.00
CA VAL A 103 10.24 -7.32 8.40
C VAL A 103 8.75 -7.61 8.27
N THR A 104 7.99 -7.27 9.30
CA THR A 104 6.55 -7.46 9.29
C THR A 104 5.84 -6.23 8.72
N ILE A 105 4.98 -6.45 7.75
CA ILE A 105 4.28 -5.35 7.09
C ILE A 105 2.78 -5.51 7.27
N GLY A 106 2.24 -4.78 8.24
CA GLY A 106 0.82 -4.84 8.49
C GLY A 106 0.06 -3.84 7.65
N MET A 107 -0.59 -4.34 6.62
CA MET A 107 -1.36 -3.49 5.72
C MET A 107 -2.83 -3.61 6.06
N CYS A 108 -3.43 -2.52 6.51
CA CYS A 108 -4.80 -2.57 6.99
C CYS A 108 -5.53 -1.27 6.65
N HIS A 109 -6.85 -1.31 6.69
CA HIS A 109 -7.67 -0.14 6.42
C HIS A 109 -7.81 0.72 7.67
N GLY A 110 -6.93 1.71 7.80
CA GLY A 110 -6.91 2.56 8.97
C GLY A 110 -7.96 3.65 8.92
N TRP A 111 -9.21 3.29 9.16
CA TRP A 111 -10.28 4.27 9.23
C TRP A 111 -10.54 4.68 10.67
N GLY A 112 -9.65 5.51 11.20
CA GLY A 112 -9.79 5.98 12.57
C GLY A 112 -8.93 7.20 12.83
N ALA A 113 -9.07 7.75 14.03
CA ALA A 113 -8.28 8.91 14.43
C ALA A 113 -6.81 8.54 14.60
N PRO A 114 -5.90 9.51 14.38
CA PRO A 114 -4.45 9.28 14.49
C PRO A 114 -4.02 8.73 15.84
N TRP A 115 -4.87 8.89 16.85
CA TRP A 115 -4.58 8.40 18.18
C TRP A 115 -5.15 6.99 18.34
N ASP A 116 -6.44 6.86 18.02
CA ASP A 116 -7.16 5.59 18.20
C ASP A 116 -6.74 4.56 17.15
N LEU A 117 -6.00 5.04 16.15
CA LEU A 117 -5.46 4.17 15.10
C LEU A 117 -4.61 3.07 15.71
N LYS A 118 -3.77 3.46 16.68
CA LYS A 118 -2.92 2.51 17.40
C LYS A 118 -3.76 1.42 18.04
N ASP A 119 -4.81 1.84 18.74
CA ASP A 119 -5.71 0.95 19.45
C ASP A 119 -6.34 -0.07 18.51
N ARG A 120 -6.91 0.43 17.42
CA ARG A 120 -7.67 -0.43 16.52
C ARG A 120 -6.76 -1.36 15.72
N LEU A 121 -5.76 -0.80 15.04
CA LEU A 121 -4.92 -1.59 14.14
C LEU A 121 -4.20 -2.72 14.87
N LEU A 122 -3.56 -2.39 16.00
CA LEU A 122 -2.78 -3.39 16.73
C LEU A 122 -3.69 -4.39 17.45
N LYS A 123 -4.97 -4.08 17.49
CA LYS A 123 -5.96 -4.98 18.08
C LYS A 123 -6.41 -6.00 17.04
N VAL A 124 -6.31 -5.61 15.78
CA VAL A 124 -6.63 -6.49 14.67
C VAL A 124 -5.48 -7.45 14.40
N PHE A 125 -4.26 -6.93 14.54
CA PHE A 125 -3.06 -7.72 14.30
C PHE A 125 -2.79 -8.66 15.47
N ASN A 126 -2.27 -9.84 15.15
CA ASN A 126 -1.98 -10.86 16.15
C ASN A 126 -0.63 -10.59 16.81
N GLU A 127 0.36 -10.26 15.99
CA GLU A 127 1.70 -9.98 16.49
C GLU A 127 2.03 -8.50 16.31
N LYS A 128 3.24 -8.12 16.69
CA LYS A 128 3.70 -6.75 16.52
C LYS A 128 4.25 -6.53 15.12
N PRO A 129 3.57 -5.72 14.31
CA PRO A 129 4.04 -5.34 12.99
C PRO A 129 5.03 -4.18 13.09
N GLN A 130 6.25 -4.41 12.64
CA GLN A 130 7.28 -3.39 12.66
C GLN A 130 6.90 -2.24 11.74
N VAL A 131 6.36 -2.59 10.59
CA VAL A 131 5.90 -1.60 9.63
C VAL A 131 4.41 -1.79 9.35
N ILE A 132 3.64 -0.72 9.43
CA ILE A 132 2.23 -0.75 9.09
C ILE A 132 1.95 0.21 7.94
N LEU A 133 1.24 -0.28 6.93
CA LEU A 133 0.89 0.53 5.78
C LEU A 133 -0.60 0.83 5.78
N PHE A 134 -0.95 2.10 5.74
CA PHE A 134 -2.35 2.51 5.73
C PHE A 134 -2.53 3.76 4.88
N GLY A 135 -3.77 4.12 4.62
CA GLY A 135 -4.07 5.33 3.89
C GLY A 135 -5.11 6.16 4.59
N HIS A 136 -4.76 7.39 4.92
CA HIS A 136 -5.68 8.29 5.61
C HIS A 136 -5.21 9.74 5.49
N THR A 137 -3.90 9.92 5.54
CA THR A 137 -3.30 11.23 5.43
C THR A 137 -2.91 11.52 3.98
N HIS A 138 -2.96 12.78 3.58
CA HIS A 138 -2.63 13.15 2.20
C HIS A 138 -1.12 13.20 2.00
N GLU A 139 -0.44 13.86 2.94
CA GLU A 139 1.00 13.98 2.89
C GLU A 139 1.67 12.74 3.48
N PRO A 140 2.92 12.45 3.08
CA PRO A 140 3.69 11.33 3.62
C PRO A 140 4.03 11.56 5.09
N GLU A 141 3.73 10.58 5.91
CA GLU A 141 3.98 10.68 7.34
C GLU A 141 4.38 9.33 7.92
N ASP A 142 5.37 9.34 8.81
CA ASP A 142 5.77 8.14 9.53
C ASP A 142 5.56 8.36 11.01
N THR A 143 4.88 7.43 11.65
CA THR A 143 4.56 7.58 13.05
C THR A 143 4.97 6.34 13.84
N VAL A 144 5.91 6.51 14.75
CA VAL A 144 6.34 5.42 15.61
C VAL A 144 5.90 5.71 17.05
N LYS A 145 5.05 4.85 17.59
CA LYS A 145 4.48 5.08 18.90
C LYS A 145 4.71 3.89 19.82
N ALA A 146 3.96 2.82 19.59
CA ALA A 146 4.05 1.63 20.44
C ALA A 146 5.17 0.71 19.96
N GLY A 147 6.23 1.30 19.41
CA GLY A 147 7.30 0.52 18.83
C GLY A 147 6.96 0.14 17.39
N VAL A 148 5.75 0.46 16.99
CA VAL A 148 5.27 0.20 15.65
C VAL A 148 5.38 1.46 14.80
N ARG A 149 5.87 1.31 13.58
CA ARG A 149 6.01 2.44 12.69
C ARG A 149 4.89 2.42 11.65
N PHE A 150 3.93 3.31 11.81
CA PHE A 150 2.83 3.45 10.87
C PHE A 150 3.25 4.36 9.72
N LEU A 151 3.19 3.85 8.50
CA LEU A 151 3.60 4.62 7.33
C LEU A 151 2.39 4.99 6.49
N ASN A 152 2.24 6.29 6.25
CA ASN A 152 1.19 6.78 5.37
C ASN A 152 1.79 7.41 4.12
N PRO A 153 1.60 6.78 2.96
CA PRO A 153 2.03 7.32 1.67
C PRO A 153 0.97 8.24 1.06
N GLY A 154 1.37 9.03 0.06
CA GLY A 154 0.46 9.98 -0.54
C GLY A 154 -0.31 9.38 -1.70
N SER A 155 -1.60 9.73 -1.79
CA SER A 155 -2.47 9.22 -2.85
C SER A 155 -1.94 9.62 -4.24
N LEU A 156 -2.34 8.85 -5.25
CA LEU A 156 -1.83 9.03 -6.62
C LEU A 156 -2.30 10.34 -7.25
N ALA A 157 -3.14 11.09 -6.57
CA ALA A 157 -3.69 12.32 -7.13
C ALA A 157 -2.78 13.51 -6.87
N GLU A 158 -2.53 13.81 -5.60
CA GLU A 158 -1.72 14.97 -5.23
C GLU A 158 -0.56 14.58 -4.32
N GLY A 159 -0.44 13.29 -4.04
CA GLY A 159 0.55 12.85 -3.08
C GLY A 159 1.72 12.15 -3.73
N SER A 160 2.72 11.84 -2.93
CA SER A 160 3.91 11.15 -3.40
C SER A 160 3.82 9.66 -3.12
N TYR A 161 4.17 8.85 -4.10
CA TYR A 161 4.10 7.40 -3.97
C TYR A 161 5.35 6.86 -3.32
N ALA A 162 5.40 5.55 -3.08
CA ALA A 162 6.52 4.96 -2.38
C ALA A 162 7.19 3.87 -3.20
N VAL A 163 8.51 3.89 -3.22
CA VAL A 163 9.29 2.84 -3.85
C VAL A 163 10.17 2.18 -2.80
N LEU A 164 9.99 0.89 -2.60
CA LEU A 164 10.76 0.16 -1.60
C LEU A 164 11.73 -0.80 -2.25
N GLU A 165 13.00 -0.50 -2.13
CA GLU A 165 14.04 -1.34 -2.69
C GLU A 165 14.64 -2.25 -1.62
N LEU A 166 14.78 -3.52 -1.94
CA LEU A 166 15.39 -4.49 -1.04
C LEU A 166 16.80 -4.81 -1.51
N ASP A 167 17.76 -4.23 -0.83
CA ASP A 167 19.16 -4.44 -1.16
C ASP A 167 19.96 -4.69 0.11
N GLY A 168 20.76 -5.75 0.09
CA GLY A 168 21.51 -6.14 1.28
C GLY A 168 20.62 -6.63 2.40
N GLY A 169 19.35 -6.86 2.08
CA GLY A 169 18.41 -7.36 3.06
C GLY A 169 17.59 -6.26 3.71
N GLU A 170 18.01 -5.02 3.53
CA GLU A 170 17.32 -3.89 4.12
C GLU A 170 16.33 -3.28 3.15
N VAL A 171 15.37 -2.55 3.71
CA VAL A 171 14.31 -1.94 2.92
C VAL A 171 14.58 -0.46 2.69
N ARG A 172 14.35 0.01 1.48
CA ARG A 172 14.56 1.41 1.14
C ARG A 172 13.23 2.11 0.92
N PHE A 173 12.77 2.82 1.94
CA PHE A 173 11.53 3.57 1.86
C PHE A 173 11.76 4.93 1.20
N GLU A 174 11.35 5.07 -0.05
CA GLU A 174 11.45 6.35 -0.74
C GLU A 174 10.08 6.89 -1.11
N LEU A 175 9.83 8.14 -0.75
CA LEU A 175 8.59 8.81 -1.13
C LEU A 175 8.88 9.76 -2.30
N LYS A 176 8.42 9.39 -3.48
CA LYS A 176 8.73 10.16 -4.69
C LYS A 176 7.53 11.01 -5.10
N THR A 177 7.78 12.28 -5.33
CA THR A 177 6.72 13.27 -5.50
C THR A 177 6.13 13.26 -6.91
N LEU A 178 4.84 13.53 -6.97
CA LEU A 178 4.11 13.60 -8.23
C LEU A 178 3.50 14.98 -8.39
N VAL A 22 19.27 -6.83 -3.61
CA VAL A 22 18.49 -5.58 -3.75
C VAL A 22 17.13 -5.88 -4.36
N LYS A 23 16.10 -5.88 -3.53
CA LYS A 23 14.75 -6.11 -3.99
C LYS A 23 13.95 -4.82 -3.94
N ARG A 24 13.12 -4.59 -4.93
CA ARG A 24 12.33 -3.37 -4.97
C ARG A 24 10.86 -3.66 -5.14
N PHE A 25 10.08 -3.27 -4.14
CA PHE A 25 8.65 -3.45 -4.17
C PHE A 25 7.96 -2.11 -4.40
N LEU A 26 7.05 -2.08 -5.36
CA LEU A 26 6.36 -0.86 -5.72
C LEU A 26 5.10 -0.69 -4.90
N LEU A 27 5.08 0.32 -4.04
CA LEU A 27 3.92 0.57 -3.19
C LEU A 27 3.04 1.67 -3.78
N ILE A 28 1.89 1.27 -4.30
CA ILE A 28 0.89 2.22 -4.76
C ILE A 28 -0.20 2.34 -3.70
N SER A 29 -0.57 3.57 -3.38
CA SER A 29 -1.58 3.79 -2.35
C SER A 29 -2.98 3.63 -2.95
N ASP A 30 -3.98 4.03 -2.19
CA ASP A 30 -5.38 3.88 -2.58
C ASP A 30 -5.69 4.67 -3.84
N SER A 31 -6.27 3.98 -4.81
CA SER A 31 -6.70 4.60 -6.04
C SER A 31 -8.20 4.85 -5.99
N HIS A 32 -8.65 5.82 -6.77
CA HIS A 32 -10.05 6.21 -6.81
C HIS A 32 -10.50 6.32 -8.24
N VAL A 33 -9.80 5.62 -9.12
CA VAL A 33 -10.07 5.69 -10.54
C VAL A 33 -10.57 4.33 -11.05
N PRO A 34 -11.49 4.35 -12.02
CA PRO A 34 -12.13 5.56 -12.52
C PRO A 34 -13.46 5.86 -11.81
N VAL A 35 -13.39 6.69 -10.77
CA VAL A 35 -14.58 7.12 -10.06
C VAL A 35 -14.49 8.59 -9.73
N ARG A 36 -13.61 8.91 -8.78
CA ARG A 36 -13.39 10.29 -8.38
C ARG A 36 -11.90 10.61 -8.50
N MET A 37 -11.44 10.76 -9.73
CA MET A 37 -10.06 11.11 -10.00
C MET A 37 -9.85 11.30 -11.50
N ALA A 38 -9.68 10.17 -12.20
CA ALA A 38 -9.38 10.18 -13.63
C ALA A 38 -8.10 10.96 -13.93
N SER A 39 -7.33 11.22 -12.87
CA SER A 39 -6.12 12.01 -12.97
C SER A 39 -4.91 11.19 -12.53
N LEU A 40 -4.95 9.89 -12.79
CA LEU A 40 -3.88 9.00 -12.40
C LEU A 40 -2.84 8.91 -13.52
N PRO A 41 -1.59 9.29 -13.23
CA PRO A 41 -0.50 9.29 -14.21
C PRO A 41 -0.10 7.87 -14.63
N ASP A 42 -0.09 7.63 -15.94
CA ASP A 42 0.21 6.32 -16.49
C ASP A 42 1.67 5.91 -16.24
N GLU A 43 2.48 6.87 -15.81
CA GLU A 43 3.89 6.63 -15.52
C GLU A 43 4.07 5.54 -14.48
N ILE A 44 3.19 5.54 -13.48
CA ILE A 44 3.28 4.56 -12.39
C ILE A 44 2.97 3.16 -12.92
N LEU A 45 2.14 3.10 -13.95
CA LEU A 45 1.72 1.84 -14.52
C LEU A 45 2.82 1.25 -15.41
N ASN A 46 3.83 2.07 -15.71
CA ASN A 46 4.94 1.62 -16.53
C ASN A 46 6.00 0.94 -15.68
N SER A 47 6.05 1.32 -14.41
CA SER A 47 7.05 0.82 -13.47
C SER A 47 6.84 -0.66 -13.13
N LEU A 48 5.73 -1.22 -13.61
CA LEU A 48 5.40 -2.63 -13.38
C LEU A 48 6.50 -3.55 -13.92
N LYS A 49 7.23 -3.08 -14.92
CA LYS A 49 8.24 -3.91 -15.59
C LYS A 49 9.57 -3.87 -14.85
N GLU A 50 9.67 -3.00 -13.85
CA GLU A 50 10.96 -2.70 -13.24
C GLU A 50 11.10 -3.32 -11.85
N TYR A 51 9.99 -3.62 -11.21
CA TYR A 51 10.04 -4.06 -9.81
C TYR A 51 9.61 -5.51 -9.67
N ASP A 52 10.07 -6.13 -8.60
CA ASP A 52 9.81 -7.54 -8.34
C ASP A 52 8.34 -7.77 -8.06
N GLY A 53 7.82 -7.04 -7.08
CA GLY A 53 6.43 -7.15 -6.72
C GLY A 53 5.81 -5.80 -6.49
N VAL A 54 4.50 -5.73 -6.59
CA VAL A 54 3.78 -4.48 -6.41
C VAL A 54 2.74 -4.61 -5.30
N ILE A 55 2.69 -3.60 -4.44
CA ILE A 55 1.75 -3.58 -3.34
C ILE A 55 0.76 -2.44 -3.52
N GLY A 56 -0.51 -2.75 -3.41
CA GLY A 56 -1.54 -1.73 -3.54
C GLY A 56 -2.41 -1.66 -2.31
N LEU A 57 -2.39 -0.52 -1.63
CA LEU A 57 -3.20 -0.31 -0.43
C LEU A 57 -4.62 0.10 -0.81
N GLY A 58 -4.96 -0.19 -2.05
CA GLY A 58 -6.25 0.17 -2.59
C GLY A 58 -6.15 0.32 -4.09
N ASP A 59 -6.28 -0.79 -4.80
CA ASP A 59 -6.07 -0.80 -6.24
C ASP A 59 -7.25 -0.14 -6.98
N TYR A 60 -7.31 -0.35 -8.28
CA TYR A 60 -8.35 0.25 -9.10
C TYR A 60 -9.70 -0.35 -8.77
N VAL A 61 -10.76 0.44 -8.92
CA VAL A 61 -12.09 -0.02 -8.55
C VAL A 61 -12.60 -1.12 -9.48
N ASP A 62 -11.97 -1.26 -10.64
CA ASP A 62 -12.35 -2.29 -11.59
C ASP A 62 -11.51 -3.53 -11.40
N LEU A 63 -12.16 -4.67 -11.21
CA LEU A 63 -11.47 -5.93 -10.99
C LEU A 63 -10.66 -6.30 -12.22
N ASP A 64 -11.18 -5.96 -13.39
CA ASP A 64 -10.49 -6.23 -14.65
C ASP A 64 -9.13 -5.54 -14.66
N THR A 65 -9.06 -4.37 -14.04
CA THR A 65 -7.81 -3.63 -13.96
C THR A 65 -6.90 -4.22 -12.88
N VAL A 66 -7.51 -4.77 -11.83
CA VAL A 66 -6.75 -5.49 -10.80
C VAL A 66 -6.03 -6.68 -11.44
N ILE A 67 -6.73 -7.36 -12.33
CA ILE A 67 -6.16 -8.46 -13.09
C ILE A 67 -5.07 -7.95 -14.02
N LEU A 68 -5.26 -6.74 -14.54
CA LEU A 68 -4.25 -6.09 -15.35
C LEU A 68 -3.00 -5.86 -14.52
N LEU A 69 -3.20 -5.55 -13.24
CA LEU A 69 -2.09 -5.33 -12.32
C LEU A 69 -1.41 -6.65 -11.99
N GLU A 70 -2.22 -7.67 -11.76
CA GLU A 70 -1.71 -9.00 -11.44
C GLU A 70 -1.07 -9.65 -12.67
N LYS A 71 -1.41 -9.12 -13.85
CA LYS A 71 -0.85 -9.62 -15.10
C LYS A 71 0.56 -9.07 -15.29
N PHE A 72 0.71 -7.77 -15.07
CA PHE A 72 2.02 -7.13 -15.15
C PHE A 72 2.85 -7.49 -13.94
N SER A 73 2.31 -7.24 -12.77
CA SER A 73 2.97 -7.64 -11.53
C SER A 73 2.48 -9.03 -11.13
N LYS A 74 3.28 -10.03 -11.45
CA LYS A 74 2.97 -11.42 -11.13
C LYS A 74 2.72 -11.59 -9.63
N GLU A 75 3.47 -10.84 -8.84
CA GLU A 75 3.33 -10.89 -7.40
C GLU A 75 2.74 -9.58 -6.88
N PHE A 76 1.42 -9.48 -6.96
CA PHE A 76 0.71 -8.28 -6.53
C PHE A 76 0.09 -8.49 -5.15
N TYR A 77 0.42 -7.60 -4.23
CA TYR A 77 -0.12 -7.66 -2.89
C TYR A 77 -1.13 -6.53 -2.71
N GLY A 78 -2.38 -6.89 -2.46
CA GLY A 78 -3.42 -5.88 -2.38
C GLY A 78 -4.08 -5.82 -1.03
N VAL A 79 -4.44 -4.62 -0.62
CA VAL A 79 -5.18 -4.40 0.62
C VAL A 79 -6.40 -3.54 0.35
N HIS A 80 -7.50 -3.81 1.05
CA HIS A 80 -8.75 -3.13 0.80
C HIS A 80 -8.95 -1.98 1.78
N GLY A 81 -8.93 -0.76 1.27
CA GLY A 81 -9.15 0.40 2.12
C GLY A 81 -9.74 1.57 1.36
N ASN A 82 -10.38 1.28 0.25
CA ASN A 82 -10.96 2.31 -0.60
C ASN A 82 -12.36 1.90 -1.05
N MET A 83 -13.05 2.81 -1.74
CA MET A 83 -14.38 2.54 -2.27
C MET A 83 -14.28 2.01 -3.69
N ASP A 84 -14.77 0.81 -3.90
CA ASP A 84 -14.56 0.08 -5.14
C ASP A 84 -15.74 -0.84 -5.44
N TYR A 85 -15.61 -1.64 -6.48
CA TYR A 85 -16.61 -2.63 -6.81
C TYR A 85 -16.43 -3.87 -5.94
N PRO A 86 -17.53 -4.53 -5.56
CA PRO A 86 -17.51 -5.70 -4.65
C PRO A 86 -16.62 -6.84 -5.15
N ASP A 87 -16.36 -6.85 -6.45
CA ASP A 87 -15.56 -7.92 -7.07
C ASP A 87 -14.09 -7.84 -6.67
N VAL A 88 -13.63 -6.63 -6.36
CA VAL A 88 -12.23 -6.42 -5.99
C VAL A 88 -11.95 -6.94 -4.58
N LYS A 89 -13.02 -7.10 -3.80
CA LYS A 89 -12.94 -7.60 -2.44
C LYS A 89 -12.20 -8.93 -2.37
N GLU A 90 -12.39 -9.76 -3.39
CA GLU A 90 -11.80 -11.09 -3.42
C GLU A 90 -10.28 -11.04 -3.60
N HIS A 91 -9.79 -9.99 -4.25
CA HIS A 91 -8.36 -9.84 -4.47
C HIS A 91 -7.71 -8.96 -3.41
N LEU A 92 -8.49 -8.02 -2.87
CA LEU A 92 -7.96 -7.13 -1.85
C LEU A 92 -8.61 -7.42 -0.49
N PRO A 93 -7.90 -8.13 0.39
CA PRO A 93 -8.36 -8.32 1.77
C PRO A 93 -8.28 -7.02 2.56
N PHE A 94 -9.15 -6.87 3.55
CA PHE A 94 -9.23 -5.62 4.31
C PHE A 94 -7.93 -5.31 5.06
N SER A 95 -7.16 -6.34 5.31
CA SER A 95 -5.85 -6.18 5.95
C SER A 95 -4.93 -7.34 5.54
N LYS A 96 -3.67 -7.05 5.32
CA LYS A 96 -2.71 -8.05 4.89
C LYS A 96 -1.34 -7.80 5.51
N VAL A 97 -0.79 -8.80 6.18
CA VAL A 97 0.52 -8.66 6.81
C VAL A 97 1.54 -9.54 6.11
N LEU A 98 2.49 -8.90 5.44
CA LEU A 98 3.52 -9.63 4.71
C LEU A 98 4.70 -9.96 5.60
N LEU A 99 5.29 -11.10 5.37
CA LEU A 99 6.55 -11.46 6.00
C LEU A 99 7.65 -11.50 4.95
N VAL A 100 8.39 -10.41 4.85
CA VAL A 100 9.41 -10.27 3.83
C VAL A 100 10.79 -10.29 4.47
N GLU A 101 11.37 -11.48 4.54
CA GLU A 101 12.71 -11.68 5.12
C GLU A 101 12.83 -11.06 6.50
N GLY A 102 12.05 -11.56 7.44
CA GLY A 102 12.13 -11.08 8.82
C GLY A 102 11.40 -9.77 9.04
N VAL A 103 10.96 -9.14 7.96
CA VAL A 103 10.24 -7.88 8.06
C VAL A 103 8.73 -8.11 7.95
N THR A 104 8.02 -7.82 9.01
CA THR A 104 6.57 -7.91 9.02
C THR A 104 5.96 -6.61 8.53
N ILE A 105 5.09 -6.71 7.54
CA ILE A 105 4.50 -5.53 6.92
C ILE A 105 2.99 -5.56 7.10
N GLY A 106 2.52 -4.93 8.16
CA GLY A 106 1.10 -4.88 8.43
C GLY A 106 0.42 -3.82 7.61
N MET A 107 -0.15 -4.22 6.49
CA MET A 107 -0.77 -3.28 5.58
C MET A 107 -2.27 -3.21 5.85
N CYS A 108 -2.74 -2.03 6.21
CA CYS A 108 -4.14 -1.83 6.52
C CYS A 108 -4.53 -0.38 6.27
N HIS A 109 -5.27 -0.15 5.20
CA HIS A 109 -5.70 1.20 4.85
C HIS A 109 -7.05 1.51 5.49
N GLY A 110 -7.04 1.64 6.81
CA GLY A 110 -8.27 1.89 7.54
C GLY A 110 -8.62 3.37 7.58
N TRP A 111 -9.75 3.67 8.21
CA TRP A 111 -10.21 5.05 8.33
C TRP A 111 -10.62 5.33 9.77
N GLY A 112 -10.33 6.54 10.23
CA GLY A 112 -10.67 6.92 11.59
C GLY A 112 -9.68 7.92 12.16
N ALA A 113 -9.81 8.21 13.44
CA ALA A 113 -8.92 9.16 14.11
C ALA A 113 -7.56 8.52 14.40
N PRO A 114 -6.47 9.31 14.33
CA PRO A 114 -5.12 8.81 14.55
C PRO A 114 -4.86 8.41 16.00
N TRP A 115 -5.79 8.76 16.89
CA TRP A 115 -5.63 8.47 18.31
C TRP A 115 -5.71 6.96 18.56
N ASP A 116 -6.68 6.32 17.93
CA ASP A 116 -6.90 4.89 18.10
C ASP A 116 -6.12 4.10 17.05
N LEU A 117 -5.23 4.78 16.34
CA LEU A 117 -4.45 4.15 15.29
C LEU A 117 -3.64 2.99 15.86
N LYS A 118 -2.94 3.27 16.96
CA LYS A 118 -2.13 2.27 17.64
C LYS A 118 -3.00 1.12 18.13
N ASP A 119 -4.07 1.47 18.84
CA ASP A 119 -4.93 0.49 19.48
C ASP A 119 -5.56 -0.46 18.46
N ARG A 120 -6.20 0.11 17.44
CA ARG A 120 -6.91 -0.70 16.45
C ARG A 120 -5.95 -1.55 15.64
N LEU A 121 -4.85 -0.97 15.16
CA LEU A 121 -3.92 -1.70 14.31
C LEU A 121 -3.25 -2.84 15.07
N LEU A 122 -2.95 -2.61 16.34
CA LEU A 122 -2.33 -3.65 17.17
C LEU A 122 -3.37 -4.67 17.64
N LYS A 123 -4.64 -4.30 17.53
CA LYS A 123 -5.72 -5.21 17.89
C LYS A 123 -6.06 -6.10 16.70
N VAL A 124 -5.96 -5.55 15.50
CA VAL A 124 -6.14 -6.31 14.29
C VAL A 124 -4.93 -7.19 14.05
N PHE A 125 -3.75 -6.62 14.23
CA PHE A 125 -2.51 -7.37 14.12
C PHE A 125 -1.95 -7.65 15.50
N ASN A 126 -2.38 -8.75 16.10
CA ASN A 126 -2.04 -9.08 17.47
C ASN A 126 -0.59 -9.49 17.60
N GLU A 127 0.02 -9.88 16.49
CA GLU A 127 1.40 -10.32 16.49
C GLU A 127 2.34 -9.12 16.57
N LYS A 128 1.78 -7.94 16.31
CA LYS A 128 2.54 -6.69 16.26
C LYS A 128 3.54 -6.71 15.11
N PRO A 129 3.19 -6.08 13.99
CA PRO A 129 4.09 -5.93 12.86
C PRO A 129 5.12 -4.83 13.13
N GLN A 130 6.33 -5.04 12.64
CA GLN A 130 7.40 -4.07 12.82
C GLN A 130 7.14 -2.86 11.92
N VAL A 131 6.71 -3.13 10.70
CA VAL A 131 6.37 -2.08 9.76
C VAL A 131 4.90 -2.16 9.41
N ILE A 132 4.20 -1.04 9.50
CA ILE A 132 2.78 -0.99 9.16
C ILE A 132 2.52 0.09 8.11
N LEU A 133 1.84 -0.30 7.04
CA LEU A 133 1.50 0.64 5.98
C LEU A 133 0.06 1.09 6.14
N PHE A 134 -0.13 2.39 6.32
CA PHE A 134 -1.45 2.94 6.59
C PHE A 134 -1.67 4.23 5.81
N GLY A 135 -2.80 4.88 6.07
CA GLY A 135 -3.09 6.16 5.46
C GLY A 135 -3.92 7.02 6.39
N HIS A 136 -3.79 8.33 6.28
CA HIS A 136 -4.58 9.24 7.10
C HIS A 136 -5.11 10.39 6.24
N THR A 137 -5.86 11.29 6.86
CA THR A 137 -6.58 12.33 6.16
C THR A 137 -5.67 13.46 5.65
N HIS A 138 -4.35 13.26 5.69
CA HIS A 138 -3.42 14.29 5.26
C HIS A 138 -2.20 13.66 4.60
N GLU A 139 -1.20 14.49 4.31
CA GLU A 139 -0.03 14.10 3.52
C GLU A 139 0.76 12.97 4.17
N PRO A 140 1.51 12.21 3.36
CA PRO A 140 2.37 11.10 3.79
C PRO A 140 3.24 11.45 4.99
N GLU A 141 3.46 10.48 5.86
CA GLU A 141 4.22 10.69 7.09
C GLU A 141 4.61 9.35 7.71
N ASP A 142 5.80 9.29 8.30
CA ASP A 142 6.23 8.12 9.04
C ASP A 142 6.09 8.39 10.53
N THR A 143 5.55 7.42 11.26
CA THR A 143 5.28 7.60 12.68
C THR A 143 5.68 6.38 13.48
N VAL A 144 5.90 6.55 14.77
CA VAL A 144 6.21 5.43 15.65
C VAL A 144 5.37 5.50 16.91
N LYS A 145 4.51 4.50 17.08
CA LYS A 145 3.67 4.40 18.27
C LYS A 145 3.86 3.04 18.92
N ALA A 146 4.20 3.03 20.20
CA ALA A 146 4.43 1.81 20.97
C ALA A 146 5.63 1.02 20.44
N GLY A 147 6.39 1.63 19.54
CA GLY A 147 7.55 0.97 18.97
C GLY A 147 7.30 0.47 17.56
N VAL A 148 6.07 0.63 17.09
CA VAL A 148 5.71 0.21 15.75
C VAL A 148 5.93 1.36 14.77
N ARG A 149 6.55 1.06 13.64
CA ARG A 149 6.86 2.06 12.65
C ARG A 149 5.78 2.08 11.57
N PHE A 150 4.95 3.10 11.61
CA PHE A 150 3.85 3.24 10.66
C PHE A 150 4.27 4.14 9.51
N LEU A 151 4.11 3.63 8.29
CA LEU A 151 4.51 4.38 7.11
C LEU A 151 3.28 4.72 6.26
N ASN A 152 3.07 6.01 6.04
CA ASN A 152 2.01 6.47 5.15
C ASN A 152 2.59 7.02 3.86
N PRO A 153 2.30 6.37 2.72
CA PRO A 153 2.71 6.86 1.41
C PRO A 153 1.74 7.90 0.85
N GLY A 154 2.18 8.63 -0.18
CA GLY A 154 1.31 9.58 -0.84
C GLY A 154 0.27 8.87 -1.71
N SER A 155 -0.86 9.52 -1.92
CA SER A 155 -1.95 8.90 -2.68
C SER A 155 -1.70 9.03 -4.18
N LEU A 156 -2.38 8.17 -4.95
CA LEU A 156 -2.25 8.18 -6.40
C LEU A 156 -2.97 9.37 -7.01
N ALA A 157 -3.59 10.18 -6.16
CA ALA A 157 -4.29 11.38 -6.60
C ALA A 157 -3.41 12.61 -6.46
N GLU A 158 -2.28 12.45 -5.78
CA GLU A 158 -1.34 13.54 -5.57
C GLU A 158 -0.16 13.44 -6.54
N GLY A 159 -0.12 12.36 -7.29
CA GLY A 159 0.95 12.14 -8.24
C GLY A 159 2.25 11.75 -7.56
N SER A 160 2.13 10.93 -6.53
CA SER A 160 3.28 10.45 -5.80
C SER A 160 3.12 8.98 -5.46
N TYR A 161 4.22 8.25 -5.45
CA TYR A 161 4.19 6.83 -5.10
C TYR A 161 5.40 6.48 -4.24
N ALA A 162 5.31 5.38 -3.52
CA ALA A 162 6.37 5.01 -2.60
C ALA A 162 7.05 3.73 -3.05
N VAL A 163 8.36 3.78 -3.19
CA VAL A 163 9.12 2.61 -3.56
C VAL A 163 9.81 2.04 -2.34
N LEU A 164 9.52 0.78 -2.02
CA LEU A 164 10.16 0.13 -0.90
C LEU A 164 11.36 -0.65 -1.39
N GLU A 165 12.52 -0.07 -1.19
CA GLU A 165 13.75 -0.67 -1.65
C GLU A 165 14.40 -1.47 -0.52
N LEU A 166 14.55 -2.76 -0.74
CA LEU A 166 15.28 -3.61 0.19
C LEU A 166 16.72 -3.64 -0.26
N ASP A 167 17.49 -2.71 0.26
CA ASP A 167 18.87 -2.54 -0.15
C ASP A 167 19.78 -2.82 1.03
N GLY A 168 20.79 -3.66 0.79
CA GLY A 168 21.62 -4.16 1.87
C GLY A 168 20.88 -5.09 2.80
N GLY A 169 19.82 -4.57 3.41
CA GLY A 169 18.98 -5.37 4.27
C GLY A 169 18.08 -4.50 5.12
N GLU A 170 17.68 -3.37 4.55
CA GLU A 170 16.87 -2.40 5.28
C GLU A 170 15.61 -2.07 4.51
N VAL A 171 14.59 -1.62 5.22
CA VAL A 171 13.35 -1.20 4.61
C VAL A 171 13.45 0.27 4.22
N ARG A 172 13.82 0.52 2.97
CA ARG A 172 14.06 1.86 2.50
C ARG A 172 12.92 2.32 1.60
N PHE A 173 11.93 2.98 2.19
CA PHE A 173 10.82 3.48 1.42
C PHE A 173 11.11 4.91 0.96
N GLU A 174 11.08 5.11 -0.34
CA GLU A 174 11.28 6.43 -0.91
C GLU A 174 10.03 6.91 -1.62
N LEU A 175 9.57 8.09 -1.26
CA LEU A 175 8.39 8.66 -1.91
C LEU A 175 8.82 9.48 -3.11
N LYS A 176 8.48 9.00 -4.28
CA LYS A 176 8.93 9.62 -5.52
C LYS A 176 7.74 10.13 -6.30
N THR A 177 7.92 11.25 -7.00
CA THR A 177 6.82 11.93 -7.64
C THR A 177 6.68 11.55 -9.11
N LEU A 178 5.46 11.61 -9.60
CA LEU A 178 5.15 11.33 -10.99
C LEU A 178 5.08 12.63 -11.78
N VAL A 22 19.20 -6.29 -5.66
CA VAL A 22 18.38 -5.27 -4.96
C VAL A 22 16.93 -5.39 -5.41
N LYS A 23 16.07 -5.81 -4.50
CA LYS A 23 14.66 -5.93 -4.79
C LYS A 23 13.96 -4.60 -4.61
N ARG A 24 13.19 -4.22 -5.60
CA ARG A 24 12.48 -2.94 -5.57
C ARG A 24 10.98 -3.19 -5.46
N PHE A 25 10.39 -2.74 -4.37
CA PHE A 25 8.96 -2.91 -4.17
C PHE A 25 8.20 -1.62 -4.42
N LEU A 26 7.22 -1.70 -5.30
CA LEU A 26 6.40 -0.55 -5.65
C LEU A 26 5.21 -0.47 -4.71
N LEU A 27 4.94 0.72 -4.19
CA LEU A 27 3.80 0.92 -3.32
C LEU A 27 2.86 1.98 -3.88
N ILE A 28 1.68 1.54 -4.28
CA ILE A 28 0.65 2.47 -4.72
C ILE A 28 -0.37 2.65 -3.59
N SER A 29 -0.64 3.90 -3.25
CA SER A 29 -1.50 4.23 -2.12
C SER A 29 -2.97 3.99 -2.46
N ASP A 30 -3.86 4.42 -1.56
CA ASP A 30 -5.30 4.22 -1.73
C ASP A 30 -5.80 4.92 -2.98
N SER A 31 -6.06 4.15 -4.01
CA SER A 31 -6.50 4.68 -5.28
C SER A 31 -8.01 4.61 -5.40
N HIS A 32 -8.57 5.51 -6.21
CA HIS A 32 -9.99 5.56 -6.45
C HIS A 32 -10.22 5.73 -7.94
N VAL A 33 -9.82 4.72 -8.70
CA VAL A 33 -9.92 4.78 -10.16
C VAL A 33 -10.84 3.69 -10.68
N PRO A 34 -11.79 4.06 -11.55
CA PRO A 34 -12.03 5.45 -11.94
C PRO A 34 -12.76 6.24 -10.87
N VAL A 35 -13.88 5.69 -10.39
CA VAL A 35 -14.73 6.35 -9.38
C VAL A 35 -15.02 7.80 -9.76
N ARG A 36 -14.20 8.73 -9.27
CA ARG A 36 -14.26 10.11 -9.70
C ARG A 36 -12.91 10.79 -9.47
N MET A 37 -11.87 9.98 -9.47
CA MET A 37 -10.51 10.48 -9.33
C MET A 37 -9.79 10.31 -10.65
N ALA A 38 -9.39 9.06 -10.93
CA ALA A 38 -8.77 8.68 -12.20
C ALA A 38 -7.43 9.36 -12.44
N SER A 39 -7.05 10.30 -11.57
CA SER A 39 -5.79 11.00 -11.72
C SER A 39 -4.63 10.15 -11.21
N LEU A 40 -4.49 8.98 -11.83
CA LEU A 40 -3.40 8.08 -11.52
C LEU A 40 -2.42 8.08 -12.70
N PRO A 41 -1.21 8.60 -12.48
CA PRO A 41 -0.18 8.72 -13.53
C PRO A 41 0.10 7.39 -14.23
N ASP A 42 -0.12 7.39 -15.54
CA ASP A 42 0.06 6.19 -16.36
C ASP A 42 1.48 5.67 -16.31
N GLU A 43 2.42 6.60 -16.12
CA GLU A 43 3.83 6.24 -16.09
C GLU A 43 4.15 5.34 -14.92
N ILE A 44 3.33 5.41 -13.87
CA ILE A 44 3.51 4.57 -12.70
C ILE A 44 3.19 3.12 -13.07
N LEU A 45 2.25 2.96 -13.99
CA LEU A 45 1.79 1.66 -14.42
C LEU A 45 2.80 1.03 -15.37
N ASN A 46 3.41 1.86 -16.20
CA ASN A 46 4.42 1.40 -17.15
C ASN A 46 5.69 0.99 -16.44
N SER A 47 5.92 1.58 -15.27
CA SER A 47 7.14 1.32 -14.51
C SER A 47 7.03 0.02 -13.70
N LEU A 48 5.90 -0.68 -13.84
CA LEU A 48 5.70 -1.96 -13.16
C LEU A 48 6.82 -2.94 -13.49
N LYS A 49 7.37 -2.82 -14.68
CA LYS A 49 8.41 -3.73 -15.18
C LYS A 49 9.74 -3.47 -14.48
N GLU A 50 9.87 -2.31 -13.86
CA GLU A 50 11.12 -1.90 -13.25
C GLU A 50 11.17 -2.23 -11.76
N TYR A 51 10.14 -2.91 -11.28
CA TYR A 51 10.10 -3.34 -9.90
C TYR A 51 10.02 -4.85 -9.82
N ASP A 52 10.18 -5.39 -8.63
CA ASP A 52 10.17 -6.83 -8.43
C ASP A 52 8.85 -7.25 -7.80
N GLY A 53 8.56 -6.66 -6.66
CA GLY A 53 7.29 -6.91 -5.99
C GLY A 53 6.50 -5.63 -5.90
N VAL A 54 5.18 -5.73 -5.97
CA VAL A 54 4.34 -4.55 -5.94
C VAL A 54 3.23 -4.69 -4.91
N ILE A 55 3.01 -3.63 -4.13
CA ILE A 55 1.94 -3.62 -3.15
C ILE A 55 0.90 -2.56 -3.50
N GLY A 56 -0.35 -2.99 -3.59
CA GLY A 56 -1.42 -2.06 -3.82
C GLY A 56 -2.29 -1.91 -2.58
N LEU A 57 -2.12 -0.80 -1.87
CA LEU A 57 -2.96 -0.50 -0.72
C LEU A 57 -4.34 -0.09 -1.21
N GLY A 58 -4.35 0.50 -2.40
CA GLY A 58 -5.57 0.83 -3.08
C GLY A 58 -5.39 0.68 -4.57
N ASP A 59 -6.01 -0.33 -5.14
CA ASP A 59 -5.85 -0.64 -6.55
C ASP A 59 -7.00 -0.08 -7.37
N TYR A 60 -7.27 -0.69 -8.51
CA TYR A 60 -8.33 -0.24 -9.39
C TYR A 60 -9.64 -0.93 -9.02
N VAL A 61 -10.72 -0.16 -9.00
CA VAL A 61 -12.00 -0.68 -8.53
C VAL A 61 -12.66 -1.58 -9.58
N ASP A 62 -11.95 -1.83 -10.67
CA ASP A 62 -12.42 -2.71 -11.72
C ASP A 62 -11.68 -4.05 -11.66
N LEU A 63 -12.45 -5.13 -11.55
CA LEU A 63 -11.89 -6.46 -11.32
C LEU A 63 -10.92 -6.89 -12.44
N ASP A 64 -11.29 -6.63 -13.68
CA ASP A 64 -10.45 -7.03 -14.81
C ASP A 64 -9.11 -6.32 -14.75
N THR A 65 -9.13 -5.07 -14.33
CA THR A 65 -7.91 -4.28 -14.20
C THR A 65 -7.07 -4.78 -13.03
N VAL A 66 -7.73 -5.36 -12.02
CA VAL A 66 -7.03 -5.99 -10.91
C VAL A 66 -6.21 -7.17 -11.43
N ILE A 67 -6.80 -7.91 -12.36
CA ILE A 67 -6.12 -9.04 -12.99
C ILE A 67 -4.96 -8.52 -13.84
N LEU A 68 -5.15 -7.36 -14.45
CA LEU A 68 -4.10 -6.72 -15.22
C LEU A 68 -2.93 -6.36 -14.31
N LEU A 69 -3.22 -6.05 -13.05
CA LEU A 69 -2.18 -5.73 -12.08
C LEU A 69 -1.33 -6.97 -11.79
N GLU A 70 -2.02 -8.09 -11.65
CA GLU A 70 -1.36 -9.38 -11.44
C GLU A 70 -0.68 -9.85 -12.73
N LYS A 71 -1.04 -9.21 -13.83
CA LYS A 71 -0.47 -9.52 -15.12
C LYS A 71 0.87 -8.81 -15.30
N PHE A 72 0.90 -7.53 -14.96
CA PHE A 72 2.16 -6.77 -14.96
C PHE A 72 3.04 -7.24 -13.81
N SER A 73 2.60 -7.00 -12.60
CA SER A 73 3.29 -7.49 -11.42
C SER A 73 2.76 -8.87 -11.04
N LYS A 74 3.46 -9.90 -11.50
CA LYS A 74 3.07 -11.28 -11.23
C LYS A 74 3.10 -11.56 -9.74
N GLU A 75 4.02 -10.92 -9.04
CA GLU A 75 4.03 -10.97 -7.60
C GLU A 75 3.36 -9.73 -7.03
N PHE A 76 2.04 -9.74 -7.04
CA PHE A 76 1.27 -8.60 -6.60
C PHE A 76 0.76 -8.83 -5.18
N TYR A 77 1.03 -7.86 -4.33
CA TYR A 77 0.55 -7.86 -2.96
C TYR A 77 -0.37 -6.66 -2.77
N GLY A 78 -1.06 -6.60 -1.65
CA GLY A 78 -1.87 -5.43 -1.37
C GLY A 78 -3.03 -5.71 -0.47
N VAL A 79 -3.88 -4.69 -0.33
CA VAL A 79 -5.04 -4.74 0.54
C VAL A 79 -6.20 -3.98 -0.09
N HIS A 80 -7.25 -3.75 0.67
CA HIS A 80 -8.45 -3.15 0.14
C HIS A 80 -8.45 -1.64 0.33
N GLY A 81 -8.74 -0.91 -0.74
CA GLY A 81 -8.78 0.54 -0.69
C GLY A 81 -10.02 1.08 0.00
N ASN A 82 -10.35 2.33 -0.30
CA ASN A 82 -11.46 3.02 0.34
C ASN A 82 -12.81 2.51 -0.16
N MET A 83 -13.18 2.87 -1.39
CA MET A 83 -14.47 2.48 -1.94
C MET A 83 -14.29 1.91 -3.34
N ASP A 84 -14.88 0.74 -3.56
CA ASP A 84 -14.70 -0.01 -4.78
C ASP A 84 -15.98 -0.76 -5.16
N TYR A 85 -15.84 -1.74 -6.04
CA TYR A 85 -16.94 -2.61 -6.39
C TYR A 85 -16.76 -3.96 -5.70
N PRO A 86 -17.87 -4.71 -5.47
CA PRO A 86 -17.84 -5.99 -4.75
C PRO A 86 -16.76 -6.95 -5.26
N ASP A 87 -16.50 -6.91 -6.56
CA ASP A 87 -15.54 -7.80 -7.20
C ASP A 87 -14.15 -7.65 -6.58
N VAL A 88 -13.77 -6.41 -6.26
CA VAL A 88 -12.45 -6.13 -5.71
C VAL A 88 -12.41 -6.45 -4.23
N LYS A 89 -13.55 -6.29 -3.56
CA LYS A 89 -13.67 -6.65 -2.14
C LYS A 89 -13.39 -8.14 -1.96
N GLU A 90 -13.66 -8.91 -3.00
CA GLU A 90 -13.41 -10.33 -3.02
C GLU A 90 -11.91 -10.60 -3.13
N HIS A 91 -11.27 -9.90 -4.05
CA HIS A 91 -9.89 -10.21 -4.42
C HIS A 91 -8.88 -9.55 -3.48
N LEU A 92 -9.19 -8.35 -3.01
CA LEU A 92 -8.29 -7.62 -2.13
C LEU A 92 -8.74 -7.74 -0.68
N PRO A 93 -7.90 -8.36 0.18
CA PRO A 93 -8.17 -8.48 1.61
C PRO A 93 -8.08 -7.13 2.31
N PHE A 94 -8.90 -6.92 3.33
CA PHE A 94 -8.95 -5.62 4.00
C PHE A 94 -7.70 -5.41 4.85
N SER A 95 -7.13 -6.50 5.35
CA SER A 95 -5.91 -6.43 6.14
C SER A 95 -5.08 -7.71 5.97
N LYS A 96 -3.79 -7.55 5.73
CA LYS A 96 -2.90 -8.69 5.55
C LYS A 96 -1.49 -8.33 6.00
N VAL A 97 -0.79 -9.29 6.59
CA VAL A 97 0.60 -9.08 6.97
C VAL A 97 1.51 -9.90 6.08
N LEU A 98 2.56 -9.26 5.59
CA LEU A 98 3.50 -9.94 4.72
C LEU A 98 4.84 -10.10 5.40
N LEU A 99 5.59 -11.11 4.98
CA LEU A 99 6.94 -11.32 5.48
C LEU A 99 7.91 -11.17 4.32
N VAL A 100 8.52 -10.00 4.23
CA VAL A 100 9.41 -9.70 3.12
C VAL A 100 10.84 -9.54 3.60
N GLU A 101 11.67 -10.52 3.26
CA GLU A 101 13.09 -10.53 3.59
C GLU A 101 13.29 -10.43 5.10
N GLY A 102 12.35 -10.97 5.86
CA GLY A 102 12.45 -10.97 7.31
C GLY A 102 11.65 -9.86 7.97
N VAL A 103 11.10 -8.96 7.16
CA VAL A 103 10.36 -7.82 7.68
C VAL A 103 8.85 -8.04 7.59
N THR A 104 8.14 -7.70 8.64
CA THR A 104 6.69 -7.82 8.67
C THR A 104 6.02 -6.56 8.14
N ILE A 105 5.10 -6.74 7.21
CA ILE A 105 4.37 -5.62 6.63
C ILE A 105 2.89 -5.76 6.92
N GLY A 106 2.43 -5.03 7.93
CA GLY A 106 1.02 -5.04 8.26
C GLY A 106 0.25 -4.06 7.41
N MET A 107 -0.51 -4.57 6.46
CA MET A 107 -1.22 -3.72 5.52
C MET A 107 -2.69 -3.64 5.87
N CYS A 108 -3.20 -2.42 5.89
CA CYS A 108 -4.61 -2.17 6.10
C CYS A 108 -4.95 -0.81 5.49
N HIS A 109 -6.23 -0.51 5.31
CA HIS A 109 -6.61 0.80 4.82
C HIS A 109 -6.49 1.82 5.94
N GLY A 110 -6.84 1.40 7.14
CA GLY A 110 -6.74 2.27 8.29
C GLY A 110 -7.96 3.17 8.46
N TRP A 111 -8.53 3.18 9.64
CA TRP A 111 -9.68 4.01 9.93
C TRP A 111 -9.77 4.28 11.43
N GLY A 112 -10.14 5.50 11.79
CA GLY A 112 -10.21 5.87 13.17
C GLY A 112 -9.35 7.08 13.48
N ALA A 113 -9.38 7.54 14.71
CA ALA A 113 -8.59 8.70 15.12
C ALA A 113 -7.10 8.38 15.09
N PRO A 114 -6.27 9.32 14.61
CA PRO A 114 -4.82 9.10 14.43
C PRO A 114 -4.12 8.69 15.72
N TRP A 115 -4.72 9.03 16.85
CA TRP A 115 -4.14 8.70 18.15
C TRP A 115 -4.38 7.23 18.48
N ASP A 116 -5.63 6.82 18.42
CA ASP A 116 -6.03 5.47 18.83
C ASP A 116 -5.92 4.49 17.68
N LEU A 117 -5.66 5.00 16.48
CA LEU A 117 -5.47 4.14 15.31
C LEU A 117 -4.30 3.19 15.53
N LYS A 118 -3.26 3.69 16.17
CA LYS A 118 -2.08 2.89 16.47
C LYS A 118 -2.48 1.72 17.38
N ASP A 119 -3.35 2.00 18.33
CA ASP A 119 -3.85 0.97 19.24
C ASP A 119 -4.77 0.01 18.50
N ARG A 120 -5.59 0.55 17.61
CA ARG A 120 -6.56 -0.24 16.86
C ARG A 120 -5.86 -1.18 15.89
N LEU A 121 -4.83 -0.70 15.21
CA LEU A 121 -4.10 -1.51 14.25
C LEU A 121 -3.29 -2.61 14.96
N LEU A 122 -2.84 -2.32 16.16
CA LEU A 122 -2.16 -3.33 16.99
C LEU A 122 -3.18 -4.32 17.55
N LYS A 123 -4.43 -3.87 17.64
CA LYS A 123 -5.52 -4.74 18.06
C LYS A 123 -5.88 -5.69 16.94
N VAL A 124 -5.75 -5.21 15.71
CA VAL A 124 -5.97 -6.04 14.53
C VAL A 124 -4.82 -7.03 14.37
N PHE A 125 -3.60 -6.53 14.31
CA PHE A 125 -2.43 -7.38 14.21
C PHE A 125 -1.86 -7.68 15.59
N ASN A 126 -2.32 -8.78 16.17
CA ASN A 126 -1.92 -9.16 17.52
C ASN A 126 -0.45 -9.55 17.56
N GLU A 127 0.08 -9.98 16.43
CA GLU A 127 1.49 -10.31 16.32
C GLU A 127 2.35 -9.05 16.45
N LYS A 128 1.75 -7.90 16.14
CA LYS A 128 2.45 -6.62 16.15
C LYS A 128 3.60 -6.60 15.13
N PRO A 129 3.31 -6.10 13.92
CA PRO A 129 4.28 -6.07 12.83
C PRO A 129 5.29 -4.95 13.01
N GLN A 130 6.46 -5.09 12.39
CA GLN A 130 7.49 -4.06 12.47
C GLN A 130 7.01 -2.80 11.76
N VAL A 131 6.39 -2.98 10.61
CA VAL A 131 5.90 -1.86 9.81
C VAL A 131 4.43 -2.06 9.46
N ILE A 132 3.65 -0.97 9.53
CA ILE A 132 2.25 -1.00 9.13
C ILE A 132 1.98 0.06 8.09
N LEU A 133 1.32 -0.34 7.00
CA LEU A 133 0.99 0.57 5.91
C LEU A 133 -0.52 0.79 5.87
N PHE A 134 -0.92 2.05 5.79
CA PHE A 134 -2.32 2.42 5.74
C PHE A 134 -2.49 3.76 5.06
N GLY A 135 -3.73 4.15 4.80
CA GLY A 135 -3.99 5.45 4.22
C GLY A 135 -5.11 6.16 4.94
N HIS A 136 -4.76 7.27 5.59
CA HIS A 136 -5.73 8.02 6.39
C HIS A 136 -5.14 9.34 6.84
N THR A 137 -3.86 9.33 7.21
CA THR A 137 -3.22 10.50 7.79
C THR A 137 -2.92 11.55 6.71
N HIS A 138 -2.08 12.52 7.05
CA HIS A 138 -1.87 13.67 6.18
C HIS A 138 -0.66 13.48 5.27
N GLU A 139 0.49 13.19 5.86
CA GLU A 139 1.72 13.16 5.08
C GLU A 139 2.33 11.76 5.06
N PRO A 140 3.33 11.52 4.18
CA PRO A 140 4.19 10.34 4.25
C PRO A 140 5.08 10.41 5.48
N GLU A 141 4.50 10.14 6.63
CA GLU A 141 5.15 10.35 7.90
C GLU A 141 5.52 9.03 8.57
N ASP A 142 6.68 9.01 9.21
CA ASP A 142 7.13 7.87 9.97
C ASP A 142 6.73 8.03 11.43
N THR A 143 5.65 7.39 11.83
CA THR A 143 5.18 7.53 13.20
C THR A 143 5.52 6.29 14.02
N VAL A 144 6.40 6.46 14.98
CA VAL A 144 6.84 5.37 15.82
C VAL A 144 6.57 5.67 17.27
N LYS A 145 5.46 5.15 17.77
CA LYS A 145 5.08 5.32 19.17
C LYS A 145 4.56 3.99 19.72
N ALA A 146 5.12 2.91 19.22
CA ALA A 146 4.75 1.57 19.64
C ALA A 146 5.79 0.56 19.15
N GLY A 147 6.95 1.05 18.74
CA GLY A 147 7.94 0.21 18.11
C GLY A 147 7.62 -0.04 16.64
N VAL A 148 6.33 0.01 16.33
CA VAL A 148 5.84 -0.19 14.98
C VAL A 148 5.89 1.11 14.19
N ARG A 149 6.30 1.02 12.94
CA ARG A 149 6.28 2.17 12.06
C ARG A 149 4.92 2.27 11.37
N PHE A 150 4.13 3.24 11.79
CA PHE A 150 2.87 3.52 11.12
C PHE A 150 3.10 4.50 9.99
N LEU A 151 3.10 4.00 8.77
CA LEU A 151 3.45 4.81 7.60
C LEU A 151 2.22 5.10 6.75
N ASN A 152 2.09 6.35 6.34
CA ASN A 152 0.99 6.77 5.48
C ASN A 152 1.52 7.29 4.14
N PRO A 153 1.39 6.50 3.07
CA PRO A 153 1.81 6.90 1.73
C PRO A 153 0.92 7.99 1.15
N GLY A 154 1.52 8.92 0.42
CA GLY A 154 0.78 10.02 -0.16
C GLY A 154 -0.18 9.58 -1.24
N SER A 155 -1.24 10.35 -1.42
CA SER A 155 -2.28 10.04 -2.40
C SER A 155 -1.73 10.08 -3.82
N LEU A 156 -2.14 9.12 -4.64
CA LEU A 156 -1.66 9.01 -6.01
C LEU A 156 -2.06 10.23 -6.83
N ALA A 157 -3.20 10.82 -6.49
CA ALA A 157 -3.73 11.97 -7.22
C ALA A 157 -2.84 13.20 -7.04
N GLU A 158 -1.96 13.16 -6.04
CA GLU A 158 -1.08 14.28 -5.76
C GLU A 158 0.23 14.15 -6.54
N GLY A 159 0.34 13.07 -7.31
CA GLY A 159 1.53 12.87 -8.11
C GLY A 159 2.70 12.40 -7.29
N SER A 160 2.46 11.48 -6.37
CA SER A 160 3.51 10.94 -5.54
C SER A 160 3.16 9.52 -5.11
N TYR A 161 4.16 8.65 -5.06
CA TYR A 161 3.97 7.28 -4.62
C TYR A 161 5.17 6.86 -3.80
N ALA A 162 5.13 5.66 -3.24
CA ALA A 162 6.21 5.22 -2.36
C ALA A 162 6.97 4.05 -2.96
N VAL A 163 8.28 4.10 -2.86
CA VAL A 163 9.13 3.02 -3.34
C VAL A 163 9.93 2.44 -2.17
N LEU A 164 9.54 1.27 -1.71
CA LEU A 164 10.29 0.60 -0.66
C LEU A 164 11.26 -0.38 -1.26
N GLU A 165 12.53 -0.05 -1.17
CA GLU A 165 13.56 -0.89 -1.72
C GLU A 165 14.32 -1.59 -0.60
N LEU A 166 14.71 -2.81 -0.85
CA LEU A 166 15.37 -3.64 0.14
C LEU A 166 16.88 -3.46 0.07
N ASP A 167 17.38 -2.50 0.83
CA ASP A 167 18.80 -2.22 0.88
C ASP A 167 19.47 -3.00 1.99
N GLY A 168 20.13 -4.10 1.61
CA GLY A 168 20.84 -4.91 2.58
C GLY A 168 19.91 -5.63 3.55
N GLY A 169 18.62 -5.60 3.25
CA GLY A 169 17.65 -6.21 4.13
C GLY A 169 16.78 -5.17 4.83
N GLU A 170 17.26 -3.94 4.84
CA GLU A 170 16.52 -2.84 5.44
C GLU A 170 15.54 -2.26 4.43
N VAL A 171 14.26 -2.33 4.76
CA VAL A 171 13.21 -1.81 3.89
C VAL A 171 13.10 -0.30 4.08
N ARG A 172 13.21 0.44 2.99
CA ARG A 172 13.04 1.88 3.05
C ARG A 172 11.89 2.31 2.16
N PHE A 173 10.80 2.71 2.78
CA PHE A 173 9.63 3.20 2.08
C PHE A 173 9.83 4.68 1.75
N GLU A 174 10.48 4.94 0.63
CA GLU A 174 10.82 6.29 0.26
C GLU A 174 9.87 6.80 -0.80
N LEU A 175 9.29 7.97 -0.55
CA LEU A 175 8.33 8.54 -1.48
C LEU A 175 9.03 9.08 -2.72
N LYS A 176 8.43 8.87 -3.86
CA LYS A 176 8.94 9.38 -5.12
C LYS A 176 7.93 10.33 -5.75
N THR A 177 8.41 11.48 -6.17
CA THR A 177 7.55 12.48 -6.77
C THR A 177 7.42 12.28 -8.28
N LEU A 178 6.26 12.60 -8.81
CA LEU A 178 6.00 12.48 -10.24
C LEU A 178 5.78 13.87 -10.83
N VAL A 22 18.60 -7.14 -4.74
CA VAL A 22 17.72 -5.95 -4.71
C VAL A 22 16.25 -6.37 -4.56
N LYS A 23 15.56 -5.75 -3.63
CA LYS A 23 14.13 -5.95 -3.47
C LYS A 23 13.41 -4.62 -3.60
N ARG A 24 12.82 -4.37 -4.76
CA ARG A 24 12.10 -3.13 -4.99
C ARG A 24 10.61 -3.38 -5.08
N PHE A 25 9.86 -2.73 -4.20
CA PHE A 25 8.42 -2.85 -4.19
C PHE A 25 7.77 -1.51 -4.48
N LEU A 26 6.82 -1.52 -5.40
CA LEU A 26 6.09 -0.31 -5.76
C LEU A 26 4.86 -0.17 -4.87
N LEU A 27 4.81 0.92 -4.11
CA LEU A 27 3.70 1.16 -3.22
C LEU A 27 2.79 2.25 -3.77
N ILE A 28 1.68 1.84 -4.36
CA ILE A 28 0.69 2.78 -4.87
C ILE A 28 -0.48 2.90 -3.89
N SER A 29 -0.72 4.12 -3.43
CA SER A 29 -1.79 4.38 -2.47
C SER A 29 -3.16 4.18 -3.13
N ASP A 30 -4.21 4.22 -2.31
CA ASP A 30 -5.56 4.04 -2.82
C ASP A 30 -5.92 5.16 -3.77
N SER A 31 -6.68 4.82 -4.80
CA SER A 31 -7.01 5.75 -5.85
C SER A 31 -8.44 5.50 -6.33
N HIS A 32 -8.90 6.29 -7.29
CA HIS A 32 -10.24 6.11 -7.83
C HIS A 32 -10.19 6.05 -9.35
N VAL A 33 -9.82 4.90 -9.88
CA VAL A 33 -9.74 4.71 -11.31
C VAL A 33 -10.28 3.34 -11.73
N PRO A 34 -10.97 3.29 -12.86
CA PRO A 34 -11.28 4.47 -13.66
C PRO A 34 -12.65 5.04 -13.32
N VAL A 35 -12.68 6.05 -12.47
CA VAL A 35 -13.94 6.65 -12.04
C VAL A 35 -14.04 8.11 -12.50
N ARG A 36 -13.54 9.03 -11.68
CA ARG A 36 -13.54 10.46 -12.04
C ARG A 36 -12.18 11.10 -11.75
N MET A 37 -11.35 10.41 -10.98
CA MET A 37 -10.00 10.88 -10.66
C MET A 37 -9.16 10.94 -11.93
N ALA A 38 -8.81 9.76 -12.44
CA ALA A 38 -7.99 9.62 -13.66
C ALA A 38 -6.60 10.22 -13.46
N SER A 39 -6.29 10.65 -12.25
CA SER A 39 -5.01 11.28 -11.96
C SER A 39 -3.93 10.26 -11.63
N LEU A 40 -4.16 9.00 -11.96
CA LEU A 40 -3.15 7.96 -11.73
C LEU A 40 -2.29 7.85 -13.00
N PRO A 41 -1.02 8.24 -12.89
CA PRO A 41 -0.11 8.28 -14.05
C PRO A 41 0.14 6.91 -14.65
N ASP A 42 0.03 6.84 -15.97
CA ASP A 42 0.29 5.61 -16.69
C ASP A 42 1.77 5.28 -16.62
N GLU A 43 2.57 6.31 -16.31
CA GLU A 43 4.00 6.15 -16.09
C GLU A 43 4.26 5.13 -15.00
N ILE A 44 3.50 5.22 -13.91
CA ILE A 44 3.67 4.33 -12.77
C ILE A 44 3.21 2.92 -13.13
N LEU A 45 2.26 2.85 -14.05
CA LEU A 45 1.74 1.57 -14.50
C LEU A 45 2.77 0.84 -15.36
N ASN A 46 3.70 1.60 -15.92
CA ASN A 46 4.80 1.03 -16.69
C ASN A 46 5.91 0.58 -15.76
N SER A 47 5.92 1.13 -14.55
CA SER A 47 6.95 0.84 -13.58
C SER A 47 6.77 -0.56 -12.98
N LEU A 48 5.63 -1.19 -13.26
CA LEU A 48 5.35 -2.55 -12.81
C LEU A 48 6.50 -3.49 -13.18
N LYS A 49 7.05 -3.28 -14.37
CA LYS A 49 8.08 -4.16 -14.91
C LYS A 49 9.46 -3.86 -14.32
N GLU A 50 9.62 -2.69 -13.72
CA GLU A 50 10.92 -2.23 -13.27
C GLU A 50 11.17 -2.56 -11.80
N TYR A 51 10.23 -3.23 -11.16
CA TYR A 51 10.38 -3.58 -9.76
C TYR A 51 10.25 -5.08 -9.55
N ASP A 52 10.30 -5.52 -8.30
CA ASP A 52 10.21 -6.94 -7.97
C ASP A 52 8.78 -7.32 -7.62
N GLY A 53 8.11 -6.42 -6.92
CA GLY A 53 6.74 -6.64 -6.52
C GLY A 53 6.00 -5.35 -6.38
N VAL A 54 4.67 -5.41 -6.45
CA VAL A 54 3.86 -4.21 -6.34
C VAL A 54 2.81 -4.37 -5.26
N ILE A 55 2.63 -3.32 -4.46
CA ILE A 55 1.66 -3.33 -3.39
C ILE A 55 0.58 -2.29 -3.65
N GLY A 56 -0.63 -2.76 -3.91
CA GLY A 56 -1.75 -1.88 -4.12
C GLY A 56 -2.58 -1.70 -2.88
N LEU A 57 -2.79 -0.47 -2.47
CA LEU A 57 -3.54 -0.20 -1.25
C LEU A 57 -5.00 0.17 -1.55
N GLY A 58 -5.40 -0.04 -2.81
CA GLY A 58 -6.76 0.27 -3.22
C GLY A 58 -6.79 1.25 -4.36
N ASP A 59 -5.92 1.03 -5.32
CA ASP A 59 -5.72 1.93 -6.46
C ASP A 59 -6.84 1.80 -7.50
N TYR A 60 -6.81 0.74 -8.29
CA TYR A 60 -7.82 0.52 -9.31
C TYR A 60 -9.03 -0.20 -8.71
N VAL A 61 -10.21 0.35 -8.93
CA VAL A 61 -11.44 -0.24 -8.44
C VAL A 61 -12.03 -1.19 -9.48
N ASP A 62 -11.32 -1.31 -10.60
CA ASP A 62 -11.77 -2.14 -11.70
C ASP A 62 -11.13 -3.53 -11.62
N LEU A 63 -11.97 -4.57 -11.64
CA LEU A 63 -11.51 -5.94 -11.49
C LEU A 63 -10.50 -6.31 -12.57
N ASP A 64 -10.85 -6.04 -13.83
CA ASP A 64 -10.00 -6.39 -14.96
C ASP A 64 -8.63 -5.77 -14.83
N THR A 65 -8.60 -4.50 -14.42
CA THR A 65 -7.35 -3.78 -14.27
C THR A 65 -6.51 -4.35 -13.12
N VAL A 66 -7.19 -4.80 -12.05
CA VAL A 66 -6.51 -5.45 -10.93
C VAL A 66 -5.80 -6.72 -11.41
N ILE A 67 -6.48 -7.47 -12.28
CA ILE A 67 -5.89 -8.68 -12.87
C ILE A 67 -4.74 -8.30 -13.78
N LEU A 68 -4.90 -7.20 -14.50
CA LEU A 68 -3.83 -6.69 -15.35
C LEU A 68 -2.60 -6.35 -14.52
N LEU A 69 -2.82 -5.89 -13.29
CA LEU A 69 -1.71 -5.58 -12.39
C LEU A 69 -1.02 -6.88 -11.99
N GLU A 70 -1.82 -7.91 -11.85
CA GLU A 70 -1.33 -9.24 -11.51
C GLU A 70 -0.73 -9.91 -12.76
N LYS A 71 -0.87 -9.25 -13.90
CA LYS A 71 -0.26 -9.72 -15.14
C LYS A 71 1.09 -9.02 -15.36
N PHE A 72 1.10 -7.70 -15.14
CA PHE A 72 2.32 -6.91 -15.33
C PHE A 72 3.47 -7.40 -14.45
N SER A 73 3.34 -7.23 -13.15
CA SER A 73 4.37 -7.69 -12.23
C SER A 73 4.19 -9.15 -11.85
N LYS A 74 2.93 -9.61 -11.89
CA LYS A 74 2.57 -10.99 -11.53
C LYS A 74 2.64 -11.20 -10.02
N GLU A 75 3.74 -10.76 -9.41
CA GLU A 75 3.86 -10.75 -7.97
C GLU A 75 3.17 -9.51 -7.42
N PHE A 76 1.88 -9.62 -7.20
CA PHE A 76 1.08 -8.48 -6.77
C PHE A 76 0.44 -8.76 -5.42
N TYR A 77 0.61 -7.79 -4.52
CA TYR A 77 -0.04 -7.85 -3.23
C TYR A 77 -0.92 -6.62 -3.06
N GLY A 78 -2.15 -6.81 -2.64
CA GLY A 78 -3.06 -5.70 -2.52
C GLY A 78 -3.92 -5.79 -1.28
N VAL A 79 -4.31 -4.64 -0.78
CA VAL A 79 -5.24 -4.55 0.34
C VAL A 79 -6.54 -3.95 -0.18
N HIS A 80 -7.54 -3.85 0.68
CA HIS A 80 -8.83 -3.33 0.26
C HIS A 80 -8.92 -1.85 0.55
N GLY A 81 -9.42 -1.09 -0.42
CA GLY A 81 -9.58 0.34 -0.24
C GLY A 81 -10.85 0.68 0.52
N ASN A 82 -11.61 1.62 -0.02
CA ASN A 82 -12.85 2.05 0.63
C ASN A 82 -14.07 1.41 -0.02
N MET A 83 -14.48 1.96 -1.15
CA MET A 83 -15.66 1.46 -1.86
C MET A 83 -15.29 0.99 -3.25
N ASP A 84 -15.28 -0.31 -3.44
CA ASP A 84 -14.94 -0.92 -4.72
C ASP A 84 -15.96 -1.99 -5.10
N TYR A 85 -15.65 -2.79 -6.11
CA TYR A 85 -16.56 -3.82 -6.56
C TYR A 85 -16.29 -5.15 -5.84
N PRO A 86 -17.35 -5.95 -5.63
CA PRO A 86 -17.28 -7.20 -4.85
C PRO A 86 -16.12 -8.13 -5.23
N ASP A 87 -15.79 -8.20 -6.50
CA ASP A 87 -14.71 -9.07 -6.96
C ASP A 87 -13.36 -8.56 -6.50
N VAL A 88 -13.19 -7.24 -6.50
CA VAL A 88 -11.98 -6.63 -5.96
C VAL A 88 -11.99 -6.75 -4.44
N LYS A 89 -13.17 -6.51 -3.89
CA LYS A 89 -13.44 -6.61 -2.46
C LYS A 89 -13.03 -7.97 -1.90
N GLU A 90 -13.21 -9.02 -2.69
CA GLU A 90 -12.92 -10.38 -2.24
C GLU A 90 -11.51 -10.81 -2.63
N HIS A 91 -10.95 -10.20 -3.66
CA HIS A 91 -9.60 -10.56 -4.09
C HIS A 91 -8.55 -9.83 -3.25
N LEU A 92 -8.86 -8.60 -2.88
CA LEU A 92 -7.96 -7.82 -2.04
C LEU A 92 -8.52 -7.78 -0.61
N PRO A 93 -7.84 -8.46 0.33
CA PRO A 93 -8.29 -8.56 1.72
C PRO A 93 -8.40 -7.20 2.42
N PHE A 94 -9.36 -7.08 3.32
CA PHE A 94 -9.59 -5.83 4.04
C PHE A 94 -8.36 -5.43 4.84
N SER A 95 -7.65 -6.43 5.34
CA SER A 95 -6.39 -6.21 6.03
C SER A 95 -5.53 -7.46 5.89
N LYS A 96 -4.23 -7.29 5.81
CA LYS A 96 -3.31 -8.39 5.60
C LYS A 96 -1.96 -8.07 6.24
N VAL A 97 -1.07 -9.05 6.29
CA VAL A 97 0.31 -8.81 6.67
C VAL A 97 1.21 -9.35 5.57
N LEU A 98 2.19 -8.56 5.19
CA LEU A 98 3.08 -8.94 4.12
C LEU A 98 4.44 -9.33 4.69
N LEU A 99 4.76 -10.62 4.58
CA LEU A 99 6.02 -11.13 5.06
C LEU A 99 7.05 -11.14 3.94
N VAL A 100 7.95 -10.18 3.98
CA VAL A 100 8.96 -10.05 2.95
C VAL A 100 10.35 -10.29 3.52
N GLU A 101 10.94 -11.43 3.15
CA GLU A 101 12.30 -11.80 3.56
C GLU A 101 12.41 -11.94 5.09
N GLY A 102 11.27 -11.99 5.77
CA GLY A 102 11.28 -12.10 7.21
C GLY A 102 10.75 -10.85 7.89
N VAL A 103 10.58 -9.80 7.12
CA VAL A 103 10.05 -8.53 7.63
C VAL A 103 8.53 -8.53 7.60
N THR A 104 7.92 -8.08 8.69
CA THR A 104 6.47 -8.00 8.78
C THR A 104 5.97 -6.63 8.34
N ILE A 105 5.15 -6.61 7.30
CA ILE A 105 4.60 -5.37 6.80
C ILE A 105 3.08 -5.39 6.91
N GLY A 106 2.57 -4.66 7.90
CA GLY A 106 1.14 -4.58 8.09
C GLY A 106 0.45 -3.93 6.92
N MET A 107 -0.59 -4.56 6.43
CA MET A 107 -1.31 -4.07 5.27
C MET A 107 -2.74 -3.74 5.65
N CYS A 108 -2.99 -2.46 5.90
CA CYS A 108 -4.33 -2.01 6.21
C CYS A 108 -4.55 -0.64 5.59
N HIS A 109 -5.79 -0.26 5.37
CA HIS A 109 -6.06 1.05 4.81
C HIS A 109 -6.29 2.06 5.93
N GLY A 110 -6.64 1.55 7.11
CA GLY A 110 -6.89 2.41 8.25
C GLY A 110 -8.31 2.32 8.73
N TRP A 111 -8.64 3.09 9.76
CA TRP A 111 -9.97 3.08 10.33
C TRP A 111 -10.41 4.49 10.69
N GLY A 112 -9.77 5.05 11.72
CA GLY A 112 -10.09 6.39 12.15
C GLY A 112 -9.35 6.75 13.43
N ALA A 113 -9.40 8.01 13.81
CA ALA A 113 -8.71 8.52 14.99
C ALA A 113 -7.21 8.17 14.96
N PRO A 114 -6.41 8.96 14.23
CA PRO A 114 -4.98 8.69 14.02
C PRO A 114 -4.21 8.42 15.31
N TRP A 115 -4.62 9.10 16.38
CA TRP A 115 -3.98 8.97 17.68
C TRP A 115 -4.22 7.58 18.27
N ASP A 116 -5.40 7.03 18.03
CA ASP A 116 -5.80 5.78 18.66
C ASP A 116 -5.67 4.61 17.67
N LEU A 117 -5.58 4.96 16.39
CA LEU A 117 -5.47 3.99 15.31
C LEU A 117 -4.30 3.06 15.52
N LYS A 118 -3.22 3.59 16.10
CA LYS A 118 -2.03 2.80 16.40
C LYS A 118 -2.41 1.66 17.33
N ASP A 119 -3.18 2.00 18.35
CA ASP A 119 -3.64 1.05 19.34
C ASP A 119 -4.67 0.10 18.73
N ARG A 120 -5.52 0.65 17.87
CA ARG A 120 -6.51 -0.15 17.16
C ARG A 120 -5.85 -1.19 16.28
N LEU A 121 -4.86 -0.77 15.49
CA LEU A 121 -4.18 -1.66 14.55
C LEU A 121 -3.47 -2.79 15.28
N LEU A 122 -2.95 -2.52 16.47
CA LEU A 122 -2.31 -3.54 17.28
C LEU A 122 -3.30 -4.60 17.76
N LYS A 123 -4.59 -4.29 17.65
CA LYS A 123 -5.65 -5.25 17.96
C LYS A 123 -6.29 -5.78 16.68
N VAL A 124 -5.90 -5.22 15.54
CA VAL A 124 -6.38 -5.70 14.25
C VAL A 124 -5.50 -6.86 13.79
N PHE A 125 -4.21 -6.72 14.01
CA PHE A 125 -3.27 -7.76 13.65
C PHE A 125 -3.16 -8.82 14.74
N ASN A 126 -2.47 -9.90 14.43
CA ASN A 126 -2.35 -11.03 15.35
C ASN A 126 -1.11 -10.88 16.22
N GLU A 127 0.06 -10.86 15.60
CA GLU A 127 1.31 -10.77 16.33
C GLU A 127 1.94 -9.39 16.16
N LYS A 128 3.13 -9.19 16.72
CA LYS A 128 3.77 -7.88 16.72
C LYS A 128 4.47 -7.62 15.38
N PRO A 129 3.94 -6.66 14.60
CA PRO A 129 4.51 -6.29 13.31
C PRO A 129 5.61 -5.24 13.46
N GLN A 130 6.60 -5.29 12.58
CA GLN A 130 7.68 -4.31 12.58
C GLN A 130 7.23 -3.03 11.87
N VAL A 131 6.63 -3.21 10.69
CA VAL A 131 6.17 -2.08 9.89
C VAL A 131 4.67 -2.21 9.63
N ILE A 132 3.97 -1.08 9.55
CA ILE A 132 2.55 -1.09 9.20
C ILE A 132 2.24 0.02 8.19
N LEU A 133 1.54 -0.35 7.13
CA LEU A 133 1.09 0.62 6.13
C LEU A 133 -0.37 0.94 6.35
N PHE A 134 -0.74 2.20 6.14
CA PHE A 134 -2.13 2.61 6.16
C PHE A 134 -2.31 3.89 5.34
N GLY A 135 -3.53 4.35 5.20
CA GLY A 135 -3.81 5.54 4.41
C GLY A 135 -4.11 6.73 5.26
N HIS A 136 -3.52 7.87 4.92
CA HIS A 136 -3.63 9.07 5.73
C HIS A 136 -3.52 10.32 4.87
N THR A 137 -4.48 11.23 5.01
CA THR A 137 -4.47 12.48 4.28
C THR A 137 -3.44 13.44 4.83
N HIS A 138 -2.20 13.28 4.37
CA HIS A 138 -1.08 14.10 4.78
C HIS A 138 0.15 13.68 3.99
N GLU A 139 1.09 14.60 3.80
CA GLU A 139 2.35 14.28 3.16
C GLU A 139 3.03 13.13 3.90
N PRO A 140 3.34 12.05 3.17
CA PRO A 140 3.86 10.79 3.74
C PRO A 140 4.93 10.98 4.81
N GLU A 141 4.74 10.33 5.95
CA GLU A 141 5.65 10.46 7.07
C GLU A 141 5.82 9.11 7.78
N ASP A 142 6.94 8.96 8.45
CA ASP A 142 7.24 7.77 9.25
C ASP A 142 6.87 8.03 10.70
N THR A 143 5.89 7.31 11.22
CA THR A 143 5.41 7.56 12.57
C THR A 143 5.65 6.37 13.49
N VAL A 144 6.47 6.58 14.52
CA VAL A 144 6.76 5.54 15.49
C VAL A 144 6.21 5.94 16.85
N LYS A 145 5.03 5.44 17.18
CA LYS A 145 4.38 5.74 18.44
C LYS A 145 3.65 4.49 18.93
N ALA A 146 4.43 3.46 19.24
CA ALA A 146 3.94 2.15 19.66
C ALA A 146 5.06 1.13 19.63
N GLY A 147 6.17 1.52 19.01
CA GLY A 147 7.27 0.59 18.79
C GLY A 147 7.27 0.09 17.36
N VAL A 148 6.17 0.36 16.67
CA VAL A 148 5.97 -0.07 15.30
C VAL A 148 6.10 1.12 14.35
N ARG A 149 6.73 0.92 13.20
CA ARG A 149 6.83 1.97 12.19
C ARG A 149 5.54 2.06 11.38
N PHE A 150 4.77 3.12 11.61
CA PHE A 150 3.56 3.35 10.85
C PHE A 150 3.86 4.23 9.65
N LEU A 151 3.84 3.64 8.48
CA LEU A 151 4.12 4.36 7.25
C LEU A 151 2.82 4.73 6.55
N ASN A 152 2.58 6.03 6.43
CA ASN A 152 1.37 6.50 5.78
C ASN A 152 1.71 7.42 4.61
N PRO A 153 1.46 6.94 3.39
CA PRO A 153 1.65 7.71 2.17
C PRO A 153 0.40 8.50 1.81
N GLY A 154 0.49 9.27 0.74
CA GLY A 154 -0.64 10.08 0.30
C GLY A 154 -1.52 9.32 -0.67
N SER A 155 -1.50 9.73 -1.93
CA SER A 155 -2.32 9.11 -2.96
C SER A 155 -1.88 9.57 -4.35
N LEU A 156 -2.28 8.82 -5.37
CA LEU A 156 -1.99 9.21 -6.75
C LEU A 156 -2.82 10.43 -7.15
N ALA A 157 -3.84 10.69 -6.34
CA ALA A 157 -4.66 11.89 -6.54
C ALA A 157 -4.02 13.09 -5.85
N GLU A 158 -2.95 12.83 -5.12
CA GLU A 158 -2.26 13.88 -4.39
C GLU A 158 -0.86 14.12 -4.96
N GLY A 159 -0.22 13.04 -5.42
CA GLY A 159 1.07 13.18 -6.06
C GLY A 159 2.14 12.28 -5.46
N SER A 160 2.21 12.20 -4.15
CA SER A 160 3.26 11.44 -3.49
C SER A 160 3.00 9.94 -3.53
N TYR A 161 3.86 9.22 -4.26
CA TYR A 161 3.81 7.76 -4.26
C TYR A 161 5.10 7.21 -3.66
N ALA A 162 5.06 5.99 -3.16
CA ALA A 162 6.16 5.47 -2.37
C ALA A 162 6.86 4.30 -3.06
N VAL A 163 8.19 4.31 -3.00
CA VAL A 163 8.97 3.20 -3.50
C VAL A 163 9.70 2.54 -2.33
N LEU A 164 9.37 1.29 -2.07
CA LEU A 164 9.96 0.59 -0.95
C LEU A 164 11.17 -0.21 -1.44
N GLU A 165 12.35 0.25 -1.09
CA GLU A 165 13.57 -0.43 -1.47
C GLU A 165 14.15 -1.18 -0.29
N LEU A 166 14.30 -2.48 -0.45
CA LEU A 166 14.94 -3.29 0.57
C LEU A 166 16.40 -3.49 0.21
N ASP A 167 17.23 -2.59 0.68
CA ASP A 167 18.66 -2.67 0.44
C ASP A 167 19.32 -3.54 1.48
N GLY A 168 20.02 -4.57 1.05
CA GLY A 168 20.60 -5.54 1.95
C GLY A 168 19.54 -6.38 2.65
N GLY A 169 18.77 -5.76 3.53
CA GLY A 169 17.72 -6.46 4.24
C GLY A 169 16.98 -5.55 5.19
N GLU A 170 16.90 -4.27 4.84
CA GLU A 170 16.24 -3.28 5.68
C GLU A 170 15.20 -2.50 4.88
N VAL A 171 14.11 -2.14 5.54
CA VAL A 171 13.02 -1.42 4.90
C VAL A 171 13.39 0.05 4.73
N ARG A 172 13.57 0.48 3.49
CA ARG A 172 13.87 1.87 3.21
C ARG A 172 12.74 2.49 2.39
N PHE A 173 12.07 3.47 2.98
CA PHE A 173 10.93 4.12 2.38
C PHE A 173 11.38 5.33 1.59
N GLU A 174 11.38 5.22 0.26
CA GLU A 174 11.83 6.32 -0.57
C GLU A 174 10.63 6.92 -1.31
N LEU A 175 10.30 8.14 -0.97
CA LEU A 175 9.11 8.80 -1.50
C LEU A 175 9.42 9.62 -2.74
N LYS A 176 8.68 9.37 -3.81
CA LYS A 176 8.80 10.16 -5.02
C LYS A 176 7.49 10.91 -5.26
N THR A 177 7.61 12.18 -5.61
CA THR A 177 6.43 13.00 -5.82
C THR A 177 6.23 13.28 -7.31
N LEU A 178 4.99 13.43 -7.71
CA LEU A 178 4.65 13.72 -9.09
C LEU A 178 4.85 15.21 -9.39
N VAL A 22 18.39 -7.73 -1.75
CA VAL A 22 17.69 -6.47 -2.06
C VAL A 22 16.39 -6.74 -2.80
N LYS A 23 15.29 -6.23 -2.25
CA LYS A 23 13.99 -6.30 -2.90
C LYS A 23 13.38 -4.91 -3.01
N ARG A 24 12.77 -4.62 -4.14
CA ARG A 24 12.15 -3.32 -4.35
C ARG A 24 10.66 -3.46 -4.52
N PHE A 25 9.92 -2.96 -3.53
CA PHE A 25 8.47 -3.06 -3.53
C PHE A 25 7.85 -1.74 -3.95
N LEU A 26 7.05 -1.79 -5.02
CA LEU A 26 6.38 -0.62 -5.54
C LEU A 26 5.01 -0.46 -4.88
N LEU A 27 4.81 0.65 -4.20
CA LEU A 27 3.59 0.89 -3.47
C LEU A 27 2.69 1.91 -4.18
N ILE A 28 1.56 1.43 -4.69
CA ILE A 28 0.57 2.30 -5.30
C ILE A 28 -0.56 2.56 -4.32
N SER A 29 -1.06 3.79 -4.29
CA SER A 29 -2.09 4.17 -3.34
C SER A 29 -3.48 4.17 -3.99
N ASP A 30 -4.41 4.91 -3.36
CA ASP A 30 -5.81 4.98 -3.82
C ASP A 30 -5.91 5.27 -5.31
N SER A 31 -6.16 4.23 -6.08
CA SER A 31 -6.32 4.38 -7.51
C SER A 31 -7.80 4.57 -7.84
N HIS A 32 -8.27 5.81 -7.73
CA HIS A 32 -9.67 6.13 -8.03
C HIS A 32 -9.88 6.20 -9.53
N VAL A 33 -9.54 5.11 -10.21
CA VAL A 33 -9.65 5.06 -11.66
C VAL A 33 -10.44 3.81 -12.07
N PRO A 34 -11.33 3.95 -13.05
CA PRO A 34 -11.62 5.21 -13.71
C PRO A 34 -12.81 5.94 -13.11
N VAL A 35 -12.75 6.19 -11.81
CA VAL A 35 -13.79 6.95 -11.13
C VAL A 35 -13.50 8.44 -11.26
N ARG A 36 -14.12 9.26 -10.42
CA ARG A 36 -13.98 10.69 -10.51
C ARG A 36 -12.64 11.15 -9.93
N MET A 37 -11.62 11.02 -10.77
CA MET A 37 -10.26 11.41 -10.43
C MET A 37 -9.47 11.51 -11.72
N ALA A 38 -9.20 10.33 -12.33
CA ALA A 38 -8.46 10.23 -13.58
C ALA A 38 -7.03 10.78 -13.45
N SER A 39 -6.68 11.22 -12.25
CA SER A 39 -5.39 11.83 -11.99
C SER A 39 -4.30 10.78 -11.76
N LEU A 40 -4.35 9.70 -12.53
CA LEU A 40 -3.35 8.66 -12.45
C LEU A 40 -2.48 8.69 -13.70
N PRO A 41 -1.26 9.23 -13.58
CA PRO A 41 -0.30 9.24 -14.68
C PRO A 41 0.14 7.81 -15.02
N ASP A 42 0.00 7.45 -16.29
CA ASP A 42 0.26 6.09 -16.74
C ASP A 42 1.72 5.69 -16.55
N GLU A 43 2.56 6.67 -16.23
CA GLU A 43 3.98 6.42 -15.96
C GLU A 43 4.15 5.35 -14.88
N ILE A 44 3.24 5.35 -13.92
CA ILE A 44 3.30 4.42 -12.80
C ILE A 44 3.02 3.00 -13.26
N LEU A 45 2.26 2.89 -14.33
CA LEU A 45 1.88 1.60 -14.90
C LEU A 45 3.08 0.96 -15.61
N ASN A 46 3.98 1.79 -16.13
CA ASN A 46 5.16 1.29 -16.83
C ASN A 46 6.17 0.69 -15.86
N SER A 47 6.20 1.22 -14.64
CA SER A 47 7.18 0.79 -13.65
C SER A 47 6.80 -0.54 -13.00
N LEU A 48 5.69 -1.14 -13.43
CA LEU A 48 5.29 -2.46 -12.93
C LEU A 48 6.39 -3.49 -13.20
N LYS A 49 7.05 -3.34 -14.33
CA LYS A 49 8.06 -4.30 -14.77
C LYS A 49 9.35 -4.12 -13.98
N GLU A 50 9.55 -2.93 -13.45
CA GLU A 50 10.84 -2.52 -12.93
C GLU A 50 11.03 -2.91 -11.47
N TYR A 51 9.98 -3.42 -10.85
CA TYR A 51 10.04 -3.81 -9.45
C TYR A 51 9.70 -5.29 -9.29
N ASP A 52 10.39 -5.96 -8.38
CA ASP A 52 10.21 -7.39 -8.18
C ASP A 52 9.05 -7.66 -7.23
N GLY A 53 8.59 -6.63 -6.56
CA GLY A 53 7.42 -6.74 -5.71
C GLY A 53 6.52 -5.55 -5.86
N VAL A 54 5.23 -5.79 -6.03
CA VAL A 54 4.28 -4.70 -6.19
C VAL A 54 3.18 -4.78 -5.14
N ILE A 55 2.96 -3.67 -4.45
CA ILE A 55 1.96 -3.60 -3.40
C ILE A 55 0.90 -2.54 -3.73
N GLY A 56 -0.35 -2.92 -3.56
CA GLY A 56 -1.45 -1.99 -3.79
C GLY A 56 -2.34 -1.89 -2.58
N LEU A 57 -2.47 -0.69 -2.03
CA LEU A 57 -3.31 -0.46 -0.87
C LEU A 57 -4.73 -0.11 -1.31
N GLY A 58 -4.95 -0.23 -2.60
CA GLY A 58 -6.24 0.11 -3.18
C GLY A 58 -6.11 0.54 -4.62
N ASP A 59 -5.95 -0.42 -5.50
CA ASP A 59 -5.72 -0.14 -6.92
C ASP A 59 -7.04 0.14 -7.64
N TYR A 60 -7.11 -0.25 -8.92
CA TYR A 60 -8.25 0.09 -9.76
C TYR A 60 -9.56 -0.48 -9.22
N VAL A 61 -10.63 0.27 -9.39
CA VAL A 61 -11.94 -0.14 -8.88
C VAL A 61 -12.62 -1.11 -9.84
N ASP A 62 -11.95 -1.38 -10.95
CA ASP A 62 -12.48 -2.30 -11.96
C ASP A 62 -11.77 -3.63 -11.87
N LEU A 63 -12.54 -4.70 -11.65
CA LEU A 63 -12.00 -6.03 -11.38
C LEU A 63 -11.05 -6.49 -12.48
N ASP A 64 -11.47 -6.37 -13.72
CA ASP A 64 -10.67 -6.85 -14.86
C ASP A 64 -9.36 -6.07 -14.96
N THR A 65 -9.39 -4.82 -14.58
CA THR A 65 -8.20 -3.98 -14.61
C THR A 65 -7.26 -4.32 -13.44
N VAL A 66 -7.84 -4.82 -12.34
CA VAL A 66 -7.05 -5.29 -11.22
C VAL A 66 -6.19 -6.48 -11.63
N ILE A 67 -6.84 -7.43 -12.31
CA ILE A 67 -6.15 -8.62 -12.80
C ILE A 67 -5.12 -8.23 -13.84
N LEU A 68 -5.42 -7.18 -14.59
CA LEU A 68 -4.46 -6.61 -15.54
C LEU A 68 -3.19 -6.22 -14.80
N LEU A 69 -3.34 -5.65 -13.61
CA LEU A 69 -2.20 -5.24 -12.80
C LEU A 69 -1.48 -6.47 -12.26
N GLU A 70 -2.26 -7.45 -11.85
CA GLU A 70 -1.74 -8.67 -11.27
C GLU A 70 -0.88 -9.43 -12.29
N LYS A 71 -1.19 -9.25 -13.56
CA LYS A 71 -0.41 -9.86 -14.64
C LYS A 71 0.95 -9.18 -14.78
N PHE A 72 0.94 -7.84 -14.81
CA PHE A 72 2.19 -7.08 -14.93
C PHE A 72 3.05 -7.25 -13.69
N SER A 73 2.43 -7.09 -12.53
CA SER A 73 3.12 -7.27 -11.26
C SER A 73 3.67 -8.69 -11.12
N LYS A 74 2.86 -9.68 -11.52
CA LYS A 74 3.13 -11.10 -11.30
C LYS A 74 3.02 -11.43 -9.82
N GLU A 75 3.75 -10.68 -9.01
CA GLU A 75 3.67 -10.76 -7.57
C GLU A 75 2.97 -9.52 -7.03
N PHE A 76 1.65 -9.56 -7.03
CA PHE A 76 0.86 -8.44 -6.58
C PHE A 76 0.39 -8.68 -5.15
N TYR A 77 0.88 -7.86 -4.24
CA TYR A 77 0.47 -7.93 -2.85
C TYR A 77 -0.47 -6.76 -2.57
N GLY A 78 -1.74 -7.04 -2.40
CA GLY A 78 -2.70 -5.96 -2.27
C GLY A 78 -3.62 -6.12 -1.08
N VAL A 79 -4.11 -4.98 -0.61
CA VAL A 79 -5.11 -4.94 0.46
C VAL A 79 -6.12 -3.83 0.17
N HIS A 80 -7.30 -3.95 0.75
CA HIS A 80 -8.34 -2.98 0.51
C HIS A 80 -8.34 -1.92 1.61
N GLY A 81 -7.84 -0.75 1.26
CA GLY A 81 -7.86 0.38 2.17
C GLY A 81 -8.77 1.47 1.66
N ASN A 82 -8.88 1.55 0.36
CA ASN A 82 -9.72 2.53 -0.32
C ASN A 82 -11.19 2.11 -0.30
N MET A 83 -12.01 2.80 -1.06
CA MET A 83 -13.41 2.44 -1.21
C MET A 83 -13.70 2.08 -2.67
N ASP A 84 -13.54 0.81 -2.99
CA ASP A 84 -13.73 0.31 -4.34
C ASP A 84 -15.00 -0.51 -4.45
N TYR A 85 -15.18 -1.19 -5.58
CA TYR A 85 -16.35 -2.03 -5.82
C TYR A 85 -16.14 -3.41 -5.19
N PRO A 86 -17.24 -4.09 -4.80
CA PRO A 86 -17.20 -5.40 -4.15
C PRO A 86 -16.26 -6.40 -4.84
N ASP A 87 -16.14 -6.30 -6.15
CA ASP A 87 -15.23 -7.15 -6.92
C ASP A 87 -13.80 -7.00 -6.42
N VAL A 88 -13.34 -5.76 -6.35
CA VAL A 88 -11.99 -5.47 -5.91
C VAL A 88 -11.91 -5.62 -4.39
N LYS A 89 -13.02 -5.29 -3.74
CA LYS A 89 -13.16 -5.45 -2.29
C LYS A 89 -12.97 -6.91 -1.87
N GLU A 90 -13.21 -7.83 -2.80
CA GLU A 90 -12.99 -9.24 -2.53
C GLU A 90 -11.60 -9.65 -3.01
N HIS A 91 -11.09 -9.00 -4.05
CA HIS A 91 -9.74 -9.26 -4.53
C HIS A 91 -8.73 -8.83 -3.47
N LEU A 92 -8.98 -7.67 -2.89
CA LEU A 92 -8.09 -7.12 -1.88
C LEU A 92 -8.62 -7.43 -0.48
N PRO A 93 -7.82 -8.12 0.35
CA PRO A 93 -8.19 -8.45 1.73
C PRO A 93 -8.32 -7.21 2.61
N PHE A 94 -8.96 -7.38 3.76
CA PHE A 94 -9.12 -6.27 4.69
C PHE A 94 -7.84 -6.03 5.46
N SER A 95 -7.09 -7.11 5.70
CA SER A 95 -5.82 -7.04 6.38
C SER A 95 -4.91 -8.16 5.92
N LYS A 96 -3.65 -7.84 5.66
CA LYS A 96 -2.67 -8.83 5.23
C LYS A 96 -1.29 -8.43 5.74
N VAL A 97 -0.54 -9.39 6.26
CA VAL A 97 0.80 -9.11 6.74
C VAL A 97 1.83 -9.85 5.90
N LEU A 98 2.76 -9.12 5.34
CA LEU A 98 3.81 -9.72 4.55
C LEU A 98 5.05 -9.93 5.39
N LEU A 99 5.68 -11.07 5.20
CA LEU A 99 6.95 -11.34 5.85
C LEU A 99 8.05 -11.38 4.81
N VAL A 100 8.76 -10.27 4.69
CA VAL A 100 9.77 -10.13 3.65
C VAL A 100 11.16 -10.00 4.26
N GLU A 101 11.90 -11.12 4.25
CA GLU A 101 13.27 -11.18 4.76
C GLU A 101 13.32 -10.83 6.25
N GLY A 102 12.24 -11.13 6.95
CA GLY A 102 12.18 -10.87 8.37
C GLY A 102 11.41 -9.60 8.69
N VAL A 103 11.20 -8.78 7.68
CA VAL A 103 10.45 -7.54 7.85
C VAL A 103 8.96 -7.81 7.78
N THR A 104 8.26 -7.44 8.84
CA THR A 104 6.82 -7.61 8.90
C THR A 104 6.11 -6.40 8.31
N ILE A 105 5.27 -6.63 7.31
CA ILE A 105 4.55 -5.55 6.65
C ILE A 105 3.06 -5.71 6.88
N GLY A 106 2.55 -5.02 7.88
CA GLY A 106 1.15 -5.08 8.18
C GLY A 106 0.36 -4.11 7.34
N MET A 107 -0.41 -4.63 6.40
CA MET A 107 -1.19 -3.78 5.50
C MET A 107 -2.66 -3.83 5.87
N CYS A 108 -3.23 -2.66 6.14
CA CYS A 108 -4.62 -2.56 6.55
C CYS A 108 -5.11 -1.14 6.32
N HIS A 109 -6.42 -0.94 6.36
CA HIS A 109 -6.98 0.40 6.22
C HIS A 109 -7.10 1.07 7.59
N GLY A 110 -6.10 1.87 7.92
CA GLY A 110 -6.06 2.52 9.22
C GLY A 110 -6.87 3.81 9.25
N TRP A 111 -8.18 3.67 9.16
CA TRP A 111 -9.07 4.81 9.21
C TRP A 111 -9.40 5.14 10.67
N GLY A 112 -8.54 5.92 11.29
CA GLY A 112 -8.73 6.31 12.67
C GLY A 112 -7.66 7.27 13.13
N ALA A 113 -7.69 7.61 14.41
CA ALA A 113 -6.70 8.51 14.97
C ALA A 113 -5.42 7.75 15.29
N PRO A 114 -4.26 8.36 15.02
CA PRO A 114 -2.95 7.70 15.23
C PRO A 114 -2.70 7.34 16.69
N TRP A 115 -3.50 7.92 17.58
CA TRP A 115 -3.36 7.70 19.01
C TRP A 115 -3.85 6.32 19.40
N ASP A 116 -5.03 5.97 18.93
CA ASP A 116 -5.61 4.65 19.20
C ASP A 116 -5.35 3.70 18.03
N LEU A 117 -4.69 4.22 17.00
CA LEU A 117 -4.34 3.44 15.82
C LEU A 117 -3.46 2.26 16.21
N LYS A 118 -2.54 2.50 17.14
CA LYS A 118 -1.66 1.45 17.63
C LYS A 118 -2.47 0.32 18.25
N ASP A 119 -3.49 0.68 19.02
CA ASP A 119 -4.36 -0.29 19.66
C ASP A 119 -5.12 -1.08 18.61
N ARG A 120 -5.73 -0.35 17.69
CA ARG A 120 -6.57 -0.94 16.65
C ARG A 120 -5.81 -1.92 15.79
N LEU A 121 -4.65 -1.51 15.30
CA LEU A 121 -3.90 -2.33 14.35
C LEU A 121 -3.14 -3.46 15.04
N LEU A 122 -2.63 -3.21 16.25
CA LEU A 122 -1.88 -4.24 16.97
C LEU A 122 -2.83 -5.26 17.58
N LYS A 123 -4.10 -4.90 17.71
CA LYS A 123 -5.11 -5.81 18.21
C LYS A 123 -5.45 -6.84 17.13
N VAL A 124 -5.32 -6.40 15.88
CA VAL A 124 -5.52 -7.28 14.74
C VAL A 124 -4.23 -8.02 14.40
N PHE A 125 -3.13 -7.28 14.38
CA PHE A 125 -1.82 -7.86 14.08
C PHE A 125 -1.12 -8.29 15.36
N ASN A 126 -1.40 -9.52 15.77
CA ASN A 126 -0.84 -10.08 16.99
C ASN A 126 0.67 -10.31 16.86
N GLU A 127 1.13 -10.42 15.63
CA GLU A 127 2.56 -10.65 15.36
C GLU A 127 3.38 -9.39 15.63
N LYS A 128 2.71 -8.24 15.68
CA LYS A 128 3.37 -6.94 15.80
C LYS A 128 4.26 -6.68 14.59
N PRO A 129 3.74 -5.95 13.59
CA PRO A 129 4.49 -5.60 12.40
C PRO A 129 5.43 -4.41 12.65
N GLN A 130 6.65 -4.53 12.18
CA GLN A 130 7.63 -3.45 12.29
C GLN A 130 7.24 -2.32 11.36
N VAL A 131 6.69 -2.69 10.21
CA VAL A 131 6.25 -1.72 9.22
C VAL A 131 4.77 -1.95 8.90
N ILE A 132 3.99 -0.89 8.98
CA ILE A 132 2.57 -0.97 8.66
C ILE A 132 2.21 0.01 7.56
N LEU A 133 1.56 -0.50 6.52
CA LEU A 133 1.09 0.33 5.43
C LEU A 133 -0.42 0.52 5.55
N PHE A 134 -0.86 1.76 5.57
CA PHE A 134 -2.28 2.05 5.72
C PHE A 134 -2.65 3.31 4.97
N GLY A 135 -3.93 3.46 4.68
CA GLY A 135 -4.41 4.66 4.04
C GLY A 135 -5.17 5.53 5.02
N HIS A 136 -4.76 6.79 5.13
CA HIS A 136 -5.33 7.68 6.12
C HIS A 136 -5.51 9.09 5.56
N THR A 137 -4.44 9.68 5.04
CA THR A 137 -4.50 11.07 4.62
C THR A 137 -4.09 11.26 3.16
N HIS A 138 -2.85 11.68 2.92
CA HIS A 138 -2.40 12.06 1.58
C HIS A 138 -0.88 12.19 1.52
N GLU A 139 -0.31 12.82 2.53
CA GLU A 139 1.14 12.99 2.63
C GLU A 139 1.78 11.77 3.27
N PRO A 140 3.11 11.62 3.15
CA PRO A 140 3.84 10.55 3.82
C PRO A 140 3.73 10.67 5.33
N GLU A 141 2.68 10.08 5.87
CA GLU A 141 2.41 10.16 7.29
C GLU A 141 3.22 9.12 8.03
N ASP A 142 4.25 9.60 8.71
CA ASP A 142 5.19 8.73 9.40
C ASP A 142 4.95 8.77 10.90
N THR A 143 4.25 7.77 11.39
CA THR A 143 3.90 7.70 12.79
C THR A 143 4.46 6.43 13.43
N VAL A 144 5.33 6.58 14.41
CA VAL A 144 5.91 5.43 15.07
C VAL A 144 5.51 5.39 16.54
N LYS A 145 4.76 4.35 16.90
CA LYS A 145 4.28 4.18 18.27
C LYS A 145 4.44 2.72 18.69
N ALA A 146 4.91 2.51 19.91
CA ALA A 146 5.14 1.17 20.46
C ALA A 146 6.23 0.44 19.69
N GLY A 147 7.03 1.18 18.94
CA GLY A 147 8.06 0.59 18.12
C GLY A 147 7.54 0.23 16.75
N VAL A 148 6.24 0.38 16.56
CA VAL A 148 5.59 0.06 15.30
C VAL A 148 5.48 1.31 14.45
N ARG A 149 5.96 1.23 13.21
CA ARG A 149 5.99 2.38 12.34
C ARG A 149 4.88 2.30 11.29
N PHE A 150 3.90 3.18 11.43
CA PHE A 150 2.78 3.24 10.50
C PHE A 150 3.10 4.24 9.39
N LEU A 151 2.98 3.80 8.15
CA LEU A 151 3.32 4.64 7.01
C LEU A 151 2.13 4.87 6.09
N ASN A 152 1.72 6.13 5.97
CA ASN A 152 0.71 6.52 4.98
C ASN A 152 1.42 7.02 3.72
N PRO A 153 1.15 6.40 2.57
CA PRO A 153 1.79 6.75 1.30
C PRO A 153 1.17 7.96 0.63
N GLY A 154 1.86 8.49 -0.37
CA GLY A 154 1.34 9.61 -1.13
C GLY A 154 0.30 9.18 -2.13
N SER A 155 -0.69 10.03 -2.36
CA SER A 155 -1.80 9.72 -3.25
C SER A 155 -1.40 9.87 -4.71
N LEU A 156 -1.86 8.95 -5.55
CA LEU A 156 -1.57 8.95 -6.99
C LEU A 156 -1.99 10.26 -7.63
N ALA A 157 -3.12 10.80 -7.18
CA ALA A 157 -3.69 12.02 -7.74
C ALA A 157 -2.78 13.22 -7.54
N GLU A 158 -1.80 13.07 -6.66
CA GLU A 158 -0.89 14.17 -6.35
C GLU A 158 0.41 14.04 -7.16
N GLY A 159 0.47 13.00 -8.00
CA GLY A 159 1.67 12.76 -8.76
C GLY A 159 2.80 12.25 -7.89
N SER A 160 2.45 11.46 -6.89
CA SER A 160 3.44 10.92 -5.96
C SER A 160 3.11 9.46 -5.64
N TYR A 161 4.12 8.61 -5.71
CA TYR A 161 3.97 7.21 -5.35
C TYR A 161 5.08 6.80 -4.39
N ALA A 162 4.92 5.68 -3.73
CA ALA A 162 5.86 5.28 -2.70
C ALA A 162 6.61 4.02 -3.11
N VAL A 163 7.87 3.96 -2.76
CA VAL A 163 8.70 2.80 -3.07
C VAL A 163 9.44 2.35 -1.83
N LEU A 164 9.25 1.10 -1.45
CA LEU A 164 9.95 0.53 -0.32
C LEU A 164 11.13 -0.29 -0.83
N GLU A 165 12.32 0.25 -0.69
CA GLU A 165 13.51 -0.41 -1.16
C GLU A 165 14.23 -1.11 -0.01
N LEU A 166 14.24 -2.42 -0.04
CA LEU A 166 14.96 -3.21 0.95
C LEU A 166 16.38 -3.47 0.46
N ASP A 167 17.28 -2.57 0.81
CA ASP A 167 18.68 -2.71 0.43
C ASP A 167 19.48 -3.23 1.62
N GLY A 168 20.14 -4.36 1.42
CA GLY A 168 20.83 -5.04 2.51
C GLY A 168 19.86 -5.61 3.53
N GLY A 169 19.20 -4.73 4.25
CA GLY A 169 18.19 -5.15 5.20
C GLY A 169 17.51 -3.95 5.84
N GLU A 170 17.51 -2.83 5.13
CA GLU A 170 16.95 -1.60 5.63
C GLU A 170 15.62 -1.31 4.96
N VAL A 171 14.62 -0.91 5.75
CA VAL A 171 13.33 -0.56 5.21
C VAL A 171 13.34 0.89 4.75
N ARG A 172 13.71 1.10 3.49
CA ARG A 172 13.82 2.45 2.94
C ARG A 172 12.54 2.82 2.22
N PHE A 173 11.67 3.53 2.93
CA PHE A 173 10.39 3.96 2.38
C PHE A 173 10.53 5.35 1.77
N GLU A 174 10.57 5.41 0.46
CA GLU A 174 10.71 6.68 -0.23
C GLU A 174 9.43 7.06 -0.94
N LEU A 175 9.23 8.35 -1.14
CA LEU A 175 8.12 8.84 -1.95
C LEU A 175 8.67 9.51 -3.20
N LYS A 176 8.35 8.97 -4.36
CA LYS A 176 8.86 9.50 -5.60
C LYS A 176 7.76 10.26 -6.34
N THR A 177 8.11 11.42 -6.84
CA THR A 177 7.14 12.25 -7.56
C THR A 177 7.26 12.05 -9.06
N LEU A 178 6.12 12.06 -9.72
CA LEU A 178 6.06 11.86 -11.15
C LEU A 178 6.26 13.17 -11.88
N VAL A 22 18.22 -6.78 -5.60
CA VAL A 22 17.61 -6.25 -4.35
C VAL A 22 16.12 -6.58 -4.37
N LYS A 23 15.35 -6.02 -3.46
CA LYS A 23 13.91 -6.09 -3.56
C LYS A 23 13.31 -4.70 -3.44
N ARG A 24 12.74 -4.23 -4.54
CA ARG A 24 12.10 -2.92 -4.57
C ARG A 24 10.61 -3.07 -4.82
N PHE A 25 9.83 -2.64 -3.84
CA PHE A 25 8.38 -2.74 -3.93
C PHE A 25 7.77 -1.38 -4.25
N LEU A 26 6.88 -1.38 -5.22
CA LEU A 26 6.19 -0.17 -5.63
C LEU A 26 4.92 0.02 -4.81
N LEU A 27 4.90 1.07 -4.01
CA LEU A 27 3.76 1.33 -3.16
C LEU A 27 2.89 2.44 -3.74
N ILE A 28 1.73 2.07 -4.26
CA ILE A 28 0.77 3.05 -4.73
C ILE A 28 -0.38 3.15 -3.72
N SER A 29 -0.64 4.37 -3.28
CA SER A 29 -1.60 4.61 -2.22
C SER A 29 -3.04 4.54 -2.71
N ASP A 30 -3.97 4.83 -1.82
CA ASP A 30 -5.39 4.80 -2.15
C ASP A 30 -5.71 5.93 -3.12
N SER A 31 -6.18 5.57 -4.28
CA SER A 31 -6.55 6.51 -5.30
C SER A 31 -7.55 5.86 -6.24
N HIS A 32 -8.80 5.84 -5.77
CA HIS A 32 -9.87 5.11 -6.42
C HIS A 32 -10.13 5.55 -7.85
N VAL A 33 -9.72 4.72 -8.80
CA VAL A 33 -9.95 4.94 -10.21
C VAL A 33 -10.31 3.63 -10.91
N PRO A 34 -11.30 3.62 -11.81
CA PRO A 34 -12.07 4.81 -12.15
C PRO A 34 -13.30 4.97 -11.27
N VAL A 35 -13.22 5.90 -10.33
CA VAL A 35 -14.33 6.19 -9.43
C VAL A 35 -14.62 7.67 -9.44
N ARG A 36 -13.80 8.45 -8.73
CA ARG A 36 -13.99 9.88 -8.65
C ARG A 36 -12.68 10.64 -8.86
N MET A 37 -11.58 9.89 -8.98
CA MET A 37 -10.29 10.49 -9.32
C MET A 37 -10.10 10.45 -10.82
N ALA A 38 -10.01 9.24 -11.37
CA ALA A 38 -9.90 9.00 -12.81
C ALA A 38 -8.56 9.46 -13.38
N SER A 39 -7.87 10.35 -12.68
CA SER A 39 -6.62 10.89 -13.18
C SER A 39 -5.43 10.29 -12.46
N LEU A 40 -5.06 9.08 -12.84
CA LEU A 40 -3.87 8.44 -12.33
C LEU A 40 -2.81 8.40 -13.42
N PRO A 41 -1.68 9.09 -13.22
CA PRO A 41 -0.57 9.09 -14.19
C PRO A 41 -0.04 7.68 -14.44
N ASP A 42 -0.26 7.18 -15.64
CA ASP A 42 0.05 5.78 -15.96
C ASP A 42 1.52 5.58 -16.26
N GLU A 43 2.34 6.62 -16.04
CA GLU A 43 3.78 6.48 -16.16
C GLU A 43 4.30 5.53 -15.09
N ILE A 44 3.66 5.57 -13.93
CA ILE A 44 4.02 4.69 -12.82
C ILE A 44 3.60 3.26 -13.16
N LEU A 45 2.43 3.17 -13.76
CA LEU A 45 1.87 1.89 -14.20
C LEU A 45 2.61 1.36 -15.43
N ASN A 46 3.54 2.16 -15.92
CA ASN A 46 4.39 1.74 -17.03
C ASN A 46 5.75 1.29 -16.51
N SER A 47 6.13 1.80 -15.33
CA SER A 47 7.44 1.54 -14.78
C SER A 47 7.42 0.40 -13.76
N LEU A 48 6.23 -0.09 -13.43
CA LEU A 48 6.08 -1.13 -12.42
C LEU A 48 6.72 -2.45 -12.85
N LYS A 49 7.04 -2.54 -14.13
CA LYS A 49 7.64 -3.74 -14.71
C LYS A 49 9.03 -4.00 -14.13
N GLU A 50 9.71 -2.94 -13.70
CA GLU A 50 11.07 -3.08 -13.18
C GLU A 50 11.08 -3.23 -11.66
N TYR A 51 9.92 -3.20 -11.04
CA TYR A 51 9.83 -3.37 -9.60
C TYR A 51 9.63 -4.84 -9.26
N ASP A 52 10.31 -5.30 -8.23
CA ASP A 52 10.26 -6.70 -7.82
C ASP A 52 8.85 -7.04 -7.34
N GLY A 53 8.22 -6.09 -6.67
CA GLY A 53 6.87 -6.27 -6.21
C GLY A 53 6.09 -4.97 -6.25
N VAL A 54 4.78 -5.06 -6.36
CA VAL A 54 3.94 -3.88 -6.41
C VAL A 54 2.76 -4.03 -5.45
N ILE A 55 2.49 -2.98 -4.69
CA ILE A 55 1.39 -2.99 -3.74
C ILE A 55 0.34 -1.97 -4.14
N GLY A 56 -0.88 -2.45 -4.36
CA GLY A 56 -1.99 -1.56 -4.63
C GLY A 56 -2.87 -1.41 -3.41
N LEU A 57 -2.79 -0.27 -2.76
CA LEU A 57 -3.53 -0.05 -1.52
C LEU A 57 -5.01 0.20 -1.80
N GLY A 58 -5.32 0.70 -2.99
CA GLY A 58 -6.70 1.01 -3.33
C GLY A 58 -6.78 1.92 -4.54
N ASP A 59 -6.19 1.47 -5.63
CA ASP A 59 -6.09 2.26 -6.85
C ASP A 59 -7.17 1.87 -7.86
N TYR A 60 -6.88 0.88 -8.70
CA TYR A 60 -7.79 0.47 -9.75
C TYR A 60 -8.86 -0.46 -9.21
N VAL A 61 -10.11 -0.01 -9.24
CA VAL A 61 -11.22 -0.77 -8.70
C VAL A 61 -11.87 -1.66 -9.76
N ASP A 62 -11.26 -1.72 -10.93
CA ASP A 62 -11.77 -2.53 -12.01
C ASP A 62 -11.23 -3.95 -11.89
N LEU A 63 -12.14 -4.91 -11.76
CA LEU A 63 -11.77 -6.31 -11.52
C LEU A 63 -10.78 -6.83 -12.56
N ASP A 64 -11.05 -6.55 -13.83
CA ASP A 64 -10.19 -7.01 -14.91
C ASP A 64 -8.81 -6.39 -14.80
N THR A 65 -8.78 -5.11 -14.43
CA THR A 65 -7.53 -4.40 -14.23
C THR A 65 -6.76 -4.92 -13.02
N VAL A 66 -7.49 -5.41 -12.01
CA VAL A 66 -6.86 -6.02 -10.84
C VAL A 66 -6.03 -7.23 -11.25
N ILE A 67 -6.62 -8.08 -12.10
CA ILE A 67 -5.91 -9.25 -12.60
C ILE A 67 -4.76 -8.82 -13.51
N LEU A 68 -5.02 -7.78 -14.31
CA LEU A 68 -3.99 -7.21 -15.16
C LEU A 68 -2.84 -6.66 -14.33
N LEU A 69 -3.17 -6.16 -13.15
CA LEU A 69 -2.17 -5.61 -12.25
C LEU A 69 -1.28 -6.73 -11.72
N GLU A 70 -1.85 -7.90 -11.53
CA GLU A 70 -1.09 -9.06 -11.08
C GLU A 70 -0.32 -9.65 -12.27
N LYS A 71 -0.69 -9.25 -13.48
CA LYS A 71 0.05 -9.66 -14.67
C LYS A 71 1.30 -8.82 -14.85
N PHE A 72 1.15 -7.50 -14.76
CA PHE A 72 2.29 -6.60 -14.82
C PHE A 72 3.15 -6.73 -13.57
N SER A 73 2.51 -6.82 -12.42
CA SER A 73 3.20 -7.01 -11.16
C SER A 73 3.25 -8.50 -10.84
N LYS A 74 4.38 -9.12 -11.15
CA LYS A 74 4.54 -10.56 -10.97
C LYS A 74 4.40 -10.94 -9.50
N GLU A 75 4.70 -9.98 -8.62
CA GLU A 75 4.35 -10.08 -7.21
C GLU A 75 3.42 -8.93 -6.85
N PHE A 76 2.12 -9.14 -7.04
CA PHE A 76 1.14 -8.11 -6.79
C PHE A 76 0.48 -8.31 -5.43
N TYR A 77 0.55 -7.30 -4.60
CA TYR A 77 -0.15 -7.29 -3.32
C TYR A 77 -1.16 -6.17 -3.31
N GLY A 78 -2.27 -6.37 -2.64
CA GLY A 78 -3.29 -5.35 -2.59
C GLY A 78 -4.21 -5.52 -1.41
N VAL A 79 -4.93 -4.46 -1.07
CA VAL A 79 -5.88 -4.50 0.03
C VAL A 79 -7.14 -3.70 -0.31
N HIS A 80 -8.16 -3.87 0.53
CA HIS A 80 -9.46 -3.26 0.29
C HIS A 80 -9.55 -1.92 1.03
N GLY A 81 -10.22 -0.95 0.40
CA GLY A 81 -10.38 0.35 1.02
C GLY A 81 -11.63 0.43 1.86
N ASN A 82 -12.43 1.47 1.63
CA ASN A 82 -13.68 1.65 2.36
C ASN A 82 -14.82 0.94 1.65
N MET A 83 -15.21 1.45 0.49
CA MET A 83 -16.30 0.87 -0.27
C MET A 83 -15.84 0.55 -1.69
N ASP A 84 -15.57 -0.72 -1.94
CA ASP A 84 -15.10 -1.16 -3.26
C ASP A 84 -16.09 -2.13 -3.85
N TYR A 85 -15.80 -2.60 -5.06
CA TYR A 85 -16.62 -3.61 -5.71
C TYR A 85 -16.43 -4.96 -5.02
N PRO A 86 -17.51 -5.74 -4.86
CA PRO A 86 -17.45 -7.06 -4.20
C PRO A 86 -16.48 -8.01 -4.90
N ASP A 87 -16.35 -7.83 -6.20
CA ASP A 87 -15.45 -8.65 -7.02
C ASP A 87 -14.00 -8.45 -6.60
N VAL A 88 -13.68 -7.21 -6.23
CA VAL A 88 -12.33 -6.85 -5.82
C VAL A 88 -12.01 -7.42 -4.45
N LYS A 89 -13.05 -7.61 -3.63
CA LYS A 89 -12.88 -8.17 -2.28
C LYS A 89 -12.29 -9.57 -2.35
N GLU A 90 -12.56 -10.27 -3.45
CA GLU A 90 -12.15 -11.66 -3.61
C GLU A 90 -10.64 -11.75 -3.88
N HIS A 91 -10.02 -10.62 -4.21
CA HIS A 91 -8.59 -10.58 -4.48
C HIS A 91 -7.88 -9.70 -3.46
N LEU A 92 -8.51 -8.60 -3.08
CA LEU A 92 -7.91 -7.66 -2.15
C LEU A 92 -8.61 -7.73 -0.80
N PRO A 93 -7.94 -8.31 0.21
CA PRO A 93 -8.49 -8.46 1.56
C PRO A 93 -8.56 -7.12 2.29
N PHE A 94 -9.42 -7.04 3.30
CA PHE A 94 -9.57 -5.82 4.08
C PHE A 94 -8.26 -5.47 4.80
N SER A 95 -7.54 -6.51 5.18
CA SER A 95 -6.25 -6.34 5.84
C SER A 95 -5.34 -7.51 5.47
N LYS A 96 -4.11 -7.21 5.09
CA LYS A 96 -3.15 -8.24 4.75
C LYS A 96 -1.78 -7.87 5.27
N VAL A 97 -1.18 -8.77 6.04
CA VAL A 97 0.17 -8.57 6.52
C VAL A 97 1.13 -9.39 5.69
N LEU A 98 2.09 -8.71 5.09
CA LEU A 98 3.09 -9.37 4.27
C LEU A 98 4.25 -9.82 5.13
N LEU A 99 4.88 -10.90 4.72
CA LEU A 99 6.10 -11.34 5.34
C LEU A 99 7.20 -11.39 4.30
N VAL A 100 7.94 -10.31 4.21
CA VAL A 100 8.93 -10.16 3.16
C VAL A 100 10.31 -9.94 3.77
N GLU A 101 11.21 -10.88 3.50
CA GLU A 101 12.58 -10.83 4.00
C GLU A 101 12.62 -10.85 5.53
N GLY A 102 11.55 -11.33 6.15
CA GLY A 102 11.49 -11.37 7.59
C GLY A 102 10.80 -10.15 8.17
N VAL A 103 10.40 -9.23 7.30
CA VAL A 103 9.71 -8.02 7.71
C VAL A 103 8.20 -8.21 7.58
N THR A 104 7.48 -7.89 8.65
CA THR A 104 6.03 -7.97 8.65
C THR A 104 5.42 -6.63 8.24
N ILE A 105 4.66 -6.64 7.16
CA ILE A 105 4.08 -5.42 6.62
C ILE A 105 2.55 -5.50 6.63
N GLY A 106 1.95 -4.89 7.65
CA GLY A 106 0.51 -4.93 7.78
C GLY A 106 -0.16 -3.83 6.99
N MET A 107 -0.87 -4.20 5.94
CA MET A 107 -1.56 -3.23 5.11
C MET A 107 -3.02 -3.13 5.53
N CYS A 108 -3.45 -1.95 5.95
CA CYS A 108 -4.79 -1.75 6.44
C CYS A 108 -5.33 -0.37 6.03
N HIS A 109 -6.64 -0.23 6.07
CA HIS A 109 -7.29 1.06 5.84
C HIS A 109 -8.08 1.47 7.07
N GLY A 110 -8.25 2.77 7.25
CA GLY A 110 -9.03 3.26 8.36
C GLY A 110 -8.64 4.67 8.76
N TRP A 111 -8.95 5.02 10.00
CA TRP A 111 -8.68 6.35 10.52
C TRP A 111 -8.56 6.29 12.03
N GLY A 112 -8.23 7.41 12.64
CA GLY A 112 -8.13 7.47 14.09
C GLY A 112 -7.09 8.47 14.54
N ALA A 113 -7.08 8.75 15.83
CA ALA A 113 -6.11 9.66 16.40
C ALA A 113 -4.82 8.92 16.72
N PRO A 114 -3.70 9.64 16.95
CA PRO A 114 -2.39 9.04 17.25
C PRO A 114 -2.45 7.92 18.30
N TRP A 115 -3.28 8.09 19.31
CA TRP A 115 -3.40 7.09 20.36
C TRP A 115 -4.29 5.93 19.92
N ASP A 116 -5.38 6.24 19.22
CA ASP A 116 -6.29 5.21 18.73
C ASP A 116 -5.62 4.34 17.69
N LEU A 117 -4.76 4.96 16.90
CA LEU A 117 -4.05 4.29 15.81
C LEU A 117 -3.31 3.06 16.32
N LYS A 118 -2.57 3.25 17.41
CA LYS A 118 -1.83 2.16 18.04
C LYS A 118 -2.79 1.03 18.41
N ASP A 119 -3.77 1.39 19.21
CA ASP A 119 -4.70 0.45 19.81
C ASP A 119 -5.49 -0.32 18.77
N ARG A 120 -6.06 0.40 17.82
CA ARG A 120 -6.94 -0.21 16.82
C ARG A 120 -6.17 -1.15 15.89
N LEU A 121 -5.02 -0.69 15.39
CA LEU A 121 -4.24 -1.49 14.45
C LEU A 121 -3.66 -2.74 15.11
N LEU A 122 -3.17 -2.58 16.34
CA LEU A 122 -2.58 -3.70 17.06
C LEU A 122 -3.65 -4.65 17.58
N LYS A 123 -4.90 -4.20 17.55
CA LYS A 123 -6.03 -5.05 17.91
C LYS A 123 -6.55 -5.78 16.68
N VAL A 124 -6.26 -5.22 15.52
CA VAL A 124 -6.60 -5.87 14.24
C VAL A 124 -5.59 -6.97 13.94
N PHE A 125 -4.31 -6.63 14.02
CA PHE A 125 -3.25 -7.59 13.77
C PHE A 125 -2.74 -8.17 15.07
N ASN A 126 -3.05 -9.43 15.32
CA ASN A 126 -2.60 -10.09 16.54
C ASN A 126 -1.17 -10.61 16.38
N GLU A 127 -0.58 -10.36 15.22
CA GLU A 127 0.80 -10.73 14.95
C GLU A 127 1.76 -9.65 15.47
N LYS A 128 1.22 -8.43 15.61
CA LYS A 128 2.03 -7.25 15.90
C LYS A 128 3.11 -7.06 14.83
N PRO A 129 2.76 -6.39 13.73
CA PRO A 129 3.67 -6.19 12.59
C PRO A 129 4.78 -5.20 12.91
N GLN A 130 5.89 -5.36 12.24
CA GLN A 130 7.01 -4.44 12.37
C GLN A 130 6.74 -3.17 11.60
N VAL A 131 6.10 -3.32 10.44
CA VAL A 131 5.73 -2.20 9.60
C VAL A 131 4.26 -2.26 9.24
N ILE A 132 3.58 -1.13 9.29
CA ILE A 132 2.18 -1.05 8.91
C ILE A 132 1.96 0.06 7.88
N LEU A 133 1.23 -0.27 6.83
CA LEU A 133 0.89 0.69 5.78
C LEU A 133 -0.53 1.18 5.96
N PHE A 134 -0.70 2.48 6.11
CA PHE A 134 -2.04 3.04 6.23
C PHE A 134 -2.25 4.17 5.23
N GLY A 135 -3.28 4.03 4.41
CA GLY A 135 -3.59 5.05 3.43
C GLY A 135 -4.79 5.86 3.83
N HIS A 136 -4.58 7.15 4.09
CA HIS A 136 -5.65 8.04 4.53
C HIS A 136 -5.22 9.50 4.41
N THR A 137 -3.92 9.73 4.55
CA THR A 137 -3.38 11.08 4.46
C THR A 137 -2.95 11.38 3.01
N HIS A 138 -2.48 12.60 2.77
CA HIS A 138 -2.08 13.01 1.43
C HIS A 138 -0.57 13.07 1.32
N GLU A 139 0.06 13.56 2.37
CA GLU A 139 1.51 13.72 2.43
C GLU A 139 2.15 12.53 3.13
N PRO A 140 3.35 12.12 2.68
CA PRO A 140 4.08 11.00 3.25
C PRO A 140 4.84 11.37 4.52
N GLU A 141 4.91 10.42 5.46
CA GLU A 141 5.63 10.62 6.71
C GLU A 141 5.97 9.28 7.36
N ASP A 142 7.11 9.21 8.03
CA ASP A 142 7.50 8.02 8.75
C ASP A 142 7.13 8.18 10.22
N THR A 143 6.32 7.26 10.74
CA THR A 143 5.84 7.37 12.10
C THR A 143 6.14 6.11 12.90
N VAL A 144 6.49 6.29 14.17
CA VAL A 144 6.74 5.16 15.06
C VAL A 144 6.40 5.54 16.49
N LYS A 145 5.76 4.62 17.21
CA LYS A 145 5.39 4.86 18.60
C LYS A 145 5.59 3.61 19.45
N ALA A 146 4.72 2.62 19.26
CA ALA A 146 4.76 1.39 20.05
C ALA A 146 5.68 0.37 19.39
N GLY A 147 6.86 0.80 18.98
CA GLY A 147 7.80 -0.07 18.31
C GLY A 147 7.46 -0.28 16.85
N VAL A 148 6.17 -0.47 16.58
CA VAL A 148 5.68 -0.66 15.22
C VAL A 148 5.92 0.59 14.38
N ARG A 149 6.49 0.38 13.20
CA ARG A 149 6.78 1.47 12.28
C ARG A 149 5.63 1.64 11.29
N PHE A 150 4.95 2.77 11.38
CA PHE A 150 3.81 3.02 10.52
C PHE A 150 4.23 3.91 9.36
N LEU A 151 3.95 3.46 8.15
CA LEU A 151 4.32 4.21 6.96
C LEU A 151 3.09 4.90 6.37
N ASN A 152 3.18 6.21 6.29
CA ASN A 152 2.15 7.03 5.69
C ASN A 152 2.60 7.49 4.31
N PRO A 153 2.02 6.93 3.25
CA PRO A 153 2.39 7.25 1.88
C PRO A 153 1.61 8.44 1.30
N GLY A 154 2.09 8.96 0.18
CA GLY A 154 1.43 10.08 -0.46
C GLY A 154 0.39 9.61 -1.46
N SER A 155 -0.68 10.37 -1.59
CA SER A 155 -1.77 10.01 -2.50
C SER A 155 -1.33 10.13 -3.96
N LEU A 156 -1.80 9.22 -4.81
CA LEU A 156 -1.42 9.21 -6.21
C LEU A 156 -1.92 10.47 -6.90
N ALA A 157 -3.09 10.93 -6.47
CA ALA A 157 -3.69 12.15 -7.00
C ALA A 157 -2.84 13.38 -6.68
N GLU A 158 -2.05 13.29 -5.62
CA GLU A 158 -1.21 14.41 -5.21
C GLU A 158 0.06 14.45 -6.07
N GLY A 159 0.31 13.38 -6.80
CA GLY A 159 1.45 13.34 -7.69
C GLY A 159 2.70 12.82 -7.01
N SER A 160 2.53 11.89 -6.07
CA SER A 160 3.65 11.30 -5.38
C SER A 160 3.35 9.86 -4.98
N TYR A 161 4.38 9.04 -4.91
CA TYR A 161 4.24 7.66 -4.49
C TYR A 161 5.49 7.23 -3.72
N ALA A 162 5.49 6.00 -3.23
CA ALA A 162 6.60 5.52 -2.42
C ALA A 162 7.24 4.28 -3.03
N VAL A 163 8.56 4.29 -3.10
CA VAL A 163 9.32 3.13 -3.51
C VAL A 163 9.95 2.49 -2.28
N LEU A 164 9.53 1.29 -1.95
CA LEU A 164 10.04 0.61 -0.76
C LEU A 164 11.20 -0.30 -1.14
N GLU A 165 12.39 0.14 -0.82
CA GLU A 165 13.59 -0.63 -1.09
C GLU A 165 13.97 -1.44 0.14
N LEU A 166 14.10 -2.74 -0.04
CA LEU A 166 14.57 -3.59 1.03
C LEU A 166 16.08 -3.74 0.96
N ASP A 167 16.76 -2.96 1.78
CA ASP A 167 18.21 -2.96 1.83
C ASP A 167 18.71 -4.04 2.76
N GLY A 168 19.13 -5.15 2.18
CA GLY A 168 19.50 -6.34 2.96
C GLY A 168 18.29 -6.98 3.64
N GLY A 169 17.73 -6.28 4.62
CA GLY A 169 16.54 -6.74 5.31
C GLY A 169 15.88 -5.61 6.05
N GLU A 170 16.09 -4.40 5.55
CA GLU A 170 15.60 -3.19 6.20
C GLU A 170 14.73 -2.39 5.24
N VAL A 171 13.69 -1.77 5.77
CA VAL A 171 12.75 -1.01 4.96
C VAL A 171 13.26 0.41 4.69
N ARG A 172 13.58 0.68 3.43
CA ARG A 172 14.03 2.00 3.03
C ARG A 172 13.09 2.54 1.96
N PHE A 173 12.09 3.30 2.37
CA PHE A 173 11.12 3.83 1.44
C PHE A 173 11.57 5.21 0.93
N GLU A 174 11.52 5.40 -0.37
CA GLU A 174 11.88 6.66 -0.99
C GLU A 174 10.66 7.26 -1.68
N LEU A 175 10.45 8.55 -1.49
CA LEU A 175 9.30 9.21 -2.08
C LEU A 175 9.64 9.75 -3.46
N LYS A 176 8.77 9.46 -4.42
CA LYS A 176 8.97 9.93 -5.79
C LYS A 176 7.77 10.77 -6.22
N THR A 177 7.97 11.67 -7.16
CA THR A 177 6.88 12.50 -7.65
C THR A 177 6.51 12.14 -9.09
N LEU A 178 5.26 12.37 -9.45
CA LEU A 178 4.76 12.07 -10.79
C LEU A 178 4.59 13.36 -11.59
N VAL A 22 18.58 -8.43 -5.48
CA VAL A 22 17.93 -7.20 -4.97
C VAL A 22 16.45 -7.21 -5.32
N LYS A 23 15.61 -7.25 -4.30
CA LYS A 23 14.17 -7.21 -4.50
C LYS A 23 13.63 -5.81 -4.20
N ARG A 24 12.86 -5.26 -5.12
CA ARG A 24 12.29 -3.93 -4.97
C ARG A 24 10.78 -3.99 -4.90
N PHE A 25 10.21 -3.41 -3.86
CA PHE A 25 8.77 -3.35 -3.70
C PHE A 25 8.26 -1.95 -4.04
N LEU A 26 7.32 -1.89 -4.98
CA LEU A 26 6.67 -0.63 -5.32
C LEU A 26 5.45 -0.43 -4.45
N LEU A 27 5.25 0.77 -3.93
CA LEU A 27 4.13 1.02 -3.03
C LEU A 27 3.15 2.04 -3.60
N ILE A 28 2.02 1.53 -4.08
CA ILE A 28 0.88 2.36 -4.44
C ILE A 28 -0.13 2.25 -3.29
N SER A 29 -0.75 3.36 -2.91
CA SER A 29 -1.45 3.39 -1.63
C SER A 29 -2.90 3.86 -1.72
N ASP A 30 -3.11 5.13 -2.03
CA ASP A 30 -4.45 5.66 -2.07
C ASP A 30 -4.87 6.00 -3.49
N SER A 31 -5.73 5.17 -4.03
CA SER A 31 -6.31 5.41 -5.33
C SER A 31 -7.77 4.99 -5.31
N HIS A 32 -8.57 5.56 -6.20
CA HIS A 32 -10.00 5.33 -6.20
C HIS A 32 -10.46 5.26 -7.65
N VAL A 33 -9.87 4.34 -8.39
CA VAL A 33 -10.12 4.23 -9.82
C VAL A 33 -10.91 2.97 -10.16
N PRO A 34 -12.03 3.13 -10.88
CA PRO A 34 -12.61 4.41 -11.21
C PRO A 34 -13.86 4.74 -10.39
N VAL A 35 -13.68 5.41 -9.27
CA VAL A 35 -14.79 5.87 -8.46
C VAL A 35 -15.19 7.28 -8.88
N ARG A 36 -14.26 8.20 -8.68
CA ARG A 36 -14.42 9.57 -9.16
C ARG A 36 -13.05 10.10 -9.59
N MET A 37 -12.11 9.18 -9.71
CA MET A 37 -10.74 9.54 -10.05
C MET A 37 -10.25 8.62 -11.16
N ALA A 38 -9.86 9.21 -12.27
CA ALA A 38 -9.33 8.47 -13.40
C ALA A 38 -7.97 9.02 -13.80
N SER A 39 -7.54 10.05 -13.07
CA SER A 39 -6.27 10.71 -13.35
C SER A 39 -5.10 9.92 -12.75
N LEU A 40 -4.90 8.71 -13.26
CA LEU A 40 -3.81 7.87 -12.80
C LEU A 40 -2.69 7.92 -13.83
N PRO A 41 -1.55 8.53 -13.48
CA PRO A 41 -0.41 8.70 -14.38
C PRO A 41 0.18 7.37 -14.83
N ASP A 42 0.28 7.19 -16.15
CA ASP A 42 0.87 5.98 -16.73
C ASP A 42 2.28 5.77 -16.23
N GLU A 43 2.96 6.86 -15.89
CA GLU A 43 4.36 6.82 -15.49
C GLU A 43 4.63 5.77 -14.42
N ILE A 44 3.83 5.79 -13.36
CA ILE A 44 4.00 4.86 -12.25
C ILE A 44 3.71 3.44 -12.70
N LEU A 45 2.68 3.33 -13.52
CA LEU A 45 2.23 2.06 -14.08
C LEU A 45 3.19 1.58 -15.17
N ASN A 46 4.19 2.39 -15.49
CA ASN A 46 5.25 1.97 -16.39
C ASN A 46 6.48 1.56 -15.59
N SER A 47 6.77 2.34 -14.56
CA SER A 47 7.96 2.14 -13.74
C SER A 47 7.88 0.86 -12.91
N LEU A 48 6.70 0.29 -12.79
CA LEU A 48 6.50 -0.90 -11.96
C LEU A 48 7.19 -2.12 -12.57
N LYS A 49 7.68 -1.97 -13.79
CA LYS A 49 8.44 -3.01 -14.46
C LYS A 49 9.77 -3.25 -13.74
N GLU A 50 10.34 -2.17 -13.22
CA GLU A 50 11.63 -2.25 -12.53
C GLU A 50 11.47 -2.95 -11.18
N TYR A 51 10.25 -2.91 -10.66
CA TYR A 51 9.95 -3.46 -9.35
C TYR A 51 9.41 -4.87 -9.47
N ASP A 52 10.19 -5.82 -8.97
CA ASP A 52 9.84 -7.24 -9.07
C ASP A 52 8.78 -7.61 -8.04
N GLY A 53 8.43 -6.65 -7.20
CA GLY A 53 7.35 -6.83 -6.26
C GLY A 53 6.55 -5.54 -6.12
N VAL A 54 5.24 -5.62 -6.24
CA VAL A 54 4.40 -4.44 -6.12
C VAL A 54 3.40 -4.61 -4.97
N ILE A 55 3.14 -3.53 -4.27
CA ILE A 55 2.17 -3.54 -3.18
C ILE A 55 1.13 -2.45 -3.40
N GLY A 56 -0.13 -2.81 -3.28
CA GLY A 56 -1.20 -1.85 -3.43
C GLY A 56 -2.07 -1.79 -2.19
N LEU A 57 -2.20 -0.61 -1.61
CA LEU A 57 -2.91 -0.45 -0.35
C LEU A 57 -4.37 -0.06 -0.56
N GLY A 58 -4.81 -0.05 -1.82
CA GLY A 58 -6.18 0.29 -2.12
C GLY A 58 -6.29 1.27 -3.25
N ASP A 59 -6.32 0.75 -4.47
CA ASP A 59 -6.19 1.57 -5.65
C ASP A 59 -7.32 1.35 -6.65
N TYR A 60 -7.35 0.15 -7.22
CA TYR A 60 -8.32 -0.16 -8.28
C TYR A 60 -9.56 -0.82 -7.69
N VAL A 61 -10.73 -0.31 -8.08
CA VAL A 61 -11.99 -0.83 -7.58
C VAL A 61 -12.76 -1.59 -8.67
N ASP A 62 -12.10 -1.78 -9.80
CA ASP A 62 -12.71 -2.50 -10.92
C ASP A 62 -11.99 -3.82 -11.15
N LEU A 63 -12.76 -4.90 -11.24
CA LEU A 63 -12.21 -6.25 -11.34
C LEU A 63 -11.33 -6.41 -12.58
N ASP A 64 -11.84 -6.00 -13.73
CA ASP A 64 -11.10 -6.09 -14.98
C ASP A 64 -9.75 -5.38 -14.87
N THR A 65 -9.78 -4.19 -14.30
CA THR A 65 -8.57 -3.40 -14.14
C THR A 65 -7.60 -4.08 -13.16
N VAL A 66 -8.14 -4.84 -12.20
CA VAL A 66 -7.30 -5.60 -11.28
C VAL A 66 -6.54 -6.70 -12.03
N ILE A 67 -7.23 -7.38 -12.93
CA ILE A 67 -6.62 -8.43 -13.74
C ILE A 67 -5.59 -7.83 -14.69
N LEU A 68 -5.91 -6.66 -15.23
CA LEU A 68 -4.96 -5.94 -16.06
C LEU A 68 -3.78 -5.45 -15.24
N LEU A 69 -4.05 -5.10 -13.98
CA LEU A 69 -3.01 -4.65 -13.08
C LEU A 69 -2.06 -5.81 -12.82
N GLU A 70 -2.64 -7.01 -12.75
CA GLU A 70 -1.87 -8.24 -12.66
C GLU A 70 -1.02 -8.43 -13.91
N LYS A 71 -1.50 -7.94 -15.06
CA LYS A 71 -0.75 -8.09 -16.30
C LYS A 71 0.51 -7.22 -16.29
N PHE A 72 0.39 -6.02 -15.74
CA PHE A 72 1.55 -5.16 -15.56
C PHE A 72 2.44 -5.66 -14.43
N SER A 73 1.92 -5.59 -13.21
CA SER A 73 2.64 -6.13 -12.07
C SER A 73 2.30 -7.61 -11.91
N LYS A 74 3.18 -8.45 -12.44
CA LYS A 74 2.91 -9.89 -12.53
C LYS A 74 2.99 -10.57 -11.16
N GLU A 75 3.40 -9.82 -10.14
CA GLU A 75 3.36 -10.30 -8.77
C GLU A 75 3.21 -9.13 -7.81
N PHE A 76 1.99 -8.89 -7.35
CA PHE A 76 1.73 -7.82 -6.42
C PHE A 76 0.98 -8.32 -5.20
N TYR A 77 1.00 -7.51 -4.14
CA TYR A 77 0.24 -7.78 -2.94
C TYR A 77 -0.78 -6.67 -2.74
N GLY A 78 -2.05 -7.01 -2.75
CA GLY A 78 -3.07 -6.00 -2.63
C GLY A 78 -3.74 -5.98 -1.27
N VAL A 79 -4.18 -4.80 -0.85
CA VAL A 79 -4.93 -4.65 0.38
C VAL A 79 -6.20 -3.85 0.09
N HIS A 80 -7.21 -4.04 0.92
CA HIS A 80 -8.50 -3.41 0.72
C HIS A 80 -8.63 -2.18 1.61
N GLY A 81 -9.41 -1.20 1.17
CA GLY A 81 -9.65 -0.02 1.97
C GLY A 81 -10.35 1.07 1.19
N ASN A 82 -11.47 0.72 0.58
CA ASN A 82 -12.25 1.66 -0.21
C ASN A 82 -13.58 1.00 -0.59
N MET A 83 -14.56 1.81 -0.97
CA MET A 83 -15.87 1.28 -1.35
C MET A 83 -15.81 0.77 -2.79
N ASP A 84 -15.83 -0.54 -2.93
CA ASP A 84 -15.61 -1.20 -4.21
C ASP A 84 -16.78 -2.11 -4.58
N TYR A 85 -16.51 -3.10 -5.42
CA TYR A 85 -17.49 -4.11 -5.77
C TYR A 85 -17.11 -5.44 -5.13
N PRO A 86 -18.10 -6.32 -4.89
CA PRO A 86 -17.89 -7.61 -4.21
C PRO A 86 -16.68 -8.41 -4.74
N ASP A 87 -16.55 -8.48 -6.06
CA ASP A 87 -15.48 -9.26 -6.69
C ASP A 87 -14.10 -8.73 -6.33
N VAL A 88 -14.02 -7.45 -6.01
CA VAL A 88 -12.75 -6.80 -5.72
C VAL A 88 -12.28 -7.12 -4.30
N LYS A 89 -13.24 -7.28 -3.39
CA LYS A 89 -12.94 -7.59 -1.99
C LYS A 89 -12.22 -8.93 -1.86
N GLU A 90 -12.37 -9.78 -2.87
CA GLU A 90 -11.70 -11.08 -2.88
C GLU A 90 -10.20 -10.91 -3.14
N HIS A 91 -9.88 -10.13 -4.16
CA HIS A 91 -8.49 -10.00 -4.60
C HIS A 91 -7.77 -8.96 -3.78
N LEU A 92 -8.53 -8.07 -3.17
CA LEU A 92 -7.99 -7.10 -2.23
C LEU A 92 -8.47 -7.43 -0.83
N PRO A 93 -7.65 -8.17 -0.06
CA PRO A 93 -7.99 -8.54 1.33
C PRO A 93 -8.11 -7.31 2.23
N PHE A 94 -9.11 -7.32 3.09
CA PHE A 94 -9.41 -6.17 3.95
C PHE A 94 -8.16 -5.71 4.74
N SER A 95 -7.32 -6.67 5.10
CA SER A 95 -6.06 -6.38 5.75
C SER A 95 -5.08 -7.51 5.47
N LYS A 96 -3.81 -7.19 5.34
CA LYS A 96 -2.81 -8.20 5.02
C LYS A 96 -1.50 -7.89 5.74
N VAL A 97 -0.74 -8.93 6.06
CA VAL A 97 0.57 -8.74 6.68
C VAL A 97 1.62 -9.50 5.89
N LEU A 98 2.58 -8.78 5.34
CA LEU A 98 3.65 -9.40 4.59
C LEU A 98 4.81 -9.73 5.51
N LEU A 99 5.50 -10.80 5.19
CA LEU A 99 6.70 -11.17 5.91
C LEU A 99 7.90 -11.09 4.98
N VAL A 100 8.58 -9.96 5.00
CA VAL A 100 9.71 -9.76 4.13
C VAL A 100 11.01 -10.01 4.86
N GLU A 101 11.50 -11.25 4.74
CA GLU A 101 12.77 -11.65 5.35
C GLU A 101 12.68 -11.59 6.88
N GLY A 102 11.46 -11.57 7.39
CA GLY A 102 11.24 -11.46 8.82
C GLY A 102 10.57 -10.16 9.20
N VAL A 103 10.67 -9.17 8.32
CA VAL A 103 10.03 -7.89 8.54
C VAL A 103 8.53 -7.99 8.27
N THR A 104 7.74 -7.81 9.31
CA THR A 104 6.29 -7.86 9.18
C THR A 104 5.73 -6.52 8.71
N ILE A 105 4.97 -6.57 7.62
CA ILE A 105 4.38 -5.38 7.05
C ILE A 105 2.87 -5.47 7.11
N GLY A 106 2.29 -4.89 8.15
CA GLY A 106 0.86 -4.90 8.30
C GLY A 106 0.23 -3.81 7.49
N MET A 107 -0.72 -4.16 6.65
CA MET A 107 -1.32 -3.19 5.75
C MET A 107 -2.83 -3.18 5.91
N CYS A 108 -3.38 -1.99 6.07
CA CYS A 108 -4.82 -1.81 6.20
C CYS A 108 -5.20 -0.38 5.87
N HIS A 109 -5.99 -0.18 4.83
CA HIS A 109 -6.37 1.15 4.39
C HIS A 109 -7.58 1.63 5.18
N GLY A 110 -7.32 2.21 6.35
CA GLY A 110 -8.40 2.66 7.20
C GLY A 110 -8.19 4.06 7.76
N TRP A 111 -9.24 4.64 8.30
CA TRP A 111 -9.19 6.00 8.84
C TRP A 111 -9.61 6.00 10.31
N GLY A 112 -9.72 7.19 10.88
CA GLY A 112 -10.05 7.33 12.28
C GLY A 112 -9.03 8.21 12.99
N ALA A 113 -9.01 8.14 14.31
CA ALA A 113 -8.05 8.91 15.09
C ALA A 113 -6.69 8.21 15.06
N PRO A 114 -5.64 8.92 14.63
CA PRO A 114 -4.29 8.34 14.47
C PRO A 114 -3.76 7.67 15.74
N TRP A 115 -4.18 8.19 16.87
CA TRP A 115 -3.75 7.67 18.17
C TRP A 115 -4.39 6.30 18.42
N ASP A 116 -5.71 6.27 18.33
CA ASP A 116 -6.48 5.04 18.55
C ASP A 116 -6.24 4.04 17.44
N LEU A 117 -5.96 4.55 16.25
CA LEU A 117 -5.77 3.72 15.06
C LEU A 117 -4.62 2.74 15.26
N LYS A 118 -3.52 3.25 15.78
CA LYS A 118 -2.33 2.44 16.01
C LYS A 118 -2.65 1.28 16.96
N ASP A 119 -3.30 1.61 18.06
CA ASP A 119 -3.70 0.62 19.06
C ASP A 119 -4.80 -0.29 18.51
N ARG A 120 -5.58 0.24 17.58
CA ARG A 120 -6.67 -0.50 16.96
C ARG A 120 -6.13 -1.52 15.98
N LEU A 121 -5.13 -1.13 15.21
CA LEU A 121 -4.52 -2.01 14.21
C LEU A 121 -3.78 -3.16 14.88
N LEU A 122 -3.27 -2.91 16.09
CA LEU A 122 -2.62 -3.95 16.87
C LEU A 122 -3.61 -4.99 17.35
N LYS A 123 -4.89 -4.65 17.28
CA LYS A 123 -5.95 -5.57 17.67
C LYS A 123 -6.59 -6.18 16.42
N VAL A 124 -6.11 -5.75 15.27
CA VAL A 124 -6.45 -6.38 14.01
C VAL A 124 -5.38 -7.41 13.70
N PHE A 125 -4.13 -7.03 13.91
CA PHE A 125 -3.02 -7.96 13.80
C PHE A 125 -2.50 -8.28 15.20
N ASN A 126 -3.06 -9.31 15.81
CA ASN A 126 -2.69 -9.68 17.17
C ASN A 126 -1.26 -10.24 17.22
N GLU A 127 -0.73 -10.59 16.06
CA GLU A 127 0.66 -11.03 15.96
C GLU A 127 1.60 -9.83 16.12
N LYS A 128 1.06 -8.64 15.86
CA LYS A 128 1.76 -7.36 16.05
C LYS A 128 2.97 -7.24 15.14
N PRO A 129 2.80 -6.52 14.02
CA PRO A 129 3.84 -6.33 13.01
C PRO A 129 4.86 -5.27 13.41
N GLN A 130 6.00 -5.29 12.73
CA GLN A 130 7.05 -4.30 12.94
C GLN A 130 6.71 -3.00 12.22
N VAL A 131 6.21 -3.15 10.99
CA VAL A 131 5.86 -2.01 10.17
C VAL A 131 4.40 -2.08 9.75
N ILE A 132 3.71 -0.96 9.74
CA ILE A 132 2.32 -0.91 9.28
C ILE A 132 2.12 0.23 8.28
N LEU A 133 1.50 -0.10 7.16
CA LEU A 133 1.24 0.85 6.10
C LEU A 133 -0.26 1.08 5.95
N PHE A 134 -0.66 2.34 5.83
CA PHE A 134 -2.05 2.67 5.59
C PHE A 134 -2.17 3.97 4.82
N GLY A 135 -3.33 4.17 4.20
CA GLY A 135 -3.61 5.42 3.54
C GLY A 135 -4.60 6.21 4.34
N HIS A 136 -4.18 7.35 4.86
CA HIS A 136 -4.99 8.12 5.78
C HIS A 136 -5.21 9.54 5.25
N THR A 137 -4.25 10.41 5.49
CA THR A 137 -4.31 11.77 4.99
C THR A 137 -3.44 11.91 3.75
N HIS A 138 -3.68 12.94 2.95
CA HIS A 138 -2.91 13.13 1.73
C HIS A 138 -1.65 13.92 1.99
N GLU A 139 -0.71 13.26 2.66
CA GLU A 139 0.60 13.81 2.95
C GLU A 139 1.47 12.71 3.53
N PRO A 140 2.69 12.52 2.99
CA PRO A 140 3.62 11.51 3.48
C PRO A 140 3.96 11.72 4.96
N GLU A 141 3.42 10.85 5.80
CA GLU A 141 3.55 11.00 7.24
C GLU A 141 4.22 9.78 7.86
N ASP A 142 5.26 10.03 8.66
CA ASP A 142 5.96 8.98 9.39
C ASP A 142 5.55 9.05 10.86
N THR A 143 5.06 7.94 11.41
CA THR A 143 4.57 7.94 12.76
C THR A 143 5.04 6.73 13.57
N VAL A 144 5.10 6.90 14.88
CA VAL A 144 5.44 5.82 15.80
C VAL A 144 4.63 6.01 17.08
N LYS A 145 4.52 4.97 17.89
CA LYS A 145 3.76 5.04 19.14
C LYS A 145 3.88 3.73 19.90
N ALA A 146 3.45 2.67 19.24
CA ALA A 146 3.40 1.35 19.84
C ALA A 146 4.64 0.54 19.49
N GLY A 147 5.76 1.23 19.30
CA GLY A 147 6.97 0.58 18.86
C GLY A 147 6.95 0.31 17.37
N VAL A 148 5.76 0.04 16.86
CA VAL A 148 5.53 -0.18 15.44
C VAL A 148 5.67 1.13 14.68
N ARG A 149 6.25 1.07 13.49
CA ARG A 149 6.40 2.24 12.65
C ARG A 149 5.25 2.30 11.65
N PHE A 150 4.54 3.41 11.63
CA PHE A 150 3.38 3.57 10.77
C PHE A 150 3.67 4.60 9.70
N LEU A 151 3.44 4.23 8.44
CA LEU A 151 3.70 5.15 7.33
C LEU A 151 2.44 5.43 6.55
N ASN A 152 2.21 6.71 6.28
CA ASN A 152 1.09 7.16 5.47
C ASN A 152 1.61 7.86 4.21
N PRO A 153 1.52 7.21 3.06
CA PRO A 153 1.95 7.78 1.77
C PRO A 153 0.89 8.68 1.14
N GLY A 154 1.13 9.11 -0.09
CA GLY A 154 0.19 9.98 -0.77
C GLY A 154 -0.68 9.23 -1.76
N SER A 155 -1.48 9.96 -2.52
CA SER A 155 -2.37 9.34 -3.50
C SER A 155 -1.72 9.34 -4.89
N LEU A 156 -2.22 8.46 -5.77
CA LEU A 156 -1.64 8.31 -7.10
C LEU A 156 -1.80 9.57 -7.94
N ALA A 157 -3.00 10.15 -7.92
CA ALA A 157 -3.29 11.35 -8.71
C ALA A 157 -2.66 12.59 -8.08
N GLU A 158 -1.96 12.37 -6.98
CA GLU A 158 -1.32 13.44 -6.24
C GLU A 158 0.14 13.56 -6.67
N GLY A 159 0.62 12.52 -7.33
CA GLY A 159 1.99 12.51 -7.81
C GLY A 159 2.99 12.34 -6.70
N SER A 160 2.71 11.44 -5.78
CA SER A 160 3.62 11.12 -4.69
C SER A 160 3.46 9.67 -4.27
N TYR A 161 4.35 8.81 -4.77
CA TYR A 161 4.26 7.39 -4.46
C TYR A 161 5.50 6.95 -3.70
N ALA A 162 5.41 5.79 -3.08
CA ALA A 162 6.49 5.34 -2.22
C ALA A 162 7.16 4.09 -2.80
N VAL A 163 8.43 3.93 -2.50
CA VAL A 163 9.18 2.76 -2.94
C VAL A 163 9.82 2.10 -1.72
N LEU A 164 9.73 0.79 -1.64
CA LEU A 164 10.34 0.05 -0.56
C LEU A 164 11.29 -1.00 -1.14
N GLU A 165 12.57 -0.73 -1.06
CA GLU A 165 13.56 -1.62 -1.62
C GLU A 165 14.33 -2.33 -0.51
N LEU A 166 14.74 -3.55 -0.78
CA LEU A 166 15.54 -4.29 0.18
C LEU A 166 17.01 -4.10 -0.14
N ASP A 167 17.59 -3.08 0.48
CA ASP A 167 18.97 -2.71 0.21
C ASP A 167 19.75 -2.68 1.52
N GLY A 168 20.86 -3.42 1.54
CA GLY A 168 21.65 -3.55 2.76
C GLY A 168 20.90 -4.33 3.84
N GLY A 169 19.80 -4.96 3.43
CA GLY A 169 18.95 -5.67 4.36
C GLY A 169 18.01 -4.75 5.10
N GLU A 170 18.21 -3.44 4.90
CA GLU A 170 17.39 -2.44 5.54
C GLU A 170 16.13 -2.20 4.73
N VAL A 171 15.11 -1.66 5.39
CA VAL A 171 13.87 -1.32 4.74
C VAL A 171 14.01 0.07 4.10
N ARG A 172 14.25 0.08 2.80
CA ARG A 172 14.58 1.31 2.09
C ARG A 172 13.33 1.98 1.54
N PHE A 173 12.85 2.99 2.24
CA PHE A 173 11.69 3.75 1.79
C PHE A 173 12.12 4.99 1.02
N GLU A 174 11.93 4.97 -0.29
CA GLU A 174 12.18 6.13 -1.13
C GLU A 174 10.89 6.70 -1.65
N LEU A 175 10.59 7.93 -1.26
CA LEU A 175 9.39 8.61 -1.72
C LEU A 175 9.71 9.39 -3.00
N LYS A 176 8.98 9.10 -4.06
CA LYS A 176 9.24 9.73 -5.35
C LYS A 176 8.00 10.49 -5.84
N THR A 177 8.24 11.57 -6.56
CA THR A 177 7.17 12.46 -6.99
C THR A 177 6.86 12.30 -8.47
N LEU A 178 5.64 12.68 -8.86
CA LEU A 178 5.20 12.62 -10.24
C LEU A 178 4.51 13.94 -10.61
N VAL A 22 17.02 -6.94 -7.65
CA VAL A 22 16.83 -6.19 -6.38
C VAL A 22 15.36 -6.32 -5.94
N LYS A 23 15.12 -6.27 -4.63
CA LYS A 23 13.76 -6.33 -4.12
C LYS A 23 13.19 -4.93 -3.99
N ARG A 24 12.19 -4.65 -4.81
CA ARG A 24 11.56 -3.34 -4.83
C ARG A 24 10.05 -3.46 -4.77
N PHE A 25 9.48 -2.97 -3.69
CA PHE A 25 8.04 -2.99 -3.52
C PHE A 25 7.43 -1.63 -3.82
N LEU A 26 6.63 -1.60 -4.88
CA LEU A 26 5.99 -0.37 -5.32
C LEU A 26 4.64 -0.22 -4.64
N LEU A 27 4.54 0.75 -3.76
CA LEU A 27 3.30 0.99 -3.03
C LEU A 27 2.47 2.07 -3.71
N ILE A 28 1.31 1.67 -4.20
CA ILE A 28 0.32 2.61 -4.71
C ILE A 28 -0.75 2.79 -3.64
N SER A 29 -1.00 4.03 -3.26
CA SER A 29 -1.81 4.33 -2.08
C SER A 29 -3.31 4.23 -2.35
N ASP A 30 -3.92 5.36 -2.66
CA ASP A 30 -5.36 5.43 -2.82
C ASP A 30 -5.77 5.56 -4.28
N SER A 31 -5.68 4.49 -5.01
CA SER A 31 -6.16 4.46 -6.37
C SER A 31 -7.68 4.28 -6.37
N HIS A 32 -8.39 5.25 -6.92
CA HIS A 32 -9.84 5.19 -6.97
C HIS A 32 -10.30 5.59 -8.36
N VAL A 33 -10.09 4.69 -9.30
CA VAL A 33 -10.41 4.95 -10.70
C VAL A 33 -11.40 3.92 -11.21
N PRO A 34 -12.47 4.39 -11.87
CA PRO A 34 -12.78 5.80 -12.01
C PRO A 34 -13.89 6.25 -11.07
N VAL A 35 -13.51 6.69 -9.87
CA VAL A 35 -14.50 7.13 -8.90
C VAL A 35 -14.65 8.65 -8.92
N ARG A 36 -13.77 9.35 -8.19
CA ARG A 36 -13.79 10.80 -8.18
C ARG A 36 -12.45 11.35 -8.65
N MET A 37 -11.41 10.54 -8.47
CA MET A 37 -10.07 10.94 -8.86
C MET A 37 -9.88 10.74 -10.36
N ALA A 38 -9.76 9.47 -10.76
CA ALA A 38 -9.57 9.07 -12.17
C ALA A 38 -8.19 9.45 -12.69
N SER A 39 -7.65 10.56 -12.20
CA SER A 39 -6.35 11.04 -12.62
C SER A 39 -5.21 10.22 -12.02
N LEU A 40 -4.93 9.08 -12.63
CA LEU A 40 -3.79 8.27 -12.24
C LEU A 40 -2.71 8.38 -13.32
N PRO A 41 -1.59 9.05 -13.00
CA PRO A 41 -0.51 9.29 -13.95
C PRO A 41 0.08 8.00 -14.52
N ASP A 42 0.42 8.05 -15.79
CA ASP A 42 0.87 6.88 -16.53
C ASP A 42 2.27 6.45 -16.09
N GLU A 43 3.00 7.38 -15.49
CA GLU A 43 4.38 7.13 -15.07
C GLU A 43 4.47 5.93 -14.11
N ILE A 44 3.57 5.90 -13.13
CA ILE A 44 3.59 4.84 -12.13
C ILE A 44 3.12 3.53 -12.75
N LEU A 45 2.22 3.65 -13.70
CA LEU A 45 1.68 2.49 -14.40
C LEU A 45 2.72 1.88 -15.35
N ASN A 46 3.66 2.71 -15.78
CA ASN A 46 4.72 2.27 -16.69
C ASN A 46 5.84 1.58 -15.94
N SER A 47 6.05 1.97 -14.69
CA SER A 47 7.17 1.46 -13.91
C SER A 47 6.86 0.11 -13.25
N LEU A 48 5.73 -0.48 -13.63
CA LEU A 48 5.35 -1.82 -13.14
C LEU A 48 6.43 -2.85 -13.43
N LYS A 49 7.20 -2.62 -14.49
CA LYS A 49 8.25 -3.55 -14.90
C LYS A 49 9.48 -3.42 -14.02
N GLU A 50 9.66 -2.24 -13.43
CA GLU A 50 10.88 -1.93 -12.70
C GLU A 50 10.74 -2.27 -11.22
N TYR A 51 9.55 -2.70 -10.83
CA TYR A 51 9.29 -3.13 -9.48
C TYR A 51 8.76 -4.57 -9.50
N ASP A 52 9.47 -5.46 -8.84
CA ASP A 52 9.16 -6.88 -8.89
C ASP A 52 8.00 -7.22 -7.97
N GLY A 53 7.85 -6.46 -6.90
CA GLY A 53 6.72 -6.61 -6.02
C GLY A 53 5.93 -5.32 -5.93
N VAL A 54 4.64 -5.37 -6.19
CA VAL A 54 3.83 -4.17 -6.13
C VAL A 54 2.72 -4.32 -5.08
N ILE A 55 2.56 -3.27 -4.29
CA ILE A 55 1.59 -3.28 -3.21
C ILE A 55 0.53 -2.21 -3.45
N GLY A 56 -0.73 -2.59 -3.31
CA GLY A 56 -1.81 -1.66 -3.52
C GLY A 56 -2.74 -1.60 -2.33
N LEU A 57 -2.68 -0.50 -1.58
CA LEU A 57 -3.59 -0.29 -0.46
C LEU A 57 -4.98 0.07 -0.99
N GLY A 58 -4.98 0.57 -2.21
CA GLY A 58 -6.19 0.86 -2.93
C GLY A 58 -5.95 0.77 -4.41
N ASP A 59 -6.73 -0.05 -5.10
CA ASP A 59 -6.50 -0.32 -6.51
C ASP A 59 -7.72 0.12 -7.32
N TYR A 60 -7.76 -0.26 -8.59
CA TYR A 60 -8.88 0.09 -9.44
C TYR A 60 -10.13 -0.61 -8.96
N VAL A 61 -11.26 0.05 -9.10
CA VAL A 61 -12.50 -0.44 -8.51
C VAL A 61 -13.20 -1.47 -9.42
N ASP A 62 -12.40 -2.17 -10.23
CA ASP A 62 -12.92 -3.21 -11.10
C ASP A 62 -11.90 -4.33 -11.25
N LEU A 63 -12.40 -5.56 -11.24
CA LEU A 63 -11.54 -6.73 -11.25
C LEU A 63 -10.76 -6.86 -12.55
N ASP A 64 -11.33 -6.35 -13.64
CA ASP A 64 -10.70 -6.46 -14.96
C ASP A 64 -9.34 -5.77 -14.96
N THR A 65 -9.26 -4.65 -14.24
CA THR A 65 -8.04 -3.88 -14.19
C THR A 65 -7.08 -4.47 -13.15
N VAL A 66 -7.64 -5.07 -12.11
CA VAL A 66 -6.83 -5.78 -11.13
C VAL A 66 -6.03 -6.89 -11.80
N ILE A 67 -6.67 -7.62 -12.72
CA ILE A 67 -6.01 -8.67 -13.48
C ILE A 67 -5.00 -8.07 -14.44
N LEU A 68 -5.34 -6.91 -14.99
CA LEU A 68 -4.43 -6.18 -15.86
C LEU A 68 -3.16 -5.80 -15.10
N LEU A 69 -3.31 -5.44 -13.83
CA LEU A 69 -2.16 -5.06 -13.01
C LEU A 69 -1.43 -6.29 -12.50
N GLU A 70 -2.17 -7.35 -12.25
CA GLU A 70 -1.61 -8.65 -11.89
C GLU A 70 -0.80 -9.22 -13.05
N LYS A 71 -1.11 -8.74 -14.25
CA LYS A 71 -0.43 -9.19 -15.45
C LYS A 71 0.90 -8.46 -15.61
N PHE A 72 0.92 -7.19 -15.22
CA PHE A 72 2.17 -6.43 -15.20
C PHE A 72 3.01 -6.85 -14.01
N SER A 73 2.49 -6.64 -12.82
CA SER A 73 3.13 -7.12 -11.62
C SER A 73 2.61 -8.51 -11.30
N LYS A 74 3.36 -9.53 -11.68
CA LYS A 74 2.95 -10.91 -11.44
C LYS A 74 3.18 -11.33 -10.00
N GLU A 75 3.40 -10.35 -9.14
CA GLU A 75 3.39 -10.58 -7.71
C GLU A 75 2.87 -9.32 -7.03
N PHE A 76 1.54 -9.17 -7.08
CA PHE A 76 0.88 -8.00 -6.55
C PHE A 76 0.27 -8.28 -5.20
N TYR A 77 0.65 -7.50 -4.21
CA TYR A 77 0.07 -7.61 -2.89
C TYR A 77 -0.91 -6.47 -2.66
N GLY A 78 -2.18 -6.77 -2.66
CA GLY A 78 -3.17 -5.73 -2.54
C GLY A 78 -4.00 -5.85 -1.28
N VAL A 79 -4.57 -4.74 -0.85
CA VAL A 79 -5.42 -4.69 0.32
C VAL A 79 -6.74 -4.01 -0.04
N HIS A 80 -7.82 -4.46 0.57
CA HIS A 80 -9.12 -3.88 0.31
C HIS A 80 -9.43 -2.80 1.33
N GLY A 81 -9.32 -1.56 0.90
CA GLY A 81 -9.62 -0.44 1.75
C GLY A 81 -10.45 0.58 1.02
N ASN A 82 -11.14 0.12 -0.01
CA ASN A 82 -11.98 0.97 -0.81
C ASN A 82 -13.40 0.42 -0.77
N MET A 83 -14.30 1.02 -1.52
CA MET A 83 -15.64 0.49 -1.65
C MET A 83 -15.76 -0.29 -2.94
N ASP A 84 -14.66 -0.97 -3.28
CA ASP A 84 -14.61 -1.80 -4.47
C ASP A 84 -15.51 -3.01 -4.32
N TYR A 85 -15.94 -3.57 -5.44
CA TYR A 85 -16.88 -4.68 -5.46
C TYR A 85 -16.23 -5.96 -4.95
N PRO A 86 -17.05 -6.97 -4.57
CA PRO A 86 -16.56 -8.28 -4.11
C PRO A 86 -15.56 -8.90 -5.08
N ASP A 87 -15.64 -8.50 -6.35
CA ASP A 87 -14.68 -8.94 -7.37
C ASP A 87 -13.26 -8.63 -6.92
N VAL A 88 -13.04 -7.39 -6.51
CA VAL A 88 -11.71 -6.95 -6.09
C VAL A 88 -11.42 -7.45 -4.68
N LYS A 89 -12.45 -7.52 -3.85
CA LYS A 89 -12.33 -8.04 -2.49
C LYS A 89 -11.90 -9.51 -2.49
N GLU A 90 -12.19 -10.20 -3.58
CA GLU A 90 -11.75 -11.58 -3.76
C GLU A 90 -10.23 -11.62 -3.82
N HIS A 91 -9.66 -10.66 -4.53
CA HIS A 91 -8.23 -10.57 -4.72
C HIS A 91 -7.55 -9.90 -3.52
N LEU A 92 -8.20 -8.88 -3.00
CA LEU A 92 -7.61 -8.06 -1.94
C LEU A 92 -8.38 -8.22 -0.63
N PRO A 93 -7.71 -8.67 0.43
CA PRO A 93 -8.30 -8.78 1.77
C PRO A 93 -8.32 -7.42 2.47
N PHE A 94 -9.21 -7.28 3.46
CA PHE A 94 -9.35 -6.00 4.16
C PHE A 94 -8.05 -5.61 4.85
N SER A 95 -7.32 -6.60 5.33
CA SER A 95 -6.00 -6.38 5.91
C SER A 95 -5.09 -7.54 5.54
N LYS A 96 -3.84 -7.23 5.16
CA LYS A 96 -2.91 -8.25 4.72
C LYS A 96 -1.53 -8.03 5.35
N VAL A 97 -1.00 -9.05 6.00
CA VAL A 97 0.33 -8.97 6.58
C VAL A 97 1.33 -9.71 5.70
N LEU A 98 2.38 -9.02 5.31
CA LEU A 98 3.43 -9.62 4.50
C LEU A 98 4.63 -10.00 5.35
N LEU A 99 5.44 -10.90 4.83
CA LEU A 99 6.68 -11.28 5.48
C LEU A 99 7.81 -11.23 4.47
N VAL A 100 8.58 -10.16 4.50
CA VAL A 100 9.64 -9.95 3.53
C VAL A 100 11.00 -9.91 4.22
N GLU A 101 11.82 -10.92 3.95
CA GLU A 101 13.18 -11.02 4.49
C GLU A 101 13.17 -11.05 6.03
N GLY A 102 12.02 -11.40 6.60
CA GLY A 102 11.89 -11.46 8.05
C GLY A 102 11.17 -10.25 8.62
N VAL A 103 10.83 -9.31 7.74
CA VAL A 103 10.11 -8.11 8.15
C VAL A 103 8.61 -8.31 7.97
N THR A 104 7.85 -8.04 9.03
CA THR A 104 6.41 -8.15 8.99
C THR A 104 5.78 -6.83 8.51
N ILE A 105 4.95 -6.92 7.50
CA ILE A 105 4.32 -5.73 6.94
C ILE A 105 2.81 -5.82 7.09
N GLY A 106 2.29 -5.21 8.14
CA GLY A 106 0.86 -5.19 8.36
C GLY A 106 0.20 -4.12 7.51
N MET A 107 -0.35 -4.53 6.39
CA MET A 107 -0.93 -3.58 5.45
C MET A 107 -2.42 -3.47 5.64
N CYS A 108 -2.87 -2.27 5.94
CA CYS A 108 -4.27 -1.97 6.04
C CYS A 108 -4.50 -0.61 5.39
N HIS A 109 -5.73 -0.25 5.10
CA HIS A 109 -5.99 1.06 4.52
C HIS A 109 -6.02 2.11 5.62
N GLY A 110 -6.26 1.67 6.85
CA GLY A 110 -6.27 2.57 7.98
C GLY A 110 -7.59 3.28 8.14
N TRP A 111 -7.56 4.45 8.78
CA TRP A 111 -8.78 5.21 9.03
C TRP A 111 -8.43 6.67 9.30
N GLY A 112 -7.87 6.93 10.48
CA GLY A 112 -7.54 8.28 10.87
C GLY A 112 -7.34 8.37 12.38
N ALA A 113 -7.13 9.59 12.88
CA ALA A 113 -6.92 9.83 14.31
C ALA A 113 -5.76 9.00 14.84
N PRO A 114 -4.52 9.47 14.64
CA PRO A 114 -3.29 8.71 14.97
C PRO A 114 -3.26 8.23 16.42
N TRP A 115 -3.87 9.01 17.31
CA TRP A 115 -3.87 8.70 18.72
C TRP A 115 -4.76 7.50 19.07
N ASP A 116 -5.61 7.10 18.12
CA ASP A 116 -6.46 5.93 18.33
C ASP A 116 -6.20 4.88 17.25
N LEU A 117 -5.72 5.35 16.11
CA LEU A 117 -5.39 4.49 14.98
C LEU A 117 -4.33 3.47 15.36
N LYS A 118 -3.33 3.92 16.11
CA LYS A 118 -2.26 3.03 16.55
C LYS A 118 -2.85 1.88 17.37
N ASP A 119 -3.82 2.21 18.21
CA ASP A 119 -4.48 1.24 19.05
C ASP A 119 -5.34 0.33 18.22
N ARG A 120 -6.12 0.94 17.34
CA ARG A 120 -7.06 0.22 16.49
C ARG A 120 -6.35 -0.82 15.62
N LEU A 121 -5.25 -0.41 14.99
CA LEU A 121 -4.49 -1.30 14.12
C LEU A 121 -3.85 -2.44 14.92
N LEU A 122 -3.40 -2.13 16.13
CA LEU A 122 -2.78 -3.14 17.00
C LEU A 122 -3.84 -4.07 17.58
N LYS A 123 -5.10 -3.70 17.43
CA LYS A 123 -6.20 -4.55 17.87
C LYS A 123 -6.80 -5.29 16.68
N VAL A 124 -6.36 -4.90 15.47
CA VAL A 124 -6.67 -5.65 14.27
C VAL A 124 -5.71 -6.84 14.17
N PHE A 125 -4.44 -6.55 14.35
CA PHE A 125 -3.43 -7.58 14.41
C PHE A 125 -3.06 -7.83 15.86
N ASN A 126 -3.50 -8.97 16.40
CA ASN A 126 -3.31 -9.28 17.82
C ASN A 126 -1.84 -9.27 18.21
N GLU A 127 -0.99 -9.76 17.31
CA GLU A 127 0.45 -9.69 17.50
C GLU A 127 1.00 -8.47 16.78
N LYS A 128 1.85 -7.72 17.47
CA LYS A 128 2.35 -6.46 16.92
C LYS A 128 3.33 -6.71 15.78
N PRO A 129 3.08 -6.08 14.63
CA PRO A 129 3.95 -6.13 13.47
C PRO A 129 5.10 -5.13 13.60
N GLN A 130 6.08 -5.24 12.71
CA GLN A 130 7.21 -4.34 12.70
C GLN A 130 6.89 -3.10 11.87
N VAL A 131 6.32 -3.34 10.70
CA VAL A 131 5.92 -2.25 9.80
C VAL A 131 4.42 -2.30 9.53
N ILE A 132 3.77 -1.14 9.57
CA ILE A 132 2.35 -1.04 9.26
C ILE A 132 2.09 0.06 8.24
N LEU A 133 1.29 -0.25 7.23
CA LEU A 133 0.95 0.71 6.19
C LEU A 133 -0.50 1.15 6.33
N PHE A 134 -0.78 2.41 5.99
CA PHE A 134 -2.13 2.92 5.96
C PHE A 134 -2.22 4.11 5.01
N GLY A 135 -3.43 4.48 4.62
CA GLY A 135 -3.60 5.56 3.68
C GLY A 135 -4.88 6.35 3.92
N HIS A 136 -4.72 7.66 4.07
CA HIS A 136 -5.85 8.57 4.27
C HIS A 136 -5.34 10.00 4.35
N THR A 137 -4.18 10.16 4.98
CA THR A 137 -3.54 11.45 5.09
C THR A 137 -2.80 11.78 3.80
N HIS A 138 -3.08 12.95 3.25
CA HIS A 138 -2.39 13.42 2.06
C HIS A 138 -1.12 14.16 2.45
N GLU A 139 -0.81 14.10 3.73
CA GLU A 139 0.46 14.59 4.25
C GLU A 139 1.33 13.40 4.61
N PRO A 140 2.16 12.93 3.66
CA PRO A 140 2.98 11.73 3.85
C PRO A 140 4.00 11.91 4.96
N GLU A 141 4.04 10.96 5.88
CA GLU A 141 4.84 11.12 7.08
C GLU A 141 5.36 9.77 7.59
N ASP A 142 6.64 9.75 7.97
CA ASP A 142 7.24 8.57 8.58
C ASP A 142 7.08 8.64 10.08
N THR A 143 6.40 7.66 10.67
CA THR A 143 6.07 7.72 12.09
C THR A 143 6.40 6.40 12.80
N VAL A 144 7.12 6.51 13.91
CA VAL A 144 7.30 5.37 14.80
C VAL A 144 6.76 5.75 16.19
N LYS A 145 5.61 5.19 16.53
CA LYS A 145 4.89 5.58 17.74
C LYS A 145 4.94 4.49 18.81
N ALA A 146 4.27 3.38 18.55
CA ALA A 146 4.18 2.31 19.53
C ALA A 146 5.29 1.29 19.34
N GLY A 147 6.45 1.77 18.90
CA GLY A 147 7.56 0.89 18.58
C GLY A 147 7.42 0.32 17.18
N VAL A 148 6.22 0.45 16.64
CA VAL A 148 5.92 -0.04 15.30
C VAL A 148 6.06 1.11 14.30
N ARG A 149 6.54 0.79 13.11
CA ARG A 149 6.70 1.79 12.07
C ARG A 149 5.41 1.97 11.29
N PHE A 150 4.76 3.12 11.47
CA PHE A 150 3.55 3.44 10.74
C PHE A 150 3.89 4.33 9.56
N LEU A 151 3.56 3.88 8.37
CA LEU A 151 3.94 4.61 7.17
C LEU A 151 2.71 4.99 6.34
N ASN A 152 2.63 6.25 5.97
CA ASN A 152 1.54 6.74 5.13
C ASN A 152 2.09 7.57 3.97
N PRO A 153 1.77 7.17 2.74
CA PRO A 153 2.19 7.87 1.53
C PRO A 153 1.09 8.79 0.98
N GLY A 154 1.48 9.64 0.02
CA GLY A 154 0.51 10.48 -0.65
C GLY A 154 -0.23 9.73 -1.73
N SER A 155 -1.31 10.29 -2.23
CA SER A 155 -2.12 9.63 -3.25
C SER A 155 -1.64 10.00 -4.66
N LEU A 156 -2.28 9.40 -5.65
CA LEU A 156 -1.89 9.58 -7.05
C LEU A 156 -2.27 10.97 -7.55
N ALA A 157 -3.19 11.61 -6.85
CA ALA A 157 -3.67 12.93 -7.22
C ALA A 157 -2.61 13.99 -6.93
N GLU A 158 -2.05 13.93 -5.73
CA GLU A 158 -0.98 14.84 -5.34
C GLU A 158 0.27 14.57 -6.16
N GLY A 159 0.45 13.31 -6.53
CA GLY A 159 1.59 12.94 -7.34
C GLY A 159 2.74 12.41 -6.51
N SER A 160 2.45 11.44 -5.65
CA SER A 160 3.47 10.82 -4.83
C SER A 160 3.15 9.35 -4.62
N TYR A 161 4.19 8.57 -4.37
CA TYR A 161 4.02 7.15 -4.10
C TYR A 161 5.19 6.65 -3.26
N ALA A 162 5.07 5.45 -2.72
CA ALA A 162 6.08 4.94 -1.82
C ALA A 162 6.78 3.73 -2.41
N VAL A 163 8.09 3.69 -2.28
CA VAL A 163 8.88 2.56 -2.75
C VAL A 163 9.66 1.96 -1.59
N LEU A 164 9.41 0.69 -1.32
CA LEU A 164 10.14 0.01 -0.28
C LEU A 164 11.15 -0.93 -0.92
N GLU A 165 12.40 -0.52 -0.88
CA GLU A 165 13.49 -1.28 -1.48
C GLU A 165 14.32 -1.92 -0.38
N LEU A 166 14.67 -3.20 -0.58
CA LEU A 166 15.49 -3.90 0.39
C LEU A 166 16.85 -4.21 -0.20
N ASP A 167 17.83 -3.39 0.14
CA ASP A 167 19.18 -3.59 -0.32
C ASP A 167 20.01 -4.22 0.80
N GLY A 168 20.57 -5.39 0.51
CA GLY A 168 21.31 -6.14 1.52
C GLY A 168 20.42 -6.67 2.63
N GLY A 169 19.11 -6.42 2.52
CA GLY A 169 18.17 -6.86 3.52
C GLY A 169 17.70 -5.71 4.40
N GLU A 170 18.20 -4.51 4.12
CA GLU A 170 17.77 -3.33 4.86
C GLU A 170 16.56 -2.71 4.20
N VAL A 171 15.58 -2.38 5.02
CA VAL A 171 14.32 -1.81 4.53
C VAL A 171 14.47 -0.32 4.29
N ARG A 172 14.36 0.09 3.03
CA ARG A 172 14.41 1.49 2.68
C ARG A 172 13.03 1.95 2.20
N PHE A 173 12.36 2.72 3.04
CA PHE A 173 11.08 3.29 2.67
C PHE A 173 11.30 4.64 2.00
N GLU A 174 11.34 4.63 0.68
CA GLU A 174 11.65 5.82 -0.07
C GLU A 174 10.41 6.39 -0.73
N LEU A 175 9.95 7.51 -0.23
CA LEU A 175 8.80 8.18 -0.79
C LEU A 175 9.21 8.96 -2.03
N LYS A 176 8.64 8.61 -3.17
CA LYS A 176 8.99 9.25 -4.42
C LYS A 176 7.81 10.09 -4.91
N THR A 177 8.09 11.03 -5.79
CA THR A 177 7.04 11.82 -6.38
C THR A 177 6.83 11.43 -7.84
N LEU A 178 5.72 11.87 -8.39
CA LEU A 178 5.39 11.57 -9.78
C LEU A 178 5.67 12.78 -10.66
N VAL A 22 19.17 -7.42 -5.36
CA VAL A 22 18.37 -6.24 -4.96
C VAL A 22 17.01 -6.27 -5.65
N LYS A 23 15.96 -6.47 -4.87
CA LYS A 23 14.61 -6.49 -5.42
C LYS A 23 13.87 -5.21 -5.08
N ARG A 24 12.98 -4.80 -5.96
CA ARG A 24 12.20 -3.59 -5.80
C ARG A 24 10.72 -3.89 -5.69
N PHE A 25 10.06 -3.29 -4.72
CA PHE A 25 8.62 -3.41 -4.58
C PHE A 25 7.97 -2.03 -4.67
N LEU A 26 7.07 -1.87 -5.64
CA LEU A 26 6.41 -0.59 -5.86
C LEU A 26 5.08 -0.53 -5.11
N LEU A 27 4.96 0.43 -4.23
CA LEU A 27 3.72 0.62 -3.47
C LEU A 27 2.92 1.79 -4.03
N ILE A 28 1.70 1.51 -4.46
CA ILE A 28 0.79 2.56 -4.87
C ILE A 28 -0.19 2.82 -3.74
N SER A 29 -0.24 4.07 -3.31
CA SER A 29 -0.97 4.46 -2.10
C SER A 29 -2.47 4.26 -2.24
N ASP A 30 -3.12 5.19 -2.90
CA ASP A 30 -4.57 5.16 -3.05
C ASP A 30 -4.97 5.78 -4.37
N SER A 31 -5.69 5.02 -5.18
CA SER A 31 -6.14 5.48 -6.48
C SER A 31 -7.37 4.71 -6.94
N HIS A 32 -8.54 5.19 -6.56
CA HIS A 32 -9.78 4.54 -6.94
C HIS A 32 -10.20 4.99 -8.33
N VAL A 33 -9.67 4.31 -9.34
CA VAL A 33 -9.97 4.62 -10.73
C VAL A 33 -10.86 3.53 -11.32
N PRO A 34 -11.92 3.91 -12.06
CA PRO A 34 -12.25 5.32 -12.33
C PRO A 34 -12.95 6.00 -11.15
N VAL A 35 -14.12 5.48 -10.79
CA VAL A 35 -14.91 5.97 -9.66
C VAL A 35 -15.12 7.48 -9.71
N ARG A 36 -14.24 8.24 -9.06
CA ARG A 36 -14.40 9.69 -8.97
C ARG A 36 -13.09 10.40 -9.27
N MET A 37 -12.08 9.62 -9.66
CA MET A 37 -10.76 10.15 -9.91
C MET A 37 -10.16 9.54 -11.16
N ALA A 38 -9.99 10.34 -12.19
CA ALA A 38 -9.42 9.88 -13.44
C ALA A 38 -8.11 10.60 -13.73
N SER A 39 -7.53 11.17 -12.67
CA SER A 39 -6.31 11.96 -12.81
C SER A 39 -5.08 11.15 -12.40
N LEU A 40 -5.14 9.83 -12.60
CA LEU A 40 -4.03 8.95 -12.27
C LEU A 40 -3.02 8.95 -13.42
N PRO A 41 -1.79 9.43 -13.16
CA PRO A 41 -0.74 9.45 -14.17
C PRO A 41 -0.26 8.04 -14.53
N ASP A 42 -0.42 7.68 -15.80
CA ASP A 42 -0.06 6.35 -16.30
C ASP A 42 1.44 6.07 -16.19
N GLU A 43 2.21 7.08 -15.82
CA GLU A 43 3.65 6.93 -15.66
C GLU A 43 3.97 5.89 -14.58
N ILE A 44 3.17 5.87 -13.52
CA ILE A 44 3.34 4.91 -12.44
C ILE A 44 3.10 3.50 -12.96
N LEU A 45 2.11 3.40 -13.82
CA LEU A 45 1.70 2.15 -14.44
C LEU A 45 2.65 1.77 -15.58
N ASN A 46 3.50 2.70 -15.96
CA ASN A 46 4.41 2.47 -17.08
C ASN A 46 5.81 2.09 -16.59
N SER A 47 6.01 2.15 -15.29
CA SER A 47 7.30 1.82 -14.71
C SER A 47 7.20 0.69 -13.69
N LEU A 48 6.00 0.15 -13.48
CA LEU A 48 5.81 -0.86 -12.44
C LEU A 48 6.42 -2.19 -12.86
N LYS A 49 6.65 -2.36 -14.16
CA LYS A 49 7.19 -3.60 -14.69
C LYS A 49 8.67 -3.75 -14.33
N GLU A 50 9.28 -2.66 -13.88
CA GLU A 50 10.68 -2.70 -13.46
C GLU A 50 10.81 -3.40 -12.11
N TYR A 51 9.74 -3.36 -11.34
CA TYR A 51 9.77 -3.87 -9.98
C TYR A 51 9.56 -5.37 -9.94
N ASP A 52 10.01 -5.99 -8.87
CA ASP A 52 9.91 -7.44 -8.69
C ASP A 52 8.58 -7.79 -8.05
N GLY A 53 7.85 -6.75 -7.67
CA GLY A 53 6.54 -6.92 -7.09
C GLY A 53 5.88 -5.58 -6.87
N VAL A 54 4.57 -5.54 -6.95
CA VAL A 54 3.84 -4.29 -6.77
C VAL A 54 2.79 -4.46 -5.68
N ILE A 55 2.70 -3.47 -4.80
CA ILE A 55 1.74 -3.47 -3.73
C ILE A 55 0.73 -2.35 -3.94
N GLY A 56 -0.54 -2.66 -3.76
CA GLY A 56 -1.57 -1.66 -3.92
C GLY A 56 -2.45 -1.56 -2.71
N LEU A 57 -2.44 -0.39 -2.07
CA LEU A 57 -3.33 -0.13 -0.95
C LEU A 57 -4.58 0.59 -1.45
N GLY A 58 -4.52 1.01 -2.70
CA GLY A 58 -5.62 1.67 -3.34
C GLY A 58 -5.59 1.42 -4.83
N ASP A 59 -5.69 0.15 -5.19
CA ASP A 59 -5.60 -0.29 -6.57
C ASP A 59 -6.85 0.06 -7.37
N TYR A 60 -6.83 -0.29 -8.65
CA TYR A 60 -7.96 -0.03 -9.53
C TYR A 60 -9.19 -0.80 -9.07
N VAL A 61 -10.36 -0.21 -9.25
CA VAL A 61 -11.59 -0.78 -8.72
C VAL A 61 -12.16 -1.85 -9.66
N ASP A 62 -11.59 -1.96 -10.85
CA ASP A 62 -12.04 -2.96 -11.80
C ASP A 62 -11.30 -4.26 -11.53
N LEU A 63 -12.05 -5.32 -11.24
CA LEU A 63 -11.45 -6.63 -11.00
C LEU A 63 -10.57 -7.04 -12.16
N ASP A 64 -11.04 -6.78 -13.37
CA ASP A 64 -10.30 -7.08 -14.59
C ASP A 64 -8.96 -6.36 -14.61
N THR A 65 -8.96 -5.12 -14.12
CA THR A 65 -7.75 -4.32 -14.12
C THR A 65 -6.80 -4.77 -13.00
N VAL A 66 -7.37 -5.32 -11.93
CA VAL A 66 -6.56 -5.88 -10.84
C VAL A 66 -5.72 -7.04 -11.35
N ILE A 67 -6.36 -7.93 -12.11
CA ILE A 67 -5.65 -9.06 -12.72
C ILE A 67 -4.65 -8.55 -13.75
N LEU A 68 -5.03 -7.49 -14.45
CA LEU A 68 -4.15 -6.82 -15.40
C LEU A 68 -2.90 -6.32 -14.68
N LEU A 69 -3.06 -5.89 -13.43
CA LEU A 69 -1.94 -5.41 -12.63
C LEU A 69 -1.04 -6.57 -12.22
N GLU A 70 -1.67 -7.70 -11.90
CA GLU A 70 -0.95 -8.90 -11.51
C GLU A 70 -0.18 -9.49 -12.69
N LYS A 71 -0.54 -9.08 -13.90
CA LYS A 71 0.17 -9.51 -15.09
C LYS A 71 1.41 -8.66 -15.32
N PHE A 72 1.30 -7.35 -15.11
CA PHE A 72 2.43 -6.44 -15.26
C PHE A 72 3.48 -6.68 -14.18
N SER A 73 3.03 -6.78 -12.95
CA SER A 73 3.92 -6.91 -11.81
C SER A 73 4.36 -8.36 -11.62
N LYS A 74 3.65 -9.29 -12.27
CA LYS A 74 3.81 -10.73 -12.07
C LYS A 74 3.31 -11.16 -10.70
N GLU A 75 3.82 -10.50 -9.68
CA GLU A 75 3.42 -10.78 -8.30
C GLU A 75 2.91 -9.51 -7.65
N PHE A 76 1.61 -9.48 -7.41
CA PHE A 76 0.96 -8.30 -6.87
C PHE A 76 0.47 -8.57 -5.44
N TYR A 77 0.64 -7.58 -4.58
CA TYR A 77 0.13 -7.65 -3.23
C TYR A 77 -0.84 -6.50 -3.00
N GLY A 78 -2.10 -6.82 -2.75
CA GLY A 78 -3.10 -5.78 -2.66
C GLY A 78 -3.87 -5.79 -1.36
N VAL A 79 -4.16 -4.59 -0.88
CA VAL A 79 -5.06 -4.39 0.24
C VAL A 79 -6.04 -3.28 -0.14
N HIS A 80 -7.32 -3.56 -0.10
CA HIS A 80 -8.29 -2.60 -0.59
C HIS A 80 -8.81 -1.73 0.55
N GLY A 81 -9.11 -0.48 0.24
CA GLY A 81 -9.45 0.50 1.26
C GLY A 81 -10.88 0.43 1.77
N ASN A 82 -11.58 1.54 1.66
CA ASN A 82 -12.95 1.67 2.19
C ASN A 82 -13.94 0.91 1.31
N MET A 83 -15.23 1.21 1.49
CA MET A 83 -16.28 0.57 0.69
C MET A 83 -16.02 0.77 -0.79
N ASP A 84 -15.75 -0.31 -1.48
CA ASP A 84 -15.38 -0.25 -2.88
C ASP A 84 -16.02 -1.43 -3.62
N TYR A 85 -15.52 -1.77 -4.79
CA TYR A 85 -16.10 -2.84 -5.58
C TYR A 85 -15.94 -4.20 -4.90
N PRO A 86 -17.07 -4.91 -4.69
CA PRO A 86 -17.11 -6.19 -3.96
C PRO A 86 -16.18 -7.26 -4.51
N ASP A 87 -16.08 -7.32 -5.84
CA ASP A 87 -15.24 -8.33 -6.49
C ASP A 87 -13.78 -8.21 -6.04
N VAL A 88 -13.34 -6.97 -5.85
CA VAL A 88 -11.97 -6.73 -5.43
C VAL A 88 -11.81 -7.03 -3.93
N LYS A 89 -12.92 -6.92 -3.19
CA LYS A 89 -12.90 -7.25 -1.77
C LYS A 89 -12.58 -8.73 -1.57
N GLU A 90 -12.99 -9.54 -2.53
CA GLU A 90 -12.77 -10.97 -2.46
C GLU A 90 -11.40 -11.35 -3.00
N HIS A 91 -10.82 -10.46 -3.79
CA HIS A 91 -9.51 -10.71 -4.38
C HIS A 91 -8.42 -10.17 -3.46
N LEU A 92 -8.67 -9.00 -2.89
CA LEU A 92 -7.72 -8.37 -1.98
C LEU A 92 -8.34 -8.23 -0.60
N PRO A 93 -7.59 -8.54 0.47
CA PRO A 93 -8.08 -8.43 1.85
C PRO A 93 -8.16 -6.98 2.32
N PHE A 94 -8.64 -6.79 3.54
CA PHE A 94 -8.75 -5.46 4.13
C PHE A 94 -7.54 -5.17 5.00
N SER A 95 -6.78 -6.22 5.29
CA SER A 95 -5.55 -6.11 6.04
C SER A 95 -4.65 -7.30 5.69
N LYS A 96 -3.43 -7.02 5.24
CA LYS A 96 -2.52 -8.06 4.81
C LYS A 96 -1.15 -7.87 5.44
N VAL A 97 -0.59 -8.94 5.99
CA VAL A 97 0.73 -8.87 6.59
C VAL A 97 1.75 -9.65 5.77
N LEU A 98 2.78 -8.96 5.32
CA LEU A 98 3.83 -9.60 4.53
C LEU A 98 5.04 -9.86 5.41
N LEU A 99 5.88 -10.80 4.97
CA LEU A 99 7.12 -11.09 5.67
C LEU A 99 8.28 -11.01 4.69
N VAL A 100 9.02 -9.92 4.73
CA VAL A 100 10.11 -9.70 3.81
C VAL A 100 11.41 -9.45 4.58
N GLU A 101 12.37 -10.35 4.41
CA GLU A 101 13.69 -10.24 5.03
C GLU A 101 13.59 -10.18 6.56
N GLY A 102 12.54 -10.77 7.10
CA GLY A 102 12.36 -10.80 8.54
C GLY A 102 11.48 -9.66 9.02
N VAL A 103 11.28 -8.68 8.15
CA VAL A 103 10.45 -7.53 8.49
C VAL A 103 9.00 -7.81 8.16
N THR A 104 8.12 -7.63 9.14
CA THR A 104 6.71 -7.82 8.94
C THR A 104 6.08 -6.54 8.40
N ILE A 105 5.25 -6.68 7.39
CA ILE A 105 4.61 -5.53 6.78
C ILE A 105 3.10 -5.62 6.93
N GLY A 106 2.58 -4.99 7.97
CA GLY A 106 1.16 -5.01 8.21
C GLY A 106 0.45 -3.93 7.43
N MET A 107 -0.06 -4.28 6.28
CA MET A 107 -0.70 -3.32 5.40
C MET A 107 -2.21 -3.33 5.61
N CYS A 108 -2.74 -2.20 6.02
CA CYS A 108 -4.16 -2.05 6.24
C CYS A 108 -4.62 -0.69 5.73
N HIS A 109 -5.88 -0.57 5.36
CA HIS A 109 -6.42 0.72 4.94
C HIS A 109 -6.60 1.68 6.12
N GLY A 110 -6.23 1.22 7.32
CA GLY A 110 -6.29 2.08 8.50
C GLY A 110 -7.69 2.17 9.08
N TRP A 111 -7.81 2.87 10.19
CA TRP A 111 -9.11 3.01 10.84
C TRP A 111 -9.57 4.47 10.86
N GLY A 112 -9.39 5.15 11.98
CA GLY A 112 -9.93 6.48 12.13
C GLY A 112 -8.86 7.56 12.14
N ALA A 113 -8.45 7.94 13.34
CA ALA A 113 -7.56 9.07 13.52
C ALA A 113 -6.19 8.61 14.03
N PRO A 114 -5.19 9.52 14.11
CA PRO A 114 -3.86 9.19 14.64
C PRO A 114 -3.90 8.72 16.10
N TRP A 115 -5.03 8.91 16.75
CA TRP A 115 -5.18 8.52 18.15
C TRP A 115 -5.38 7.01 18.25
N ASP A 116 -6.37 6.52 17.52
CA ASP A 116 -6.72 5.10 17.54
C ASP A 116 -5.83 4.32 16.60
N LEU A 117 -4.96 5.04 15.89
CA LEU A 117 -4.01 4.44 14.97
C LEU A 117 -3.24 3.31 15.65
N LYS A 118 -2.59 3.63 16.76
CA LYS A 118 -1.79 2.66 17.50
C LYS A 118 -2.67 1.56 18.09
N ASP A 119 -3.74 1.96 18.75
CA ASP A 119 -4.60 1.03 19.45
C ASP A 119 -5.25 0.03 18.50
N ARG A 120 -6.00 0.55 17.54
CA ARG A 120 -6.81 -0.30 16.67
C ARG A 120 -5.95 -1.14 15.73
N LEU A 121 -4.86 -0.58 15.22
CA LEU A 121 -3.98 -1.33 14.31
C LEU A 121 -3.23 -2.43 15.05
N LEU A 122 -2.81 -2.16 16.28
CA LEU A 122 -2.11 -3.16 17.08
C LEU A 122 -3.08 -4.16 17.68
N LYS A 123 -4.37 -3.83 17.67
CA LYS A 123 -5.39 -4.77 18.10
C LYS A 123 -5.88 -5.61 16.93
N VAL A 124 -5.55 -5.17 15.71
CA VAL A 124 -5.72 -6.01 14.54
C VAL A 124 -4.54 -6.95 14.44
N PHE A 125 -3.34 -6.38 14.55
CA PHE A 125 -2.13 -7.16 14.60
C PHE A 125 -1.66 -7.31 16.04
N ASN A 126 -2.34 -8.16 16.78
CA ASN A 126 -2.11 -8.31 18.22
C ASN A 126 -0.68 -8.76 18.54
N GLU A 127 -0.07 -9.49 17.62
CA GLU A 127 1.28 -10.01 17.83
C GLU A 127 2.32 -8.90 17.59
N LYS A 128 1.84 -7.74 17.13
CA LYS A 128 2.66 -6.54 16.95
C LYS A 128 3.75 -6.72 15.88
N PRO A 129 3.59 -6.06 14.74
CA PRO A 129 4.56 -6.09 13.65
C PRO A 129 5.62 -5.00 13.80
N GLN A 130 6.57 -4.97 12.88
CA GLN A 130 7.59 -3.93 12.86
C GLN A 130 7.12 -2.72 12.07
N VAL A 131 6.56 -2.98 10.89
CA VAL A 131 6.10 -1.91 10.01
C VAL A 131 4.64 -2.09 9.67
N ILE A 132 3.87 -1.01 9.77
CA ILE A 132 2.47 -1.02 9.40
C ILE A 132 2.17 0.05 8.35
N LEU A 133 1.56 -0.37 7.26
CA LEU A 133 1.20 0.56 6.19
C LEU A 133 -0.28 0.87 6.30
N PHE A 134 -0.63 2.14 6.18
CA PHE A 134 -2.04 2.53 6.19
C PHE A 134 -2.28 3.70 5.24
N GLY A 135 -3.42 3.68 4.57
CA GLY A 135 -3.75 4.71 3.64
C GLY A 135 -4.80 5.64 4.18
N HIS A 136 -4.59 6.95 3.99
CA HIS A 136 -5.53 7.95 4.47
C HIS A 136 -5.53 9.15 3.53
N THR A 137 -6.61 9.91 3.56
CA THR A 137 -6.74 11.10 2.73
C THR A 137 -5.99 12.28 3.34
N HIS A 138 -4.68 12.12 3.49
CA HIS A 138 -3.85 13.14 4.14
C HIS A 138 -2.42 13.02 3.62
N GLU A 139 -1.70 14.13 3.66
CA GLU A 139 -0.30 14.17 3.26
C GLU A 139 0.53 13.19 4.07
N PRO A 140 1.56 12.58 3.45
CA PRO A 140 2.42 11.59 4.11
C PRO A 140 3.12 12.14 5.35
N GLU A 141 3.36 11.25 6.31
CA GLU A 141 4.02 11.64 7.55
C GLU A 141 4.78 10.45 8.14
N ASP A 142 5.94 10.74 8.71
CA ASP A 142 6.75 9.71 9.37
C ASP A 142 6.16 9.42 10.76
N THR A 143 5.32 8.41 10.82
CA THR A 143 4.64 8.07 12.06
C THR A 143 5.24 6.84 12.72
N VAL A 144 5.45 6.91 14.03
CA VAL A 144 5.95 5.79 14.78
C VAL A 144 5.42 5.82 16.22
N LYS A 145 4.72 4.77 16.62
CA LYS A 145 4.18 4.67 17.97
C LYS A 145 4.28 3.24 18.47
N ALA A 146 4.54 3.09 19.77
CA ALA A 146 4.65 1.78 20.43
C ALA A 146 5.83 0.98 19.87
N GLY A 147 6.76 1.68 19.22
CA GLY A 147 7.91 1.03 18.63
C GLY A 147 7.62 0.55 17.22
N VAL A 148 6.37 0.69 16.80
CA VAL A 148 5.95 0.24 15.49
C VAL A 148 5.94 1.41 14.53
N ARG A 149 6.57 1.23 13.38
CA ARG A 149 6.60 2.27 12.36
C ARG A 149 5.35 2.21 11.51
N PHE A 150 4.62 3.32 11.47
CA PHE A 150 3.46 3.43 10.61
C PHE A 150 3.81 4.28 9.41
N LEU A 151 3.35 3.88 8.24
CA LEU A 151 3.67 4.63 7.03
C LEU A 151 2.40 4.96 6.26
N ASN A 152 2.18 6.25 6.04
CA ASN A 152 1.06 6.72 5.25
C ASN A 152 1.56 7.54 4.07
N PRO A 153 1.30 7.07 2.84
CA PRO A 153 1.65 7.80 1.62
C PRO A 153 0.48 8.60 1.06
N GLY A 154 0.79 9.73 0.45
CA GLY A 154 -0.25 10.51 -0.21
C GLY A 154 -0.77 9.82 -1.44
N SER A 155 -2.02 10.09 -1.81
CA SER A 155 -2.67 9.38 -2.91
C SER A 155 -2.08 9.74 -4.27
N LEU A 156 -2.56 9.07 -5.30
CA LEU A 156 -2.13 9.36 -6.66
C LEU A 156 -2.67 10.71 -7.12
N ALA A 157 -3.79 11.12 -6.52
CA ALA A 157 -4.38 12.42 -6.81
C ALA A 157 -3.54 13.53 -6.21
N GLU A 158 -2.92 13.24 -5.08
CA GLU A 158 -2.03 14.19 -4.42
C GLU A 158 -0.65 14.14 -5.05
N GLY A 159 -0.37 13.04 -5.73
CA GLY A 159 0.87 12.92 -6.47
C GLY A 159 2.00 12.34 -5.63
N SER A 160 1.72 11.28 -4.91
CA SER A 160 2.73 10.62 -4.09
C SER A 160 2.62 9.10 -4.23
N TYR A 161 3.75 8.43 -4.10
CA TYR A 161 3.79 6.98 -4.13
C TYR A 161 4.93 6.50 -3.23
N ALA A 162 5.09 5.19 -3.09
CA ALA A 162 6.15 4.66 -2.25
C ALA A 162 6.92 3.56 -2.96
N VAL A 163 8.22 3.61 -2.85
CA VAL A 163 9.08 2.57 -3.40
C VAL A 163 9.89 1.92 -2.30
N LEU A 164 9.60 0.67 -2.02
CA LEU A 164 10.37 -0.08 -1.04
C LEU A 164 11.34 -1.02 -1.75
N GLU A 165 12.60 -0.70 -1.64
CA GLU A 165 13.64 -1.48 -2.28
C GLU A 165 14.37 -2.31 -1.24
N LEU A 166 14.78 -3.51 -1.61
CA LEU A 166 15.52 -4.36 -0.72
C LEU A 166 17.00 -4.12 -0.87
N ASP A 167 17.50 -3.19 -0.08
CA ASP A 167 18.90 -2.81 -0.10
C ASP A 167 19.65 -3.58 0.97
N GLY A 168 20.55 -4.45 0.52
CA GLY A 168 21.28 -5.34 1.44
C GLY A 168 20.37 -6.39 2.06
N GLY A 169 19.49 -5.96 2.93
CA GLY A 169 18.57 -6.87 3.59
C GLY A 169 17.54 -6.14 4.40
N GLU A 170 17.26 -4.90 4.02
CA GLU A 170 16.29 -4.09 4.71
C GLU A 170 15.21 -3.61 3.75
N VAL A 171 13.96 -3.72 4.17
CA VAL A 171 12.84 -3.23 3.39
C VAL A 171 12.70 -1.73 3.60
N ARG A 172 13.23 -0.95 2.69
CA ARG A 172 13.23 0.50 2.84
C ARG A 172 12.13 1.13 2.01
N PHE A 173 11.08 1.59 2.69
CA PHE A 173 9.96 2.24 2.03
C PHE A 173 10.28 3.70 1.82
N GLU A 174 10.57 4.07 0.58
CA GLU A 174 10.86 5.46 0.26
C GLU A 174 9.63 6.15 -0.28
N LEU A 175 9.11 7.10 0.50
CA LEU A 175 8.01 7.92 0.05
C LEU A 175 8.50 8.90 -1.00
N LYS A 176 7.88 8.89 -2.17
CA LYS A 176 8.28 9.74 -3.27
C LYS A 176 7.08 10.42 -3.89
N THR A 177 7.32 11.35 -4.78
CA THR A 177 6.26 12.13 -5.39
C THR A 177 6.24 11.96 -6.91
N LEU A 178 5.05 12.08 -7.49
CA LEU A 178 4.87 12.04 -8.94
C LEU A 178 4.59 13.44 -9.44
#